data_7P6O
#
_entry.id   7P6O
#
_cell.length_a   94.550
_cell.length_b   101.227
_cell.length_c   102.483
_cell.angle_alpha   83.520
_cell.angle_beta   73.630
_cell.angle_gamma   77.830
#
_symmetry.space_group_name_H-M   'P 1'
#
loop_
_entity.id
_entity.type
_entity.pdbx_description
1 polymer 'Rho-associated protein kinase 2'
2 non-polymer 6-(2-fluoranylpyridin-4-yl)-~{N}-[(1~{R})-1-(3-methoxyphenyl)ethyl]pyridine-3-carboxamide
3 non-polymer GLYCEROL
4 water water
#
_entity_poly.entity_id   1
_entity_poly.type   'polypeptide(L)'
_entity_poly.pdbx_seq_one_letter_code
;GDGAGASRQRKLEALIRDPRSPINVESLLDGLNSLVLDLDFPALRKNKNIDNFLNRYEKIVKKIRGLQMKAEDYDVVKVI
GRGAFGEVQLVRHKASQKVYAMKLLSKFEMIKRSDSAFFWEERDIMAFANSPWVVQLFYAFQDDRYLYMVMEYMPGGDLV
NLMSNYDVPEKWAKFYTAEVVLALDAIHSMGLIHRDVKPDNMLLDKHGHLKLADFGTCMKMDETGMVHCDTAVGTPDYIS
PEVLKSQGGDGFYGRECDWWSVGVFLYEMLVGDTPFYADSLVGTYSKIMDHKNSLCFPEDAEISKHAKNLICAFLTDREV
RLGRNGVEEIRQHPFFKNDQWHWDNIRETAAPVVPELSSDIDSSNFDDIEDDKGDVETFPIPKAFVGNQLPFIGFTYYR
;
_entity_poly.pdbx_strand_id   A,B,C,D,E,F,G,H
#
loop_
_chem_comp.id
_chem_comp.type
_chem_comp.name
_chem_comp.formula
5YK non-polymer 6-(2-fluoranylpyridin-4-yl)-~{N}-[(1~{R})-1-(3-methoxyphenyl)ethyl]pyridine-3-carboxamide 'C20 H18 F N3 O2'
GOL non-polymer GLYCEROL 'C3 H8 O3'
#
# COMPACT_ATOMS: atom_id res chain seq x y z
N ALA A 6 -34.78 -11.37 -56.77
CA ALA A 6 -33.48 -12.09 -56.46
C ALA A 6 -33.03 -11.88 -55.02
N SER A 7 -32.46 -12.93 -54.40
CA SER A 7 -31.90 -12.85 -53.03
C SER A 7 -30.73 -11.89 -52.86
N ARG A 8 -29.88 -11.75 -53.88
CA ARG A 8 -28.76 -10.79 -53.86
C ARG A 8 -29.22 -9.33 -54.04
N GLN A 9 -30.27 -9.11 -54.84
CA GLN A 9 -30.81 -7.77 -55.12
C GLN A 9 -31.48 -7.12 -53.89
N ARG A 10 -32.09 -7.92 -53.02
CA ARG A 10 -32.62 -7.44 -51.73
C ARG A 10 -31.51 -7.02 -50.75
N LYS A 11 -30.40 -7.77 -50.74
CA LYS A 11 -29.20 -7.40 -49.98
C LYS A 11 -28.52 -6.13 -50.48
N LEU A 12 -28.49 -5.96 -51.81
CA LEU A 12 -27.93 -4.75 -52.46
C LEU A 12 -28.77 -3.49 -52.18
N GLU A 13 -30.09 -3.61 -52.33
CA GLU A 13 -31.01 -2.51 -52.01
C GLU A 13 -31.06 -2.15 -50.51
N ALA A 14 -30.80 -3.13 -49.64
CA ALA A 14 -30.66 -2.89 -48.18
C ALA A 14 -29.46 -2.02 -47.82
N LEU A 15 -28.32 -2.24 -48.49
CA LEU A 15 -27.11 -1.42 -48.33
C LEU A 15 -27.29 0.03 -48.77
N ILE A 16 -27.97 0.24 -49.89
CA ILE A 16 -28.18 1.60 -50.45
C ILE A 16 -29.21 2.41 -49.63
N ARG A 17 -30.25 1.75 -49.10
CA ARG A 17 -31.21 2.39 -48.19
C ARG A 17 -30.64 2.79 -46.82
N ASP A 18 -29.63 2.05 -46.33
CA ASP A 18 -29.01 2.28 -45.02
C ASP A 18 -28.22 3.62 -44.98
N PRO A 19 -28.60 4.57 -44.07
CA PRO A 19 -27.85 5.85 -43.99
C PRO A 19 -26.42 5.76 -43.41
N ARG A 20 -26.12 4.75 -42.61
N ARG A 20 -26.12 4.75 -42.61
CA ARG A 20 -24.73 4.49 -42.14
CA ARG A 20 -24.74 4.48 -42.15
C ARG A 20 -23.79 3.96 -43.24
C ARG A 20 -23.79 3.96 -43.24
N SER A 21 -24.36 3.34 -44.28
CA SER A 21 -23.57 2.69 -45.35
C SER A 21 -22.80 3.68 -46.23
N PRO A 22 -21.56 3.34 -46.66
CA PRO A 22 -20.81 4.22 -47.56
C PRO A 22 -21.33 4.32 -49.01
N ILE A 23 -22.20 3.39 -49.43
CA ILE A 23 -22.81 3.41 -50.78
C ILE A 23 -24.32 3.78 -50.78
N ASN A 24 -24.72 4.70 -49.89
CA ASN A 24 -26.07 5.29 -49.94
C ASN A 24 -26.23 6.26 -51.12
N VAL A 25 -27.46 6.71 -51.36
CA VAL A 25 -27.79 7.58 -52.51
C VAL A 25 -27.04 8.94 -52.46
N GLU A 26 -26.92 9.52 -51.26
CA GLU A 26 -26.22 10.80 -51.07
C GLU A 26 -24.70 10.68 -51.28
N SER A 27 -24.12 9.61 -50.73
CA SER A 27 -22.70 9.26 -50.95
C SER A 27 -22.36 8.95 -52.42
N LEU A 28 -23.27 8.26 -53.10
CA LEU A 28 -23.12 7.98 -54.55
C LEU A 28 -23.18 9.24 -55.42
N LEU A 29 -24.08 10.18 -55.05
CA LEU A 29 -24.12 11.51 -55.68
C LEU A 29 -22.86 12.36 -55.42
N ASP A 30 -22.29 12.24 -54.22
CA ASP A 30 -21.00 12.89 -53.89
C ASP A 30 -19.85 12.38 -54.75
N GLY A 31 -19.82 11.05 -54.95
CA GLY A 31 -18.88 10.39 -55.86
C GLY A 31 -18.90 10.92 -57.29
N LEU A 32 -20.11 11.18 -57.81
CA LEU A 32 -20.28 11.75 -59.15
C LEU A 32 -19.85 13.22 -59.22
N ASN A 33 -20.30 14.02 -58.24
CA ASN A 33 -19.91 15.44 -58.11
C ASN A 33 -18.40 15.64 -57.93
N SER A 34 -17.79 14.81 -57.06
CA SER A 34 -16.34 14.81 -56.82
C SER A 34 -15.55 14.42 -58.08
N LEU A 35 -16.04 13.41 -58.80
CA LEU A 35 -15.42 12.98 -60.07
C LEU A 35 -15.43 14.07 -61.13
N VAL A 36 -16.57 14.75 -61.29
CA VAL A 36 -16.70 15.88 -62.22
C VAL A 36 -15.87 17.10 -61.79
N LEU A 37 -15.83 17.40 -60.49
CA LEU A 37 -15.00 18.50 -59.95
C LEU A 37 -13.49 18.27 -60.13
N ASP A 38 -13.04 17.05 -59.86
CA ASP A 38 -11.63 16.65 -60.08
C ASP A 38 -11.22 16.59 -61.56
N LEU A 39 -12.14 16.23 -62.44
CA LEU A 39 -11.88 16.05 -63.88
C LEU A 39 -12.07 17.33 -64.73
N ASP A 40 -13.08 18.15 -64.42
CA ASP A 40 -13.43 19.33 -65.24
C ASP A 40 -12.40 20.45 -65.10
N PHE A 41 -11.31 20.33 -65.87
CA PHE A 41 -10.31 21.37 -66.07
C PHE A 41 -9.87 21.37 -67.54
N PRO A 42 -9.34 22.51 -68.06
CA PRO A 42 -8.96 22.57 -69.50
C PRO A 42 -7.87 21.57 -69.94
N ALA A 43 -6.90 21.32 -69.07
CA ALA A 43 -5.81 20.37 -69.34
C ALA A 43 -6.28 18.91 -69.41
N LEU A 44 -7.06 18.49 -68.41
CA LEU A 44 -7.59 17.10 -68.32
C LEU A 44 -8.58 16.74 -69.44
N ARG A 45 -9.33 17.74 -69.93
CA ARG A 45 -10.21 17.56 -71.11
C ARG A 45 -9.50 17.27 -72.47
N LYS A 46 -8.17 17.44 -72.52
CA LYS A 46 -7.36 16.94 -73.67
C LYS A 46 -7.39 15.39 -73.81
N ASN A 47 -7.62 14.69 -72.69
CA ASN A 47 -7.97 13.25 -72.71
C ASN A 47 -9.39 13.10 -73.31
N LYS A 48 -9.53 12.15 -74.24
CA LYS A 48 -10.80 11.90 -74.95
C LYS A 48 -11.87 11.30 -74.04
N ASN A 49 -11.48 10.32 -73.20
CA ASN A 49 -12.38 9.68 -72.23
C ASN A 49 -12.96 10.64 -71.18
N ILE A 50 -12.11 11.56 -70.69
CA ILE A 50 -12.53 12.58 -69.71
C ILE A 50 -13.47 13.61 -70.33
N ASP A 51 -13.19 14.04 -71.56
CA ASP A 51 -14.02 15.05 -72.26
C ASP A 51 -15.42 14.56 -72.57
N ASN A 52 -15.52 13.34 -73.13
CA ASN A 52 -16.81 12.72 -73.47
C ASN A 52 -17.66 12.36 -72.25
N PHE A 53 -17.00 11.97 -71.14
CA PHE A 53 -17.70 11.74 -69.85
C PHE A 53 -18.34 13.02 -69.31
N LEU A 54 -17.56 14.11 -69.25
CA LEU A 54 -18.03 15.40 -68.75
C LEU A 54 -19.16 16.03 -69.59
N ASN A 55 -19.10 15.84 -70.92
CA ASN A 55 -20.16 16.30 -71.83
C ASN A 55 -21.50 15.56 -71.65
N ARG A 56 -21.43 14.24 -71.37
CA ARG A 56 -22.62 13.45 -71.01
C ARG A 56 -23.28 13.91 -69.71
N TYR A 57 -22.44 14.10 -68.67
CA TYR A 57 -22.87 14.56 -67.34
C TYR A 57 -22.69 16.08 -67.09
N GLU A 58 -22.81 16.91 -68.14
CA GLU A 58 -22.72 18.37 -68.01
C GLU A 58 -24.02 18.93 -67.43
N LYS A 59 -25.12 18.64 -68.10
CA LYS A 59 -26.44 19.19 -67.78
C LYS A 59 -27.05 18.65 -66.48
N ILE A 60 -26.93 17.34 -66.25
CA ILE A 60 -27.49 16.70 -65.05
C ILE A 60 -26.76 17.11 -63.75
N VAL A 61 -25.44 17.29 -63.81
CA VAL A 61 -24.65 17.76 -62.65
C VAL A 61 -24.97 19.23 -62.28
N LYS A 62 -25.16 20.08 -63.29
CA LYS A 62 -25.65 21.46 -63.06
C LYS A 62 -27.08 21.48 -62.46
N LYS A 63 -27.92 20.51 -62.87
CA LYS A 63 -29.26 20.34 -62.30
C LYS A 63 -29.23 19.85 -60.85
N ILE A 64 -28.41 18.84 -60.55
CA ILE A 64 -28.29 18.29 -59.17
C ILE A 64 -27.67 19.30 -58.19
N ARG A 65 -26.69 20.08 -58.66
CA ARG A 65 -26.12 21.20 -57.87
C ARG A 65 -27.14 22.28 -57.49
N GLY A 66 -28.10 22.54 -58.39
CA GLY A 66 -29.23 23.41 -58.11
C GLY A 66 -30.21 22.85 -57.08
N LEU A 67 -30.58 21.58 -57.24
CA LEU A 67 -31.54 20.90 -56.35
C LEU A 67 -30.99 20.61 -54.96
N GLN A 68 -29.73 20.16 -54.86
CA GLN A 68 -29.10 19.83 -53.58
C GLN A 68 -28.85 21.06 -52.70
N MET A 69 -28.67 20.80 -51.40
CA MET A 69 -28.47 21.86 -50.40
C MET A 69 -27.11 22.51 -50.58
N LYS A 70 -27.05 23.80 -50.27
CA LYS A 70 -25.87 24.64 -50.51
C LYS A 70 -25.84 25.88 -49.61
N ALA A 71 -24.67 26.51 -49.55
CA ALA A 71 -24.44 27.71 -48.73
C ALA A 71 -25.35 28.90 -49.05
N GLU A 72 -25.70 29.05 -50.35
CA GLU A 72 -26.63 30.08 -50.81
C GLU A 72 -28.07 29.97 -50.26
N ASP A 73 -28.48 28.76 -49.83
CA ASP A 73 -29.77 28.57 -49.14
C ASP A 73 -29.85 29.21 -47.74
N TYR A 74 -28.70 29.44 -47.09
CA TYR A 74 -28.62 30.03 -45.75
C TYR A 74 -28.08 31.46 -45.76
N ASP A 75 -28.77 32.37 -45.05
CA ASP A 75 -28.26 33.73 -44.77
C ASP A 75 -27.35 33.67 -43.54
N VAL A 76 -26.15 34.23 -43.65
CA VAL A 76 -25.18 34.28 -42.54
C VAL A 76 -25.52 35.49 -41.67
N VAL A 77 -25.97 35.24 -40.44
CA VAL A 77 -26.34 36.29 -39.48
C VAL A 77 -25.06 36.83 -38.83
N LYS A 78 -24.30 35.93 -38.21
CA LYS A 78 -23.09 36.30 -37.45
C LYS A 78 -22.14 35.10 -37.28
N VAL A 79 -20.85 35.39 -37.21
CA VAL A 79 -19.82 34.39 -36.89
C VAL A 79 -19.77 34.28 -35.36
N ILE A 80 -20.07 33.09 -34.84
CA ILE A 80 -20.15 32.82 -33.38
C ILE A 80 -18.98 32.00 -32.78
N GLY A 81 -18.19 31.34 -33.63
CA GLY A 81 -16.96 30.66 -33.20
C GLY A 81 -15.92 30.57 -34.32
N ARG A 82 -14.68 30.28 -33.92
CA ARG A 82 -13.55 30.14 -34.85
C ARG A 82 -12.72 28.91 -34.45
N GLY A 83 -12.17 28.23 -35.47
CA GLY A 83 -11.31 27.06 -35.28
C GLY A 83 -10.15 27.03 -36.25
N ALA A 84 -9.46 25.89 -36.29
CA ALA A 84 -8.24 25.71 -37.09
C ALA A 84 -8.50 25.76 -38.59
N PHE A 85 -9.45 24.94 -39.05
CA PHE A 85 -9.81 24.82 -40.48
C PHE A 85 -11.09 25.57 -40.92
N GLY A 86 -11.66 26.44 -40.05
CA GLY A 86 -12.84 27.21 -40.43
C GLY A 86 -13.49 28.00 -39.30
N GLU A 87 -14.82 28.11 -39.36
CA GLU A 87 -15.63 28.89 -38.41
C GLU A 87 -17.03 28.28 -38.22
N VAL A 88 -17.69 28.74 -37.15
CA VAL A 88 -19.09 28.39 -36.83
C VAL A 88 -19.91 29.66 -37.05
N GLN A 89 -20.89 29.58 -37.94
CA GLN A 89 -21.77 30.69 -38.31
C GLN A 89 -23.17 30.45 -37.71
N LEU A 90 -23.72 31.48 -37.07
CA LEU A 90 -25.15 31.54 -36.78
C LEU A 90 -25.84 31.88 -38.11
N VAL A 91 -26.74 31.00 -38.56
CA VAL A 91 -27.40 31.11 -39.87
C VAL A 91 -28.91 30.93 -39.79
N ARG A 92 -29.62 31.46 -40.79
CA ARG A 92 -31.06 31.25 -41.00
C ARG A 92 -31.27 30.68 -42.40
N HIS A 93 -32.05 29.60 -42.50
CA HIS A 93 -32.45 29.00 -43.78
C HIS A 93 -33.46 29.92 -44.46
N LYS A 94 -33.19 30.31 -45.71
CA LYS A 94 -34.02 31.28 -46.47
C LYS A 94 -35.48 30.87 -46.71
N ALA A 95 -35.72 29.59 -47.01
CA ALA A 95 -37.07 29.07 -47.24
C ALA A 95 -37.86 28.96 -45.93
N SER A 96 -37.37 28.13 -45.00
CA SER A 96 -38.07 27.83 -43.74
C SER A 96 -37.99 28.89 -42.63
N GLN A 97 -37.02 29.81 -42.72
CA GLN A 97 -36.75 30.84 -41.68
C GLN A 97 -36.32 30.27 -40.31
N LYS A 98 -35.77 29.06 -40.29
CA LYS A 98 -35.34 28.38 -39.06
C LYS A 98 -33.87 28.66 -38.81
N VAL A 99 -33.53 28.98 -37.55
CA VAL A 99 -32.17 29.34 -37.16
C VAL A 99 -31.36 28.06 -36.86
N TYR A 100 -30.12 28.04 -37.34
CA TYR A 100 -29.16 26.94 -37.10
C TYR A 100 -27.75 27.49 -36.80
N ALA A 101 -26.91 26.62 -36.25
CA ALA A 101 -25.46 26.84 -36.13
C ALA A 101 -24.79 25.98 -37.21
N MET A 102 -24.07 26.63 -38.13
CA MET A 102 -23.42 25.95 -39.26
C MET A 102 -21.89 26.02 -39.15
N LYS A 103 -21.25 24.86 -38.99
CA LYS A 103 -19.79 24.75 -38.92
C LYS A 103 -19.23 24.59 -40.33
N LEU A 104 -18.26 25.44 -40.68
CA LEU A 104 -17.52 25.36 -41.95
C LEU A 104 -16.14 24.71 -41.71
N LEU A 105 -15.67 23.94 -42.69
CA LEU A 105 -14.33 23.33 -42.69
C LEU A 105 -13.72 23.40 -44.09
N SER A 106 -12.61 24.15 -44.21
CA SER A 106 -11.91 24.37 -45.49
C SER A 106 -11.23 23.09 -45.98
N LYS A 107 -11.56 22.68 -47.22
CA LYS A 107 -10.95 21.49 -47.84
C LYS A 107 -9.45 21.66 -48.15
N PHE A 108 -9.05 22.86 -48.57
CA PHE A 108 -7.63 23.20 -48.81
C PHE A 108 -6.78 23.05 -47.55
N GLU A 109 -7.26 23.62 -46.44
CA GLU A 109 -6.54 23.59 -45.15
C GLU A 109 -6.43 22.19 -44.54
N MET A 110 -7.48 21.38 -44.68
CA MET A 110 -7.47 19.98 -44.23
C MET A 110 -6.50 19.09 -45.04
N ILE A 111 -6.46 19.29 -46.37
CA ILE A 111 -5.50 18.60 -47.26
C ILE A 111 -4.05 19.06 -47.02
N LYS A 112 -3.85 20.38 -46.89
CA LYS A 112 -2.51 20.98 -46.69
C LYS A 112 -1.85 20.52 -45.38
N ARG A 113 -2.60 20.62 -44.27
CA ARG A 113 -2.10 20.24 -42.93
C ARG A 113 -2.28 18.75 -42.56
N SER A 114 -2.67 17.90 -43.52
CA SER A 114 -2.63 16.42 -43.42
C SER A 114 -3.54 15.86 -42.31
N ASP A 115 -4.78 16.36 -42.30
CA ASP A 115 -5.78 16.02 -41.27
C ASP A 115 -7.18 16.14 -41.90
N SER A 116 -7.59 15.06 -42.58
CA SER A 116 -8.87 14.97 -43.31
C SER A 116 -9.68 13.68 -43.03
N ALA A 117 -9.48 13.07 -41.84
CA ALA A 117 -10.32 11.98 -41.31
C ALA A 117 -11.14 12.32 -40.05
N PHE A 118 -10.77 13.39 -39.33
CA PHE A 118 -11.41 13.79 -38.05
C PHE A 118 -12.93 14.04 -38.12
N PHE A 119 -13.37 14.62 -39.24
CA PHE A 119 -14.78 15.01 -39.45
C PHE A 119 -15.80 13.85 -39.58
N TRP A 120 -15.34 12.63 -39.88
CA TRP A 120 -16.23 11.47 -40.05
C TRP A 120 -16.93 11.06 -38.76
N GLU A 121 -16.15 10.89 -37.70
CA GLU A 121 -16.70 10.62 -36.36
C GLU A 121 -17.51 11.80 -35.82
N GLU A 122 -17.05 13.03 -36.09
CA GLU A 122 -17.79 14.25 -35.73
C GLU A 122 -19.18 14.34 -36.38
N ARG A 123 -19.24 14.02 -37.67
CA ARG A 123 -20.50 13.94 -38.41
C ARG A 123 -21.41 12.83 -37.87
N ASP A 124 -20.84 11.64 -37.68
CA ASP A 124 -21.59 10.46 -37.20
C ASP A 124 -22.11 10.58 -35.76
N ILE A 125 -21.29 11.15 -34.85
CA ILE A 125 -21.70 11.41 -33.45
C ILE A 125 -22.92 12.33 -33.40
N MET A 126 -22.83 13.48 -34.07
CA MET A 126 -23.92 14.45 -34.10
C MET A 126 -25.16 13.98 -34.87
N ALA A 127 -24.96 13.29 -36.01
CA ALA A 127 -26.07 12.77 -36.83
C ALA A 127 -26.85 11.62 -36.17
N PHE A 128 -26.13 10.67 -35.57
CA PHE A 128 -26.68 9.33 -35.24
C PHE A 128 -26.69 8.92 -33.75
N ALA A 129 -26.24 9.79 -32.83
CA ALA A 129 -26.28 9.46 -31.39
C ALA A 129 -27.68 9.31 -30.81
N ASN A 130 -28.61 10.17 -31.26
CA ASN A 130 -30.01 10.20 -30.82
C ASN A 130 -30.10 10.39 -29.28
N SER A 131 -29.26 11.29 -28.78
CA SER A 131 -29.02 11.51 -27.35
C SER A 131 -29.26 12.99 -27.04
N PRO A 132 -29.90 13.29 -25.89
CA PRO A 132 -30.07 14.70 -25.49
C PRO A 132 -28.78 15.40 -24.99
N TRP A 133 -27.69 14.66 -24.77
CA TRP A 133 -26.38 15.23 -24.39
C TRP A 133 -25.44 15.63 -25.56
N VAL A 134 -25.85 15.37 -26.80
CA VAL A 134 -25.04 15.62 -28.00
C VAL A 134 -25.81 16.62 -28.87
N VAL A 135 -25.08 17.57 -29.47
CA VAL A 135 -25.64 18.54 -30.41
C VAL A 135 -26.02 17.80 -31.69
N GLN A 136 -27.29 17.92 -32.08
CA GLN A 136 -27.84 17.17 -33.22
C GLN A 136 -27.46 17.84 -34.54
N LEU A 137 -27.09 17.01 -35.53
CA LEU A 137 -26.77 17.44 -36.89
C LEU A 137 -27.98 17.12 -37.75
N PHE A 138 -28.59 18.15 -38.33
CA PHE A 138 -29.74 18.00 -39.22
C PHE A 138 -29.30 17.72 -40.65
N TYR A 139 -28.40 18.55 -41.16
CA TYR A 139 -27.88 18.46 -42.53
C TYR A 139 -26.35 18.55 -42.54
N ALA A 140 -25.72 17.72 -43.36
CA ALA A 140 -24.33 17.88 -43.77
C ALA A 140 -24.28 17.96 -45.29
N PHE A 141 -23.46 18.86 -45.81
CA PHE A 141 -23.30 19.05 -47.26
C PHE A 141 -21.94 19.68 -47.59
N GLN A 142 -21.65 19.82 -48.87
CA GLN A 142 -20.36 20.31 -49.35
C GLN A 142 -20.43 21.02 -50.70
N ASP A 143 -19.40 21.82 -50.97
CA ASP A 143 -19.09 22.36 -52.31
C ASP A 143 -17.60 22.13 -52.60
N ASP A 144 -17.09 22.66 -53.72
CA ASP A 144 -15.65 22.60 -54.06
C ASP A 144 -14.68 23.13 -52.98
N ARG A 145 -15.11 24.15 -52.22
CA ARG A 145 -14.26 24.82 -51.21
C ARG A 145 -14.37 24.24 -49.80
N TYR A 146 -15.60 24.09 -49.30
CA TYR A 146 -15.88 23.75 -47.88
C TYR A 146 -16.78 22.53 -47.65
N LEU A 147 -16.64 21.92 -46.46
CA LEU A 147 -17.66 21.05 -45.85
C LEU A 147 -18.53 21.89 -44.92
N TYR A 148 -19.81 21.52 -44.79
CA TYR A 148 -20.78 22.23 -43.95
C TYR A 148 -21.49 21.24 -43.02
N MET A 149 -21.73 21.65 -41.78
CA MET A 149 -22.45 20.85 -40.78
C MET A 149 -23.51 21.73 -40.09
N VAL A 150 -24.76 21.58 -40.52
CA VAL A 150 -25.89 22.36 -39.99
C VAL A 150 -26.39 21.67 -38.73
N MET A 151 -26.30 22.39 -37.60
CA MET A 151 -26.60 21.86 -36.26
C MET A 151 -27.67 22.70 -35.57
N GLU A 152 -28.23 22.15 -34.49
CA GLU A 152 -29.18 22.89 -33.65
C GLU A 152 -28.41 23.99 -32.90
N TYR A 153 -28.93 25.22 -32.95
CA TYR A 153 -28.28 26.37 -32.31
C TYR A 153 -28.46 26.27 -30.78
N MET A 154 -27.37 26.59 -30.06
CA MET A 154 -27.30 26.50 -28.61
C MET A 154 -27.12 27.92 -28.03
N PRO A 155 -28.24 28.68 -27.87
CA PRO A 155 -28.16 30.10 -27.51
C PRO A 155 -27.67 30.43 -26.09
N GLY A 156 -27.70 29.45 -25.17
CA GLY A 156 -27.13 29.60 -23.83
C GLY A 156 -25.62 29.82 -23.74
N GLY A 157 -24.88 29.44 -24.79
CA GLY A 157 -23.44 29.67 -24.87
C GLY A 157 -22.62 28.61 -24.16
N ASP A 158 -21.30 28.70 -24.31
CA ASP A 158 -20.36 27.76 -23.67
C ASP A 158 -20.20 28.02 -22.16
N LEU A 159 -19.62 27.05 -21.46
CA LEU A 159 -19.35 27.18 -20.00
C LEU A 159 -18.14 28.07 -19.61
N VAL A 160 -17.36 28.54 -20.60
CA VAL A 160 -16.39 29.64 -20.38
C VAL A 160 -17.16 30.93 -20.09
N ASN A 161 -18.14 31.24 -20.95
CA ASN A 161 -19.11 32.36 -20.75
C ASN A 161 -19.76 32.40 -19.38
N LEU A 162 -20.13 31.23 -18.87
CA LEU A 162 -20.85 31.11 -17.59
C LEU A 162 -19.94 31.39 -16.39
N MET A 163 -18.74 30.79 -16.40
CA MET A 163 -17.75 30.98 -15.33
C MET A 163 -17.19 32.41 -15.23
N SER A 164 -17.06 33.10 -16.37
CA SER A 164 -16.68 34.53 -16.38
C SER A 164 -17.76 35.43 -15.75
N ASN A 165 -19.01 35.24 -16.18
CA ASN A 165 -20.14 36.08 -15.75
C ASN A 165 -20.63 35.80 -14.32
N TYR A 166 -20.68 34.53 -13.93
CA TYR A 166 -21.17 34.09 -12.61
C TYR A 166 -20.06 33.55 -11.71
N ASP A 167 -20.10 33.92 -10.43
CA ASP A 167 -19.33 33.24 -9.37
C ASP A 167 -20.13 31.98 -9.03
N VAL A 168 -19.61 30.82 -9.42
CA VAL A 168 -20.39 29.58 -9.46
C VAL A 168 -20.39 28.91 -8.08
N PRO A 169 -21.58 28.75 -7.43
CA PRO A 169 -21.64 27.98 -6.18
C PRO A 169 -21.57 26.47 -6.40
N GLU A 170 -21.54 25.71 -5.31
CA GLU A 170 -21.32 24.25 -5.36
C GLU A 170 -22.55 23.48 -5.88
N LYS A 171 -23.75 23.92 -5.51
CA LYS A 171 -25.02 23.35 -6.00
C LYS A 171 -25.16 23.44 -7.53
N TRP A 172 -24.71 24.57 -8.10
CA TRP A 172 -24.58 24.73 -9.56
C TRP A 172 -23.50 23.81 -10.14
N ALA A 173 -22.36 23.71 -9.48
CA ALA A 173 -21.25 22.82 -9.89
C ALA A 173 -21.63 21.33 -9.88
N LYS A 174 -22.37 20.91 -8.85
CA LYS A 174 -22.97 19.54 -8.77
C LYS A 174 -23.79 19.20 -10.02
N PHE A 175 -24.66 20.14 -10.40
CA PHE A 175 -25.54 20.03 -11.57
C PHE A 175 -24.75 19.87 -12.88
N TYR A 176 -23.93 20.87 -13.19
CA TYR A 176 -23.17 20.89 -14.45
C TYR A 176 -22.15 19.75 -14.59
N THR A 177 -21.52 19.35 -13.48
CA THR A 177 -20.62 18.17 -13.45
C THR A 177 -21.38 16.87 -13.73
N ALA A 178 -22.52 16.70 -13.05
CA ALA A 178 -23.40 15.52 -13.26
C ALA A 178 -23.88 15.37 -14.71
N GLU A 179 -24.24 16.49 -15.33
CA GLU A 179 -24.59 16.52 -16.76
C GLU A 179 -23.42 16.17 -17.69
N VAL A 180 -22.22 16.65 -17.34
CA VAL A 180 -20.97 16.26 -18.03
C VAL A 180 -20.68 14.76 -17.87
N VAL A 181 -20.92 14.21 -16.67
CA VAL A 181 -20.75 12.76 -16.39
C VAL A 181 -21.67 11.91 -17.28
N LEU A 182 -22.96 12.26 -17.31
CA LEU A 182 -23.93 11.59 -18.19
C LEU A 182 -23.67 11.79 -19.69
N ALA A 183 -23.15 12.97 -20.05
CA ALA A 183 -22.77 13.27 -21.43
C ALA A 183 -21.59 12.43 -21.92
N LEU A 184 -20.55 12.34 -21.10
CA LEU A 184 -19.39 11.48 -21.41
C LEU A 184 -19.71 9.99 -21.39
N ASP A 185 -20.57 9.57 -20.46
CA ASP A 185 -21.09 8.19 -20.42
C ASP A 185 -21.79 7.77 -21.73
N ALA A 186 -22.57 8.68 -22.31
CA ALA A 186 -23.19 8.47 -23.62
C ALA A 186 -22.18 8.32 -24.76
N ILE A 187 -21.13 9.15 -24.74
CA ILE A 187 -20.02 9.08 -25.71
C ILE A 187 -19.17 7.80 -25.52
N HIS A 188 -18.90 7.45 -24.26
CA HIS A 188 -18.21 6.19 -23.92
C HIS A 188 -19.01 4.95 -24.30
N SER A 189 -20.34 5.00 -24.12
CA SER A 189 -21.26 3.94 -24.57
C SER A 189 -21.28 3.72 -26.09
N MET A 190 -21.10 4.80 -26.87
CA MET A 190 -20.96 4.73 -28.33
C MET A 190 -19.63 4.15 -28.86
N GLY A 191 -18.64 3.95 -27.98
CA GLY A 191 -17.35 3.33 -28.31
C GLY A 191 -16.26 4.34 -28.65
N LEU A 192 -16.30 5.51 -28.01
CA LEU A 192 -15.48 6.67 -28.37
C LEU A 192 -14.86 7.30 -27.12
N ILE A 193 -13.63 7.82 -27.26
CA ILE A 193 -12.98 8.66 -26.24
C ILE A 193 -12.95 10.08 -26.81
N HIS A 194 -13.39 11.06 -26.02
CA HIS A 194 -13.46 12.48 -26.44
C HIS A 194 -12.09 13.14 -26.68
N ARG A 195 -11.13 12.87 -25.80
CA ARG A 195 -9.73 13.39 -25.87
C ARG A 195 -9.52 14.91 -25.64
N ASP A 196 -10.57 15.66 -25.34
CA ASP A 196 -10.53 17.15 -25.29
C ASP A 196 -11.81 17.70 -24.64
N VAL A 197 -12.05 17.23 -23.41
CA VAL A 197 -13.21 17.64 -22.62
C VAL A 197 -12.82 18.95 -21.94
N LYS A 198 -13.60 20.01 -22.17
CA LYS A 198 -13.33 21.33 -21.59
C LYS A 198 -14.57 22.24 -21.67
N PRO A 199 -14.61 23.35 -20.88
CA PRO A 199 -15.69 24.35 -20.92
C PRO A 199 -16.04 24.94 -22.30
N ASP A 200 -15.04 25.09 -23.18
CA ASP A 200 -15.26 25.53 -24.57
C ASP A 200 -16.16 24.57 -25.38
N ASN A 201 -15.99 23.27 -25.13
CA ASN A 201 -16.75 22.19 -25.76
C ASN A 201 -18.06 21.76 -25.03
N MET A 202 -18.44 22.50 -23.98
CA MET A 202 -19.66 22.28 -23.21
C MET A 202 -20.60 23.46 -23.44
N LEU A 203 -21.67 23.23 -24.21
CA LEU A 203 -22.63 24.27 -24.60
C LEU A 203 -23.97 24.12 -23.87
N LEU A 204 -24.63 25.26 -23.64
CA LEU A 204 -25.92 25.33 -22.96
C LEU A 204 -27.03 25.65 -23.96
N ASP A 205 -28.11 24.86 -23.93
CA ASP A 205 -29.26 25.01 -24.84
C ASP A 205 -30.19 26.18 -24.43
N LYS A 206 -31.31 26.36 -25.16
CA LYS A 206 -32.38 27.31 -24.81
C LYS A 206 -32.93 27.23 -23.37
N HIS A 207 -32.90 26.02 -22.78
CA HIS A 207 -33.34 25.80 -21.38
C HIS A 207 -32.21 25.82 -20.30
N GLY A 208 -30.98 26.13 -20.70
CA GLY A 208 -29.83 26.06 -19.79
C GLY A 208 -29.30 24.68 -19.43
N HIS A 209 -29.67 23.64 -20.19
CA HIS A 209 -29.11 22.29 -20.02
C HIS A 209 -27.98 22.01 -21.01
N LEU A 210 -27.14 21.04 -20.63
CA LEU A 210 -25.88 20.77 -21.31
C LEU A 210 -26.02 19.91 -22.55
N LYS A 211 -25.32 20.30 -23.63
CA LYS A 211 -24.92 19.37 -24.69
C LYS A 211 -23.44 19.60 -25.03
N LEU A 212 -22.79 18.53 -25.50
CA LEU A 212 -21.39 18.59 -25.94
C LEU A 212 -21.34 18.89 -27.44
N ALA A 213 -20.38 19.74 -27.83
CA ALA A 213 -20.04 20.03 -29.22
C ALA A 213 -18.52 19.89 -29.40
N ASP A 214 -18.07 20.00 -30.66
CA ASP A 214 -16.67 19.85 -31.06
C ASP A 214 -16.17 18.42 -30.78
N PHE A 215 -16.45 17.53 -31.73
CA PHE A 215 -16.02 16.12 -31.68
C PHE A 215 -14.88 15.83 -32.68
N GLY A 216 -13.97 16.80 -32.87
CA GLY A 216 -12.82 16.66 -33.80
C GLY A 216 -11.77 15.71 -33.29
N THR A 217 -11.42 15.86 -32.00
CA THR A 217 -10.45 14.97 -31.33
C THR A 217 -10.99 13.55 -31.00
N CYS A 218 -12.30 13.31 -31.15
CA CYS A 218 -12.89 11.97 -30.93
C CYS A 218 -12.31 10.91 -31.86
N MET A 219 -11.93 9.78 -31.25
CA MET A 219 -11.48 8.58 -31.98
C MET A 219 -12.15 7.34 -31.38
N LYS A 220 -12.49 6.40 -32.26
CA LYS A 220 -13.17 5.16 -31.87
C LYS A 220 -12.20 4.24 -31.14
N MET A 221 -12.66 3.60 -30.07
CA MET A 221 -11.82 2.76 -29.22
C MET A 221 -11.42 1.48 -29.94
N ASP A 222 -10.26 0.92 -29.53
CA ASP A 222 -9.85 -0.42 -30.00
C ASP A 222 -10.75 -1.45 -29.29
N GLU A 223 -10.44 -2.73 -29.46
CA GLU A 223 -11.23 -3.81 -28.83
C GLU A 223 -11.07 -3.85 -27.29
N THR A 224 -9.88 -3.54 -26.78
CA THR A 224 -9.62 -3.38 -25.33
C THR A 224 -10.40 -2.24 -24.65
N GLY A 225 -10.45 -1.08 -25.33
CA GLY A 225 -10.99 0.19 -24.80
C GLY A 225 -9.92 1.27 -24.66
N MET A 226 -9.12 1.43 -25.71
CA MET A 226 -7.93 2.29 -25.76
C MET A 226 -7.82 2.90 -27.16
N VAL A 227 -6.84 3.78 -27.37
CA VAL A 227 -6.57 4.35 -28.69
C VAL A 227 -5.11 4.82 -28.80
N HIS A 228 -4.53 4.67 -30.01
CA HIS A 228 -3.13 4.92 -30.30
C HIS A 228 -3.01 6.13 -31.18
N THR A 231 -2.86 12.27 -34.58
CA THR A 231 -2.17 12.44 -33.30
C THR A 231 -1.90 13.94 -33.02
N ALA A 232 -3.01 14.66 -32.79
CA ALA A 232 -3.00 16.10 -32.49
C ALA A 232 -3.92 16.39 -31.29
N VAL A 233 -3.48 17.31 -30.43
CA VAL A 233 -4.04 17.51 -29.09
C VAL A 233 -4.75 18.85 -28.90
N GLY A 234 -5.63 18.91 -27.91
CA GLY A 234 -6.32 20.15 -27.49
C GLY A 234 -5.46 21.08 -26.64
N THR A 235 -6.14 21.99 -25.92
CA THR A 235 -5.47 22.94 -25.02
C THR A 235 -4.87 22.22 -23.79
N PRO A 236 -3.68 22.67 -23.30
CA PRO A 236 -2.94 21.91 -22.30
C PRO A 236 -3.49 21.93 -20.85
N ASP A 237 -4.33 22.92 -20.50
CA ASP A 237 -4.94 23.02 -19.15
C ASP A 237 -5.73 21.78 -18.69
N TYR A 238 -6.44 21.15 -19.63
CA TYR A 238 -7.32 19.99 -19.36
C TYR A 238 -6.78 18.62 -19.78
N ILE A 239 -5.64 18.58 -20.48
CA ILE A 239 -5.04 17.30 -20.92
C ILE A 239 -4.43 16.53 -19.74
N SER A 240 -4.57 15.20 -19.77
CA SER A 240 -4.14 14.29 -18.69
C SER A 240 -2.66 13.90 -18.84
N PRO A 241 -1.99 13.46 -17.75
CA PRO A 241 -0.55 13.13 -17.82
C PRO A 241 -0.16 11.95 -18.74
N GLU A 242 -0.98 10.90 -18.78
CA GLU A 242 -0.77 9.77 -19.71
C GLU A 242 -0.80 10.16 -21.20
N VAL A 243 -1.61 11.16 -21.55
CA VAL A 243 -1.62 11.75 -22.91
C VAL A 243 -0.35 12.60 -23.14
N LEU A 244 0.12 13.30 -22.10
CA LEU A 244 1.41 14.03 -22.12
C LEU A 244 2.71 13.19 -22.10
N LYS A 245 2.62 11.84 -22.22
CA LYS A 245 3.77 10.97 -22.48
C LYS A 245 3.63 10.17 -23.80
N SER A 246 2.42 9.71 -24.11
CA SER A 246 2.10 9.02 -25.37
C SER A 246 2.34 9.83 -26.64
N GLN A 247 2.21 11.15 -26.56
CA GLN A 247 2.51 12.05 -27.69
C GLN A 247 3.99 12.04 -28.13
N GLY A 248 4.89 11.73 -27.20
CA GLY A 248 6.30 11.43 -27.50
C GLY A 248 6.53 9.94 -27.69
N GLY A 249 6.25 9.45 -28.89
CA GLY A 249 6.51 8.05 -29.28
C GLY A 249 5.47 7.00 -28.89
N ASP A 250 4.52 6.75 -29.80
CA ASP A 250 3.53 5.66 -29.69
C ASP A 250 2.52 5.88 -28.55
N GLY A 251 2.53 5.06 -27.48
CA GLY A 251 1.67 5.22 -26.31
C GLY A 251 0.19 4.95 -26.52
N PHE A 252 -0.46 4.43 -25.48
CA PHE A 252 -1.93 4.16 -25.47
C PHE A 252 -2.62 4.83 -24.29
N TYR A 253 -3.94 4.99 -24.42
CA TYR A 253 -4.79 5.53 -23.33
C TYR A 253 -6.28 5.30 -23.58
N GLY A 254 -7.04 5.10 -22.50
CA GLY A 254 -8.47 4.78 -22.54
C GLY A 254 -9.39 5.91 -22.14
N ARG A 255 -10.61 5.55 -21.74
N ARG A 255 -10.61 5.55 -21.74
CA ARG A 255 -11.66 6.52 -21.33
CA ARG A 255 -11.66 6.52 -21.33
C ARG A 255 -11.32 7.38 -20.09
C ARG A 255 -11.32 7.38 -20.09
N GLU A 256 -10.44 6.86 -19.23
CA GLU A 256 -9.93 7.57 -18.03
C GLU A 256 -9.39 9.00 -18.27
N CYS A 257 -8.83 9.28 -19.46
CA CYS A 257 -8.31 10.61 -19.81
C CYS A 257 -9.39 11.70 -19.89
N ASP A 258 -10.62 11.31 -20.27
CA ASP A 258 -11.78 12.20 -20.19
C ASP A 258 -12.19 12.49 -18.74
N TRP A 259 -12.15 11.47 -17.88
CA TRP A 259 -12.51 11.64 -16.46
C TRP A 259 -11.54 12.52 -15.66
N TRP A 260 -10.25 12.56 -16.06
CA TRP A 260 -9.28 13.55 -15.57
C TRP A 260 -9.79 14.98 -15.77
N SER A 261 -10.19 15.27 -17.01
CA SER A 261 -10.71 16.60 -17.40
C SER A 261 -11.99 17.04 -16.68
N VAL A 262 -12.81 16.09 -16.22
CA VAL A 262 -13.98 16.38 -15.36
C VAL A 262 -13.52 16.90 -13.99
N GLY A 263 -12.47 16.28 -13.45
CA GLY A 263 -11.79 16.77 -12.23
C GLY A 263 -11.19 18.18 -12.36
N VAL A 264 -10.60 18.47 -13.52
CA VAL A 264 -10.08 19.80 -13.83
C VAL A 264 -11.25 20.80 -14.00
N PHE A 265 -12.32 20.36 -14.65
CA PHE A 265 -13.56 21.13 -14.82
C PHE A 265 -14.23 21.48 -13.49
N LEU A 266 -14.38 20.48 -12.61
CA LEU A 266 -14.94 20.69 -11.27
C LEU A 266 -14.08 21.60 -10.37
N TYR A 267 -12.76 21.53 -10.54
CA TYR A 267 -11.82 22.45 -9.86
C TYR A 267 -12.01 23.91 -10.31
N GLU A 268 -12.07 24.13 -11.63
CA GLU A 268 -12.15 25.49 -12.20
C GLU A 268 -13.42 26.28 -11.81
N MET A 269 -14.55 25.59 -11.65
CA MET A 269 -15.81 26.25 -11.27
C MET A 269 -15.84 26.68 -9.82
N LEU A 270 -15.39 25.79 -8.94
CA LEU A 270 -15.39 26.04 -7.49
C LEU A 270 -14.28 27.01 -7.05
N VAL A 271 -13.06 26.78 -7.54
CA VAL A 271 -11.88 27.58 -7.15
C VAL A 271 -11.88 28.90 -7.90
N GLY A 272 -11.94 28.84 -9.24
CA GLY A 272 -11.92 30.01 -10.12
C GLY A 272 -10.86 29.95 -11.20
N ASP A 273 -9.69 29.38 -10.87
CA ASP A 273 -8.59 29.15 -11.81
C ASP A 273 -8.37 27.65 -12.06
N THR A 274 -7.57 27.36 -13.08
CA THR A 274 -7.14 25.99 -13.44
C THR A 274 -6.16 25.46 -12.36
N PRO A 275 -6.25 24.17 -11.97
CA PRO A 275 -5.37 23.64 -10.89
C PRO A 275 -3.87 23.58 -11.21
N PHE A 276 -3.53 23.29 -12.47
CA PHE A 276 -2.15 23.27 -12.96
C PHE A 276 -1.82 24.48 -13.85
N TYR A 277 -2.24 25.67 -13.42
CA TYR A 277 -2.02 26.91 -14.19
C TYR A 277 -0.57 27.37 -14.10
N ALA A 278 -0.05 27.88 -15.22
CA ALA A 278 1.23 28.58 -15.29
C ALA A 278 1.19 29.71 -16.32
N ASP A 279 2.22 30.55 -16.28
CA ASP A 279 2.37 31.67 -17.22
C ASP A 279 2.69 31.17 -18.62
N SER A 280 3.72 30.34 -18.72
CA SER A 280 4.08 29.62 -19.96
C SER A 280 3.31 28.31 -20.09
N LEU A 281 3.39 27.71 -21.28
CA LEU A 281 2.83 26.37 -21.54
C LEU A 281 3.66 25.27 -20.87
N VAL A 282 4.98 25.37 -20.96
CA VAL A 282 5.93 24.43 -20.31
C VAL A 282 5.72 24.26 -18.79
N GLY A 283 5.33 25.34 -18.12
CA GLY A 283 4.93 25.31 -16.70
C GLY A 283 3.67 24.50 -16.43
N THR A 284 2.66 24.69 -17.28
CA THR A 284 1.39 23.92 -17.23
C THR A 284 1.60 22.42 -17.43
N TYR A 285 2.47 22.05 -18.38
CA TYR A 285 2.81 20.64 -18.65
C TYR A 285 3.54 20.00 -17.46
N SER A 286 4.53 20.71 -16.90
CA SER A 286 5.31 20.25 -15.73
C SER A 286 4.46 20.00 -14.47
N LYS A 287 3.52 20.91 -14.20
CA LYS A 287 2.58 20.76 -13.07
C LYS A 287 1.60 19.58 -13.22
N ILE A 288 1.18 19.29 -14.46
CA ILE A 288 0.32 18.12 -14.75
C ILE A 288 1.09 16.80 -14.54
N MET A 289 2.36 16.75 -14.96
CA MET A 289 3.22 15.58 -14.69
C MET A 289 3.53 15.38 -13.20
N ASP A 290 3.69 16.49 -12.46
CA ASP A 290 3.93 16.50 -11.01
C ASP A 290 2.62 16.79 -10.23
N HIS A 291 1.54 16.08 -10.60
CA HIS A 291 0.19 16.33 -10.04
C HIS A 291 -0.01 15.91 -8.58
N LYS A 292 0.82 14.99 -8.08
CA LYS A 292 0.80 14.58 -6.67
C LYS A 292 1.24 15.70 -5.73
N ASN A 293 2.32 16.40 -6.10
CA ASN A 293 2.87 17.54 -5.34
C ASN A 293 2.20 18.88 -5.67
N SER A 294 2.01 19.16 -6.96
CA SER A 294 1.52 20.47 -7.44
C SER A 294 0.03 20.77 -7.16
N LEU A 295 -0.81 19.74 -7.10
CA LEU A 295 -2.24 19.90 -6.79
C LEU A 295 -2.43 20.29 -5.33
N CYS A 296 -2.67 21.59 -5.10
CA CYS A 296 -3.05 22.15 -3.80
C CYS A 296 -4.28 23.04 -3.99
N PHE A 297 -5.25 22.90 -3.09
CA PHE A 297 -6.44 23.75 -3.05
C PHE A 297 -6.10 25.02 -2.26
N PRO A 298 -6.35 26.23 -2.83
CA PRO A 298 -6.17 27.47 -2.07
C PRO A 298 -7.00 27.54 -0.79
N GLU A 299 -6.40 28.10 0.26
CA GLU A 299 -7.02 28.12 1.60
C GLU A 299 -8.22 29.07 1.68
N ASP A 300 -8.18 30.19 0.98
CA ASP A 300 -9.35 31.08 0.80
C ASP A 300 -10.57 30.46 0.08
N ALA A 301 -10.34 29.50 -0.80
CA ALA A 301 -11.38 28.97 -1.72
C ALA A 301 -12.49 28.15 -1.02
N GLU A 302 -13.75 28.47 -1.37
CA GLU A 302 -14.94 27.86 -0.77
C GLU A 302 -15.24 26.51 -1.46
N ILE A 303 -14.77 25.42 -0.84
CA ILE A 303 -14.93 24.04 -1.35
C ILE A 303 -15.22 23.07 -0.18
N SER A 304 -16.18 22.17 -0.38
CA SER A 304 -16.53 21.11 0.57
C SER A 304 -15.48 20.00 0.62
N LYS A 305 -15.61 19.10 1.60
CA LYS A 305 -14.77 17.90 1.71
C LYS A 305 -15.07 16.87 0.60
N HIS A 306 -16.36 16.67 0.30
CA HIS A 306 -16.78 15.74 -0.77
C HIS A 306 -16.34 16.17 -2.16
N ALA A 307 -16.45 17.46 -2.47
CA ALA A 307 -15.96 18.02 -3.76
C ALA A 307 -14.43 17.99 -3.86
N LYS A 308 -13.74 18.26 -2.76
CA LYS A 308 -12.28 18.04 -2.63
C LYS A 308 -11.90 16.58 -2.91
N ASN A 309 -12.65 15.65 -2.32
CA ASN A 309 -12.46 14.20 -2.49
C ASN A 309 -12.67 13.72 -3.93
N LEU A 310 -13.70 14.24 -4.60
CA LEU A 310 -14.01 13.88 -5.99
C LEU A 310 -12.97 14.39 -7.00
N ILE A 311 -12.49 15.62 -6.81
CA ILE A 311 -11.44 16.20 -7.66
C ILE A 311 -10.14 15.40 -7.53
N CYS A 312 -9.75 15.08 -6.29
CA CYS A 312 -8.61 14.20 -6.02
C CYS A 312 -8.79 12.77 -6.54
N ALA A 313 -10.02 12.25 -6.51
CA ALA A 313 -10.35 10.94 -7.10
C ALA A 313 -10.17 10.89 -8.62
N PHE A 314 -10.57 11.96 -9.30
CA PHE A 314 -10.32 12.14 -10.74
C PHE A 314 -8.86 12.47 -11.07
N LEU A 315 -8.23 13.34 -10.26
CA LEU A 315 -6.84 13.78 -10.49
C LEU A 315 -5.81 12.91 -9.77
N THR A 316 -5.65 11.69 -10.30
CA THR A 316 -4.63 10.71 -9.89
C THR A 316 -3.99 10.11 -11.14
N ASP A 317 -3.07 9.16 -10.95
CA ASP A 317 -2.56 8.30 -12.03
C ASP A 317 -3.69 7.44 -12.61
N ARG A 318 -3.62 7.17 -13.92
CA ARG A 318 -4.62 6.39 -14.68
C ARG A 318 -5.02 5.03 -14.05
N GLU A 319 -4.04 4.32 -13.52
CA GLU A 319 -4.21 2.97 -12.96
C GLU A 319 -5.16 2.86 -11.75
N VAL A 320 -5.28 3.93 -10.96
CA VAL A 320 -6.16 3.99 -9.76
C VAL A 320 -7.24 5.10 -9.84
N ARG A 321 -7.56 5.58 -11.05
CA ARG A 321 -8.46 6.74 -11.24
C ARG A 321 -9.94 6.37 -11.09
N LEU A 322 -10.77 7.36 -10.76
CA LEU A 322 -12.23 7.20 -10.72
C LEU A 322 -12.76 7.22 -12.16
N GLY A 323 -13.53 6.19 -12.52
CA GLY A 323 -14.09 6.00 -13.87
C GLY A 323 -13.42 4.93 -14.74
N ARG A 324 -12.55 4.09 -14.16
CA ARG A 324 -12.04 2.89 -14.85
C ARG A 324 -13.14 1.85 -14.97
N ASN A 325 -13.73 1.48 -13.83
CA ASN A 325 -14.73 0.42 -13.72
C ASN A 325 -16.13 1.03 -13.79
N GLY A 326 -16.47 1.55 -14.98
CA GLY A 326 -17.77 2.14 -15.26
C GLY A 326 -18.06 3.49 -14.62
N VAL A 327 -19.20 4.04 -15.02
CA VAL A 327 -19.75 5.30 -14.47
C VAL A 327 -20.38 5.16 -13.06
N GLU A 328 -20.76 3.94 -12.66
CA GLU A 328 -21.53 3.70 -11.41
C GLU A 328 -20.84 4.19 -10.13
N GLU A 329 -19.52 3.99 -10.05
CA GLU A 329 -18.71 4.50 -8.92
C GLU A 329 -18.66 6.04 -8.82
N ILE A 330 -18.70 6.73 -9.96
CA ILE A 330 -18.83 8.21 -10.02
C ILE A 330 -20.22 8.63 -9.52
N ARG A 331 -21.26 7.97 -10.01
CA ARG A 331 -22.66 8.28 -9.65
C ARG A 331 -23.00 8.12 -8.15
N GLN A 332 -22.42 7.13 -7.50
CA GLN A 332 -22.62 6.88 -6.05
C GLN A 332 -21.72 7.74 -5.11
N HIS A 333 -20.89 8.63 -5.66
CA HIS A 333 -20.00 9.50 -4.87
C HIS A 333 -20.81 10.53 -4.06
N PRO A 334 -20.51 10.73 -2.75
CA PRO A 334 -21.38 11.53 -1.86
C PRO A 334 -21.62 13.03 -2.21
N PHE A 335 -20.63 13.67 -2.82
CA PHE A 335 -20.77 15.00 -3.49
C PHE A 335 -22.05 15.20 -4.30
N PHE A 336 -22.39 14.20 -5.13
CA PHE A 336 -23.57 14.28 -6.00
C PHE A 336 -24.95 14.15 -5.32
N LYS A 337 -24.98 13.81 -4.03
CA LYS A 337 -26.24 13.77 -3.25
C LYS A 337 -26.85 15.16 -3.07
N ASN A 338 -28.16 15.27 -3.31
CA ASN A 338 -28.92 16.53 -3.22
C ASN A 338 -30.43 16.29 -3.12
N ASP A 339 -31.17 17.36 -2.82
CA ASP A 339 -32.65 17.35 -2.78
C ASP A 339 -33.22 18.30 -3.88
N GLN A 340 -32.77 18.07 -5.11
CA GLN A 340 -33.13 18.82 -6.32
C GLN A 340 -33.42 17.89 -7.49
N TRP A 341 -32.43 17.08 -7.86
CA TRP A 341 -32.48 16.15 -9.01
C TRP A 341 -31.95 14.76 -8.65
N HIS A 342 -32.38 13.76 -9.44
CA HIS A 342 -31.77 12.41 -9.48
C HIS A 342 -31.15 12.19 -10.85
N TRP A 343 -30.36 11.12 -10.98
CA TRP A 343 -29.63 10.79 -12.21
C TRP A 343 -30.53 10.47 -13.41
N ASP A 344 -31.62 9.74 -13.16
CA ASP A 344 -32.62 9.42 -14.20
C ASP A 344 -33.46 10.62 -14.72
N ASN A 345 -33.53 11.73 -13.96
CA ASN A 345 -34.35 12.91 -14.31
C ASN A 345 -33.65 14.29 -14.26
N ILE A 346 -32.30 14.33 -14.18
CA ILE A 346 -31.55 15.61 -14.07
C ILE A 346 -31.82 16.61 -15.21
N ARG A 347 -31.94 16.11 -16.44
CA ARG A 347 -32.16 16.97 -17.61
C ARG A 347 -33.58 17.56 -17.75
N GLU A 348 -34.54 16.96 -17.01
CA GLU A 348 -35.93 17.45 -16.94
C GLU A 348 -36.20 18.42 -15.76
N THR A 349 -35.28 18.48 -14.78
CA THR A 349 -35.36 19.49 -13.70
C THR A 349 -34.94 20.88 -14.21
N ALA A 350 -35.22 21.90 -13.38
CA ALA A 350 -34.88 23.28 -13.72
C ALA A 350 -33.37 23.52 -13.64
N ALA A 351 -32.82 24.12 -14.70
CA ALA A 351 -31.38 24.43 -14.76
C ALA A 351 -31.05 25.63 -13.84
N PRO A 352 -29.77 25.77 -13.40
CA PRO A 352 -29.36 26.94 -12.59
C PRO A 352 -29.50 28.30 -13.27
N VAL A 353 -29.01 28.39 -14.51
CA VAL A 353 -29.06 29.61 -15.32
C VAL A 353 -29.85 29.31 -16.60
N VAL A 354 -31.11 29.76 -16.63
CA VAL A 354 -31.94 29.69 -17.84
C VAL A 354 -31.66 30.98 -18.62
N PRO A 355 -31.28 30.87 -19.92
CA PRO A 355 -30.97 32.10 -20.68
C PRO A 355 -32.22 32.94 -21.05
N GLU A 356 -32.11 34.24 -20.85
CA GLU A 356 -33.16 35.23 -21.19
C GLU A 356 -32.82 35.82 -22.57
N LEU A 357 -33.39 35.21 -23.61
CA LEU A 357 -33.02 35.49 -25.01
C LEU A 357 -34.06 36.37 -25.68
N SER A 358 -33.62 37.47 -26.31
CA SER A 358 -34.52 38.46 -26.94
C SER A 358 -35.10 38.08 -28.32
N SER A 359 -34.48 37.12 -29.01
CA SER A 359 -34.88 36.71 -30.37
C SER A 359 -34.27 35.34 -30.74
N ASP A 360 -34.76 34.78 -31.84
CA ASP A 360 -34.22 33.52 -32.39
C ASP A 360 -32.76 33.59 -32.90
N ILE A 361 -32.27 34.80 -33.19
CA ILE A 361 -30.85 35.05 -33.54
C ILE A 361 -30.05 35.83 -32.46
N ASP A 362 -30.43 35.66 -31.18
CA ASP A 362 -29.72 36.27 -30.05
C ASP A 362 -28.44 35.46 -29.79
N SER A 363 -27.29 36.13 -29.94
CA SER A 363 -25.96 35.56 -29.61
C SER A 363 -25.24 36.45 -28.59
N SER A 364 -25.96 36.88 -27.55
CA SER A 364 -25.39 37.68 -26.44
C SER A 364 -24.45 36.87 -25.54
N ASN A 365 -24.68 35.54 -25.45
CA ASN A 365 -23.81 34.60 -24.73
C ASN A 365 -22.56 34.12 -25.52
N PHE A 366 -22.33 34.67 -26.72
CA PHE A 366 -21.11 34.46 -27.51
C PHE A 366 -20.40 35.80 -27.71
N ASP A 367 -19.06 35.79 -27.55
CA ASP A 367 -18.24 36.97 -27.79
C ASP A 367 -18.11 37.24 -29.29
N ASP A 368 -17.82 38.51 -29.63
CA ASP A 368 -17.63 38.93 -31.02
C ASP A 368 -16.31 38.38 -31.56
N ILE A 369 -16.38 37.68 -32.69
CA ILE A 369 -15.23 36.98 -33.29
C ILE A 369 -14.56 37.94 -34.28
N GLU A 370 -13.23 38.10 -34.16
CA GLU A 370 -12.44 38.95 -35.06
C GLU A 370 -12.20 38.25 -36.40
N ASP A 371 -12.08 39.04 -37.46
CA ASP A 371 -11.87 38.51 -38.83
C ASP A 371 -10.43 38.02 -39.01
N VAL A 376 -7.75 33.46 -47.90
CA VAL A 376 -8.65 32.32 -48.16
C VAL A 376 -8.22 31.60 -49.46
N GLU A 377 -7.00 31.06 -49.41
CA GLU A 377 -6.35 30.45 -50.59
C GLU A 377 -7.01 29.11 -50.99
N THR A 378 -7.21 28.94 -52.30
CA THR A 378 -7.88 27.77 -52.90
C THR A 378 -6.86 26.78 -53.47
N PHE A 379 -7.35 25.64 -53.96
CA PHE A 379 -6.53 24.67 -54.70
C PHE A 379 -6.04 25.26 -56.04
N PRO A 380 -4.80 24.90 -56.47
CA PRO A 380 -4.36 25.29 -57.81
C PRO A 380 -5.03 24.45 -58.91
N ILE A 381 -5.18 25.03 -60.10
CA ILE A 381 -5.75 24.34 -61.27
C ILE A 381 -4.71 23.31 -61.74
N PRO A 382 -4.93 22.00 -61.48
CA PRO A 382 -3.85 21.03 -61.64
C PRO A 382 -3.60 20.60 -63.10
N LYS A 383 -2.38 20.13 -63.35
CA LYS A 383 -1.95 19.69 -64.68
C LYS A 383 -2.53 18.31 -65.03
N ALA A 384 -2.33 17.36 -64.12
CA ALA A 384 -2.88 15.99 -64.20
C ALA A 384 -3.98 15.78 -63.13
N PHE A 385 -4.51 14.55 -63.06
CA PHE A 385 -5.47 14.17 -62.00
C PHE A 385 -4.79 14.11 -60.62
N VAL A 386 -5.30 14.92 -59.69
CA VAL A 386 -4.82 14.96 -58.28
C VAL A 386 -5.80 14.33 -57.28
N GLY A 387 -7.11 14.58 -57.46
CA GLY A 387 -8.16 13.94 -56.67
C GLY A 387 -8.39 14.59 -55.31
N ASN A 388 -8.44 15.93 -55.27
CA ASN A 388 -8.63 16.69 -54.02
C ASN A 388 -10.02 16.53 -53.37
N GLN A 389 -11.04 16.21 -54.16
CA GLN A 389 -12.40 15.94 -53.66
C GLN A 389 -12.65 14.49 -53.18
N LEU A 390 -11.73 13.56 -53.45
CA LEU A 390 -11.90 12.13 -53.12
C LEU A 390 -11.99 11.79 -51.62
N PRO A 391 -11.24 12.50 -50.75
CA PRO A 391 -11.42 12.30 -49.29
C PRO A 391 -12.77 12.72 -48.69
N PHE A 392 -13.53 13.56 -49.40
CA PHE A 392 -14.83 14.09 -48.94
C PHE A 392 -16.07 13.39 -49.54
N ILE A 393 -15.87 12.30 -50.29
CA ILE A 393 -16.99 11.49 -50.82
C ILE A 393 -17.62 10.71 -49.66
N GLY A 394 -18.94 10.82 -49.54
CA GLY A 394 -19.72 10.23 -48.44
C GLY A 394 -20.13 11.17 -47.32
N PHE A 395 -19.65 12.41 -47.35
CA PHE A 395 -19.92 13.39 -46.29
C PHE A 395 -21.37 13.91 -46.25
N THR A 396 -22.00 14.06 -47.41
CA THR A 396 -23.36 14.60 -47.50
C THR A 396 -24.37 13.70 -46.77
N TYR A 397 -25.26 14.34 -46.00
CA TYR A 397 -26.26 13.67 -45.17
C TYR A 397 -27.53 14.55 -45.07
N TYR A 398 -28.69 13.90 -45.21
CA TYR A 398 -30.00 14.53 -45.17
C TYR A 398 -30.88 13.74 -44.20
N ARG A 399 -31.33 14.40 -43.12
CA ARG A 399 -32.21 13.77 -42.13
C ARG A 399 -33.64 13.69 -42.66
N SER B 7 2.51 -56.69 -58.72
CA SER B 7 1.92 -55.89 -59.84
C SER B 7 2.55 -54.50 -59.96
N ARG B 8 2.77 -54.06 -61.20
CA ARG B 8 3.34 -52.73 -61.49
C ARG B 8 2.34 -51.59 -61.27
N GLN B 9 1.06 -51.83 -61.56
CA GLN B 9 -0.01 -50.83 -61.39
C GLN B 9 -0.29 -50.46 -59.93
N ARG B 10 -0.14 -51.42 -59.01
CA ARG B 10 -0.21 -51.16 -57.56
C ARG B 10 0.94 -50.29 -57.05
N LYS B 11 2.15 -50.54 -57.58
CA LYS B 11 3.32 -49.68 -57.31
C LYS B 11 3.18 -48.26 -57.86
N LEU B 12 2.59 -48.13 -59.05
CA LEU B 12 2.33 -46.82 -59.68
C LEU B 12 1.28 -46.00 -58.93
N GLU B 13 0.17 -46.64 -58.55
CA GLU B 13 -0.88 -46.01 -57.74
C GLU B 13 -0.43 -45.65 -56.31
N ALA B 14 0.53 -46.40 -55.77
CA ALA B 14 1.16 -46.09 -54.47
C ALA B 14 1.97 -44.79 -54.49
N LEU B 15 2.72 -44.57 -55.57
CA LEU B 15 3.48 -43.32 -55.79
C LEU B 15 2.59 -42.07 -55.91
N ILE B 16 1.48 -42.19 -56.63
CA ILE B 16 0.56 -41.05 -56.86
C ILE B 16 -0.25 -40.70 -55.60
N ARG B 17 -0.63 -41.70 -54.80
CA ARG B 17 -1.31 -41.47 -53.50
C ARG B 17 -0.40 -40.83 -52.42
N ASP B 18 0.91 -41.09 -52.49
CA ASP B 18 1.89 -40.58 -51.49
C ASP B 18 2.04 -39.04 -51.59
N PRO B 19 1.75 -38.29 -50.48
CA PRO B 19 1.91 -36.82 -50.52
C PRO B 19 3.37 -36.30 -50.56
N ARG B 20 4.34 -37.09 -50.10
CA ARG B 20 5.78 -36.74 -50.25
C ARG B 20 6.29 -36.89 -51.69
N SER B 21 5.63 -37.70 -52.52
CA SER B 21 6.09 -38.03 -53.87
C SER B 21 5.98 -36.84 -54.84
N PRO B 22 6.97 -36.67 -55.76
CA PRO B 22 6.88 -35.58 -56.76
C PRO B 22 5.81 -35.76 -57.85
N ILE B 23 5.25 -36.97 -58.03
CA ILE B 23 4.18 -37.24 -59.01
C ILE B 23 2.80 -37.52 -58.37
N ASN B 24 2.49 -36.81 -57.28
CA ASN B 24 1.13 -36.81 -56.69
C ASN B 24 0.14 -36.02 -57.57
N VAL B 25 -1.15 -36.12 -57.24
CA VAL B 25 -2.23 -35.49 -58.04
C VAL B 25 -2.11 -33.95 -58.09
N GLU B 26 -1.73 -33.33 -56.98
CA GLU B 26 -1.55 -31.86 -56.91
C GLU B 26 -0.34 -31.38 -57.72
N SER B 27 0.77 -32.10 -57.61
CA SER B 27 1.99 -31.87 -58.42
C SER B 27 1.77 -32.07 -59.93
N LEU B 28 1.00 -33.09 -60.29
CA LEU B 28 0.61 -33.34 -61.68
C LEU B 28 -0.29 -32.24 -62.27
N LEU B 29 -1.21 -31.73 -61.46
CA LEU B 29 -2.02 -30.54 -61.82
C LEU B 29 -1.20 -29.26 -61.97
N ASP B 30 -0.17 -29.09 -61.12
CA ASP B 30 0.79 -27.98 -61.26
C ASP B 30 1.57 -28.02 -62.57
N GLY B 31 2.00 -29.23 -62.95
CA GLY B 31 2.64 -29.48 -64.25
C GLY B 31 1.82 -29.06 -65.45
N LEU B 32 0.51 -29.32 -65.41
CA LEU B 32 -0.43 -28.92 -66.46
C LEU B 32 -0.64 -27.40 -66.49
N ASN B 33 -0.90 -26.82 -65.32
CA ASN B 33 -1.06 -25.35 -65.16
C ASN B 33 0.20 -24.57 -65.58
N SER B 34 1.36 -25.06 -65.15
CA SER B 34 2.66 -24.47 -65.53
C SER B 34 2.93 -24.55 -67.03
N LEU B 35 2.61 -25.70 -67.63
CA LEU B 35 2.73 -25.90 -69.09
C LEU B 35 1.86 -24.92 -69.89
N VAL B 36 0.60 -24.77 -69.48
CA VAL B 36 -0.32 -23.81 -70.10
C VAL B 36 0.10 -22.34 -69.89
N LEU B 37 0.57 -22.01 -68.67
CA LEU B 37 1.08 -20.65 -68.37
C LEU B 37 2.33 -20.27 -69.17
N ASP B 38 3.28 -21.20 -69.28
CA ASP B 38 4.49 -21.01 -70.10
C ASP B 38 4.23 -20.96 -71.61
N LEU B 39 3.22 -21.70 -72.08
CA LEU B 39 2.90 -21.79 -73.53
C LEU B 39 1.91 -20.73 -74.04
N ASP B 40 0.90 -20.37 -73.23
CA ASP B 40 -0.17 -19.45 -73.67
C ASP B 40 0.33 -17.99 -73.78
N PHE B 41 0.94 -17.70 -74.93
CA PHE B 41 1.31 -16.35 -75.37
C PHE B 41 1.04 -16.23 -76.88
N PRO B 42 0.83 -14.99 -77.40
CA PRO B 42 0.53 -14.82 -78.84
C PRO B 42 1.60 -15.32 -79.82
N ALA B 43 2.88 -15.15 -79.46
CA ALA B 43 4.02 -15.60 -80.27
C ALA B 43 4.13 -17.12 -80.36
N LEU B 44 4.06 -17.78 -79.20
CA LEU B 44 4.18 -19.26 -79.11
C LEU B 44 3.00 -20.03 -79.78
N ARG B 45 1.81 -19.42 -79.78
CA ARG B 45 0.65 -19.95 -80.52
C ARG B 45 0.77 -19.98 -82.07
N LYS B 46 1.78 -19.30 -82.64
CA LYS B 46 2.15 -19.49 -84.06
C LYS B 46 2.64 -20.92 -84.40
N ASN B 47 3.18 -21.62 -83.41
CA ASN B 47 3.41 -23.08 -83.47
C ASN B 47 2.05 -23.79 -83.48
N LYS B 48 1.89 -24.74 -84.40
CA LYS B 48 0.63 -25.49 -84.57
C LYS B 48 0.35 -26.44 -83.39
N ASN B 49 1.39 -27.16 -82.94
CA ASN B 49 1.30 -28.08 -81.80
C ASN B 49 0.90 -27.39 -80.48
N ILE B 50 1.48 -26.22 -80.23
CA ILE B 50 1.18 -25.40 -79.04
C ILE B 50 -0.26 -24.85 -79.07
N ASP B 51 -0.70 -24.38 -80.24
CA ASP B 51 -2.05 -23.80 -80.39
C ASP B 51 -3.17 -24.83 -80.19
N ASN B 52 -3.03 -25.99 -80.83
CA ASN B 52 -4.01 -27.09 -80.70
C ASN B 52 -4.05 -27.72 -79.31
N PHE B 53 -2.91 -27.78 -78.63
CA PHE B 53 -2.85 -28.23 -77.21
C PHE B 53 -3.62 -27.29 -76.27
N LEU B 54 -3.35 -25.99 -76.39
CA LEU B 54 -4.02 -24.97 -75.56
C LEU B 54 -5.53 -24.86 -75.77
N ASN B 55 -5.98 -25.05 -77.02
CA ASN B 55 -7.41 -25.08 -77.36
C ASN B 55 -8.16 -26.29 -76.78
N ARG B 56 -7.51 -27.46 -76.73
CA ARG B 56 -8.04 -28.66 -76.05
C ARG B 56 -8.20 -28.45 -74.54
N TYR B 57 -7.14 -27.92 -73.92
CA TYR B 57 -7.10 -27.63 -72.46
C TYR B 57 -7.41 -26.15 -72.09
N GLU B 58 -8.25 -25.48 -72.88
CA GLU B 58 -8.67 -24.10 -72.57
C GLU B 58 -9.71 -24.10 -71.45
N LYS B 59 -10.80 -24.84 -71.68
CA LYS B 59 -11.97 -24.84 -70.78
C LYS B 59 -11.73 -25.55 -69.44
N ILE B 60 -11.04 -26.69 -69.48
CA ILE B 60 -10.76 -27.48 -68.27
C ILE B 60 -9.77 -26.78 -67.31
N VAL B 61 -8.76 -26.09 -67.86
CA VAL B 61 -7.80 -25.31 -67.05
C VAL B 61 -8.46 -24.09 -66.37
N LYS B 62 -9.36 -23.41 -67.09
CA LYS B 62 -10.19 -22.34 -66.48
C LYS B 62 -11.12 -22.88 -65.37
N LYS B 63 -11.62 -24.11 -65.55
CA LYS B 63 -12.43 -24.80 -64.53
C LYS B 63 -11.60 -25.20 -63.29
N ILE B 64 -10.41 -25.79 -63.49
CA ILE B 64 -9.52 -26.21 -62.38
C ILE B 64 -9.00 -24.99 -61.59
N ARG B 65 -8.66 -23.90 -62.29
CA ARG B 65 -8.28 -22.62 -61.64
C ARG B 65 -9.38 -22.04 -60.72
N GLY B 66 -10.65 -22.21 -61.12
CA GLY B 66 -11.80 -21.86 -60.29
C GLY B 66 -11.96 -22.74 -59.06
N LEU B 67 -11.85 -24.05 -59.25
CA LEU B 67 -12.01 -25.03 -58.15
C LEU B 67 -10.85 -25.04 -57.14
N GLN B 68 -9.62 -24.95 -57.62
CA GLN B 68 -8.42 -24.95 -56.77
C GLN B 68 -8.31 -23.69 -55.90
N MET B 69 -7.50 -23.81 -54.83
CA MET B 69 -7.28 -22.73 -53.87
C MET B 69 -6.50 -21.58 -54.51
N LYS B 70 -6.81 -20.37 -54.06
CA LYS B 70 -6.26 -19.14 -54.65
C LYS B 70 -6.34 -17.96 -53.67
N ALA B 71 -5.59 -16.90 -54.00
CA ALA B 71 -5.53 -15.68 -53.18
C ALA B 71 -6.88 -14.98 -52.97
N GLU B 72 -7.75 -15.04 -53.97
CA GLU B 72 -9.12 -14.50 -53.89
C GLU B 72 -10.03 -15.17 -52.83
N ASP B 73 -9.72 -16.42 -52.44
CA ASP B 73 -10.41 -17.08 -51.31
C ASP B 73 -10.14 -16.45 -49.93
N TYR B 74 -9.02 -15.75 -49.77
CA TYR B 74 -8.60 -15.14 -48.50
C TYR B 74 -8.73 -13.61 -48.55
N ASP B 75 -9.35 -13.02 -47.51
CA ASP B 75 -9.34 -11.57 -47.26
C ASP B 75 -8.05 -11.20 -46.53
N VAL B 76 -7.32 -10.20 -47.04
CA VAL B 76 -6.09 -9.70 -46.41
C VAL B 76 -6.48 -8.70 -45.32
N VAL B 77 -6.24 -9.07 -44.06
CA VAL B 77 -6.53 -8.21 -42.90
C VAL B 77 -5.43 -7.17 -42.74
N LYS B 78 -4.19 -7.65 -42.61
CA LYS B 78 -3.01 -6.79 -42.37
C LYS B 78 -1.71 -7.50 -42.78
N VAL B 79 -0.73 -6.69 -43.21
CA VAL B 79 0.64 -7.17 -43.47
C VAL B 79 1.36 -7.17 -42.11
N ILE B 80 1.81 -8.35 -41.69
CA ILE B 80 2.46 -8.55 -40.36
C ILE B 80 3.99 -8.79 -40.40
N GLY B 81 4.54 -9.12 -41.57
CA GLY B 81 5.99 -9.21 -41.78
C GLY B 81 6.40 -8.92 -43.22
N ARG B 82 7.68 -8.62 -43.40
CA ARG B 82 8.29 -8.37 -44.72
C ARG B 82 9.62 -9.12 -44.83
N GLY B 83 9.91 -9.60 -46.04
CA GLY B 83 11.15 -10.31 -46.36
C GLY B 83 11.71 -9.95 -47.72
N ALA B 84 12.70 -10.74 -48.17
CA ALA B 84 13.46 -10.46 -49.40
C ALA B 84 12.59 -10.59 -50.66
N PHE B 85 11.93 -11.75 -50.80
CA PHE B 85 11.08 -12.06 -51.96
C PHE B 85 9.57 -11.91 -51.75
N GLY B 86 9.13 -11.32 -50.64
CA GLY B 86 7.69 -11.09 -50.40
C GLY B 86 7.32 -10.57 -49.03
N GLU B 87 6.15 -11.00 -48.54
CA GLU B 87 5.58 -10.57 -47.25
C GLU B 87 4.75 -11.67 -46.59
N VAL B 88 4.47 -11.47 -45.29
CA VAL B 88 3.60 -12.34 -44.50
C VAL B 88 2.35 -11.52 -44.19
N GLN B 89 1.20 -12.05 -44.61
CA GLN B 89 -0.11 -11.41 -44.44
C GLN B 89 -0.91 -12.17 -43.38
N LEU B 90 -1.50 -11.42 -42.44
CA LEU B 90 -2.58 -11.93 -41.59
C LEU B 90 -3.83 -11.97 -42.47
N VAL B 91 -4.42 -13.17 -42.63
CA VAL B 91 -5.55 -13.38 -43.54
C VAL B 91 -6.70 -14.17 -42.88
N ARG B 92 -7.90 -14.02 -43.44
CA ARG B 92 -9.09 -14.81 -43.07
C ARG B 92 -9.63 -15.48 -44.34
N HIS B 93 -9.90 -16.78 -44.25
CA HIS B 93 -10.52 -17.55 -45.35
C HIS B 93 -12.00 -17.15 -45.43
N LYS B 94 -12.46 -16.73 -46.61
CA LYS B 94 -13.83 -16.22 -46.83
C LYS B 94 -14.97 -17.21 -46.53
N ALA B 95 -14.79 -18.48 -46.89
CA ALA B 95 -15.79 -19.53 -46.62
C ALA B 95 -15.85 -19.90 -45.14
N SER B 96 -14.74 -20.40 -44.62
CA SER B 96 -14.66 -20.93 -43.23
C SER B 96 -14.54 -19.88 -42.11
N GLN B 97 -14.14 -18.64 -42.45
CA GLN B 97 -13.89 -17.55 -41.48
C GLN B 97 -12.73 -17.82 -40.48
N LYS B 98 -11.80 -18.71 -40.84
CA LYS B 98 -10.67 -19.10 -39.99
C LYS B 98 -9.47 -18.22 -40.31
N VAL B 99 -8.80 -17.74 -39.27
CA VAL B 99 -7.65 -16.84 -39.42
C VAL B 99 -6.36 -17.65 -39.64
N TYR B 100 -5.53 -17.18 -40.57
CA TYR B 100 -4.22 -17.78 -40.88
C TYR B 100 -3.15 -16.70 -41.10
N ALA B 101 -1.89 -17.12 -41.05
CA ALA B 101 -0.75 -16.32 -41.49
C ALA B 101 -0.31 -16.88 -42.85
N MET B 102 -0.35 -16.05 -43.89
CA MET B 102 -0.04 -16.45 -45.28
C MET B 102 1.24 -15.76 -45.77
N LYS B 103 2.28 -16.56 -46.04
CA LYS B 103 3.55 -16.06 -46.58
C LYS B 103 3.49 -16.04 -48.09
N LEU B 104 3.81 -14.89 -48.69
CA LEU B 104 3.92 -14.73 -50.15
C LEU B 104 5.40 -14.76 -50.57
N LEU B 105 5.67 -15.32 -51.75
CA LEU B 105 7.01 -15.34 -52.36
C LEU B 105 6.90 -15.07 -53.87
N SER B 106 7.47 -13.95 -54.32
CA SER B 106 7.43 -13.52 -55.73
C SER B 106 8.27 -14.44 -56.62
N LYS B 107 7.65 -14.99 -57.66
CA LYS B 107 8.34 -15.85 -58.63
C LYS B 107 9.37 -15.11 -59.49
N PHE B 108 9.08 -13.86 -59.87
CA PHE B 108 10.02 -13.00 -60.60
C PHE B 108 11.31 -12.73 -59.82
N GLU B 109 11.16 -12.37 -58.54
CA GLU B 109 12.30 -12.06 -57.65
C GLU B 109 13.18 -13.28 -57.35
N MET B 110 12.56 -14.44 -57.16
CA MET B 110 13.30 -15.70 -56.97
C MET B 110 14.10 -16.15 -58.20
N ILE B 111 13.50 -16.00 -59.39
CA ILE B 111 14.17 -16.29 -60.68
C ILE B 111 15.29 -15.27 -60.96
N LYS B 112 15.01 -13.98 -60.75
CA LYS B 112 15.98 -12.89 -61.01
C LYS B 112 17.24 -12.98 -60.15
N ARG B 113 17.05 -13.15 -58.84
CA ARG B 113 18.15 -13.25 -57.88
C ARG B 113 18.75 -14.67 -57.68
N SER B 114 18.35 -15.64 -58.51
CA SER B 114 18.99 -16.96 -58.63
C SER B 114 18.91 -17.81 -57.34
N ASP B 115 17.71 -17.85 -56.77
CA ASP B 115 17.44 -18.51 -55.49
C ASP B 115 15.98 -19.00 -55.49
N SER B 116 15.77 -20.18 -56.08
CA SER B 116 14.45 -20.81 -56.23
C SER B 116 14.40 -22.31 -55.83
N ALA B 117 15.29 -22.72 -54.92
CA ALA B 117 15.25 -24.04 -54.24
C ALA B 117 14.98 -24.01 -52.72
N PHE B 118 15.16 -22.85 -52.08
CA PHE B 118 15.02 -22.69 -50.61
C PHE B 118 13.65 -23.07 -50.04
N PHE B 119 12.59 -22.76 -50.78
CA PHE B 119 11.20 -22.99 -50.37
C PHE B 119 10.74 -24.46 -50.23
N TRP B 120 11.46 -25.40 -50.85
CA TRP B 120 11.10 -26.83 -50.80
C TRP B 120 11.22 -27.43 -49.40
N GLU B 121 12.38 -27.23 -48.77
CA GLU B 121 12.60 -27.63 -47.38
C GLU B 121 11.71 -26.85 -46.40
N GLU B 122 11.51 -25.55 -46.66
CA GLU B 122 10.58 -24.72 -45.88
C GLU B 122 9.14 -25.23 -45.91
N ARG B 123 8.67 -25.60 -47.09
CA ARG B 123 7.33 -26.21 -47.25
C ARG B 123 7.25 -27.56 -46.55
N ASP B 124 8.25 -28.42 -46.76
CA ASP B 124 8.29 -29.78 -46.18
C ASP B 124 8.42 -29.80 -44.66
N ILE B 125 9.25 -28.91 -44.09
CA ILE B 125 9.41 -28.78 -42.62
C ILE B 125 8.08 -28.42 -41.96
N MET B 126 7.43 -27.38 -42.46
CA MET B 126 6.15 -26.91 -41.91
C MET B 126 4.97 -27.88 -42.18
N ALA B 127 4.93 -28.49 -43.37
CA ALA B 127 3.88 -29.45 -43.73
C ALA B 127 3.96 -30.78 -42.99
N PHE B 128 5.16 -31.34 -42.86
CA PHE B 128 5.37 -32.77 -42.51
C PHE B 128 6.14 -33.08 -41.21
N ALA B 129 6.55 -32.06 -40.44
CA ALA B 129 7.26 -32.28 -39.16
C ALA B 129 6.40 -32.97 -38.10
N ASN B 130 5.12 -32.58 -38.02
CA ASN B 130 4.14 -33.10 -37.04
C ASN B 130 4.64 -32.87 -35.59
N SER B 131 5.21 -31.69 -35.35
CA SER B 131 5.91 -31.33 -34.13
C SER B 131 5.28 -30.06 -33.56
N PRO B 132 5.11 -29.99 -32.22
CA PRO B 132 4.62 -28.76 -31.60
C PRO B 132 5.59 -27.57 -31.57
N TRP B 133 6.87 -27.79 -31.91
CA TRP B 133 7.89 -26.71 -32.00
C TRP B 133 8.02 -26.03 -33.38
N VAL B 134 7.27 -26.49 -34.38
CA VAL B 134 7.33 -25.99 -35.77
C VAL B 134 5.95 -25.44 -36.13
N VAL B 135 5.95 -24.30 -36.84
CA VAL B 135 4.71 -23.69 -37.33
C VAL B 135 4.15 -24.59 -38.44
N GLN B 136 2.90 -25.01 -38.27
CA GLN B 136 2.26 -25.97 -39.17
C GLN B 136 1.76 -25.28 -40.45
N LEU B 137 1.96 -25.93 -41.59
CA LEU B 137 1.49 -25.47 -42.91
C LEU B 137 0.26 -26.30 -43.24
N PHE B 138 -0.89 -25.62 -43.38
CA PHE B 138 -2.15 -26.28 -43.75
C PHE B 138 -2.28 -26.42 -45.26
N TYR B 139 -2.07 -25.31 -45.98
CA TYR B 139 -2.18 -25.25 -47.43
C TYR B 139 -0.96 -24.54 -48.05
N ALA B 140 -0.48 -25.09 -49.16
CA ALA B 140 0.44 -24.40 -50.07
C ALA B 140 -0.20 -24.37 -51.45
N PHE B 141 -0.10 -23.23 -52.12
CA PHE B 141 -0.64 -23.06 -53.48
C PHE B 141 0.09 -21.94 -54.23
N GLN B 142 -0.27 -21.76 -55.50
CA GLN B 142 0.41 -20.80 -56.39
C GLN B 142 -0.49 -20.24 -57.49
N ASP B 143 -0.06 -19.10 -58.04
CA ASP B 143 -0.58 -18.54 -59.30
C ASP B 143 0.62 -18.17 -60.20
N ASP B 144 0.36 -17.52 -61.33
CA ASP B 144 1.43 -17.00 -62.22
C ASP B 144 2.47 -16.08 -61.56
N ARG B 145 2.05 -15.28 -60.57
CA ARG B 145 2.91 -14.29 -59.90
C ARG B 145 3.64 -14.81 -58.64
N TYR B 146 2.89 -15.43 -57.72
CA TYR B 146 3.40 -15.79 -56.38
C TYR B 146 3.22 -17.27 -55.98
N LEU B 147 4.07 -17.71 -55.04
CA LEU B 147 3.82 -18.89 -54.20
C LEU B 147 3.17 -18.43 -52.89
N TYR B 148 2.31 -19.28 -52.31
CA TYR B 148 1.60 -19.00 -51.06
C TYR B 148 1.78 -20.14 -50.08
N MET B 149 1.96 -19.81 -48.79
CA MET B 149 2.09 -20.78 -47.70
C MET B 149 1.18 -20.38 -46.54
N VAL B 150 0.02 -21.04 -46.45
CA VAL B 150 -0.99 -20.76 -45.41
C VAL B 150 -0.59 -21.53 -44.15
N MET B 151 -0.34 -20.80 -43.08
CA MET B 151 0.20 -21.33 -41.82
C MET B 151 -0.71 -20.97 -40.65
N GLU B 152 -0.52 -21.64 -39.52
CA GLU B 152 -1.22 -21.30 -38.27
C GLU B 152 -0.72 -19.96 -37.76
N TYR B 153 -1.64 -19.04 -37.43
CA TYR B 153 -1.28 -17.71 -36.96
C TYR B 153 -0.74 -17.79 -35.53
N MET B 154 0.33 -17.03 -35.27
CA MET B 154 1.03 -16.99 -33.98
C MET B 154 0.87 -15.60 -33.36
N PRO B 155 -0.27 -15.35 -32.67
CA PRO B 155 -0.61 -13.99 -32.20
C PRO B 155 0.27 -13.42 -31.08
N GLY B 156 1.00 -14.27 -30.35
CA GLY B 156 1.98 -13.83 -29.34
C GLY B 156 3.17 -13.03 -29.83
N GLY B 157 3.49 -13.14 -31.14
CA GLY B 157 4.54 -12.35 -31.77
C GLY B 157 5.92 -12.95 -31.59
N ASP B 158 6.91 -12.34 -32.25
CA ASP B 158 8.31 -12.79 -32.17
C ASP B 158 8.97 -12.41 -30.83
N LEU B 159 10.12 -13.02 -30.55
CA LEU B 159 10.89 -12.72 -29.32
C LEU B 159 11.70 -11.41 -29.34
N VAL B 160 11.76 -10.71 -30.48
CA VAL B 160 12.23 -9.31 -30.54
C VAL B 160 11.20 -8.43 -29.80
N ASN B 161 9.92 -8.58 -30.15
CA ASN B 161 8.78 -7.93 -29.45
C ASN B 161 8.81 -8.07 -27.92
N LEU B 162 9.15 -9.28 -27.46
CA LEU B 162 9.14 -9.61 -26.03
C LEU B 162 10.28 -8.93 -25.27
N MET B 163 11.48 -9.00 -25.83
CA MET B 163 12.68 -8.37 -25.23
C MET B 163 12.63 -6.83 -25.18
N SER B 164 12.02 -6.20 -26.17
CA SER B 164 11.77 -4.74 -26.16
C SER B 164 10.79 -4.32 -25.05
N ASN B 165 9.66 -5.02 -24.97
CA ASN B 165 8.58 -4.68 -24.02
C ASN B 165 8.88 -5.06 -22.55
N TYR B 166 9.49 -6.22 -22.34
CA TYR B 166 9.80 -6.76 -21.00
C TYR B 166 11.30 -6.76 -20.70
N ASP B 167 11.66 -6.37 -19.47
CA ASP B 167 12.99 -6.63 -18.90
C ASP B 167 12.96 -8.08 -18.43
N VAL B 168 13.68 -8.95 -19.13
CA VAL B 168 13.49 -10.41 -19.01
C VAL B 168 14.33 -10.94 -17.84
N PRO B 169 13.67 -11.53 -16.79
CA PRO B 169 14.45 -12.20 -15.74
C PRO B 169 14.98 -13.57 -16.16
N GLU B 170 15.76 -14.20 -15.27
CA GLU B 170 16.47 -15.44 -15.59
C GLU B 170 15.56 -16.66 -15.66
N LYS B 171 14.55 -16.73 -14.79
CA LYS B 171 13.52 -17.80 -14.81
C LYS B 171 12.73 -17.84 -16.13
N TRP B 172 12.44 -16.66 -16.68
CA TRP B 172 11.87 -16.52 -18.03
C TRP B 172 12.85 -16.97 -19.11
N ALA B 173 14.12 -16.56 -18.98
CA ALA B 173 15.19 -16.95 -19.91
C ALA B 173 15.47 -18.46 -19.93
N LYS B 174 15.46 -19.10 -18.75
CA LYS B 174 15.52 -20.58 -18.63
C LYS B 174 14.45 -21.29 -19.48
N PHE B 175 13.22 -20.81 -19.35
CA PHE B 175 12.05 -21.32 -20.07
C PHE B 175 12.23 -21.21 -21.60
N TYR B 176 12.38 -19.98 -22.08
CA TYR B 176 12.47 -19.71 -23.53
C TYR B 176 13.70 -20.35 -24.21
N THR B 177 14.83 -20.42 -23.51
CA THR B 177 16.02 -21.12 -23.99
C THR B 177 15.79 -22.63 -24.10
N ALA B 178 15.21 -23.22 -23.06
CA ALA B 178 14.85 -24.65 -23.04
C ALA B 178 13.92 -25.06 -24.18
N GLU B 179 12.93 -24.21 -24.46
CA GLU B 179 12.02 -24.41 -25.61
C GLU B 179 12.74 -24.29 -26.97
N VAL B 180 13.68 -23.35 -27.07
CA VAL B 180 14.57 -23.24 -28.26
C VAL B 180 15.46 -24.50 -28.41
N VAL B 181 15.97 -25.03 -27.29
CA VAL B 181 16.79 -26.27 -27.29
C VAL B 181 15.99 -27.46 -27.84
N LEU B 182 14.78 -27.66 -27.30
CA LEU B 182 13.88 -28.72 -27.80
C LEU B 182 13.39 -28.50 -29.24
N ALA B 183 13.21 -27.23 -29.62
CA ALA B 183 12.83 -26.87 -30.99
C ALA B 183 13.92 -27.19 -32.02
N LEU B 184 15.15 -26.81 -31.70
CA LEU B 184 16.31 -27.13 -32.56
C LEU B 184 16.63 -28.63 -32.60
N ASP B 185 16.48 -29.31 -31.47
CA ASP B 185 16.60 -30.78 -31.40
C ASP B 185 15.64 -31.52 -32.35
N ALA B 186 14.40 -31.02 -32.45
CA ALA B 186 13.42 -31.54 -33.42
C ALA B 186 13.83 -31.32 -34.88
N ILE B 187 14.38 -30.14 -35.18
CA ILE B 187 14.92 -29.81 -36.51
C ILE B 187 16.19 -30.63 -36.83
N HIS B 188 17.08 -30.77 -35.85
CA HIS B 188 18.28 -31.63 -35.98
C HIS B 188 17.94 -33.11 -36.15
N SER B 189 16.89 -33.59 -35.45
CA SER B 189 16.35 -34.95 -35.62
C SER B 189 15.80 -35.24 -37.02
N MET B 190 15.20 -34.22 -37.66
CA MET B 190 14.74 -34.30 -39.05
C MET B 190 15.84 -34.31 -40.14
N GLY B 191 17.11 -34.07 -39.74
CA GLY B 191 18.26 -34.13 -40.65
C GLY B 191 18.64 -32.79 -41.26
N LEU B 192 18.42 -31.70 -40.52
CA LEU B 192 18.49 -30.32 -41.04
C LEU B 192 19.28 -29.42 -40.07
N ILE B 193 20.02 -28.47 -40.62
CA ILE B 193 20.67 -27.39 -39.86
C ILE B 193 19.91 -26.11 -40.22
N HIS B 194 19.50 -25.35 -39.20
CA HIS B 194 18.71 -24.10 -39.39
C HIS B 194 19.48 -22.97 -40.06
N ARG B 195 20.75 -22.77 -39.69
CA ARG B 195 21.67 -21.74 -40.25
C ARG B 195 21.35 -20.25 -39.94
N ASP B 196 20.31 -19.97 -39.15
CA ASP B 196 19.80 -18.59 -38.94
C ASP B 196 18.82 -18.57 -37.75
N VAL B 197 19.32 -19.02 -36.60
CA VAL B 197 18.54 -19.08 -35.36
C VAL B 197 18.65 -17.67 -34.74
N LYS B 198 17.51 -17.05 -34.50
CA LYS B 198 17.44 -15.69 -33.92
C LYS B 198 16.04 -15.38 -33.37
N PRO B 199 15.90 -14.34 -32.50
CA PRO B 199 14.61 -13.87 -31.98
C PRO B 199 13.52 -13.55 -33.01
N ASP B 200 13.90 -13.06 -34.19
CA ASP B 200 12.98 -12.81 -35.32
C ASP B 200 12.28 -14.09 -35.80
N ASN B 201 13.02 -15.20 -35.81
CA ASN B 201 12.55 -16.54 -36.22
C ASN B 201 11.95 -17.41 -35.09
N MET B 202 11.78 -16.84 -33.89
CA MET B 202 11.19 -17.50 -32.72
C MET B 202 9.87 -16.82 -32.41
N LEU B 203 8.76 -17.49 -32.71
CA LEU B 203 7.40 -16.95 -32.53
C LEU B 203 6.66 -17.58 -31.35
N LEU B 204 5.78 -16.80 -30.73
CA LEU B 204 4.97 -17.22 -29.58
C LEU B 204 3.52 -17.42 -30.00
N ASP B 205 2.95 -18.56 -29.64
CA ASP B 205 1.55 -18.92 -29.99
C ASP B 205 0.51 -18.21 -29.09
N LYS B 206 -0.78 -18.54 -29.27
CA LYS B 206 -1.88 -18.07 -28.39
C LYS B 206 -1.69 -18.30 -26.89
N HIS B 207 -0.96 -19.35 -26.52
CA HIS B 207 -0.65 -19.68 -25.10
C HIS B 207 0.71 -19.17 -24.58
N GLY B 208 1.44 -18.40 -25.38
CA GLY B 208 2.80 -17.95 -25.04
C GLY B 208 3.91 -18.98 -25.11
N HIS B 209 3.68 -20.12 -25.78
CA HIS B 209 4.73 -21.13 -26.03
C HIS B 209 5.36 -20.98 -27.42
N LEU B 210 6.58 -21.52 -27.54
CA LEU B 210 7.45 -21.28 -28.69
C LEU B 210 7.13 -22.20 -29.87
N LYS B 211 7.11 -21.62 -31.07
CA LYS B 211 7.37 -22.36 -32.33
C LYS B 211 8.35 -21.57 -33.20
N LEU B 212 9.12 -22.30 -34.01
CA LEU B 212 10.04 -21.70 -34.97
C LEU B 212 9.34 -21.48 -36.32
N ALA B 213 9.65 -20.34 -36.94
CA ALA B 213 9.23 -20.01 -38.31
C ALA B 213 10.45 -19.53 -39.10
N ASP B 214 10.26 -19.32 -40.40
CA ASP B 214 11.31 -18.91 -41.35
C ASP B 214 12.38 -20.00 -41.48
N PHE B 215 12.10 -20.98 -42.35
CA PHE B 215 13.02 -22.09 -42.66
C PHE B 215 13.65 -21.95 -44.06
N GLY B 216 13.94 -20.72 -44.48
CA GLY B 216 14.54 -20.43 -45.79
C GLY B 216 16.00 -20.85 -45.87
N THR B 217 16.76 -20.50 -44.84
CA THR B 217 18.18 -20.89 -44.72
C THR B 217 18.43 -22.37 -44.37
N CYS B 218 17.38 -23.13 -44.03
CA CYS B 218 17.51 -24.58 -43.76
C CYS B 218 18.03 -25.37 -44.95
N MET B 219 19.03 -26.22 -44.70
CA MET B 219 19.58 -27.16 -45.67
C MET B 219 19.76 -28.53 -45.02
N LYS B 220 19.49 -29.59 -45.80
CA LYS B 220 19.57 -30.97 -45.33
C LYS B 220 21.03 -31.38 -45.15
N MET B 221 21.32 -32.10 -44.06
CA MET B 221 22.69 -32.50 -43.73
C MET B 221 23.22 -33.56 -44.68
N ASP B 222 24.55 -33.60 -44.82
CA ASP B 222 25.26 -34.70 -45.50
C ASP B 222 25.11 -35.98 -44.64
N GLU B 223 25.73 -37.07 -45.07
CA GLU B 223 25.76 -38.31 -44.27
C GLU B 223 26.57 -38.18 -42.95
N THR B 224 27.65 -37.39 -42.97
CA THR B 224 28.43 -37.06 -41.74
C THR B 224 27.66 -36.24 -40.70
N GLY B 225 26.89 -35.25 -41.18
CA GLY B 225 26.19 -34.24 -40.35
C GLY B 225 26.70 -32.83 -40.53
N MET B 226 26.89 -32.43 -41.79
CA MET B 226 27.50 -31.16 -42.20
C MET B 226 26.78 -30.65 -43.46
N VAL B 227 27.16 -29.47 -43.93
CA VAL B 227 26.63 -28.91 -45.19
C VAL B 227 27.61 -27.90 -45.80
N THR B 235 21.33 -12.41 -40.57
CA THR B 235 21.89 -11.24 -39.90
C THR B 235 23.16 -11.57 -39.10
N PRO B 236 24.17 -10.66 -39.09
CA PRO B 236 25.50 -10.99 -38.57
C PRO B 236 25.65 -11.11 -37.05
N ASP B 237 24.74 -10.53 -36.26
CA ASP B 237 24.76 -10.62 -34.78
C ASP B 237 24.76 -12.05 -34.21
N TYR B 238 24.03 -12.95 -34.86
CA TYR B 238 23.85 -14.36 -34.42
C TYR B 238 24.66 -15.41 -35.19
N ILE B 239 25.33 -15.03 -36.27
CA ILE B 239 26.13 -15.96 -37.09
C ILE B 239 27.41 -16.38 -36.36
N SER B 240 27.79 -17.66 -36.50
CA SER B 240 28.93 -18.27 -35.79
C SER B 240 30.24 -18.06 -36.59
N PRO B 241 31.42 -18.14 -35.91
CA PRO B 241 32.70 -17.87 -36.58
C PRO B 241 33.09 -18.83 -37.72
N GLU B 242 32.81 -20.13 -37.56
CA GLU B 242 33.03 -21.12 -38.64
C GLU B 242 32.23 -20.85 -39.94
N VAL B 243 31.03 -20.27 -39.80
CA VAL B 243 30.24 -19.80 -40.95
C VAL B 243 30.88 -18.53 -41.56
N LEU B 244 31.43 -17.65 -40.72
CA LEU B 244 32.21 -16.47 -41.16
C LEU B 244 33.62 -16.73 -41.77
N LYS B 245 34.01 -18.00 -42.00
CA LYS B 245 35.17 -18.37 -42.83
C LYS B 245 34.81 -19.22 -44.05
N SER B 246 33.84 -20.14 -43.91
CA SER B 246 33.30 -20.93 -45.02
C SER B 246 32.57 -20.05 -46.03
N PHE B 252 33.39 -26.92 -44.25
CA PHE B 252 31.90 -27.01 -44.13
C PHE B 252 31.50 -26.62 -42.68
N TYR B 253 30.30 -26.99 -42.24
CA TYR B 253 29.83 -26.80 -40.88
C TYR B 253 28.58 -27.62 -40.54
N GLY B 254 28.48 -28.05 -39.27
CA GLY B 254 27.41 -28.92 -38.77
C GLY B 254 26.38 -28.22 -37.91
N ARG B 255 25.68 -29.02 -37.10
CA ARG B 255 24.61 -28.55 -36.19
C ARG B 255 25.08 -27.55 -35.10
N GLU B 256 26.35 -27.64 -34.72
CA GLU B 256 27.01 -26.71 -33.77
C GLU B 256 26.79 -25.20 -34.01
N CYS B 257 26.66 -24.79 -35.28
CA CYS B 257 26.43 -23.37 -35.65
C CYS B 257 25.08 -22.81 -35.14
N ASP B 258 24.06 -23.69 -35.05
CA ASP B 258 22.79 -23.33 -34.40
C ASP B 258 22.94 -23.15 -32.88
N TRP B 259 23.73 -24.03 -32.24
CA TRP B 259 23.96 -23.95 -30.80
C TRP B 259 24.76 -22.72 -30.34
N TRP B 260 25.62 -22.19 -31.21
CA TRP B 260 26.25 -20.87 -31.03
C TRP B 260 25.20 -19.78 -30.82
N SER B 261 24.25 -19.73 -31.75
CA SER B 261 23.16 -18.74 -31.74
C SER B 261 22.21 -18.81 -30.52
N VAL B 262 22.10 -19.99 -29.90
CA VAL B 262 21.37 -20.16 -28.62
C VAL B 262 22.13 -19.43 -27.48
N GLY B 263 23.46 -19.54 -27.49
CA GLY B 263 24.33 -18.76 -26.59
C GLY B 263 24.23 -17.26 -26.75
N VAL B 264 24.14 -16.81 -28.02
CA VAL B 264 23.91 -15.38 -28.34
C VAL B 264 22.50 -14.95 -27.90
N PHE B 265 21.51 -15.81 -28.13
CA PHE B 265 20.12 -15.62 -27.68
C PHE B 265 19.99 -15.50 -26.16
N LEU B 266 20.62 -16.42 -25.43
CA LEU B 266 20.64 -16.40 -23.96
C LEU B 266 21.37 -15.18 -23.38
N TYR B 267 22.41 -14.72 -24.06
CA TYR B 267 23.10 -13.47 -23.70
C TYR B 267 22.21 -12.24 -23.85
N GLU B 268 21.53 -12.13 -25.00
CA GLU B 268 20.69 -10.94 -25.31
C GLU B 268 19.52 -10.70 -24.36
N MET B 269 18.91 -11.78 -23.85
CA MET B 269 17.75 -11.68 -22.94
C MET B 269 18.18 -11.21 -21.54
N LEU B 270 19.26 -11.80 -21.03
CA LEU B 270 19.75 -11.51 -19.67
C LEU B 270 20.48 -10.17 -19.59
N VAL B 271 21.37 -9.90 -20.55
CA VAL B 271 22.19 -8.67 -20.57
C VAL B 271 21.36 -7.49 -21.08
N GLY B 272 20.79 -7.65 -22.27
CA GLY B 272 20.00 -6.61 -22.94
C GLY B 272 20.47 -6.30 -24.36
N ASP B 273 21.78 -6.33 -24.58
CA ASP B 273 22.41 -6.14 -25.90
C ASP B 273 23.06 -7.43 -26.41
N THR B 274 23.43 -7.42 -27.69
CA THR B 274 24.15 -8.50 -28.35
C THR B 274 25.61 -8.55 -27.82
N PRO B 275 26.19 -9.76 -27.60
CA PRO B 275 27.56 -9.85 -27.04
C PRO B 275 28.69 -9.32 -27.92
N PHE B 276 28.57 -9.50 -29.24
CA PHE B 276 29.53 -9.00 -30.22
C PHE B 276 28.98 -7.80 -31.01
N TYR B 277 28.35 -6.85 -30.30
CA TYR B 277 27.75 -5.66 -30.92
C TYR B 277 28.83 -4.66 -31.35
N ALA B 278 28.61 -4.03 -32.50
CA ALA B 278 29.40 -2.88 -32.97
C ALA B 278 28.52 -1.88 -33.74
N ASP B 279 29.09 -0.71 -34.00
CA ASP B 279 28.41 0.34 -34.76
C ASP B 279 28.30 -0.06 -36.24
N SER B 280 29.43 -0.41 -36.83
CA SER B 280 29.48 -0.96 -38.19
C SER B 280 29.29 -2.48 -38.20
N LEU B 281 29.09 -3.03 -39.39
CA LEU B 281 29.03 -4.50 -39.60
C LEU B 281 30.39 -5.16 -39.44
N VAL B 282 31.43 -4.54 -40.02
CA VAL B 282 32.83 -5.00 -39.91
C VAL B 282 33.33 -5.19 -38.46
N GLY B 283 32.87 -4.33 -37.55
CA GLY B 283 33.13 -4.47 -36.12
C GLY B 283 32.48 -5.70 -35.48
N THR B 284 31.23 -5.97 -35.85
CA THR B 284 30.48 -7.16 -35.41
C THR B 284 31.14 -8.46 -35.88
N TYR B 285 31.61 -8.49 -37.12
CA TYR B 285 32.33 -9.66 -37.68
C TYR B 285 33.65 -9.92 -36.95
N SER B 286 34.44 -8.85 -36.74
CA SER B 286 35.73 -8.92 -36.03
C SER B 286 35.65 -9.43 -34.59
N LYS B 287 34.63 -8.97 -33.86
CA LYS B 287 34.36 -9.43 -32.48
C LYS B 287 33.94 -10.90 -32.39
N ILE B 288 33.19 -11.39 -33.38
CA ILE B 288 32.80 -12.82 -33.47
C ILE B 288 34.02 -13.71 -33.74
N MET B 289 34.93 -13.28 -34.63
CA MET B 289 36.19 -13.99 -34.87
C MET B 289 37.14 -13.98 -33.65
N ASP B 290 37.15 -12.87 -32.91
CA ASP B 290 37.94 -12.71 -31.67
C ASP B 290 37.06 -12.92 -30.42
N HIS B 291 36.28 -14.01 -30.42
CA HIS B 291 35.30 -14.30 -29.35
C HIS B 291 35.88 -14.69 -28.00
N LYS B 292 37.12 -15.19 -27.97
CA LYS B 292 37.82 -15.52 -26.72
C LYS B 292 38.14 -14.26 -25.89
N ASN B 293 38.64 -13.22 -26.57
CA ASN B 293 38.97 -11.93 -25.95
C ASN B 293 37.78 -10.97 -25.83
N SER B 294 36.99 -10.85 -26.90
CA SER B 294 35.89 -9.87 -26.97
C SER B 294 34.65 -10.16 -26.11
N LEU B 295 34.37 -11.44 -25.84
CA LEU B 295 33.24 -11.84 -24.97
C LEU B 295 33.52 -11.46 -23.51
N CYS B 296 32.91 -10.35 -23.07
CA CYS B 296 32.95 -9.91 -21.68
C CYS B 296 31.52 -9.56 -21.22
N PHE B 297 31.15 -10.07 -20.04
CA PHE B 297 29.84 -9.79 -19.43
C PHE B 297 29.94 -8.47 -18.67
N PRO B 298 29.02 -7.50 -18.94
CA PRO B 298 28.99 -6.24 -18.18
C PRO B 298 28.83 -6.43 -16.66
N GLU B 299 29.54 -5.61 -15.89
CA GLU B 299 29.59 -5.75 -14.42
C GLU B 299 28.28 -5.38 -13.74
N ASP B 300 27.58 -4.35 -14.26
CA ASP B 300 26.21 -4.00 -13.84
C ASP B 300 25.14 -5.09 -14.06
N ALA B 301 25.32 -5.94 -15.08
CA ALA B 301 24.30 -6.91 -15.52
C ALA B 301 24.01 -8.05 -14.51
N GLU B 302 22.72 -8.29 -14.25
CA GLU B 302 22.26 -9.30 -13.28
C GLU B 302 22.24 -10.68 -13.92
N ILE B 303 23.31 -11.46 -13.72
CA ILE B 303 23.49 -12.78 -14.35
C ILE B 303 24.12 -13.78 -13.36
N SER B 304 23.58 -15.00 -13.32
CA SER B 304 24.09 -16.09 -12.47
C SER B 304 25.42 -16.67 -13.00
N LYS B 305 26.04 -17.51 -12.17
CA LYS B 305 27.25 -18.25 -12.58
C LYS B 305 26.94 -19.35 -13.59
N HIS B 306 25.84 -20.08 -13.39
CA HIS B 306 25.39 -21.15 -14.29
C HIS B 306 25.01 -20.64 -15.70
N ALA B 307 24.30 -19.52 -15.76
CA ALA B 307 23.95 -18.88 -17.05
C ALA B 307 25.17 -18.29 -17.76
N LYS B 308 26.10 -17.71 -17.00
CA LYS B 308 27.43 -17.32 -17.51
C LYS B 308 28.20 -18.51 -18.09
N ASN B 309 28.18 -19.64 -17.37
CA ASN B 309 28.83 -20.90 -17.79
C ASN B 309 28.24 -21.48 -19.08
N LEU B 310 26.90 -21.45 -19.21
CA LEU B 310 26.21 -21.98 -20.39
C LEU B 310 26.45 -21.16 -21.66
N ILE B 311 26.45 -19.83 -21.52
CA ILE B 311 26.74 -18.91 -22.64
C ILE B 311 28.18 -19.12 -23.15
N CYS B 312 29.13 -19.20 -22.21
CA CYS B 312 30.53 -19.53 -22.53
C CYS B 312 30.71 -20.95 -23.11
N ALA B 313 29.91 -21.91 -22.66
CA ALA B 313 29.89 -23.27 -23.22
C ALA B 313 29.43 -23.31 -24.69
N PHE B 314 28.39 -22.53 -25.01
CA PHE B 314 27.94 -22.34 -26.40
C PHE B 314 28.88 -21.47 -27.23
N LEU B 315 29.41 -20.39 -26.64
CA LEU B 315 30.29 -19.43 -27.35
C LEU B 315 31.78 -19.80 -27.21
N THR B 316 32.15 -20.87 -27.90
CA THR B 316 33.53 -21.36 -28.06
C THR B 316 33.78 -21.71 -29.54
N ASP B 317 34.99 -22.20 -29.85
CA ASP B 317 35.28 -22.83 -31.15
C ASP B 317 34.43 -24.10 -31.33
N ARG B 318 34.06 -24.36 -32.59
CA ARG B 318 33.20 -25.52 -32.99
C ARG B 318 33.62 -26.88 -32.43
N GLU B 319 34.94 -27.14 -32.42
CA GLU B 319 35.50 -28.46 -32.05
C GLU B 319 35.26 -28.88 -30.59
N VAL B 320 35.11 -27.90 -29.68
CA VAL B 320 34.88 -28.13 -28.23
C VAL B 320 33.55 -27.52 -27.71
N ARG B 321 32.59 -27.26 -28.61
CA ARG B 321 31.33 -26.57 -28.27
C ARG B 321 30.32 -27.49 -27.58
N LEU B 322 29.40 -26.89 -26.83
CA LEU B 322 28.26 -27.61 -26.23
C LEU B 322 27.23 -27.89 -27.32
N GLY B 323 26.84 -29.15 -27.47
CA GLY B 323 25.91 -29.62 -28.52
C GLY B 323 26.51 -30.37 -29.71
N ARG B 324 27.78 -30.75 -29.64
CA ARG B 324 28.41 -31.66 -30.63
C ARG B 324 27.88 -33.07 -30.45
N ASN B 325 28.01 -33.57 -29.22
CA ASN B 325 27.64 -34.95 -28.84
C ASN B 325 26.22 -34.96 -28.27
N GLY B 326 25.25 -34.67 -29.15
CA GLY B 326 23.84 -34.69 -28.81
C GLY B 326 23.33 -33.56 -27.92
N VAL B 327 22.00 -33.54 -27.77
CA VAL B 327 21.30 -32.59 -26.89
C VAL B 327 21.41 -32.89 -25.38
N GLU B 328 21.73 -34.14 -25.01
CA GLU B 328 21.72 -34.61 -23.60
C GLU B 328 22.63 -33.82 -22.65
N GLU B 329 23.83 -33.45 -23.13
CA GLU B 329 24.76 -32.61 -22.38
C GLU B 329 24.25 -31.18 -22.10
N ILE B 330 23.47 -30.62 -23.04
CA ILE B 330 22.78 -29.33 -22.85
C ILE B 330 21.67 -29.47 -21.79
N ARG B 331 20.87 -30.54 -21.89
CA ARG B 331 19.75 -30.78 -20.96
C ARG B 331 20.15 -30.99 -19.49
N GLN B 332 21.30 -31.65 -19.26
CA GLN B 332 21.83 -31.86 -17.90
C GLN B 332 22.62 -30.67 -17.29
N HIS B 333 22.73 -29.55 -18.01
CA HIS B 333 23.46 -28.36 -17.54
C HIS B 333 22.73 -27.70 -16.35
N PRO B 334 23.45 -27.32 -15.26
CA PRO B 334 22.78 -26.90 -13.99
C PRO B 334 21.86 -25.66 -14.04
N PHE B 335 22.17 -24.69 -14.90
CA PHE B 335 21.28 -23.57 -15.28
C PHE B 335 19.80 -23.95 -15.47
N PHE B 336 19.56 -25.03 -16.22
CA PHE B 336 18.19 -25.49 -16.54
C PHE B 336 17.40 -26.12 -15.38
N LYS B 337 18.04 -26.38 -14.23
CA LYS B 337 17.34 -26.89 -13.03
C LYS B 337 16.38 -25.84 -12.44
N ASN B 338 15.16 -26.29 -12.12
CA ASN B 338 14.10 -25.42 -11.59
C ASN B 338 12.99 -26.24 -10.91
N ASP B 339 12.08 -25.54 -10.21
CA ASP B 339 10.88 -26.15 -9.59
C ASP B 339 9.59 -25.61 -10.24
N GLN B 340 9.54 -25.72 -11.56
CA GLN B 340 8.45 -25.21 -12.42
C GLN B 340 8.08 -26.24 -13.49
N TRP B 341 9.06 -26.61 -14.33
CA TRP B 341 8.90 -27.54 -15.45
C TRP B 341 10.03 -28.57 -15.53
N HIS B 342 9.74 -29.69 -16.19
CA HIS B 342 10.73 -30.69 -16.63
C HIS B 342 10.76 -30.71 -18.17
N TRP B 343 11.78 -31.38 -18.72
CA TRP B 343 11.99 -31.44 -20.18
C TRP B 343 10.87 -32.16 -20.95
N ASP B 344 10.36 -33.25 -20.38
CA ASP B 344 9.23 -33.99 -20.95
C ASP B 344 7.86 -33.27 -20.94
N ASN B 345 7.69 -32.26 -20.08
CA ASN B 345 6.42 -31.52 -19.94
C ASN B 345 6.48 -29.97 -20.00
N ILE B 346 7.59 -29.39 -20.46
CA ILE B 346 7.77 -27.91 -20.50
C ILE B 346 6.68 -27.16 -21.28
N ARG B 347 6.27 -27.72 -22.42
CA ARG B 347 5.28 -27.09 -23.31
C ARG B 347 3.82 -27.14 -22.78
N GLU B 348 3.57 -28.02 -21.79
CA GLU B 348 2.26 -28.14 -21.12
C GLU B 348 2.16 -27.31 -19.82
N THR B 349 3.30 -26.83 -19.29
CA THR B 349 3.29 -25.88 -18.14
C THR B 349 2.89 -24.47 -18.59
N ALA B 350 2.61 -23.61 -17.62
CA ALA B 350 2.22 -22.22 -17.87
C ALA B 350 3.41 -21.39 -18.37
N ALA B 351 3.21 -20.67 -19.48
CA ALA B 351 4.24 -19.81 -20.05
C ALA B 351 4.44 -18.53 -19.20
N PRO B 352 5.63 -17.88 -19.29
CA PRO B 352 5.85 -16.61 -18.56
C PRO B 352 4.94 -15.44 -18.94
N VAL B 353 4.79 -15.21 -20.24
CA VAL B 353 3.95 -14.17 -20.81
C VAL B 353 2.89 -14.86 -21.69
N VAL B 354 1.66 -14.94 -21.16
CA VAL B 354 0.49 -15.37 -21.91
C VAL B 354 -0.08 -14.11 -22.58
N PRO B 355 -0.28 -14.13 -23.93
CA PRO B 355 -0.76 -12.91 -24.60
C PRO B 355 -2.26 -12.64 -24.32
N GLU B 356 -2.57 -11.37 -24.04
CA GLU B 356 -3.93 -10.88 -23.79
C GLU B 356 -4.48 -10.30 -25.10
N LEU B 357 -5.17 -11.16 -25.85
CA LEU B 357 -5.60 -10.89 -27.23
C LEU B 357 -7.07 -10.53 -27.28
N SER B 358 -7.41 -9.42 -27.92
CA SER B 358 -8.80 -8.92 -28.01
C SER B 358 -9.70 -9.61 -29.05
N SER B 359 -9.10 -10.29 -30.03
CA SER B 359 -9.85 -10.92 -31.15
C SER B 359 -8.98 -11.91 -31.92
N ASP B 360 -9.63 -12.69 -32.80
CA ASP B 360 -8.92 -13.65 -33.67
C ASP B 360 -7.98 -13.02 -34.72
N ILE B 361 -8.17 -11.73 -35.03
CA ILE B 361 -7.25 -10.93 -35.89
C ILE B 361 -6.44 -9.85 -35.13
N ASP B 362 -6.15 -10.09 -33.85
CA ASP B 362 -5.33 -9.17 -33.04
C ASP B 362 -3.86 -9.36 -33.43
N SER B 363 -3.24 -8.30 -33.95
CA SER B 363 -1.80 -8.25 -34.26
C SER B 363 -1.11 -7.08 -33.53
N SER B 364 -1.44 -6.93 -32.23
CA SER B 364 -0.82 -5.91 -31.37
C SER B 364 0.65 -6.22 -31.04
N ASN B 365 1.01 -7.52 -31.03
CA ASN B 365 2.39 -7.99 -30.86
C ASN B 365 3.27 -7.96 -32.14
N PHE B 366 2.73 -7.42 -33.25
CA PHE B 366 3.49 -7.16 -34.48
C PHE B 366 3.47 -5.66 -34.79
N ASP B 367 4.62 -5.12 -35.17
CA ASP B 367 4.75 -3.70 -35.57
C ASP B 367 4.11 -3.48 -36.94
N ASP B 368 3.72 -2.23 -37.20
CA ASP B 368 3.14 -1.83 -38.47
C ASP B 368 4.22 -1.83 -39.57
N ILE B 369 3.96 -2.54 -40.66
CA ILE B 369 4.92 -2.73 -41.75
C ILE B 369 4.72 -1.64 -42.79
N GLU B 370 5.81 -0.96 -43.17
CA GLU B 370 5.79 0.10 -44.18
C GLU B 370 5.69 -0.49 -45.59
N ASP B 371 4.96 0.21 -46.46
CA ASP B 371 4.53 -0.31 -47.77
C ASP B 371 4.29 0.82 -48.74
N GLY B 374 5.10 0.77 -55.37
CA GLY B 374 4.56 0.04 -56.51
C GLY B 374 5.59 -0.32 -57.55
N ASP B 375 6.64 -1.03 -57.12
CA ASP B 375 7.73 -1.53 -58.00
C ASP B 375 7.69 -3.07 -58.16
N VAL B 376 6.46 -3.55 -58.40
CA VAL B 376 6.09 -4.97 -58.42
C VAL B 376 6.17 -5.49 -59.88
N GLU B 377 7.40 -5.53 -60.38
CA GLU B 377 7.67 -5.87 -61.78
C GLU B 377 7.44 -7.37 -62.07
N THR B 378 6.80 -7.65 -63.22
CA THR B 378 6.41 -9.01 -63.65
C THR B 378 7.41 -9.56 -64.68
N PHE B 379 7.21 -10.82 -65.08
CA PHE B 379 7.95 -11.42 -66.20
C PHE B 379 7.60 -10.74 -67.53
N PRO B 380 8.58 -10.61 -68.46
CA PRO B 380 8.25 -10.12 -69.81
C PRO B 380 7.56 -11.19 -70.66
N ILE B 381 6.72 -10.76 -71.60
CA ILE B 381 6.00 -11.67 -72.50
C ILE B 381 7.04 -12.21 -73.50
N PRO B 382 7.45 -13.50 -73.35
CA PRO B 382 8.63 -13.98 -74.07
C PRO B 382 8.39 -14.32 -75.54
N LYS B 383 9.46 -14.30 -76.33
CA LYS B 383 9.41 -14.58 -77.77
C LYS B 383 9.29 -16.09 -78.02
N ALA B 384 10.20 -16.84 -77.41
CA ALA B 384 10.22 -18.32 -77.43
C ALA B 384 9.86 -18.90 -76.05
N PHE B 385 9.90 -20.24 -75.93
CA PHE B 385 9.69 -20.94 -74.65
C PHE B 385 10.85 -20.66 -73.68
N VAL B 386 10.53 -20.08 -72.52
CA VAL B 386 11.50 -19.80 -71.43
C VAL B 386 11.35 -20.74 -70.21
N GLY B 387 10.11 -21.03 -69.82
CA GLY B 387 9.81 -21.99 -68.76
C GLY B 387 9.95 -21.44 -67.35
N ASN B 388 9.42 -20.24 -67.12
CA ASN B 388 9.50 -19.57 -65.80
C ASN B 388 8.70 -20.24 -64.68
N GLN B 389 7.64 -20.97 -65.03
CA GLN B 389 6.83 -21.75 -64.07
C GLN B 389 7.36 -23.15 -63.73
N LEU B 390 8.37 -23.64 -64.47
CA LEU B 390 8.90 -25.01 -64.30
C LEU B 390 9.59 -25.30 -62.95
N PRO B 391 10.31 -24.32 -62.36
CA PRO B 391 10.85 -24.52 -61.00
C PRO B 391 9.83 -24.66 -59.86
N PHE B 392 8.58 -24.22 -60.08
CA PHE B 392 7.51 -24.23 -59.08
C PHE B 392 6.50 -25.39 -59.21
N ILE B 393 6.76 -26.35 -60.12
CA ILE B 393 5.93 -27.56 -60.27
C ILE B 393 6.20 -28.48 -59.08
N GLY B 394 5.12 -28.90 -58.41
CA GLY B 394 5.17 -29.72 -57.19
C GLY B 394 4.95 -28.98 -55.88
N PHE B 395 4.86 -27.64 -55.93
CA PHE B 395 4.71 -26.82 -54.72
C PHE B 395 3.34 -26.94 -54.04
N THR B 396 2.28 -27.10 -54.82
CA THR B 396 0.90 -27.16 -54.28
C THR B 396 0.73 -28.36 -53.33
N TYR B 397 0.07 -28.10 -52.20
CA TYR B 397 -0.14 -29.08 -51.13
C TYR B 397 -1.47 -28.79 -50.41
N TYR B 398 -2.23 -29.86 -50.16
CA TYR B 398 -3.55 -29.80 -49.51
C TYR B 398 -3.56 -30.84 -48.38
N ARG B 399 -3.73 -30.37 -47.14
CA ARG B 399 -3.79 -31.26 -45.97
C ARG B 399 -5.16 -31.93 -45.90
N ALA C 4 -50.19 -17.97 47.49
CA ALA C 4 -49.75 -16.93 46.50
C ALA C 4 -48.33 -17.19 45.98
N GLY C 5 -47.36 -17.21 46.89
CA GLY C 5 -45.95 -17.49 46.57
C GLY C 5 -45.71 -18.95 46.22
N ALA C 6 -46.21 -19.83 47.09
CA ALA C 6 -46.28 -21.28 46.83
C ALA C 6 -47.11 -21.69 45.59
N SER C 7 -48.14 -20.90 45.27
CA SER C 7 -48.99 -21.12 44.09
C SER C 7 -48.30 -21.07 42.74
N ARG C 8 -47.28 -20.22 42.58
CA ARG C 8 -46.48 -20.14 41.35
C ARG C 8 -45.51 -21.32 41.19
N GLN C 9 -44.96 -21.82 42.31
CA GLN C 9 -44.01 -22.94 42.30
C GLN C 9 -44.64 -24.28 41.89
N ARG C 10 -45.92 -24.49 42.23
CA ARG C 10 -46.70 -25.65 41.75
C ARG C 10 -46.95 -25.61 40.24
N LYS C 11 -47.23 -24.41 39.71
CA LYS C 11 -47.36 -24.19 38.25
C LYS C 11 -46.04 -24.40 37.50
N LEU C 12 -44.93 -23.98 38.10
CA LEU C 12 -43.59 -24.16 37.52
C LEU C 12 -43.16 -25.63 37.49
N GLU C 13 -43.36 -26.34 38.61
CA GLU C 13 -43.09 -27.78 38.69
C GLU C 13 -44.00 -28.64 37.80
N ALA C 14 -45.22 -28.17 37.53
CA ALA C 14 -46.15 -28.81 36.59
C ALA C 14 -45.65 -28.77 35.13
N LEU C 15 -45.08 -27.63 34.73
CA LEU C 15 -44.46 -27.47 33.39
C LEU C 15 -43.26 -28.38 33.16
N ILE C 16 -42.39 -28.52 34.17
CA ILE C 16 -41.16 -29.33 34.07
C ILE C 16 -41.47 -30.84 34.07
N ARG C 17 -42.47 -31.27 34.85
CA ARG C 17 -42.94 -32.68 34.84
C ARG C 17 -43.63 -33.11 33.53
N ASP C 18 -44.27 -32.17 32.82
CA ASP C 18 -45.01 -32.45 31.58
C ASP C 18 -44.06 -32.85 30.42
N PRO C 19 -44.22 -34.07 29.85
CA PRO C 19 -43.36 -34.48 28.72
C PRO C 19 -43.59 -33.75 27.38
N ARG C 20 -44.79 -33.19 27.16
CA ARG C 20 -45.05 -32.33 25.98
C ARG C 20 -44.38 -30.95 26.06
N SER C 21 -44.06 -30.48 27.28
CA SER C 21 -43.53 -29.13 27.51
C SER C 21 -42.09 -28.95 26.98
N PRO C 22 -41.77 -27.76 26.40
CA PRO C 22 -40.39 -27.51 25.95
C PRO C 22 -39.32 -27.33 27.06
N ILE C 23 -39.73 -27.11 28.31
CA ILE C 23 -38.81 -26.98 29.47
C ILE C 23 -38.86 -28.18 30.44
N ASN C 24 -39.03 -29.40 29.91
CA ASN C 24 -38.87 -30.63 30.70
C ASN C 24 -37.40 -30.92 31.02
N VAL C 25 -37.15 -31.90 31.88
CA VAL C 25 -35.79 -32.24 32.37
C VAL C 25 -34.86 -32.69 31.23
N GLU C 26 -35.38 -33.47 30.27
CA GLU C 26 -34.59 -33.94 29.11
C GLU C 26 -34.24 -32.80 28.14
N SER C 27 -35.21 -31.94 27.86
CA SER C 27 -35.01 -30.70 27.07
C SER C 27 -34.02 -29.71 27.70
N LEU C 28 -34.09 -29.57 29.03
CA LEU C 28 -33.15 -28.73 29.79
C LEU C 28 -31.71 -29.27 29.77
N LEU C 29 -31.57 -30.60 29.84
CA LEU C 29 -30.27 -31.28 29.66
C LEU C 29 -29.71 -31.14 28.23
N ASP C 30 -30.59 -31.15 27.22
CA ASP C 30 -30.20 -30.88 25.82
C ASP C 30 -29.65 -29.46 25.64
N GLY C 31 -30.31 -28.49 26.27
CA GLY C 31 -29.85 -27.10 26.33
C GLY C 31 -28.44 -26.91 26.86
N LEU C 32 -28.11 -27.66 27.92
CA LEU C 32 -26.77 -27.65 28.51
C LEU C 32 -25.73 -28.32 27.61
N ASN C 33 -26.06 -29.51 27.11
CA ASN C 33 -25.20 -30.26 26.15
C ASN C 33 -24.94 -29.48 24.85
N SER C 34 -25.99 -28.88 24.30
CA SER C 34 -25.90 -28.03 23.09
C SER C 34 -25.04 -26.79 23.33
N LEU C 35 -25.20 -26.14 24.49
CA LEU C 35 -24.39 -24.98 24.88
C LEU C 35 -22.90 -25.32 24.97
N VAL C 36 -22.58 -26.44 25.61
CA VAL C 36 -21.19 -26.93 25.73
C VAL C 36 -20.61 -27.37 24.37
N LEU C 37 -21.42 -28.04 23.53
CA LEU C 37 -21.00 -28.44 22.17
C LEU C 37 -20.71 -27.25 21.25
N ASP C 38 -21.59 -26.25 21.28
CA ASP C 38 -21.40 -24.99 20.52
C ASP C 38 -20.22 -24.12 21.01
N LEU C 39 -19.95 -24.15 22.31
CA LEU C 39 -18.90 -23.32 22.94
C LEU C 39 -17.50 -23.98 22.97
N ASP C 40 -17.43 -25.29 23.23
CA ASP C 40 -16.15 -26.00 23.41
C ASP C 40 -15.38 -26.15 22.09
N PHE C 41 -14.65 -25.08 21.74
CA PHE C 41 -13.68 -25.07 20.64
C PHE C 41 -12.45 -24.24 21.09
N PRO C 42 -11.25 -24.47 20.48
CA PRO C 42 -10.04 -23.73 20.90
C PRO C 42 -10.12 -22.20 20.74
N ALA C 43 -10.76 -21.73 19.67
CA ALA C 43 -10.93 -20.29 19.41
C ALA C 43 -11.84 -19.59 20.41
N LEU C 44 -13.02 -20.19 20.65
CA LEU C 44 -14.02 -19.63 21.59
C LEU C 44 -13.57 -19.60 23.07
N ARG C 45 -12.73 -20.56 23.45
CA ARG C 45 -12.08 -20.56 24.79
C ARG C 45 -11.09 -19.41 25.07
N LYS C 46 -10.69 -18.65 24.05
CA LYS C 46 -9.97 -17.37 24.24
C LYS C 46 -10.79 -16.30 24.99
N ASN C 47 -12.13 -16.38 24.88
CA ASN C 47 -13.06 -15.65 25.76
C ASN C 47 -12.96 -16.22 27.19
N LYS C 48 -12.84 -15.32 28.16
CA LYS C 48 -12.70 -15.70 29.59
C LYS C 48 -13.98 -16.32 30.17
N ASN C 49 -15.13 -15.73 29.85
CA ASN C 49 -16.45 -16.23 30.29
C ASN C 49 -16.77 -17.64 29.78
N ILE C 50 -16.44 -17.91 28.51
CA ILE C 50 -16.65 -19.21 27.88
C ILE C 50 -15.72 -20.29 28.48
N ASP C 51 -14.45 -19.94 28.71
CA ASP C 51 -13.46 -20.87 29.27
C ASP C 51 -13.79 -21.32 30.69
N ASN C 52 -14.11 -20.36 31.56
CA ASN C 52 -14.48 -20.64 32.96
C ASN C 52 -15.81 -21.39 33.11
N PHE C 53 -16.77 -21.14 32.22
CA PHE C 53 -18.03 -21.90 32.17
C PHE C 53 -17.80 -23.38 31.82
N LEU C 54 -17.02 -23.63 30.76
CA LEU C 54 -16.71 -25.00 30.31
C LEU C 54 -15.89 -25.82 31.32
N ASN C 55 -14.98 -25.15 32.04
CA ASN C 55 -14.19 -25.80 33.12
C ASN C 55 -15.03 -26.20 34.34
N ARG C 56 -16.04 -25.40 34.69
CA ARG C 56 -17.04 -25.76 35.73
C ARG C 56 -17.87 -26.98 35.35
N TYR C 57 -18.39 -26.97 34.12
CA TYR C 57 -19.21 -28.06 33.56
C TYR C 57 -18.44 -29.04 32.65
N GLU C 58 -17.15 -29.28 32.94
CA GLU C 58 -16.33 -30.25 32.18
C GLU C 58 -16.68 -31.68 32.62
N LYS C 59 -16.55 -31.93 33.92
CA LYS C 59 -16.71 -33.26 34.51
C LYS C 59 -18.14 -33.78 34.51
N ILE C 60 -19.10 -32.92 34.85
CA ILE C 60 -20.52 -33.30 34.92
C ILE C 60 -21.13 -33.61 33.54
N VAL C 61 -20.73 -32.87 32.49
CA VAL C 61 -21.18 -33.11 31.11
C VAL C 61 -20.61 -34.42 30.54
N LYS C 62 -19.35 -34.74 30.86
CA LYS C 62 -18.78 -36.07 30.53
C LYS C 62 -19.48 -37.21 31.28
N LYS C 63 -19.92 -36.95 32.51
CA LYS C 63 -20.73 -37.90 33.29
C LYS C 63 -22.14 -38.13 32.72
N ILE C 64 -22.84 -37.03 32.37
CA ILE C 64 -24.20 -37.11 31.79
C ILE C 64 -24.20 -37.77 30.40
N ARG C 65 -23.18 -37.48 29.58
CA ARG C 65 -22.98 -38.16 28.28
C ARG C 65 -22.81 -39.68 28.40
N GLY C 66 -22.13 -40.12 29.47
CA GLY C 66 -22.02 -41.54 29.80
C GLY C 66 -23.33 -42.19 30.22
N LEU C 67 -24.06 -41.52 31.11
CA LEU C 67 -25.35 -42.03 31.64
C LEU C 67 -26.49 -42.01 30.63
N GLN C 68 -26.60 -40.93 29.84
CA GLN C 68 -27.66 -40.79 28.83
C GLN C 68 -27.52 -41.78 27.66
N MET C 69 -28.63 -41.98 26.95
CA MET C 69 -28.70 -42.92 25.82
C MET C 69 -27.87 -42.39 24.64
N LYS C 70 -27.29 -43.33 23.89
CA LYS C 70 -26.36 -43.02 22.81
C LYS C 70 -26.26 -44.18 21.81
N ALA C 71 -25.70 -43.86 20.64
CA ALA C 71 -25.52 -44.84 19.53
C ALA C 71 -24.68 -46.06 19.90
N GLU C 72 -23.69 -45.87 20.77
CA GLU C 72 -22.85 -46.98 21.30
C GLU C 72 -23.60 -48.03 22.12
N ASP C 73 -24.76 -47.67 22.69
CA ASP C 73 -25.66 -48.65 23.36
C ASP C 73 -26.30 -49.69 22.41
N TYR C 74 -26.44 -49.34 21.13
CA TYR C 74 -27.07 -50.20 20.11
C TYR C 74 -26.05 -50.80 19.13
N ASP C 75 -26.16 -52.11 18.89
CA ASP C 75 -25.42 -52.79 17.80
C ASP C 75 -26.21 -52.63 16.51
N VAL C 76 -25.55 -52.18 15.44
CA VAL C 76 -26.18 -52.03 14.11
C VAL C 76 -26.14 -53.39 13.40
N VAL C 77 -27.31 -53.99 13.20
CA VAL C 77 -27.44 -55.29 12.53
C VAL C 77 -27.35 -55.10 11.02
N LYS C 78 -28.25 -54.26 10.49
CA LYS C 78 -28.36 -54.00 9.05
C LYS C 78 -29.06 -52.67 8.76
N VAL C 79 -28.68 -52.04 7.65
CA VAL C 79 -29.36 -50.84 7.12
C VAL C 79 -30.56 -51.35 6.32
N ILE C 80 -31.77 -50.96 6.74
CA ILE C 80 -33.04 -51.41 6.14
C ILE C 80 -33.80 -50.36 5.30
N GLY C 81 -33.43 -49.08 5.43
CA GLY C 81 -33.96 -48.01 4.58
C GLY C 81 -32.99 -46.85 4.43
N ARG C 82 -33.25 -46.02 3.41
CA ARG C 82 -32.45 -44.82 3.12
CA ARG C 82 -32.45 -44.82 3.12
C ARG C 82 -33.38 -43.65 2.80
N GLY C 83 -32.96 -42.45 3.22
CA GLY C 83 -33.70 -41.20 2.97
C GLY C 83 -32.78 -40.04 2.64
N ALA C 84 -33.35 -38.83 2.64
CA ALA C 84 -32.66 -37.61 2.22
C ALA C 84 -31.53 -37.22 3.17
N PHE C 85 -31.87 -37.11 4.46
CA PHE C 85 -30.93 -36.71 5.52
C PHE C 85 -30.36 -37.86 6.39
N GLY C 86 -30.55 -39.11 6.00
CA GLY C 86 -30.00 -40.24 6.75
C GLY C 86 -30.46 -41.63 6.31
N GLU C 87 -30.57 -42.53 7.29
CA GLU C 87 -30.94 -43.94 7.08
C GLU C 87 -31.73 -44.53 8.26
N VAL C 88 -32.36 -45.67 8.00
CA VAL C 88 -33.07 -46.47 9.00
C VAL C 88 -32.25 -47.74 9.21
N GLN C 89 -31.82 -47.97 10.44
CA GLN C 89 -31.01 -49.13 10.84
C GLN C 89 -31.86 -50.09 11.65
N LEU C 90 -31.80 -51.38 11.30
CA LEU C 90 -32.24 -52.46 12.19
C LEU C 90 -31.16 -52.61 13.26
N VAL C 91 -31.54 -52.43 14.53
CA VAL C 91 -30.60 -52.41 15.66
C VAL C 91 -31.06 -53.30 16.82
N ARG C 92 -30.09 -53.71 17.66
CA ARG C 92 -30.33 -54.42 18.91
C ARG C 92 -29.67 -53.64 20.06
N HIS C 93 -30.42 -53.40 21.13
CA HIS C 93 -29.90 -52.75 22.35
C HIS C 93 -29.00 -53.75 23.08
N LYS C 94 -27.76 -53.35 23.37
CA LYS C 94 -26.73 -54.23 23.98
C LYS C 94 -27.08 -54.80 25.36
N ALA C 95 -27.69 -53.99 26.23
CA ALA C 95 -28.09 -54.42 27.57
C ALA C 95 -29.30 -55.37 27.52
N SER C 96 -30.42 -54.87 27.01
CA SER C 96 -31.70 -55.61 27.00
C SER C 96 -31.87 -56.68 25.91
N GLN C 97 -31.05 -56.64 24.86
CA GLN C 97 -31.13 -57.54 23.68
C GLN C 97 -32.44 -57.43 22.87
N LYS C 98 -33.12 -56.28 22.96
CA LYS C 98 -34.40 -56.04 22.28
C LYS C 98 -34.14 -55.38 20.93
N VAL C 99 -34.82 -55.86 19.89
CA VAL C 99 -34.64 -55.37 18.53
C VAL C 99 -35.52 -54.13 18.29
N TYR C 100 -34.95 -53.13 17.62
CA TYR C 100 -35.64 -51.89 17.24
C TYR C 100 -35.27 -51.46 15.82
N ALA C 101 -36.08 -50.56 15.26
CA ALA C 101 -35.76 -49.83 14.03
C ALA C 101 -35.37 -48.41 14.45
N MET C 102 -34.13 -48.00 14.12
CA MET C 102 -33.58 -46.70 14.52
C MET C 102 -33.34 -45.81 13.30
N LYS C 103 -34.07 -44.69 13.22
CA LYS C 103 -33.94 -43.71 12.14
C LYS C 103 -32.87 -42.69 12.53
N LEU C 104 -31.89 -42.49 11.64
CA LEU C 104 -30.85 -41.46 11.79
C LEU C 104 -31.20 -40.24 10.92
N LEU C 105 -30.85 -39.04 11.41
CA LEU C 105 -30.99 -37.78 10.66
C LEU C 105 -29.77 -36.90 10.91
N SER C 106 -29.00 -36.64 9.84
CA SER C 106 -27.77 -35.84 9.89
C SER C 106 -28.07 -34.36 10.17
N LYS C 107 -27.45 -33.83 11.23
CA LYS C 107 -27.60 -32.41 11.60
C LYS C 107 -26.98 -31.45 10.57
N PHE C 108 -25.83 -31.82 10.00
CA PHE C 108 -25.18 -31.04 8.92
C PHE C 108 -26.07 -30.88 7.69
N GLU C 109 -26.66 -31.99 7.23
CA GLU C 109 -27.53 -32.01 6.05
C GLU C 109 -28.83 -31.23 6.22
N MET C 110 -29.44 -31.33 7.42
CA MET C 110 -30.64 -30.55 7.77
C MET C 110 -30.39 -29.03 7.85
N ILE C 111 -29.25 -28.63 8.42
CA ILE C 111 -28.81 -27.22 8.47
C ILE C 111 -28.46 -26.69 7.07
N LYS C 112 -27.70 -27.47 6.30
CA LYS C 112 -27.24 -27.08 4.94
C LYS C 112 -28.40 -26.86 3.97
N ARG C 113 -29.31 -27.83 3.91
CA ARG C 113 -30.48 -27.78 3.01
C ARG C 113 -31.72 -27.03 3.57
N SER C 114 -31.58 -26.36 4.71
CA SER C 114 -32.57 -25.39 5.25
C SER C 114 -33.94 -26.04 5.58
N ASP C 115 -33.87 -27.16 6.29
CA ASP C 115 -35.03 -27.98 6.64
C ASP C 115 -34.75 -28.71 7.96
N SER C 116 -34.98 -27.99 9.07
CA SER C 116 -34.71 -28.49 10.44
C SER C 116 -35.90 -28.27 11.43
N ALA C 117 -37.14 -28.20 10.91
CA ALA C 117 -38.38 -28.21 11.72
C ALA C 117 -39.28 -29.45 11.52
N PHE C 118 -39.09 -30.20 10.43
CA PHE C 118 -39.92 -31.37 10.07
C PHE C 118 -40.00 -32.49 11.12
N PHE C 119 -38.87 -32.74 11.79
CA PHE C 119 -38.73 -33.82 12.79
C PHE C 119 -39.53 -33.66 14.10
N TRP C 120 -39.98 -32.45 14.42
CA TRP C 120 -40.75 -32.19 15.65
C TRP C 120 -42.11 -32.88 15.67
N GLU C 121 -42.88 -32.67 14.60
CA GLU C 121 -44.16 -33.37 14.41
C GLU C 121 -43.99 -34.88 14.22
N GLU C 122 -42.92 -35.29 13.52
CA GLU C 122 -42.58 -36.71 13.37
C GLU C 122 -42.27 -37.41 14.69
N ARG C 123 -41.51 -36.73 15.55
CA ARG C 123 -41.23 -37.23 16.91
C ARG C 123 -42.51 -37.30 17.76
N ASP C 124 -43.30 -36.21 17.73
CA ASP C 124 -44.53 -36.11 18.52
C ASP C 124 -45.64 -37.09 18.09
N ILE C 125 -45.82 -37.29 16.79
CA ILE C 125 -46.79 -38.26 16.24
C ILE C 125 -46.48 -39.69 16.73
N MET C 126 -45.23 -40.11 16.54
CA MET C 126 -44.80 -41.45 16.94
C MET C 126 -44.73 -41.65 18.47
N ALA C 127 -44.28 -40.63 19.20
CA ALA C 127 -44.19 -40.68 20.67
C ALA C 127 -45.55 -40.70 21.39
N PHE C 128 -46.47 -39.83 20.94
CA PHE C 128 -47.67 -39.45 21.71
C PHE C 128 -49.05 -39.77 21.11
N ALA C 129 -49.11 -40.41 19.93
CA ALA C 129 -50.41 -40.77 19.31
C ALA C 129 -51.20 -41.81 20.10
N ASN C 130 -50.49 -42.81 20.65
CA ASN C 130 -51.08 -43.92 21.42
C ASN C 130 -52.14 -44.69 20.62
N SER C 131 -51.80 -44.91 19.33
CA SER C 131 -52.69 -45.47 18.32
C SER C 131 -52.06 -46.71 17.71
N PRO C 132 -52.86 -47.77 17.45
CA PRO C 132 -52.29 -48.95 16.77
C PRO C 132 -51.98 -48.78 15.26
N TRP C 133 -52.41 -47.67 14.65
CA TRP C 133 -52.08 -47.34 13.24
C TRP C 133 -50.77 -46.54 13.02
N VAL C 134 -50.08 -46.16 14.09
CA VAL C 134 -48.86 -45.33 14.04
C VAL C 134 -47.72 -46.13 14.65
N VAL C 135 -46.53 -46.05 14.04
CA VAL C 135 -45.32 -46.70 14.55
C VAL C 135 -44.90 -45.95 15.83
N GLN C 136 -44.76 -46.69 16.93
CA GLN C 136 -44.48 -46.12 18.25
C GLN C 136 -42.99 -45.80 18.40
N LEU C 137 -42.69 -44.63 18.98
CA LEU C 137 -41.34 -44.18 19.29
C LEU C 137 -41.12 -44.41 20.78
N PHE C 138 -40.15 -45.26 21.10
CA PHE C 138 -39.78 -45.55 22.50
C PHE C 138 -38.81 -44.52 23.03
N TYR C 139 -37.72 -44.30 22.28
CA TYR C 139 -36.65 -43.36 22.66
C TYR C 139 -36.30 -42.43 21.49
N ALA C 140 -36.08 -41.15 21.80
CA ALA C 140 -35.41 -40.20 20.92
C ALA C 140 -34.21 -39.64 21.64
N PHE C 141 -33.08 -39.51 20.93
CA PHE C 141 -31.84 -38.96 21.50
C PHE C 141 -30.94 -38.39 20.39
N GLN C 142 -29.83 -37.79 20.80
CA GLN C 142 -28.92 -37.10 19.88
C GLN C 142 -27.46 -37.10 20.34
N ASP C 143 -26.56 -36.86 19.38
CA ASP C 143 -25.16 -36.50 19.63
C ASP C 143 -24.80 -35.26 18.77
N ASP C 144 -23.53 -34.87 18.76
CA ASP C 144 -23.04 -33.78 17.88
C ASP C 144 -23.35 -33.92 16.37
N ARG C 145 -23.37 -35.15 15.87
CA ARG C 145 -23.57 -35.45 14.43
C ARG C 145 -25.03 -35.68 14.02
N TYR C 146 -25.74 -36.57 14.73
CA TYR C 146 -27.07 -37.06 14.34
C TYR C 146 -28.18 -36.92 15.41
N LEU C 147 -29.42 -36.89 14.93
CA LEU C 147 -30.61 -37.21 15.74
C LEU C 147 -30.96 -38.68 15.54
N TYR C 148 -31.52 -39.31 16.58
CA TYR C 148 -31.90 -40.73 16.57
C TYR C 148 -33.35 -40.89 17.02
N MET C 149 -34.08 -41.80 16.37
CA MET C 149 -35.47 -42.13 16.71
C MET C 149 -35.63 -43.66 16.77
N VAL C 150 -35.62 -44.20 17.99
CA VAL C 150 -35.74 -45.64 18.23
C VAL C 150 -37.23 -46.01 18.22
N MET C 151 -37.61 -46.86 17.26
CA MET C 151 -39.00 -47.22 16.99
C MET C 151 -39.20 -48.73 17.08
N GLU C 152 -40.46 -49.16 17.17
CA GLU C 152 -40.81 -50.58 17.11
C GLU C 152 -40.54 -51.11 15.70
N TYR C 153 -39.82 -52.24 15.60
CA TYR C 153 -39.46 -52.83 14.30
C TYR C 153 -40.69 -53.46 13.67
N MET C 154 -40.83 -53.24 12.35
CA MET C 154 -41.96 -53.71 11.54
C MET C 154 -41.47 -54.75 10.52
N PRO C 155 -41.32 -56.03 10.96
CA PRO C 155 -40.67 -57.05 10.11
C PRO C 155 -41.44 -57.49 8.86
N GLY C 156 -42.75 -57.23 8.78
CA GLY C 156 -43.55 -57.48 7.58
C GLY C 156 -43.20 -56.68 6.34
N GLY C 157 -42.52 -55.54 6.51
CA GLY C 157 -42.02 -54.73 5.39
C GLY C 157 -43.06 -53.78 4.86
N ASP C 158 -42.63 -52.92 3.92
CA ASP C 158 -43.52 -51.93 3.28
C ASP C 158 -44.45 -52.58 2.25
N LEU C 159 -45.48 -51.84 1.82
CA LEU C 159 -46.44 -52.32 0.80
C LEU C 159 -45.92 -52.27 -0.66
N VAL C 160 -44.74 -51.69 -0.90
CA VAL C 160 -44.02 -51.86 -2.19
C VAL C 160 -43.56 -53.33 -2.31
N ASN C 161 -42.91 -53.83 -1.24
CA ASN C 161 -42.53 -55.26 -1.10
C ASN C 161 -43.67 -56.25 -1.39
N LEU C 162 -44.86 -55.92 -0.89
CA LEU C 162 -46.04 -56.81 -1.02
C LEU C 162 -46.57 -56.87 -2.44
N MET C 163 -46.71 -55.70 -3.07
CA MET C 163 -47.20 -55.59 -4.46
C MET C 163 -46.26 -56.19 -5.51
N SER C 164 -44.94 -56.12 -5.28
CA SER C 164 -43.94 -56.81 -6.14
C SER C 164 -44.05 -58.34 -6.05
N ASN C 165 -44.09 -58.86 -4.83
CA ASN C 165 -44.10 -60.31 -4.58
C ASN C 165 -45.43 -61.00 -4.86
N TYR C 166 -46.55 -60.35 -4.52
CA TYR C 166 -47.91 -60.92 -4.68
C TYR C 166 -48.69 -60.18 -5.78
N ASP C 167 -49.43 -60.95 -6.59
CA ASP C 167 -50.51 -60.42 -7.44
C ASP C 167 -51.72 -60.24 -6.52
N VAL C 168 -52.06 -59.00 -6.22
CA VAL C 168 -52.96 -58.67 -5.11
C VAL C 168 -54.43 -58.78 -5.57
N PRO C 169 -55.23 -59.70 -4.97
CA PRO C 169 -56.67 -59.73 -5.28
C PRO C 169 -57.45 -58.60 -4.57
N GLU C 170 -58.74 -58.52 -4.89
CA GLU C 170 -59.59 -57.41 -4.42
C GLU C 170 -59.93 -57.49 -2.93
N LYS C 171 -60.16 -58.70 -2.42
CA LYS C 171 -60.39 -58.95 -0.99
C LYS C 171 -59.22 -58.51 -0.10
N TRP C 172 -58.00 -58.73 -0.59
CA TRP C 172 -56.77 -58.19 0.03
C TRP C 172 -56.72 -56.66 -0.06
N ALA C 173 -57.06 -56.12 -1.24
CA ALA C 173 -57.10 -54.65 -1.45
C ALA C 173 -58.13 -53.93 -0.58
N LYS C 174 -59.32 -54.53 -0.41
CA LYS C 174 -60.36 -54.05 0.55
C LYS C 174 -59.80 -53.88 1.96
N PHE C 175 -59.10 -54.91 2.43
CA PHE C 175 -58.46 -54.95 3.75
C PHE C 175 -57.44 -53.82 3.93
N TYR C 176 -56.40 -53.82 3.10
CA TYR C 176 -55.29 -52.85 3.20
C TYR C 176 -55.73 -51.39 2.99
N THR C 177 -56.70 -51.16 2.09
CA THR C 177 -57.28 -49.82 1.91
C THR C 177 -58.05 -49.35 3.15
N ALA C 178 -58.89 -50.23 3.68
CA ALA C 178 -59.66 -49.95 4.92
C ALA C 178 -58.76 -49.60 6.12
N GLU C 179 -57.65 -50.33 6.26
CA GLU C 179 -56.64 -50.02 7.28
C GLU C 179 -55.94 -48.67 7.06
N VAL C 180 -55.66 -48.34 5.80
CA VAL C 180 -55.15 -47.00 5.40
C VAL C 180 -56.18 -45.89 5.73
N VAL C 181 -57.47 -46.17 5.48
CA VAL C 181 -58.56 -45.23 5.80
C VAL C 181 -58.62 -44.92 7.30
N LEU C 182 -58.62 -45.96 8.12
CA LEU C 182 -58.58 -45.81 9.59
C LEU C 182 -57.28 -45.20 10.11
N ALA C 183 -56.16 -45.49 9.45
CA ALA C 183 -54.86 -44.89 9.79
C ALA C 183 -54.80 -43.39 9.53
N LEU C 184 -55.28 -42.97 8.36
CA LEU C 184 -55.37 -41.54 8.01
C LEU C 184 -56.40 -40.78 8.85
N ASP C 185 -57.52 -41.43 9.16
CA ASP C 185 -58.54 -40.88 10.09
C ASP C 185 -57.96 -40.55 11.48
N ALA C 186 -57.09 -41.43 11.99
CA ALA C 186 -56.36 -41.19 13.24
C ALA C 186 -55.41 -39.99 13.17
N ILE C 187 -54.70 -39.86 12.04
CA ILE C 187 -53.81 -38.71 11.78
C ILE C 187 -54.60 -37.41 11.58
N HIS C 188 -55.72 -37.49 10.84
CA HIS C 188 -56.64 -36.35 10.67
C HIS C 188 -57.30 -35.91 12.00
N SER C 189 -57.65 -36.89 12.84
CA SER C 189 -58.15 -36.63 14.22
C SER C 189 -57.16 -35.89 15.13
N MET C 190 -55.86 -36.18 14.96
CA MET C 190 -54.78 -35.46 15.68
C MET C 190 -54.51 -34.02 15.20
N GLY C 191 -55.13 -33.59 14.10
CA GLY C 191 -55.03 -32.22 13.58
C GLY C 191 -53.94 -32.03 12.54
N LEU C 192 -53.67 -33.07 11.74
CA LEU C 192 -52.50 -33.15 10.84
C LEU C 192 -52.91 -33.64 9.46
N ILE C 193 -52.25 -33.13 8.42
CA ILE C 193 -52.36 -33.66 7.05
C ILE C 193 -51.02 -34.33 6.75
N HIS C 194 -51.07 -35.57 6.24
CA HIS C 194 -49.86 -36.37 5.94
C HIS C 194 -49.02 -35.83 4.79
N ARG C 195 -49.66 -35.37 3.72
CA ARG C 195 -49.01 -34.78 2.50
C ARG C 195 -48.17 -35.73 1.60
N ASP C 196 -48.11 -37.02 1.91
CA ASP C 196 -47.19 -37.98 1.24
C ASP C 196 -47.57 -39.42 1.61
N VAL C 197 -48.83 -39.77 1.32
CA VAL C 197 -49.37 -41.10 1.59
C VAL C 197 -48.98 -41.96 0.40
N LYS C 198 -48.28 -43.05 0.66
CA LYS C 198 -47.80 -43.98 -0.39
C LYS C 198 -47.41 -45.35 0.19
N PRO C 199 -47.30 -46.40 -0.65
CA PRO C 199 -46.83 -47.75 -0.25
C PRO C 199 -45.49 -47.82 0.51
N ASP C 200 -44.56 -46.92 0.19
CA ASP C 200 -43.27 -46.81 0.92
C ASP C 200 -43.46 -46.45 2.40
N ASN C 201 -44.44 -45.59 2.68
CA ASN C 201 -44.80 -45.13 4.04
C ASN C 201 -45.87 -45.97 4.77
N MET C 202 -46.26 -47.12 4.20
CA MET C 202 -47.22 -48.06 4.77
C MET C 202 -46.47 -49.35 5.10
N LEU C 203 -46.22 -49.60 6.40
CA LEU C 203 -45.47 -50.76 6.89
C LEU C 203 -46.38 -51.81 7.53
N LEU C 204 -45.96 -53.07 7.43
CA LEU C 204 -46.68 -54.23 7.99
C LEU C 204 -45.93 -54.76 9.21
N ASP C 205 -46.66 -54.95 10.31
CA ASP C 205 -46.09 -55.45 11.59
C ASP C 205 -45.84 -56.97 11.58
N LYS C 206 -45.41 -57.53 12.73
CA LYS C 206 -45.26 -58.98 12.95
C LYS C 206 -46.50 -59.84 12.60
N HIS C 207 -47.70 -59.27 12.75
CA HIS C 207 -48.98 -59.94 12.42
C HIS C 207 -49.56 -59.65 11.01
N GLY C 208 -48.83 -58.91 10.19
CA GLY C 208 -49.32 -58.47 8.88
C GLY C 208 -50.36 -57.36 8.85
N HIS C 209 -50.53 -56.63 9.96
CA HIS C 209 -51.40 -55.44 10.02
C HIS C 209 -50.62 -54.15 9.82
N LEU C 210 -51.36 -53.11 9.41
CA LEU C 210 -50.78 -51.85 8.93
C LEU C 210 -50.42 -50.89 10.07
N LYS C 211 -49.25 -50.27 9.98
CA LYS C 211 -48.95 -48.99 10.63
C LYS C 211 -48.27 -48.05 9.63
N LEU C 212 -48.48 -46.75 9.83
CA LEU C 212 -47.83 -45.71 9.03
C LEU C 212 -46.50 -45.29 9.66
N ALA C 213 -45.51 -45.07 8.81
CA ALA C 213 -44.20 -44.49 9.19
C ALA C 213 -43.88 -43.34 8.22
N ASP C 214 -42.79 -42.63 8.51
CA ASP C 214 -42.33 -41.46 7.73
C ASP C 214 -43.36 -40.32 7.81
N PHE C 215 -43.27 -39.53 8.88
CA PHE C 215 -44.12 -38.36 9.13
C PHE C 215 -43.34 -37.04 8.94
N GLY C 216 -42.42 -37.00 7.97
CA GLY C 216 -41.60 -35.82 7.69
C GLY C 216 -42.39 -34.69 7.03
N THR C 217 -43.18 -35.06 6.03
CA THR C 217 -44.07 -34.13 5.32
C THR C 217 -45.32 -33.68 6.12
N CYS C 218 -45.61 -34.32 7.26
CA CYS C 218 -46.73 -33.91 8.13
C CYS C 218 -46.63 -32.47 8.64
N MET C 219 -47.72 -31.72 8.50
CA MET C 219 -47.85 -30.37 9.05
C MET C 219 -49.21 -30.22 9.72
N LYS C 220 -49.24 -29.47 10.83
CA LYS C 220 -50.45 -29.26 11.63
C LYS C 220 -51.40 -28.33 10.90
N MET C 221 -52.70 -28.66 10.94
CA MET C 221 -53.72 -27.89 10.22
C MET C 221 -53.96 -26.52 10.84
N ASP C 222 -54.43 -25.59 10.02
CA ASP C 222 -54.92 -24.27 10.46
C ASP C 222 -56.24 -24.52 11.25
N GLU C 223 -56.89 -23.45 11.70
CA GLU C 223 -58.20 -23.56 12.35
C GLU C 223 -59.34 -24.03 11.42
N THR C 224 -59.29 -23.61 10.15
CA THR C 224 -60.21 -24.10 9.10
C THR C 224 -60.08 -25.61 8.78
N GLY C 225 -58.85 -26.10 8.72
CA GLY C 225 -58.50 -27.46 8.28
C GLY C 225 -57.70 -27.50 6.98
N MET C 226 -56.69 -26.65 6.90
CA MET C 226 -55.87 -26.41 5.70
C MET C 226 -54.42 -26.15 6.13
N VAL C 227 -53.51 -26.02 5.16
CA VAL C 227 -52.11 -25.69 5.43
C VAL C 227 -51.44 -25.01 4.23
N HIS C 228 -50.53 -24.07 4.51
CA HIS C 228 -49.79 -23.29 3.49
C HIS C 228 -48.35 -23.78 3.39
N PRO C 236 -43.87 -38.00 -6.93
CA PRO C 236 -44.91 -37.37 -7.76
C PRO C 236 -46.06 -38.28 -8.24
N ASP C 237 -45.87 -39.61 -8.22
CA ASP C 237 -46.93 -40.58 -8.56
C ASP C 237 -48.23 -40.46 -7.74
N TYR C 238 -48.08 -40.15 -6.45
CA TYR C 238 -49.19 -40.07 -5.47
C TYR C 238 -49.64 -38.65 -5.09
N ILE C 239 -48.93 -37.61 -5.52
CA ILE C 239 -49.27 -36.21 -5.20
C ILE C 239 -50.54 -35.77 -5.97
N SER C 240 -51.39 -34.99 -5.29
CA SER C 240 -52.70 -34.54 -5.82
C SER C 240 -52.55 -33.25 -6.66
N PRO C 241 -53.52 -32.97 -7.58
CA PRO C 241 -53.40 -31.78 -8.46
C PRO C 241 -53.39 -30.41 -7.78
N GLU C 242 -54.20 -30.24 -6.72
CA GLU C 242 -54.19 -29.00 -5.90
C GLU C 242 -52.83 -28.69 -5.23
N VAL C 243 -52.09 -29.73 -4.86
CA VAL C 243 -50.71 -29.59 -4.35
C VAL C 243 -49.75 -29.21 -5.51
N LEU C 244 -49.98 -29.79 -6.71
CA LEU C 244 -49.24 -29.40 -7.94
C LEU C 244 -49.56 -28.02 -8.56
N LYS C 245 -50.34 -27.15 -7.89
CA LYS C 245 -50.49 -25.74 -8.25
C LYS C 245 -50.09 -24.78 -7.12
N PHE C 252 -53.48 -22.93 -0.69
CA PHE C 252 -53.84 -23.79 0.42
C PHE C 252 -54.33 -25.18 -0.03
N TYR C 253 -54.38 -26.10 0.93
CA TYR C 253 -55.00 -27.43 0.75
C TYR C 253 -55.24 -28.15 2.08
N GLY C 254 -56.31 -28.95 2.12
CA GLY C 254 -56.77 -29.65 3.33
C GLY C 254 -56.49 -31.15 3.32
N ARG C 255 -57.26 -31.87 4.14
CA ARG C 255 -57.14 -33.33 4.30
C ARG C 255 -57.45 -34.16 3.05
N GLU C 256 -58.27 -33.59 2.15
CA GLU C 256 -58.58 -34.19 0.82
C GLU C 256 -57.39 -34.67 -0.03
N CYS C 257 -56.25 -34.03 0.09
CA CYS C 257 -55.01 -34.40 -0.64
C CYS C 257 -54.47 -35.80 -0.26
N ASP C 258 -54.66 -36.20 1.01
CA ASP C 258 -54.38 -37.56 1.45
C ASP C 258 -55.34 -38.59 0.85
N TRP C 259 -56.63 -38.23 0.78
CA TRP C 259 -57.65 -39.12 0.20
C TRP C 259 -57.50 -39.38 -1.31
N TRP C 260 -56.94 -38.42 -2.05
CA TRP C 260 -56.47 -38.62 -3.43
C TRP C 260 -55.51 -39.81 -3.52
N SER C 261 -54.48 -39.77 -2.68
CA SER C 261 -53.45 -40.81 -2.64
C SER C 261 -53.94 -42.23 -2.26
N VAL C 262 -55.04 -42.31 -1.52
CA VAL C 262 -55.72 -43.59 -1.24
C VAL C 262 -56.33 -44.17 -2.53
N GLY C 263 -56.93 -43.30 -3.35
CA GLY C 263 -57.39 -43.65 -4.70
C GLY C 263 -56.29 -44.13 -5.65
N VAL C 264 -55.13 -43.49 -5.58
CA VAL C 264 -53.92 -43.90 -6.34
C VAL C 264 -53.40 -45.25 -5.80
N PHE C 265 -53.40 -45.39 -4.47
CA PHE C 265 -53.01 -46.64 -3.78
C PHE C 265 -53.93 -47.82 -4.16
N LEU C 266 -55.23 -47.60 -4.11
CA LEU C 266 -56.21 -48.63 -4.51
C LEU C 266 -56.14 -49.02 -5.99
N TYR C 267 -55.80 -48.06 -6.84
CA TYR C 267 -55.54 -48.31 -8.28
C TYR C 267 -54.32 -49.20 -8.49
N GLU C 268 -53.20 -48.87 -7.83
CA GLU C 268 -51.93 -49.60 -8.01
C GLU C 268 -51.96 -51.07 -7.62
N MET C 269 -52.74 -51.42 -6.58
CA MET C 269 -52.84 -52.81 -6.11
C MET C 269 -53.65 -53.69 -7.06
N LEU C 270 -54.79 -53.17 -7.51
CA LEU C 270 -55.71 -53.89 -8.39
C LEU C 270 -55.21 -53.98 -9.84
N VAL C 271 -54.76 -52.85 -10.38
CA VAL C 271 -54.30 -52.75 -11.78
C VAL C 271 -52.90 -53.34 -11.92
N GLY C 272 -51.97 -52.81 -11.13
CA GLY C 272 -50.55 -53.21 -11.15
C GLY C 272 -49.58 -52.05 -11.33
N ASP C 273 -49.96 -51.06 -12.14
CA ASP C 273 -49.20 -49.82 -12.35
C ASP C 273 -49.92 -48.60 -11.76
N THR C 274 -49.19 -47.48 -11.70
CA THR C 274 -49.72 -46.18 -11.24
C THR C 274 -50.67 -45.62 -12.34
N PRO C 275 -51.80 -44.99 -11.95
CA PRO C 275 -52.77 -44.48 -12.96
C PRO C 275 -52.28 -43.35 -13.87
N PHE C 276 -51.46 -42.45 -13.31
CA PHE C 276 -50.85 -41.35 -14.06
C PHE C 276 -49.35 -41.58 -14.31
N TYR C 277 -48.99 -42.79 -14.72
CA TYR C 277 -47.58 -43.16 -14.96
C TYR C 277 -47.07 -42.55 -16.27
N ALA C 278 -45.82 -42.12 -16.26
CA ALA C 278 -45.07 -41.71 -17.46
C ALA C 278 -43.60 -42.07 -17.34
N ASP C 279 -42.89 -41.97 -18.46
CA ASP C 279 -41.44 -42.24 -18.52
C ASP C 279 -40.66 -41.16 -17.79
N SER C 280 -40.91 -39.90 -18.17
CA SER C 280 -40.37 -38.72 -17.49
C SER C 280 -41.27 -38.30 -16.31
N LEU C 281 -40.74 -37.39 -15.49
CA LEU C 281 -41.50 -36.76 -14.39
C LEU C 281 -42.56 -35.79 -14.91
N VAL C 282 -42.17 -34.96 -15.90
CA VAL C 282 -43.08 -33.99 -16.55
C VAL C 282 -44.36 -34.61 -17.14
N GLY C 283 -44.25 -35.85 -17.64
CA GLY C 283 -45.40 -36.63 -18.10
C GLY C 283 -46.36 -37.03 -16.99
N THR C 284 -45.80 -37.46 -15.85
CA THR C 284 -46.56 -37.80 -14.63
C THR C 284 -47.33 -36.60 -14.07
N TYR C 285 -46.69 -35.44 -14.04
CA TYR C 285 -47.32 -34.19 -13.59
C TYR C 285 -48.49 -33.76 -14.49
N SER C 286 -48.26 -33.80 -15.81
CA SER C 286 -49.28 -33.47 -16.83
C SER C 286 -50.54 -34.34 -16.78
N LYS C 287 -50.34 -35.65 -16.60
CA LYS C 287 -51.46 -36.61 -16.45
C LYS C 287 -52.29 -36.40 -15.18
N ILE C 288 -51.63 -36.02 -14.07
CA ILE C 288 -52.32 -35.68 -12.81
C ILE C 288 -53.18 -34.41 -12.95
N MET C 289 -52.66 -33.39 -13.63
CA MET C 289 -53.44 -32.17 -13.94
C MET C 289 -54.62 -32.43 -14.89
N ASP C 290 -54.42 -33.34 -15.85
CA ASP C 290 -55.46 -33.76 -16.82
C ASP C 290 -56.10 -35.09 -16.39
N HIS C 291 -56.50 -35.19 -15.11
CA HIS C 291 -57.01 -36.45 -14.52
C HIS C 291 -58.40 -36.88 -14.99
N LYS C 292 -59.20 -35.93 -15.49
CA LYS C 292 -60.53 -36.24 -16.07
C LYS C 292 -60.42 -37.05 -17.36
N ASN C 293 -59.49 -36.66 -18.24
CA ASN C 293 -59.23 -37.33 -19.52
C ASN C 293 -58.25 -38.52 -19.40
N SER C 294 -57.15 -38.32 -18.68
CA SER C 294 -56.06 -39.31 -18.60
C SER C 294 -56.34 -40.58 -17.77
N LEU C 295 -57.22 -40.47 -16.75
CA LEU C 295 -57.62 -41.63 -15.94
C LEU C 295 -58.50 -42.58 -16.76
N CYS C 296 -57.88 -43.68 -17.22
CA CYS C 296 -58.56 -44.79 -17.89
C CYS C 296 -58.09 -46.10 -17.24
N PHE C 297 -59.03 -46.99 -16.95
CA PHE C 297 -58.74 -48.35 -16.45
C PHE C 297 -58.44 -49.26 -17.64
N PRO C 298 -57.28 -49.98 -17.64
CA PRO C 298 -57.01 -50.97 -18.69
C PRO C 298 -58.08 -52.07 -18.79
N GLU C 299 -58.38 -52.48 -20.02
CA GLU C 299 -59.43 -53.46 -20.29
C GLU C 299 -59.10 -54.88 -19.80
N ASP C 300 -57.82 -55.27 -19.90
CA ASP C 300 -57.31 -56.52 -19.27
C ASP C 300 -57.42 -56.61 -17.73
N ALA C 301 -57.38 -55.47 -17.05
CA ALA C 301 -57.26 -55.40 -15.57
C ALA C 301 -58.51 -55.88 -14.81
N GLU C 302 -58.30 -56.74 -13.81
CA GLU C 302 -59.36 -57.37 -13.02
C GLU C 302 -59.82 -56.42 -11.91
N ILE C 303 -60.90 -55.67 -12.17
CA ILE C 303 -61.46 -54.68 -11.22
C ILE C 303 -63.00 -54.71 -11.25
N SER C 304 -63.61 -54.67 -10.05
CA SER C 304 -65.08 -54.58 -9.88
C SER C 304 -65.61 -53.19 -10.24
N LYS C 305 -66.95 -53.08 -10.30
CA LYS C 305 -67.63 -51.79 -10.49
C LYS C 305 -67.51 -50.88 -9.25
N HIS C 306 -67.68 -51.47 -8.05
CA HIS C 306 -67.56 -50.72 -6.78
C HIS C 306 -66.14 -50.16 -6.54
N ALA C 307 -65.12 -50.95 -6.82
CA ALA C 307 -63.72 -50.49 -6.71
C ALA C 307 -63.35 -49.44 -7.76
N LYS C 308 -63.88 -49.61 -8.98
CA LYS C 308 -63.82 -48.56 -10.03
C LYS C 308 -64.48 -47.25 -9.58
N ASN C 309 -65.66 -47.37 -8.96
CA ASN C 309 -66.43 -46.23 -8.42
C ASN C 309 -65.69 -45.48 -7.29
N LEU C 310 -65.06 -46.23 -6.38
CA LEU C 310 -64.31 -45.65 -5.26
C LEU C 310 -63.03 -44.91 -5.68
N ILE C 311 -62.30 -45.48 -6.64
CA ILE C 311 -61.09 -44.85 -7.20
C ILE C 311 -61.46 -43.53 -7.90
N CYS C 312 -62.51 -43.56 -8.71
CA CYS C 312 -63.05 -42.36 -9.35
C CYS C 312 -63.61 -41.33 -8.35
N ALA C 313 -64.20 -41.80 -7.25
CA ALA C 313 -64.67 -40.93 -6.16
C ALA C 313 -63.52 -40.18 -5.46
N PHE C 314 -62.41 -40.88 -5.23
CA PHE C 314 -61.17 -40.27 -4.70
C PHE C 314 -60.44 -39.41 -5.74
N LEU C 315 -60.36 -39.87 -6.99
CA LEU C 315 -59.64 -39.17 -8.07
C LEU C 315 -60.54 -38.21 -8.86
N THR C 316 -60.89 -37.11 -8.19
CA THR C 316 -61.63 -35.96 -8.76
C THR C 316 -60.96 -34.66 -8.31
N ASP C 317 -61.54 -33.52 -8.71
CA ASP C 317 -61.18 -32.21 -8.13
C ASP C 317 -61.53 -32.17 -6.63
N ARG C 318 -60.71 -31.43 -5.87
CA ARG C 318 -60.84 -31.28 -4.40
C ARG C 318 -62.25 -30.90 -3.89
N GLU C 319 -62.92 -30.01 -4.63
CA GLU C 319 -64.24 -29.47 -4.25
C GLU C 319 -65.38 -30.48 -4.18
N VAL C 320 -65.30 -31.57 -4.94
CA VAL C 320 -66.33 -32.65 -4.98
C VAL C 320 -65.76 -34.05 -4.58
N ARG C 321 -64.63 -34.08 -3.88
CA ARG C 321 -63.91 -35.34 -3.60
C ARG C 321 -64.54 -36.13 -2.43
N LEU C 322 -64.30 -37.44 -2.42
CA LEU C 322 -64.70 -38.29 -1.29
C LEU C 322 -63.72 -38.09 -0.14
N GLY C 323 -64.25 -37.78 1.05
CA GLY C 323 -63.47 -37.48 2.26
C GLY C 323 -63.36 -36.01 2.68
N ARG C 324 -64.13 -35.13 2.06
CA ARG C 324 -64.26 -33.72 2.49
C ARG C 324 -65.07 -33.65 3.78
N ASN C 325 -66.27 -34.22 3.72
CA ASN C 325 -67.22 -34.23 4.84
C ASN C 325 -67.05 -35.50 5.68
N GLY C 326 -65.90 -35.62 6.32
CA GLY C 326 -65.58 -36.72 7.23
C GLY C 326 -65.30 -38.08 6.59
N VAL C 327 -64.86 -39.02 7.43
CA VAL C 327 -64.56 -40.39 7.03
C VAL C 327 -65.82 -41.29 6.81
N GLU C 328 -66.97 -40.90 7.38
CA GLU C 328 -68.19 -41.72 7.37
C GLU C 328 -68.73 -42.09 5.97
N GLU C 329 -68.64 -41.15 5.03
CA GLU C 329 -69.00 -41.39 3.62
C GLU C 329 -68.10 -42.42 2.90
N ILE C 330 -66.80 -42.45 3.27
CA ILE C 330 -65.86 -43.48 2.79
C ILE C 330 -66.22 -44.85 3.36
N ARG C 331 -66.49 -44.90 4.67
CA ARG C 331 -66.82 -46.15 5.37
C ARG C 331 -68.09 -46.85 4.89
N GLN C 332 -69.12 -46.08 4.51
CA GLN C 332 -70.38 -46.61 3.97
C GLN C 332 -70.36 -46.97 2.47
N HIS C 333 -69.23 -46.80 1.79
CA HIS C 333 -69.09 -47.09 0.35
C HIS C 333 -69.20 -48.61 0.09
N PRO C 334 -69.99 -49.06 -0.93
CA PRO C 334 -70.31 -50.51 -1.08
C PRO C 334 -69.14 -51.49 -1.33
N PHE C 335 -68.08 -51.03 -2.00
CA PHE C 335 -66.77 -51.73 -2.08
C PHE C 335 -66.29 -52.37 -0.77
N PHE C 336 -66.36 -51.62 0.33
CA PHE C 336 -65.89 -52.08 1.65
C PHE C 336 -66.76 -53.16 2.34
N LYS C 337 -67.94 -53.47 1.82
CA LYS C 337 -68.79 -54.56 2.34
C LYS C 337 -68.15 -55.94 2.12
N ASN C 338 -68.16 -56.76 3.17
CA ASN C 338 -67.56 -58.11 3.16
C ASN C 338 -68.09 -58.98 4.32
N ASP C 339 -67.78 -60.27 4.27
CA ASP C 339 -68.10 -61.24 5.35
C ASP C 339 -66.81 -61.79 5.98
N GLN C 340 -65.94 -60.86 6.41
CA GLN C 340 -64.62 -61.13 7.00
C GLN C 340 -64.38 -60.25 8.24
N TRP C 341 -64.44 -58.92 8.04
CA TRP C 341 -64.19 -57.91 9.07
C TRP C 341 -65.23 -56.79 9.06
N HIS C 342 -65.36 -56.11 10.20
CA HIS C 342 -66.08 -54.82 10.33
C HIS C 342 -65.07 -53.73 10.70
N TRP C 343 -65.52 -52.47 10.62
CA TRP C 343 -64.65 -51.31 10.88
C TRP C 343 -64.14 -51.21 12.32
N ASP C 344 -65.00 -51.53 13.29
CA ASP C 344 -64.63 -51.58 14.71
C ASP C 344 -63.63 -52.69 15.12
N ASN C 345 -63.51 -53.76 14.32
CA ASN C 345 -62.65 -54.92 14.63
C ASN C 345 -61.66 -55.39 13.52
N ILE C 346 -61.44 -54.58 12.48
CA ILE C 346 -60.57 -54.97 11.33
C ILE C 346 -59.12 -55.36 11.74
N ARG C 347 -58.55 -54.63 12.69
CA ARG C 347 -57.16 -54.87 13.14
C ARG C 347 -56.97 -56.12 14.02
N GLU C 348 -58.09 -56.65 14.57
CA GLU C 348 -58.09 -57.89 15.37
C GLU C 348 -58.42 -59.15 14.53
N THR C 349 -58.93 -59.00 13.30
CA THR C 349 -59.11 -60.11 12.36
C THR C 349 -57.77 -60.56 11.76
N ALA C 350 -57.79 -61.73 11.10
CA ALA C 350 -56.59 -62.29 10.46
C ALA C 350 -56.21 -61.49 9.22
N ALA C 351 -54.94 -61.11 9.12
CA ALA C 351 -54.41 -60.37 7.96
C ALA C 351 -54.28 -61.29 6.74
N PRO C 352 -54.27 -60.74 5.50
CA PRO C 352 -54.07 -61.55 4.29
C PRO C 352 -52.71 -62.27 4.20
N VAL C 353 -51.63 -61.53 4.47
CA VAL C 353 -50.25 -62.03 4.44
C VAL C 353 -49.67 -61.85 5.84
N VAL C 354 -49.60 -62.95 6.60
CA VAL C 354 -48.90 -62.98 7.90
C VAL C 354 -47.43 -63.34 7.59
N PRO C 355 -46.45 -62.52 8.05
CA PRO C 355 -45.05 -62.83 7.72
C PRO C 355 -44.49 -64.04 8.49
N GLU C 356 -43.79 -64.91 7.77
CA GLU C 356 -43.12 -66.10 8.33
C GLU C 356 -41.65 -65.74 8.57
N LEU C 357 -41.37 -65.30 9.80
CA LEU C 357 -40.07 -64.70 10.16
C LEU C 357 -39.21 -65.70 10.94
N SER C 358 -37.95 -65.89 10.50
CA SER C 358 -37.04 -66.87 11.11
C SER C 358 -36.35 -66.47 12.42
N SER C 359 -36.33 -65.17 12.73
CA SER C 359 -35.64 -64.62 13.92
C SER C 359 -36.10 -63.19 14.23
N ASP C 360 -35.72 -62.70 15.40
CA ASP C 360 -36.00 -61.31 15.81
C ASP C 360 -35.30 -60.22 14.97
N ILE C 361 -34.22 -60.59 14.26
CA ILE C 361 -33.53 -59.71 13.29
C ILE C 361 -33.71 -60.12 11.80
N ASP C 362 -34.84 -60.75 11.48
CA ASP C 362 -35.17 -61.13 10.09
C ASP C 362 -35.64 -59.88 9.34
N SER C 363 -34.88 -59.51 8.30
CA SER C 363 -35.24 -58.43 7.38
C SER C 363 -35.29 -58.94 5.93
N SER C 364 -35.95 -60.09 5.74
CA SER C 364 -36.16 -60.68 4.39
C SER C 364 -37.18 -59.88 3.56
N ASN C 365 -38.13 -59.20 4.22
CA ASN C 365 -39.08 -58.28 3.58
C ASN C 365 -38.54 -56.86 3.29
N PHE C 366 -37.25 -56.60 3.52
CA PHE C 366 -36.55 -55.39 3.12
C PHE C 366 -35.43 -55.73 2.15
N ASP C 367 -35.32 -54.94 1.08
CA ASP C 367 -34.23 -55.09 0.10
C ASP C 367 -32.90 -54.59 0.68
N ASP C 368 -31.81 -55.10 0.12
CA ASP C 368 -30.45 -54.70 0.53
C ASP C 368 -30.16 -53.28 0.06
N ILE C 369 -29.76 -52.41 0.99
CA ILE C 369 -29.55 -50.98 0.73
C ILE C 369 -28.09 -50.76 0.35
N VAL C 376 -19.49 -38.29 4.20
CA VAL C 376 -20.20 -38.03 5.45
C VAL C 376 -19.62 -36.77 6.16
N GLU C 377 -19.76 -35.64 5.47
CA GLU C 377 -19.11 -34.38 5.86
C GLU C 377 -19.76 -33.76 7.11
N THR C 378 -18.90 -33.29 8.03
CA THR C 378 -19.31 -32.71 9.33
C THR C 378 -19.28 -31.17 9.28
N PHE C 379 -19.70 -30.56 10.38
CA PHE C 379 -19.58 -29.09 10.57
C PHE C 379 -18.11 -28.67 10.65
N PRO C 380 -17.76 -27.47 10.11
CA PRO C 380 -16.40 -26.94 10.31
C PRO C 380 -16.21 -26.39 11.73
N ILE C 381 -14.97 -26.42 12.22
CA ILE C 381 -14.62 -25.88 13.55
C ILE C 381 -14.69 -24.35 13.45
N PRO C 382 -15.75 -23.72 14.03
CA PRO C 382 -16.02 -22.32 13.72
C PRO C 382 -15.13 -21.32 14.46
N LYS C 383 -14.99 -20.12 13.89
CA LYS C 383 -14.17 -19.04 14.45
C LYS C 383 -14.86 -18.39 15.65
N ALA C 384 -16.11 -17.96 15.43
CA ALA C 384 -17.00 -17.38 16.44
C ALA C 384 -18.15 -18.34 16.78
N PHE C 385 -19.06 -17.90 17.67
CA PHE C 385 -20.29 -18.65 18.00
C PHE C 385 -21.25 -18.70 16.79
N VAL C 386 -21.57 -19.92 16.34
CA VAL C 386 -22.53 -20.17 15.23
C VAL C 386 -23.87 -20.77 15.71
N GLY C 387 -23.83 -21.69 16.67
CA GLY C 387 -25.03 -22.26 17.30
C GLY C 387 -25.71 -23.35 16.49
N ASN C 388 -24.92 -24.28 15.96
CA ASN C 388 -25.44 -25.37 15.12
C ASN C 388 -26.30 -26.42 15.87
N GLN C 389 -26.08 -26.56 17.17
CA GLN C 389 -26.88 -27.45 18.05
C GLN C 389 -28.20 -26.83 18.58
N LEU C 390 -28.39 -25.51 18.42
CA LEU C 390 -29.57 -24.80 18.98
C LEU C 390 -30.94 -25.22 18.41
N PRO C 391 -31.03 -25.53 17.09
CA PRO C 391 -32.30 -26.07 16.55
C PRO C 391 -32.74 -27.45 17.07
N PHE C 392 -31.83 -28.23 17.65
CA PHE C 392 -32.09 -29.58 18.15
C PHE C 392 -32.29 -29.70 19.68
N ILE C 393 -32.37 -28.57 20.38
CA ILE C 393 -32.66 -28.54 21.83
C ILE C 393 -34.15 -28.88 22.02
N GLY C 394 -34.43 -29.86 22.88
CA GLY C 394 -35.77 -30.37 23.13
C GLY C 394 -36.12 -31.70 22.46
N PHE C 395 -35.23 -32.20 21.60
CA PHE C 395 -35.49 -33.43 20.84
C PHE C 395 -35.46 -34.72 21.67
N THR C 396 -34.60 -34.78 22.69
CA THR C 396 -34.45 -35.98 23.53
C THR C 396 -35.75 -36.32 24.27
N TYR C 397 -36.10 -37.61 24.26
CA TYR C 397 -37.34 -38.15 24.84
C TYR C 397 -37.10 -39.56 25.37
N TYR C 398 -37.61 -39.83 26.57
CA TYR C 398 -37.48 -41.12 27.26
C TYR C 398 -38.88 -41.55 27.73
N ARG C 399 -39.36 -42.68 27.22
CA ARG C 399 -40.67 -43.23 27.62
C ARG C 399 -40.57 -43.89 28.99
N SER D 7 17.64 -47.19 -22.24
CA SER D 7 17.16 -48.38 -21.46
C SER D 7 16.11 -48.00 -20.41
N ARG D 8 15.10 -48.84 -20.26
CA ARG D 8 14.02 -48.64 -19.26
C ARG D 8 14.47 -48.93 -17.82
N GLN D 9 15.34 -49.93 -17.65
CA GLN D 9 15.86 -50.33 -16.33
C GLN D 9 16.76 -49.27 -15.67
N ARG D 10 17.52 -48.51 -16.47
CA ARG D 10 18.29 -47.36 -15.99
C ARG D 10 17.40 -46.20 -15.51
N LYS D 11 16.30 -45.96 -16.23
CA LYS D 11 15.27 -44.99 -15.82
C LYS D 11 14.53 -45.39 -14.53
N LEU D 12 14.26 -46.70 -14.39
CA LEU D 12 13.61 -47.24 -13.18
C LEU D 12 14.51 -47.16 -11.95
N GLU D 13 15.78 -47.56 -12.09
CA GLU D 13 16.77 -47.45 -11.01
C GLU D 13 17.11 -46.00 -10.63
N ALA D 14 16.99 -45.07 -11.58
CA ALA D 14 17.14 -43.62 -11.31
C ALA D 14 16.05 -43.06 -10.39
N LEU D 15 14.81 -43.49 -10.61
CA LEU D 15 13.67 -43.13 -9.75
C LEU D 15 13.79 -43.63 -8.30
N ILE D 16 14.25 -44.87 -8.13
CA ILE D 16 14.38 -45.50 -6.80
C ILE D 16 15.56 -44.90 -6.00
N ARG D 17 16.67 -44.57 -6.67
CA ARG D 17 17.80 -43.87 -6.03
C ARG D 17 17.51 -42.42 -5.58
N ASP D 18 16.59 -41.74 -6.28
CA ASP D 18 16.24 -40.33 -6.00
C ASP D 18 15.51 -40.19 -4.64
N PRO D 19 16.07 -39.40 -3.68
CA PRO D 19 15.38 -39.22 -2.38
C PRO D 19 14.09 -38.37 -2.41
N ARG D 20 13.92 -37.48 -3.40
CA ARG D 20 12.65 -36.76 -3.60
C ARG D 20 11.51 -37.63 -4.14
N SER D 21 11.84 -38.75 -4.79
CA SER D 21 10.86 -39.61 -5.47
C SER D 21 9.95 -40.37 -4.49
N PRO D 22 8.64 -40.53 -4.81
CA PRO D 22 7.74 -41.31 -3.95
C PRO D 22 7.98 -42.84 -3.90
N ILE D 23 8.74 -43.40 -4.86
CA ILE D 23 9.09 -44.84 -4.88
C ILE D 23 10.57 -45.13 -4.56
N ASN D 24 11.15 -44.37 -3.63
CA ASN D 24 12.48 -44.69 -3.06
C ASN D 24 12.43 -45.92 -2.12
N VAL D 25 13.59 -46.39 -1.70
CA VAL D 25 13.71 -47.61 -0.87
C VAL D 25 13.02 -47.46 0.50
N GLU D 26 13.13 -46.28 1.12
CA GLU D 26 12.48 -46.01 2.42
C GLU D 26 10.95 -45.92 2.32
N SER D 27 10.47 -45.24 1.27
CA SER D 27 9.03 -45.19 0.93
C SER D 27 8.42 -46.56 0.58
N LEU D 28 9.17 -47.38 -0.14
CA LEU D 28 8.76 -48.76 -0.45
C LEU D 28 8.68 -49.66 0.78
N LEU D 29 9.62 -49.50 1.71
CA LEU D 29 9.57 -50.16 3.03
C LEU D 29 8.40 -49.69 3.91
N ASP D 30 8.04 -48.40 3.83
CA ASP D 30 6.85 -47.86 4.50
C ASP D 30 5.56 -48.49 3.98
N GLY D 31 5.47 -48.64 2.65
CA GLY D 31 4.37 -49.36 1.98
C GLY D 31 4.14 -50.78 2.47
N LEU D 32 5.23 -51.51 2.69
CA LEU D 32 5.18 -52.87 3.23
C LEU D 32 4.75 -52.90 4.69
N ASN D 33 5.38 -52.07 5.51
CA ASN D 33 5.02 -51.90 6.95
C ASN D 33 3.58 -51.45 7.16
N SER D 34 3.14 -50.47 6.37
CA SER D 34 1.75 -49.98 6.40
C SER D 34 0.74 -51.06 5.99
N LEU D 35 1.07 -51.82 4.95
CA LEU D 35 0.25 -52.96 4.48
C LEU D 35 0.07 -54.03 5.57
N VAL D 36 1.16 -54.40 6.22
CA VAL D 36 1.13 -55.37 7.33
C VAL D 36 0.39 -54.82 8.58
N LEU D 37 0.59 -53.55 8.90
CA LEU D 37 -0.12 -52.89 10.02
C LEU D 37 -1.64 -52.79 9.80
N ASP D 38 -2.04 -52.41 8.59
CA ASP D 38 -3.46 -52.37 8.20
C ASP D 38 -4.15 -53.74 8.11
N LEU D 39 -3.38 -54.77 7.73
CA LEU D 39 -3.91 -56.13 7.54
C LEU D 39 -3.88 -57.02 8.78
N ASP D 40 -2.82 -56.92 9.60
CA ASP D 40 -2.63 -57.80 10.77
C ASP D 40 -3.61 -57.48 11.91
N PHE D 41 -4.81 -58.04 11.77
CA PHE D 41 -5.84 -58.06 12.83
C PHE D 41 -6.53 -59.44 12.82
N PRO D 42 -7.15 -59.86 13.95
CA PRO D 42 -7.80 -61.19 14.00
C PRO D 42 -8.95 -61.42 13.00
N ALA D 43 -9.74 -60.38 12.76
CA ALA D 43 -10.87 -60.43 11.81
C ALA D 43 -10.42 -60.57 10.35
N LEU D 44 -9.47 -59.73 9.94
CA LEU D 44 -8.94 -59.72 8.55
C LEU D 44 -8.17 -61.01 8.17
N ARG D 45 -7.52 -61.64 9.15
CA ARG D 45 -6.88 -62.96 8.98
C ARG D 45 -7.82 -64.15 8.67
N LYS D 46 -9.14 -63.97 8.84
CA LYS D 46 -10.14 -64.94 8.34
C LYS D 46 -10.16 -65.07 6.80
N ASN D 47 -9.73 -64.00 6.10
CA ASN D 47 -9.38 -64.07 4.66
C ASN D 47 -8.12 -64.91 4.50
N LYS D 48 -8.14 -65.85 3.54
CA LYS D 48 -7.03 -66.77 3.28
C LYS D 48 -5.81 -66.07 2.67
N ASN D 49 -6.05 -65.17 1.72
CA ASN D 49 -4.98 -64.36 1.07
C ASN D 49 -4.22 -63.45 2.04
N ILE D 50 -4.95 -62.83 2.96
CA ILE D 50 -4.37 -61.95 3.99
C ILE D 50 -3.54 -62.75 5.00
N ASP D 51 -4.05 -63.91 5.44
CA ASP D 51 -3.36 -64.76 6.42
C ASP D 51 -2.03 -65.32 5.92
N ASN D 52 -2.05 -65.87 4.70
CA ASN D 52 -0.85 -66.44 4.06
C ASN D 52 0.21 -65.39 3.70
N PHE D 53 -0.23 -64.17 3.33
CA PHE D 53 0.69 -63.03 3.12
C PHE D 53 1.42 -62.62 4.39
N LEU D 54 0.68 -62.45 5.48
CA LEU D 54 1.25 -62.05 6.78
C LEU D 54 2.20 -63.10 7.39
N ASN D 55 1.90 -64.38 7.19
CA ASN D 55 2.77 -65.49 7.63
C ASN D 55 4.11 -65.56 6.87
N ARG D 56 4.09 -65.25 5.56
CA ARG D 56 5.32 -65.11 4.76
C ARG D 56 6.21 -63.96 5.24
N TYR D 57 5.59 -62.79 5.44
CA TYR D 57 6.26 -61.56 5.90
C TYR D 57 6.14 -61.30 7.43
N GLU D 58 6.06 -62.36 8.24
CA GLU D 58 6.02 -62.23 9.71
C GLU D 58 7.41 -61.92 10.25
N LYS D 59 8.37 -62.79 9.93
CA LYS D 59 9.73 -62.73 10.46
C LYS D 59 10.57 -61.55 9.93
N ILE D 60 10.47 -61.29 8.63
CA ILE D 60 11.24 -60.22 7.98
C ILE D 60 10.79 -58.80 8.41
N VAL D 61 9.47 -58.62 8.62
CA VAL D 61 8.92 -57.33 9.12
C VAL D 61 9.32 -57.06 10.58
N LYS D 62 9.34 -58.09 11.42
CA LYS D 62 9.89 -57.98 12.79
C LYS D 62 11.40 -57.67 12.79
N LYS D 63 12.13 -58.21 11.81
CA LYS D 63 13.56 -57.89 11.61
C LYS D 63 13.78 -56.44 11.14
N ILE D 64 13.02 -55.98 10.15
CA ILE D 64 13.15 -54.60 9.61
C ILE D 64 12.74 -53.54 10.67
N ARG D 65 11.69 -53.83 11.45
CA ARG D 65 11.29 -52.97 12.59
C ARG D 65 12.39 -52.81 13.66
N GLY D 66 13.16 -53.87 13.89
CA GLY D 66 14.35 -53.83 14.75
C GLY D 66 15.49 -52.98 14.18
N LEU D 67 15.80 -53.18 12.90
CA LEU D 67 16.90 -52.47 12.22
C LEU D 67 16.61 -50.98 11.97
N GLN D 68 15.39 -50.66 11.54
CA GLN D 68 14.98 -49.28 11.25
C GLN D 68 14.92 -48.39 12.51
N MET D 69 14.96 -47.08 12.27
CA MET D 69 14.93 -46.08 13.34
C MET D 69 13.57 -46.04 14.03
N LYS D 70 13.58 -45.76 15.32
CA LYS D 70 12.39 -45.82 16.18
C LYS D 70 12.55 -44.98 17.44
N ALA D 71 11.43 -44.72 18.11
CA ALA D 71 11.38 -43.91 19.34
C ALA D 71 12.23 -44.46 20.50
N GLU D 72 12.34 -45.79 20.59
CA GLU D 72 13.19 -46.46 21.59
C GLU D 72 14.70 -46.18 21.45
N ASP D 73 15.15 -45.80 20.26
CA ASP D 73 16.55 -45.34 20.05
C ASP D 73 16.90 -44.01 20.74
N TYR D 74 15.90 -43.16 21.02
CA TYR D 74 16.08 -41.85 21.65
C TYR D 74 15.58 -41.85 23.11
N ASP D 75 16.40 -41.30 24.02
CA ASP D 75 15.97 -40.99 25.40
C ASP D 75 15.30 -39.62 25.42
N VAL D 76 14.09 -39.55 26.00
CA VAL D 76 13.34 -38.29 26.12
C VAL D 76 13.85 -37.54 27.36
N VAL D 77 14.52 -36.41 27.13
CA VAL D 77 15.06 -35.57 28.21
C VAL D 77 13.95 -34.72 28.81
N LYS D 78 13.28 -33.94 27.96
CA LYS D 78 12.21 -33.02 28.37
C LYS D 78 11.28 -32.66 27.21
N VAL D 79 10.01 -32.39 27.53
CA VAL D 79 9.03 -31.86 26.57
C VAL D 79 9.25 -30.33 26.54
N ILE D 80 9.61 -29.81 25.37
CA ILE D 80 9.94 -28.38 25.17
C ILE D 80 8.89 -27.54 24.41
N GLY D 81 7.95 -28.19 23.72
CA GLY D 81 6.82 -27.53 23.08
C GLY D 81 5.59 -28.43 22.97
N ARG D 82 4.44 -27.81 22.72
CA ARG D 82 3.16 -28.50 22.53
C ARG D 82 2.42 -27.90 21.34
N GLY D 83 1.70 -28.75 20.61
CA GLY D 83 0.88 -28.35 19.46
C GLY D 83 -0.44 -29.09 19.39
N ALA D 84 -1.11 -28.95 18.25
CA ALA D 84 -2.47 -29.48 18.04
C ALA D 84 -2.50 -31.01 18.02
N PHE D 85 -1.65 -31.60 17.17
CA PHE D 85 -1.57 -33.07 16.99
C PHE D 85 -0.37 -33.76 17.70
N GLY D 86 0.34 -33.06 18.59
CA GLY D 86 1.44 -33.69 19.34
C GLY D 86 2.28 -32.75 20.18
N GLU D 87 3.58 -33.07 20.27
CA GLU D 87 4.55 -32.31 21.08
C GLU D 87 5.96 -32.33 20.46
N VAL D 88 6.81 -31.44 20.96
CA VAL D 88 8.23 -31.35 20.59
C VAL D 88 9.01 -31.77 21.83
N GLN D 89 9.84 -32.81 21.69
CA GLN D 89 10.66 -33.38 22.76
C GLN D 89 12.12 -33.04 22.52
N LEU D 90 12.80 -32.55 23.56
CA LEU D 90 14.27 -32.52 23.60
C LEU D 90 14.72 -33.95 23.86
N VAL D 91 15.51 -34.51 22.94
CA VAL D 91 15.94 -35.92 22.99
C VAL D 91 17.44 -36.10 22.78
N ARG D 92 17.96 -37.24 23.25
CA ARG D 92 19.34 -37.68 23.00
C ARG D 92 19.29 -39.08 22.36
N HIS D 93 20.03 -39.27 21.26
CA HIS D 93 20.17 -40.58 20.60
C HIS D 93 21.06 -41.46 21.48
N LYS D 94 20.57 -42.66 21.82
CA LYS D 94 21.27 -43.59 22.74
C LYS D 94 22.66 -44.07 22.28
N ALA D 95 22.81 -44.36 20.98
CA ALA D 95 24.09 -44.80 20.41
C ALA D 95 25.11 -43.66 20.33
N SER D 96 24.77 -42.62 19.55
CA SER D 96 25.68 -41.50 19.26
C SER D 96 25.82 -40.43 20.37
N GLN D 97 24.87 -40.38 21.32
CA GLN D 97 24.81 -39.36 22.39
C GLN D 97 24.62 -37.90 21.89
N LYS D 98 24.06 -37.73 20.69
CA LYS D 98 23.85 -36.42 20.07
C LYS D 98 22.45 -35.92 20.40
N VAL D 99 22.35 -34.65 20.78
CA VAL D 99 21.09 -34.04 21.19
C VAL D 99 20.32 -33.54 19.96
N TYR D 100 19.00 -33.78 19.96
CA TYR D 100 18.08 -33.33 18.89
C TYR D 100 16.77 -32.81 19.48
N ALA D 101 16.02 -32.08 18.66
CA ALA D 101 14.62 -31.72 18.92
C ALA D 101 13.75 -32.61 18.04
N MET D 102 12.89 -33.42 18.66
CA MET D 102 12.04 -34.39 17.95
C MET D 102 10.56 -34.01 18.06
N LYS D 103 9.94 -33.70 16.92
CA LYS D 103 8.52 -33.35 16.85
C LYS D 103 7.70 -34.63 16.64
N LEU D 104 6.70 -34.84 17.49
CA LEU D 104 5.74 -35.95 17.36
C LEU D 104 4.43 -35.44 16.74
N LEU D 105 3.78 -36.28 15.94
CA LEU D 105 2.45 -36.02 15.35
C LEU D 105 1.59 -37.28 15.40
N SER D 106 0.49 -37.22 16.15
CA SER D 106 -0.42 -38.36 16.34
C SER D 106 -1.20 -38.66 15.06
N LYS D 107 -1.12 -39.92 14.60
CA LYS D 107 -1.84 -40.38 13.41
C LYS D 107 -3.36 -40.42 13.59
N PHE D 108 -3.83 -40.81 14.79
CA PHE D 108 -5.26 -40.79 15.14
C PHE D 108 -5.86 -39.38 15.05
N GLU D 109 -5.18 -38.40 15.64
CA GLU D 109 -5.65 -37.01 15.67
C GLU D 109 -5.67 -36.34 14.28
N MET D 110 -4.66 -36.64 13.45
CA MET D 110 -4.62 -36.15 12.06
C MET D 110 -5.73 -36.74 11.17
N ILE D 111 -6.01 -38.04 11.33
CA ILE D 111 -7.12 -38.72 10.63
C ILE D 111 -8.50 -38.23 11.13
N LYS D 112 -8.65 -38.12 12.45
CA LYS D 112 -9.92 -37.69 13.08
C LYS D 112 -10.34 -36.27 12.68
N ARG D 113 -9.40 -35.33 12.80
CA ARG D 113 -9.64 -33.91 12.46
C ARG D 113 -9.42 -33.52 10.98
N SER D 114 -9.22 -34.51 10.10
CA SER D 114 -9.27 -34.35 8.63
C SER D 114 -8.17 -33.42 8.07
N ASP D 115 -6.95 -33.65 8.55
CA ASP D 115 -5.78 -32.82 8.24
C ASP D 115 -4.52 -33.69 8.31
N SER D 116 -4.26 -34.39 7.20
CA SER D 116 -3.13 -35.34 7.05
C SER D 116 -2.30 -35.16 5.76
N ALA D 117 -2.29 -33.95 5.20
CA ALA D 117 -1.38 -33.54 4.10
C ALA D 117 -0.36 -32.45 4.46
N PHE D 118 -0.57 -31.72 5.57
CA PHE D 118 0.29 -30.60 6.01
C PHE D 118 1.77 -30.95 6.23
N PHE D 119 2.02 -32.14 6.77
CA PHE D 119 3.39 -32.61 7.11
C PHE D 119 4.34 -32.87 5.95
N TRP D 120 3.83 -33.05 4.72
CA TRP D 120 4.66 -33.33 3.54
C TRP D 120 5.58 -32.16 3.18
N GLU D 121 4.99 -30.97 3.04
CA GLU D 121 5.76 -29.74 2.83
C GLU D 121 6.67 -29.40 4.02
N GLU D 122 6.18 -29.63 5.24
CA GLU D 122 6.97 -29.44 6.46
C GLU D 122 8.22 -30.33 6.51
N ARG D 123 8.05 -31.60 6.13
CA ARG D 123 9.18 -32.55 6.02
C ARG D 123 10.15 -32.13 4.92
N ASP D 124 9.61 -31.78 3.75
CA ASP D 124 10.43 -31.40 2.58
C ASP D 124 11.19 -30.08 2.75
N ILE D 125 10.55 -29.08 3.35
CA ILE D 125 11.19 -27.77 3.66
C ILE D 125 12.40 -27.97 4.57
N MET D 126 12.21 -28.66 5.69
CA MET D 126 13.29 -28.91 6.65
C MET D 126 14.37 -29.87 6.14
N ALA D 127 13.97 -30.92 5.40
CA ALA D 127 14.92 -31.89 4.83
C ALA D 127 15.79 -31.34 3.70
N PHE D 128 15.18 -30.61 2.78
CA PHE D 128 15.77 -30.29 1.45
C PHE D 128 16.04 -28.81 1.11
N ALA D 129 15.76 -27.88 2.02
CA ALA D 129 16.03 -26.44 1.76
C ALA D 129 17.51 -26.11 1.64
N ASN D 130 18.34 -26.75 2.47
CA ASN D 130 19.81 -26.56 2.52
C ASN D 130 20.18 -25.07 2.77
N SER D 131 19.42 -24.46 3.68
CA SER D 131 19.48 -23.02 3.96
C SER D 131 19.77 -22.81 5.46
N PRO D 132 20.60 -21.80 5.79
CA PRO D 132 20.83 -21.50 7.21
C PRO D 132 19.66 -20.81 7.96
N TRP D 133 18.61 -20.38 7.24
CA TRP D 133 17.39 -19.80 7.84
C TRP D 133 16.27 -20.81 8.20
N VAL D 134 16.45 -22.09 7.87
CA VAL D 134 15.45 -23.15 8.09
C VAL D 134 16.05 -24.18 9.02
N VAL D 135 15.24 -24.69 9.97
CA VAL D 135 15.65 -25.75 10.89
C VAL D 135 15.80 -27.05 10.07
N GLN D 136 16.99 -27.66 10.15
CA GLN D 136 17.33 -28.84 9.35
C GLN D 136 16.73 -30.11 9.96
N LEU D 137 16.19 -30.98 9.10
CA LEU D 137 15.64 -32.29 9.48
C LEU D 137 16.67 -33.34 9.10
N PHE D 138 17.18 -34.05 10.10
CA PHE D 138 18.16 -35.13 9.88
C PHE D 138 17.46 -36.44 9.55
N TYR D 139 16.49 -36.82 10.38
CA TYR D 139 15.74 -38.08 10.23
C TYR D 139 14.23 -37.82 10.36
N ALA D 140 13.45 -38.50 9.52
CA ALA D 140 12.01 -38.65 9.69
C ALA D 140 11.70 -40.15 9.72
N PHE D 141 10.81 -40.55 10.62
CA PHE D 141 10.39 -41.95 10.76
C PHE D 141 9.01 -42.05 11.40
N GLN D 142 8.49 -43.28 11.50
CA GLN D 142 7.14 -43.53 12.01
C GLN D 142 6.98 -44.90 12.68
N ASP D 143 5.92 -45.00 13.49
CA ASP D 143 5.38 -46.28 13.99
C ASP D 143 3.85 -46.30 13.76
N ASP D 144 3.16 -47.31 14.28
CA ASP D 144 1.68 -47.38 14.24
C ASP D 144 0.93 -46.16 14.82
N ARG D 145 1.50 -45.53 15.86
CA ARG D 145 0.86 -44.41 16.57
C ARG D 145 1.22 -43.02 16.04
N TYR D 146 2.53 -42.75 15.88
CA TYR D 146 3.05 -41.38 15.58
C TYR D 146 3.96 -41.29 14.35
N LEU D 147 4.03 -40.08 13.78
CA LEU D 147 5.13 -39.63 12.91
C LEU D 147 6.15 -38.90 13.77
N TYR D 148 7.43 -39.00 13.38
CA TYR D 148 8.56 -38.37 14.09
C TYR D 148 9.41 -37.54 13.13
N MET D 149 9.86 -36.37 13.58
CA MET D 149 10.74 -35.48 12.82
C MET D 149 11.91 -35.03 13.70
N VAL D 150 13.07 -35.68 13.51
CA VAL D 150 14.28 -35.39 14.28
C VAL D 150 14.99 -34.20 13.63
N MET D 151 15.12 -33.11 14.40
CA MET D 151 15.64 -31.82 13.92
C MET D 151 16.82 -31.36 14.76
N GLU D 152 17.56 -30.39 14.25
CA GLU D 152 18.64 -29.74 15.01
C GLU D 152 18.04 -28.92 16.16
N TYR D 153 18.56 -29.11 17.37
CA TYR D 153 18.05 -28.42 18.57
C TYR D 153 18.46 -26.95 18.53
N MET D 154 17.51 -26.08 18.89
CA MET D 154 17.68 -24.62 18.89
C MET D 154 17.62 -24.09 20.34
N PRO D 155 18.75 -24.17 21.08
CA PRO D 155 18.74 -23.86 22.52
C PRO D 155 18.49 -22.40 22.92
N GLY D 156 18.67 -21.46 21.99
CA GLY D 156 18.33 -20.04 22.22
C GLY D 156 16.86 -19.72 22.46
N GLY D 157 15.95 -20.61 22.04
CA GLY D 157 14.51 -20.47 22.31
C GLY D 157 13.81 -19.57 21.28
N ASP D 158 12.49 -19.51 21.39
CA ASP D 158 11.67 -18.68 20.48
C ASP D 158 11.75 -17.18 20.81
N LEU D 159 11.28 -16.34 19.89
CA LEU D 159 11.27 -14.87 20.10
C LEU D 159 10.14 -14.33 21.02
N VAL D 160 9.22 -15.20 21.45
CA VAL D 160 8.30 -14.89 22.58
C VAL D 160 9.13 -14.80 23.88
N ASN D 161 9.95 -15.83 24.12
CA ASN D 161 10.95 -15.85 25.25
C ASN D 161 11.81 -14.60 25.35
N LEU D 162 12.26 -14.10 24.19
CA LEU D 162 13.17 -12.95 24.13
C LEU D 162 12.47 -11.64 24.49
N MET D 163 11.29 -11.42 23.90
CA MET D 163 10.49 -10.21 24.17
C MET D 163 9.96 -10.10 25.61
N SER D 164 9.65 -11.22 26.24
CA SER D 164 9.28 -11.26 27.68
C SER D 164 10.45 -10.87 28.59
N ASN D 165 11.61 -11.48 28.36
CA ASN D 165 12.80 -11.29 29.20
C ASN D 165 13.52 -9.95 28.99
N TYR D 166 13.63 -9.50 27.74
CA TYR D 166 14.33 -8.26 27.38
C TYR D 166 13.38 -7.17 26.89
N ASP D 167 13.63 -5.92 27.32
CA ASP D 167 13.06 -4.72 26.69
C ASP D 167 13.91 -4.45 25.44
N VAL D 168 13.32 -4.69 24.27
CA VAL D 168 14.08 -4.81 23.02
C VAL D 168 14.32 -3.41 22.42
N PRO D 169 15.60 -2.98 22.29
CA PRO D 169 15.87 -1.72 21.57
C PRO D 169 15.77 -1.86 20.05
N GLU D 170 15.92 -0.74 19.34
CA GLU D 170 15.71 -0.68 17.90
C GLU D 170 16.82 -1.35 17.08
N LYS D 171 18.07 -1.21 17.53
CA LYS D 171 19.23 -1.89 16.92
C LYS D 171 19.11 -3.42 16.94
N TRP D 172 18.57 -3.96 18.03
CA TRP D 172 18.19 -5.38 18.12
C TRP D 172 17.03 -5.72 17.17
N ALA D 173 16.01 -4.87 17.13
CA ALA D 173 14.86 -5.05 16.23
C ALA D 173 15.22 -5.01 14.74
N LYS D 174 16.13 -4.10 14.35
CA LYS D 174 16.73 -4.07 13.00
C LYS D 174 17.32 -5.42 12.57
N PHE D 175 18.13 -5.98 13.48
CA PHE D 175 18.78 -7.27 13.29
C PHE D 175 17.78 -8.42 13.09
N TYR D 176 16.92 -8.64 14.08
CA TYR D 176 15.94 -9.76 14.06
C TYR D 176 14.92 -9.66 12.92
N THR D 177 14.50 -8.43 12.58
CA THR D 177 13.60 -8.20 11.42
C THR D 177 14.30 -8.53 10.10
N ALA D 178 15.54 -8.05 9.93
CA ALA D 178 16.37 -8.35 8.74
C ALA D 178 16.59 -9.84 8.52
N GLU D 179 16.85 -10.58 9.59
CA GLU D 179 16.95 -12.04 9.55
C GLU D 179 15.63 -12.73 9.17
N VAL D 180 14.51 -12.22 9.68
CA VAL D 180 13.16 -12.66 9.28
C VAL D 180 12.90 -12.38 7.78
N VAL D 181 13.35 -11.21 7.30
CA VAL D 181 13.22 -10.83 5.86
C VAL D 181 13.97 -11.83 4.96
N LEU D 182 15.23 -12.09 5.29
CA LEU D 182 16.04 -13.08 4.56
C LEU D 182 15.52 -14.53 4.70
N ALA D 183 14.96 -14.85 5.86
CA ALA D 183 14.35 -16.16 6.11
C ALA D 183 13.10 -16.40 5.26
N LEU D 184 12.21 -15.42 5.21
CA LEU D 184 11.00 -15.48 4.37
C LEU D 184 11.33 -15.44 2.88
N ASP D 185 12.33 -14.66 2.48
CA ASP D 185 12.84 -14.63 1.09
C ASP D 185 13.31 -16.01 0.61
N ALA D 186 13.97 -16.77 1.49
CA ALA D 186 14.37 -18.15 1.21
C ALA D 186 13.17 -19.09 1.01
N ILE D 187 12.14 -18.94 1.85
CA ILE D 187 10.88 -19.70 1.75
C ILE D 187 10.09 -19.30 0.50
N HIS D 188 10.03 -17.99 0.20
CA HIS D 188 9.40 -17.48 -1.03
C HIS D 188 10.14 -17.92 -2.30
N SER D 189 11.47 -17.98 -2.25
CA SER D 189 12.31 -18.54 -3.33
C SER D 189 12.05 -20.03 -3.63
N MET D 190 11.75 -20.80 -2.59
CA MET D 190 11.35 -22.22 -2.73
C MET D 190 9.94 -22.47 -3.32
N GLY D 191 9.13 -21.42 -3.47
CA GLY D 191 7.80 -21.50 -4.09
C GLY D 191 6.67 -21.68 -3.09
N LEU D 192 6.81 -21.12 -1.89
CA LEU D 192 5.95 -21.39 -0.73
C LEU D 192 5.56 -20.08 -0.04
N ILE D 193 4.33 -20.03 0.49
CA ILE D 193 3.85 -18.96 1.38
C ILE D 193 3.72 -19.60 2.77
N HIS D 194 4.30 -18.93 3.78
CA HIS D 194 4.30 -19.44 5.17
C HIS D 194 2.92 -19.47 5.83
N ARG D 195 2.11 -18.42 5.62
CA ARG D 195 0.72 -18.27 6.15
C ARG D 195 0.56 -18.09 7.69
N ASP D 196 1.65 -18.02 8.44
CA ASP D 196 1.62 -18.04 9.93
C ASP D 196 3.00 -17.64 10.49
N VAL D 197 3.44 -16.45 10.09
CA VAL D 197 4.72 -15.89 10.53
C VAL D 197 4.44 -15.22 11.87
N LYS D 198 5.17 -15.62 12.90
CA LYS D 198 5.02 -15.07 14.26
C LYS D 198 6.24 -15.42 15.15
N PRO D 199 6.42 -14.71 16.29
CA PRO D 199 7.48 -14.99 17.28
C PRO D 199 7.59 -16.44 17.80
N ASP D 200 6.46 -17.14 17.91
CA ASP D 200 6.45 -18.58 18.27
C ASP D 200 7.18 -19.47 17.26
N ASN D 201 7.05 -19.12 15.98
CA ASN D 201 7.70 -19.83 14.86
C ASN D 201 9.11 -19.31 14.45
N MET D 202 9.67 -18.39 15.24
CA MET D 202 11.01 -17.82 15.04
C MET D 202 11.90 -18.28 16.19
N LEU D 203 12.82 -19.20 15.91
CA LEU D 203 13.72 -19.79 16.93
C LEU D 203 15.15 -19.29 16.79
N LEU D 204 15.86 -19.24 17.93
CA LEU D 204 17.25 -18.78 18.01
C LEU D 204 18.18 -19.97 18.27
N ASP D 205 19.24 -20.08 17.47
CA ASP D 205 20.22 -21.19 17.57
C ASP D 205 21.21 -21.00 18.74
N LYS D 206 22.20 -21.91 18.86
CA LYS D 206 23.32 -21.80 19.81
C LYS D 206 24.10 -20.46 19.78
N HIS D 207 24.18 -19.82 18.61
CA HIS D 207 24.83 -18.50 18.44
C HIS D 207 23.92 -17.26 18.52
N GLY D 208 22.63 -17.45 18.85
CA GLY D 208 21.65 -16.37 18.84
C GLY D 208 21.16 -15.86 17.49
N HIS D 209 21.40 -16.62 16.41
CA HIS D 209 20.87 -16.30 15.07
C HIS D 209 19.59 -17.06 14.76
N LEU D 210 18.82 -16.51 13.82
CA LEU D 210 17.44 -16.93 13.55
C LEU D 210 17.38 -18.15 12.62
N LYS D 211 16.51 -19.11 12.96
CA LYS D 211 15.92 -20.04 11.99
C LYS D 211 14.41 -20.13 12.22
N LEU D 212 13.68 -20.42 11.14
CA LEU D 212 12.23 -20.63 11.20
C LEU D 212 11.92 -22.10 11.44
N ALA D 213 10.90 -22.36 12.27
CA ALA D 213 10.33 -23.69 12.50
C ALA D 213 8.81 -23.60 12.37
N ASP D 214 8.15 -24.75 12.42
CA ASP D 214 6.69 -24.89 12.27
C ASP D 214 6.24 -24.46 10.86
N PHE D 215 6.34 -25.41 9.92
CA PHE D 215 5.94 -25.22 8.52
C PHE D 215 4.64 -25.99 8.19
N GLY D 216 3.72 -26.07 9.16
CA GLY D 216 2.43 -26.78 8.98
C GLY D 216 1.47 -26.03 8.07
N THR D 217 1.35 -24.73 8.29
CA THR D 217 0.51 -23.86 7.45
C THR D 217 1.09 -23.54 6.05
N CYS D 218 2.35 -23.91 5.78
CA CYS D 218 2.96 -23.73 4.45
C CYS D 218 2.22 -24.47 3.33
N MET D 219 1.95 -23.76 2.24
CA MET D 219 1.37 -24.32 1.02
C MET D 219 2.13 -23.78 -0.20
N LYS D 220 2.28 -24.65 -1.20
CA LYS D 220 3.04 -24.33 -2.42
C LYS D 220 2.21 -23.38 -3.30
N MET D 221 2.88 -22.38 -3.87
CA MET D 221 2.21 -21.36 -4.69
C MET D 221 1.70 -21.92 -6.00
N ASP D 222 0.66 -21.27 -6.55
CA ASP D 222 0.17 -21.51 -7.91
C ASP D 222 1.27 -20.99 -8.90
N GLU D 223 1.00 -21.06 -10.20
CA GLU D 223 1.91 -20.50 -11.20
C GLU D 223 2.01 -18.95 -11.17
N THR D 224 0.91 -18.28 -10.86
CA THR D 224 0.88 -16.81 -10.63
C THR D 224 1.69 -16.34 -9.41
N GLY D 225 1.60 -17.09 -8.31
CA GLY D 225 2.18 -16.73 -7.00
C GLY D 225 1.15 -16.47 -5.92
N MET D 226 0.15 -17.37 -5.84
CA MET D 226 -1.02 -17.27 -4.95
C MET D 226 -1.38 -18.66 -4.44
N VAL D 227 -2.37 -18.74 -3.55
CA VAL D 227 -2.88 -20.02 -3.05
C VAL D 227 -4.34 -19.90 -2.59
N HIS D 228 -5.11 -20.98 -2.80
CA HIS D 228 -6.53 -21.06 -2.44
C HIS D 228 -6.71 -21.96 -1.20
N CYS D 229 -7.41 -21.44 -0.19
CA CYS D 229 -7.72 -22.17 1.05
C CYS D 229 -8.80 -21.41 1.84
N ASP D 230 -9.74 -22.16 2.44
CA ASP D 230 -10.82 -21.59 3.26
C ASP D 230 -10.97 -22.39 4.57
N THR D 231 -9.95 -22.25 5.42
CA THR D 231 -9.89 -22.88 6.75
C THR D 231 -9.42 -21.87 7.79
N VAL D 233 -5.94 -19.86 8.97
CA VAL D 233 -5.02 -20.58 9.86
C VAL D 233 -4.24 -19.67 10.81
N GLY D 234 -3.78 -20.25 11.92
CA GLY D 234 -2.90 -19.56 12.88
C GLY D 234 -3.60 -18.59 13.81
N THR D 235 -2.82 -18.04 14.74
CA THR D 235 -3.32 -17.09 15.75
C THR D 235 -3.69 -15.73 15.12
N PRO D 236 -4.77 -15.09 15.61
CA PRO D 236 -5.37 -13.94 14.89
C PRO D 236 -4.60 -12.60 14.98
N ASP D 237 -3.72 -12.43 15.98
CA ASP D 237 -2.88 -11.23 16.14
C ASP D 237 -2.01 -10.87 14.93
N TYR D 238 -1.48 -11.88 14.24
CA TYR D 238 -0.56 -11.73 13.10
C TYR D 238 -1.17 -11.97 11.70
N ILE D 239 -2.42 -12.44 11.63
CA ILE D 239 -3.10 -12.72 10.36
C ILE D 239 -3.48 -11.42 9.63
N SER D 240 -3.34 -11.43 8.29
CA SER D 240 -3.56 -10.24 7.45
C SER D 240 -5.05 -10.11 7.04
N PRO D 241 -5.50 -8.89 6.66
CA PRO D 241 -6.94 -8.68 6.34
C PRO D 241 -7.47 -9.45 5.12
N GLU D 242 -6.68 -9.59 4.06
CA GLU D 242 -7.05 -10.41 2.88
C GLU D 242 -7.29 -11.90 3.19
N VAL D 243 -6.56 -12.44 4.18
CA VAL D 243 -6.80 -13.80 4.71
C VAL D 243 -8.10 -13.83 5.54
N LEU D 244 -8.38 -12.76 6.30
CA LEU D 244 -9.65 -12.59 7.03
C LEU D 244 -10.92 -12.29 6.18
N LYS D 245 -10.86 -12.36 4.83
CA LYS D 245 -12.04 -12.27 3.98
C LYS D 245 -12.33 -13.50 3.10
N SER D 246 -13.62 -13.84 3.03
CA SER D 246 -14.14 -14.91 2.12
C SER D 246 -14.00 -14.51 0.66
N GLY D 251 -11.57 -17.33 -3.02
CA GLY D 251 -10.61 -16.32 -2.50
C GLY D 251 -9.14 -16.73 -2.59
N PHE D 252 -8.27 -15.78 -2.98
CA PHE D 252 -6.84 -16.01 -3.14
C PHE D 252 -5.99 -15.03 -2.31
N TYR D 253 -4.72 -15.38 -2.14
CA TYR D 253 -3.69 -14.49 -1.56
C TYR D 253 -2.27 -15.01 -1.81
N GLY D 254 -1.33 -14.06 -1.95
CA GLY D 254 0.07 -14.33 -2.29
C GLY D 254 1.04 -14.17 -1.14
N ARG D 255 2.31 -13.96 -1.48
CA ARG D 255 3.41 -13.79 -0.50
C ARG D 255 3.28 -12.57 0.42
N GLU D 256 2.58 -11.53 -0.05
CA GLU D 256 2.27 -10.31 0.73
C GLU D 256 1.69 -10.52 2.15
N CYS D 257 0.94 -11.60 2.36
CA CYS D 257 0.35 -11.93 3.69
C CYS D 257 1.41 -12.24 4.76
N ASP D 258 2.55 -12.81 4.35
CA ASP D 258 3.71 -12.98 5.23
C ASP D 258 4.36 -11.64 5.59
N TRP D 259 4.48 -10.74 4.61
CA TRP D 259 5.07 -9.41 4.85
C TRP D 259 4.26 -8.50 5.77
N TRP D 260 2.94 -8.68 5.80
CA TRP D 260 2.06 -8.07 6.82
C TRP D 260 2.53 -8.43 8.24
N SER D 261 2.70 -9.73 8.46
CA SER D 261 3.13 -10.27 9.76
C SER D 261 4.53 -9.82 10.23
N VAL D 262 5.41 -9.46 9.30
CA VAL D 262 6.71 -8.85 9.62
C VAL D 262 6.50 -7.44 10.21
N GLY D 263 5.57 -6.68 9.63
CA GLY D 263 5.11 -5.40 10.19
C GLY D 263 4.51 -5.48 11.58
N VAL D 264 3.71 -6.53 11.82
CA VAL D 264 3.15 -6.83 13.15
C VAL D 264 4.27 -7.24 14.13
N PHE D 265 5.20 -8.06 13.64
CA PHE D 265 6.41 -8.48 14.39
C PHE D 265 7.30 -7.29 14.80
N LEU D 266 7.58 -6.41 13.85
CA LEU D 266 8.39 -5.21 14.12
C LEU D 266 7.70 -4.22 15.08
N TYR D 267 6.37 -4.15 15.03
CA TYR D 267 5.57 -3.36 15.97
C TYR D 267 5.67 -3.91 17.40
N GLU D 268 5.50 -5.23 17.56
CA GLU D 268 5.48 -5.88 18.90
C GLU D 268 6.79 -5.76 19.69
N MET D 269 7.93 -5.77 19.00
CA MET D 269 9.25 -5.67 19.65
C MET D 269 9.53 -4.25 20.16
N LEU D 270 9.24 -3.25 19.33
CA LEU D 270 9.50 -1.84 19.64
C LEU D 270 8.49 -1.27 20.64
N VAL D 271 7.20 -1.52 20.40
CA VAL D 271 6.11 -0.97 21.23
C VAL D 271 5.98 -1.77 22.53
N GLY D 272 5.80 -3.09 22.39
CA GLY D 272 5.61 -4.02 23.51
C GLY D 272 4.36 -4.88 23.39
N ASP D 273 3.28 -4.31 22.85
CA ASP D 273 2.02 -5.01 22.58
C ASP D 273 1.76 -5.15 21.07
N THR D 274 0.77 -5.99 20.75
CA THR D 274 0.29 -6.20 19.36
C THR D 274 -0.49 -4.93 18.90
N PRO D 275 -0.31 -4.49 17.62
CA PRO D 275 -0.97 -3.26 17.15
C PRO D 275 -2.51 -3.28 17.08
N PHE D 276 -3.07 -4.44 16.74
CA PHE D 276 -4.53 -4.65 16.68
C PHE D 276 -5.02 -5.52 17.85
N TYR D 277 -4.53 -5.23 19.07
CA TYR D 277 -4.89 -5.99 20.27
C TYR D 277 -6.32 -5.64 20.72
N ALA D 278 -7.04 -6.66 21.20
CA ALA D 278 -8.33 -6.50 21.88
C ALA D 278 -8.50 -7.56 22.98
N ASP D 279 -9.52 -7.36 23.82
CA ASP D 279 -9.86 -8.28 24.90
C ASP D 279 -10.44 -9.58 24.33
N SER D 280 -11.47 -9.44 23.50
CA SER D 280 -12.05 -10.55 22.74
C SER D 280 -11.31 -10.79 21.41
N LEU D 281 -11.61 -11.92 20.78
CA LEU D 281 -11.10 -12.23 19.42
C LEU D 281 -11.77 -11.37 18.35
N VAL D 282 -13.08 -11.21 18.45
CA VAL D 282 -13.88 -10.35 17.54
C VAL D 282 -13.37 -8.89 17.43
N GLY D 283 -12.87 -8.35 18.53
CA GLY D 283 -12.20 -7.04 18.55
C GLY D 283 -10.90 -6.99 17.77
N THR D 284 -10.07 -8.04 17.91
CA THR D 284 -8.82 -8.20 17.16
C THR D 284 -9.05 -8.29 15.65
N TYR D 285 -10.07 -9.04 15.24
CA TYR D 285 -10.47 -9.17 13.82
C TYR D 285 -10.92 -7.83 13.23
N SER D 286 -11.80 -7.13 13.96
CA SER D 286 -12.34 -5.82 13.55
C SER D 286 -11.27 -4.73 13.36
N LYS D 287 -10.30 -4.68 14.28
CA LYS D 287 -9.16 -3.75 14.18
C LYS D 287 -8.23 -4.03 12.99
N ILE D 288 -8.03 -5.31 12.65
CA ILE D 288 -7.25 -5.71 11.46
C ILE D 288 -7.95 -5.30 10.16
N MET D 289 -9.27 -5.47 10.09
CA MET D 289 -10.07 -4.99 8.93
C MET D 289 -10.08 -3.46 8.81
N ASP D 290 -10.11 -2.76 9.95
CA ASP D 290 -10.08 -1.28 10.01
C ASP D 290 -8.65 -0.78 10.34
N HIS D 291 -7.66 -1.31 9.62
CA HIS D 291 -6.23 -1.03 9.90
C HIS D 291 -5.75 0.40 9.55
N LYS D 292 -6.47 1.08 8.65
CA LYS D 292 -6.18 2.49 8.31
C LYS D 292 -6.44 3.44 9.48
N ASN D 293 -7.58 3.24 10.15
CA ASN D 293 -7.99 4.04 11.32
C ASN D 293 -7.41 3.53 12.65
N SER D 294 -7.47 2.20 12.86
CA SER D 294 -7.08 1.59 14.15
C SER D 294 -5.57 1.56 14.46
N LEU D 295 -4.72 1.53 13.43
CA LEU D 295 -3.26 1.55 13.62
C LEU D 295 -2.80 2.94 14.11
N CYS D 296 -2.54 3.04 15.41
CA CYS D 296 -1.95 4.22 16.05
C CYS D 296 -0.80 3.77 16.96
N PHE D 297 0.33 4.47 16.86
CA PHE D 297 1.50 4.22 17.70
C PHE D 297 1.32 4.98 19.02
N PRO D 298 1.44 4.28 20.20
CA PRO D 298 1.44 4.97 21.49
C PRO D 298 2.52 6.05 21.63
N GLU D 299 2.17 7.15 22.29
CA GLU D 299 3.05 8.32 22.44
C GLU D 299 4.25 8.05 23.34
N ASP D 300 4.07 7.27 24.41
CA ASP D 300 5.17 6.76 25.27
C ASP D 300 6.20 5.85 24.55
N ALA D 301 5.77 5.12 23.52
CA ALA D 301 6.59 4.08 22.86
C ALA D 301 7.82 4.61 22.09
N GLU D 302 8.97 3.99 22.32
CA GLU D 302 10.27 4.44 21.79
C GLU D 302 10.45 3.91 20.36
N ILE D 303 10.11 4.74 19.37
CA ILE D 303 10.13 4.36 17.94
C ILE D 303 10.62 5.50 17.05
N SER D 304 11.53 5.19 16.12
CA SER D 304 12.04 6.14 15.11
C SER D 304 11.00 6.43 14.02
N LYS D 305 11.32 7.42 13.17
CA LYS D 305 10.49 7.74 11.99
C LYS D 305 10.59 6.65 10.91
N HIS D 306 11.81 6.14 10.66
CA HIS D 306 12.04 5.07 9.68
C HIS D 306 11.35 3.74 10.04
N ALA D 307 11.41 3.36 11.31
CA ALA D 307 10.71 2.15 11.81
C ALA D 307 9.18 2.31 11.80
N LYS D 308 8.70 3.50 12.14
CA LYS D 308 7.28 3.89 11.93
C LYS D 308 6.85 3.77 10.46
N ASN D 309 7.70 4.27 9.56
CA ASN D 309 7.48 4.21 8.11
C ASN D 309 7.42 2.77 7.55
N LEU D 310 8.33 1.92 8.03
CA LEU D 310 8.39 0.51 7.59
C LEU D 310 7.20 -0.34 8.05
N ILE D 311 6.75 -0.12 9.29
CA ILE D 311 5.57 -0.81 9.85
C ILE D 311 4.32 -0.41 9.06
N CYS D 312 4.16 0.89 8.80
CA CYS D 312 3.07 1.41 7.95
C CYS D 312 3.17 0.94 6.49
N ALA D 313 4.39 0.78 5.96
CA ALA D 313 4.60 0.22 4.62
C ALA D 313 4.17 -1.26 4.50
N PHE D 314 4.44 -2.05 5.53
CA PHE D 314 3.94 -3.43 5.64
C PHE D 314 2.44 -3.51 5.97
N LEU D 315 1.96 -2.65 6.87
CA LEU D 315 0.55 -2.64 7.32
C LEU D 315 -0.33 -1.71 6.48
N THR D 316 -0.58 -2.15 5.23
CA THR D 316 -1.49 -1.52 4.27
C THR D 316 -2.35 -2.61 3.61
N ASP D 317 -3.22 -2.20 2.67
CA ASP D 317 -3.92 -3.14 1.79
C ASP D 317 -2.90 -3.87 0.89
N ARG D 318 -3.22 -5.13 0.57
CA ARG D 318 -2.36 -6.02 -0.27
C ARG D 318 -1.85 -5.41 -1.59
N GLU D 319 -2.73 -4.66 -2.27
CA GLU D 319 -2.45 -4.09 -3.59
C GLU D 319 -1.31 -3.06 -3.66
N VAL D 320 -1.05 -2.36 -2.54
CA VAL D 320 0.02 -1.34 -2.44
C VAL D 320 1.07 -1.66 -1.33
N ARG D 321 1.17 -2.93 -0.93
CA ARG D 321 2.02 -3.33 0.22
C ARG D 321 3.51 -3.42 -0.15
N LEU D 322 4.38 -3.28 0.86
CA LEU D 322 5.82 -3.50 0.69
C LEU D 322 6.09 -5.01 0.62
N GLY D 323 6.79 -5.45 -0.42
CA GLY D 323 7.09 -6.87 -0.68
C GLY D 323 6.28 -7.55 -1.78
N ARG D 324 5.53 -6.79 -2.58
CA ARG D 324 4.88 -7.33 -3.80
C ARG D 324 5.95 -7.60 -4.88
N ASN D 325 6.71 -6.55 -5.20
CA ASN D 325 7.71 -6.55 -6.26
C ASN D 325 9.09 -6.89 -5.68
N GLY D 326 9.21 -8.14 -5.23
CA GLY D 326 10.45 -8.67 -4.67
C GLY D 326 10.85 -8.16 -3.29
N VAL D 327 11.90 -8.78 -2.76
CA VAL D 327 12.54 -8.39 -1.49
C VAL D 327 13.41 -7.12 -1.56
N GLU D 328 13.86 -6.73 -2.77
CA GLU D 328 14.82 -5.61 -2.96
C GLU D 328 14.36 -4.26 -2.40
N GLU D 329 13.07 -3.95 -2.57
CA GLU D 329 12.47 -2.72 -2.00
C GLU D 329 12.44 -2.70 -0.46
N ILE D 330 12.29 -3.86 0.17
CA ILE D 330 12.41 -4.01 1.64
C ILE D 330 13.87 -3.78 2.09
N ARG D 331 14.81 -4.40 1.37
CA ARG D 331 16.25 -4.29 1.70
CA ARG D 331 16.24 -4.30 1.70
C ARG D 331 16.84 -2.89 1.62
N GLN D 332 16.37 -2.09 0.65
CA GLN D 332 16.81 -0.68 0.48
C GLN D 332 16.10 0.36 1.39
N HIS D 333 15.19 -0.09 2.26
CA HIS D 333 14.45 0.79 3.19
C HIS D 333 15.40 1.40 4.25
N PRO D 334 15.31 2.73 4.51
CA PRO D 334 16.34 3.42 5.35
C PRO D 334 16.52 2.95 6.81
N PHE D 335 15.43 2.49 7.45
CA PHE D 335 15.46 1.73 8.74
C PHE D 335 16.60 0.71 8.87
N PHE D 336 16.78 -0.12 7.85
CA PHE D 336 17.80 -1.19 7.85
C PHE D 336 19.26 -0.74 7.73
N LYS D 337 19.51 0.55 7.46
CA LYS D 337 20.88 1.10 7.44
C LYS D 337 21.51 1.11 8.83
N ASN D 338 22.77 0.65 8.92
CA ASN D 338 23.53 0.55 10.18
C ASN D 338 25.03 0.41 9.93
N ASP D 339 25.82 0.52 11.00
CA ASP D 339 27.29 0.31 10.98
C ASP D 339 27.66 -0.91 11.84
N GLN D 340 27.01 -2.03 11.54
CA GLN D 340 27.15 -3.32 12.27
C GLN D 340 27.25 -4.49 11.27
N TRP D 341 26.20 -4.64 10.45
CA TRP D 341 26.06 -5.72 9.47
C TRP D 341 25.58 -5.21 8.11
N HIS D 342 25.87 -6.00 7.07
CA HIS D 342 25.26 -5.87 5.72
C HIS D 342 24.41 -7.11 5.43
N TRP D 343 23.61 -7.03 4.37
CA TRP D 343 22.68 -8.12 3.98
C TRP D 343 23.37 -9.43 3.60
N ASP D 344 24.47 -9.34 2.88
CA ASP D 344 25.29 -10.50 2.49
C ASP D 344 26.03 -11.22 3.65
N ASN D 345 26.23 -10.54 4.78
CA ASN D 345 26.98 -11.09 5.94
C ASN D 345 26.29 -11.00 7.33
N ILE D 346 24.99 -10.70 7.39
CA ILE D 346 24.27 -10.52 8.67
C ILE D 346 24.35 -11.74 9.62
N ARG D 347 24.26 -12.94 9.05
CA ARG D 347 24.26 -14.19 9.85
C ARG D 347 25.65 -14.59 10.41
N GLU D 348 26.72 -13.99 9.85
CA GLU D 348 28.10 -14.18 10.33
C GLU D 348 28.57 -13.12 11.34
N THR D 349 27.84 -12.00 11.46
CA THR D 349 28.10 -11.00 12.53
C THR D 349 27.61 -11.49 13.89
N ALA D 350 28.01 -10.78 14.95
CA ALA D 350 27.63 -11.11 16.33
C ALA D 350 26.16 -10.79 16.58
N ALA D 351 25.43 -11.77 17.13
CA ALA D 351 24.01 -11.59 17.46
C ALA D 351 23.84 -10.68 18.70
N PRO D 352 22.65 -10.05 18.88
CA PRO D 352 22.39 -9.23 20.08
C PRO D 352 22.42 -9.99 21.42
N VAL D 353 21.73 -11.13 21.46
CA VAL D 353 21.65 -12.00 22.63
C VAL D 353 22.22 -13.36 22.23
N VAL D 354 23.45 -13.63 22.68
CA VAL D 354 24.08 -14.95 22.54
C VAL D 354 23.68 -15.74 23.80
N PRO D 355 23.09 -16.95 23.62
CA PRO D 355 22.66 -17.71 24.80
C PRO D 355 23.82 -18.31 25.61
N GLU D 356 23.74 -18.18 26.94
CA GLU D 356 24.73 -18.71 27.88
C GLU D 356 24.21 -20.06 28.40
N LEU D 357 24.62 -21.13 27.72
CA LEU D 357 24.06 -22.48 27.91
C LEU D 357 25.02 -23.34 28.73
N SER D 358 24.51 -23.97 29.79
CA SER D 358 25.31 -24.79 30.71
C SER D 358 25.66 -26.22 30.22
N SER D 359 24.93 -26.73 29.23
CA SER D 359 25.09 -28.11 28.74
C SER D 359 24.39 -28.33 27.39
N ASP D 360 24.67 -29.46 26.76
CA ASP D 360 24.02 -29.85 25.50
C ASP D 360 22.50 -30.12 25.59
N ILE D 361 21.99 -30.39 26.80
CA ILE D 361 20.53 -30.50 27.08
C ILE D 361 19.95 -29.33 27.93
N ASP D 362 20.54 -28.14 27.81
CA ASP D 362 20.03 -26.93 28.50
C ASP D 362 18.79 -26.43 27.75
N SER D 363 17.65 -26.42 28.43
CA SER D 363 16.39 -25.85 27.92
C SER D 363 15.85 -24.75 28.87
N SER D 364 16.75 -23.87 29.30
CA SER D 364 16.39 -22.73 30.17
C SER D 364 15.59 -21.65 29.44
N ASN D 365 15.79 -21.52 28.13
CA ASN D 365 15.00 -20.61 27.24
C ASN D 365 13.64 -21.18 26.77
N PHE D 366 13.24 -22.36 27.27
CA PHE D 366 11.91 -22.93 27.06
C PHE D 366 11.20 -23.07 28.42
N ASP D 367 9.92 -22.69 28.45
CA ASP D 367 9.08 -22.84 29.64
C ASP D 367 8.71 -24.30 29.84
N ASP D 368 8.36 -24.65 31.09
CA ASP D 368 7.91 -25.99 31.45
C ASP D 368 6.51 -26.24 30.88
N ILE D 369 6.35 -27.33 30.13
CA ILE D 369 5.12 -27.64 29.41
C ILE D 369 4.25 -28.53 30.31
N GLU D 370 2.97 -28.13 30.47
CA GLU D 370 2.00 -28.89 31.28
C GLU D 370 1.50 -30.13 30.52
N ASP D 371 1.14 -31.18 31.27
CA ASP D 371 0.66 -32.44 30.69
C ASP D 371 -0.77 -32.29 30.18
N VAL D 376 -4.91 -40.18 25.37
CA VAL D 376 -4.10 -40.63 24.23
C VAL D 376 -4.81 -41.81 23.54
N GLU D 377 -5.98 -41.52 22.99
CA GLU D 377 -6.84 -42.52 22.34
C GLU D 377 -6.26 -43.02 20.99
N THR D 378 -6.31 -44.34 20.79
CA THR D 378 -5.77 -45.01 19.59
C THR D 378 -6.87 -45.34 18.58
N PHE D 379 -6.48 -45.88 17.43
CA PHE D 379 -7.43 -46.41 16.44
C PHE D 379 -8.18 -47.65 16.99
N PRO D 380 -9.48 -47.82 16.63
CA PRO D 380 -10.18 -49.07 16.99
C PRO D 380 -9.74 -50.24 16.11
N ILE D 381 -9.81 -51.46 16.64
CA ILE D 381 -9.46 -52.69 15.91
C ILE D 381 -10.58 -52.92 14.88
N PRO D 382 -10.32 -52.67 13.58
CA PRO D 382 -11.42 -52.60 12.61
C PRO D 382 -11.93 -53.98 12.14
N LYS D 383 -13.17 -53.99 11.67
CA LYS D 383 -13.83 -55.21 11.19
C LYS D 383 -13.32 -55.62 9.81
N ALA D 384 -13.35 -54.66 8.88
CA ALA D 384 -12.82 -54.79 7.51
C ALA D 384 -11.56 -53.93 7.32
N PHE D 385 -11.00 -53.93 6.11
CA PHE D 385 -9.87 -53.05 5.74
C PHE D 385 -10.29 -51.57 5.72
N VAL D 386 -9.62 -50.76 6.55
CA VAL D 386 -9.84 -49.30 6.63
C VAL D 386 -8.70 -48.48 6.02
N GLY D 387 -7.45 -48.89 6.26
CA GLY D 387 -6.26 -48.29 5.64
C GLY D 387 -5.79 -47.02 6.32
N ASN D 388 -5.72 -47.04 7.65
CA ASN D 388 -5.30 -45.86 8.45
C ASN D 388 -3.82 -45.46 8.29
N GLN D 389 -2.96 -46.42 7.94
CA GLN D 389 -1.53 -46.18 7.66
C GLN D 389 -1.22 -45.69 6.23
N LEU D 390 -2.19 -45.77 5.30
CA LEU D 390 -1.96 -45.43 3.88
C LEU D 390 -1.60 -43.96 3.58
N PRO D 391 -2.18 -42.98 4.33
CA PRO D 391 -1.73 -41.58 4.17
C PRO D 391 -0.29 -41.25 4.58
N PHE D 392 0.33 -42.10 5.39
CA PHE D 392 1.70 -41.92 5.91
C PHE D 392 2.80 -42.70 5.18
N ILE D 393 2.47 -43.37 4.07
CA ILE D 393 3.45 -44.08 3.23
C ILE D 393 4.28 -43.02 2.46
N GLY D 394 5.61 -43.14 2.56
CA GLY D 394 6.55 -42.18 1.98
C GLY D 394 7.17 -41.18 2.95
N PHE D 395 6.71 -41.16 4.21
CA PHE D 395 7.18 -40.19 5.20
C PHE D 395 8.62 -40.43 5.70
N THR D 396 9.03 -41.70 5.80
CA THR D 396 10.37 -42.05 6.30
C THR D 396 11.48 -41.48 5.42
N TYR D 397 12.50 -40.90 6.06
CA TYR D 397 13.62 -40.23 5.40
C TYR D 397 14.90 -40.39 6.25
N TYR D 398 16.02 -40.69 5.59
CA TYR D 398 17.32 -40.90 6.20
C TYR D 398 18.35 -40.06 5.44
N ARG D 399 18.99 -39.10 6.12
CA ARG D 399 20.04 -38.27 5.53
C ARG D 399 21.34 -39.05 5.42
N SER E 7 38.07 65.01 -1.61
CA SER E 7 36.99 65.97 -2.03
C SER E 7 35.73 65.25 -2.49
N ARG E 8 34.56 65.79 -2.12
CA ARG E 8 33.26 65.23 -2.53
C ARG E 8 32.91 65.51 -3.99
N GLN E 9 33.30 66.68 -4.50
CA GLN E 9 33.04 67.09 -5.89
C GLN E 9 33.79 66.25 -6.94
N ARG E 10 35.00 65.79 -6.61
CA ARG E 10 35.75 64.83 -7.45
C ARG E 10 35.08 63.45 -7.52
N LYS E 11 34.54 62.99 -6.38
CA LYS E 11 33.73 61.75 -6.33
C LYS E 11 32.41 61.86 -7.12
N LEU E 12 31.77 63.02 -7.06
CA LEU E 12 30.53 63.29 -7.81
C LEU E 12 30.75 63.35 -9.32
N GLU E 13 31.79 64.07 -9.74
CA GLU E 13 32.18 64.14 -11.17
C GLU E 13 32.69 62.80 -11.74
N ALA E 14 33.26 61.94 -10.88
CA ALA E 14 33.65 60.56 -11.26
C ALA E 14 32.45 59.67 -11.61
N LEU E 15 31.37 59.79 -10.83
CA LEU E 15 30.11 59.07 -11.10
C LEU E 15 29.43 59.48 -12.41
N ILE E 16 29.41 60.78 -12.71
CA ILE E 16 28.76 61.32 -13.92
C ILE E 16 29.56 60.99 -15.20
N ARG E 17 30.89 61.00 -15.12
CA ARG E 17 31.76 60.57 -16.24
C ARG E 17 31.69 59.08 -16.58
N ASP E 18 31.40 58.23 -15.58
CA ASP E 18 31.33 56.76 -15.74
C ASP E 18 30.13 56.34 -16.63
N PRO E 19 30.39 55.66 -17.79
CA PRO E 19 29.26 55.21 -18.63
C PRO E 19 28.39 54.06 -18.08
N ARG E 20 28.93 53.24 -17.17
CA ARG E 20 28.13 52.23 -16.46
C ARG E 20 27.16 52.82 -15.42
N SER E 21 27.45 54.03 -14.91
CA SER E 21 26.68 54.65 -13.83
C SER E 21 25.26 55.08 -14.26
N PRO E 22 24.26 54.91 -13.37
CA PRO E 22 22.89 55.37 -13.70
C PRO E 22 22.67 56.89 -13.76
N ILE E 23 23.60 57.70 -13.21
CA ILE E 23 23.54 59.17 -13.25
C ILE E 23 24.59 59.82 -14.19
N ASN E 24 24.86 59.17 -15.33
CA ASN E 24 25.66 59.79 -16.42
C ASN E 24 24.87 60.89 -17.14
N VAL E 25 25.56 61.63 -18.02
CA VAL E 25 24.96 62.78 -18.73
C VAL E 25 23.78 62.37 -19.64
N GLU E 26 23.90 61.23 -20.31
CA GLU E 26 22.85 60.71 -21.21
C GLU E 26 21.62 60.23 -20.45
N SER E 27 21.85 59.51 -19.33
CA SER E 27 20.78 59.10 -18.39
C SER E 27 20.06 60.27 -17.73
N LEU E 28 20.81 61.31 -17.35
CA LEU E 28 20.24 62.55 -16.79
C LEU E 28 19.37 63.32 -17.80
N LEU E 29 19.81 63.36 -19.07
CA LEU E 29 19.00 63.90 -20.18
C LEU E 29 17.73 63.08 -20.47
N ASP E 30 17.80 61.76 -20.32
CA ASP E 30 16.62 60.88 -20.43
C ASP E 30 15.59 61.17 -19.35
N GLY E 31 16.06 61.37 -18.11
CA GLY E 31 15.23 61.80 -16.98
C GLY E 31 14.44 63.08 -17.23
N LEU E 32 15.08 64.07 -17.86
CA LEU E 32 14.43 65.33 -18.23
C LEU E 32 13.41 65.15 -19.36
N ASN E 33 13.80 64.45 -20.42
CA ASN E 33 12.91 64.11 -21.55
C ASN E 33 11.70 63.28 -21.13
N SER E 34 11.93 62.27 -20.29
CA SER E 34 10.86 61.43 -19.73
C SER E 34 9.90 62.22 -18.86
N LEU E 35 10.44 63.11 -18.02
CA LEU E 35 9.62 64.00 -17.17
C LEU E 35 8.71 64.91 -17.99
N VAL E 36 9.26 65.53 -19.03
CA VAL E 36 8.48 66.39 -19.95
C VAL E 36 7.45 65.59 -20.77
N LEU E 37 7.82 64.39 -21.24
CA LEU E 37 6.89 63.51 -21.97
C LEU E 37 5.71 63.02 -21.11
N ASP E 38 6.00 62.62 -19.87
CA ASP E 38 4.96 62.21 -18.91
C ASP E 38 4.06 63.36 -18.44
N LEU E 39 4.61 64.58 -18.35
CA LEU E 39 3.87 65.76 -17.85
C LEU E 39 3.11 66.55 -18.93
N ASP E 40 3.70 66.69 -20.13
CA ASP E 40 3.11 67.52 -21.21
C ASP E 40 1.85 66.88 -21.81
N PHE E 41 0.73 67.11 -21.14
CA PHE E 41 -0.62 66.79 -21.63
C PHE E 41 -1.57 67.92 -21.21
N PRO E 42 -2.72 68.11 -21.93
CA PRO E 42 -3.65 69.21 -21.59
C PRO E 42 -4.25 69.17 -20.18
N ALA E 43 -4.55 67.97 -19.69
CA ALA E 43 -5.12 67.78 -18.34
C ALA E 43 -4.13 68.11 -17.22
N LEU E 44 -2.91 67.58 -17.33
CA LEU E 44 -1.85 67.80 -16.32
C LEU E 44 -1.34 69.26 -16.23
N ARG E 45 -1.40 69.99 -17.35
CA ARG E 45 -1.12 71.45 -17.38
C ARG E 45 -2.12 72.34 -16.60
N LYS E 46 -3.28 71.81 -16.20
CA LYS E 46 -4.17 72.50 -15.23
C LYS E 46 -3.53 72.71 -13.84
N ASN E 47 -2.57 71.84 -13.47
CA ASN E 47 -1.66 72.07 -12.34
C ASN E 47 -0.73 73.24 -12.68
N LYS E 48 -0.58 74.19 -11.75
CA LYS E 48 0.24 75.38 -11.94
C LYS E 48 1.74 75.08 -11.98
N ASN E 49 2.20 74.21 -11.08
CA ASN E 49 3.62 73.76 -11.02
C ASN E 49 4.08 73.04 -12.29
N ILE E 50 3.22 72.17 -12.84
CA ILE E 50 3.50 71.43 -14.08
C ILE E 50 3.54 72.36 -15.31
N ASP E 51 2.62 73.32 -15.38
CA ASP E 51 2.53 74.27 -16.51
C ASP E 51 3.74 75.19 -16.60
N ASN E 52 4.11 75.78 -15.46
CA ASN E 52 5.28 76.69 -15.38
C ASN E 52 6.63 75.98 -15.59
N PHE E 53 6.74 74.72 -15.16
CA PHE E 53 7.93 73.88 -15.44
C PHE E 53 8.10 73.62 -16.94
N LEU E 54 7.03 73.18 -17.59
CA LEU E 54 7.05 72.89 -19.04
C LEU E 54 7.31 74.12 -19.93
N ASN E 55 6.81 75.29 -19.53
CA ASN E 55 7.06 76.55 -20.23
C ASN E 55 8.52 77.03 -20.13
N ARG E 56 9.17 76.80 -18.97
CA ARG E 56 10.61 77.04 -18.80
C ARG E 56 11.47 76.15 -19.71
N TYR E 57 11.16 74.85 -19.69
CA TYR E 57 11.86 73.82 -20.49
C TYR E 57 11.14 73.45 -21.83
N GLU E 58 10.44 74.41 -22.44
CA GLU E 58 9.78 74.19 -23.75
C GLU E 58 10.82 74.24 -24.87
N LYS E 59 11.54 75.35 -24.95
CA LYS E 59 12.49 75.63 -26.03
C LYS E 59 13.75 74.76 -26.00
N ILE E 60 14.32 74.56 -24.80
CA ILE E 60 15.55 73.77 -24.65
C ILE E 60 15.34 72.27 -24.93
N VAL E 61 14.19 71.71 -24.55
CA VAL E 61 13.83 70.31 -24.85
C VAL E 61 13.60 70.07 -26.34
N LYS E 62 12.97 71.01 -27.03
CA LYS E 62 12.86 70.98 -28.51
C LYS E 62 14.24 71.08 -29.20
N LYS E 63 15.15 71.86 -28.60
CA LYS E 63 16.54 71.95 -29.07
C LYS E 63 17.34 70.65 -28.86
N ILE E 64 17.25 70.06 -27.66
CA ILE E 64 17.96 68.79 -27.34
C ILE E 64 17.42 67.61 -28.17
N ARG E 65 16.10 67.55 -28.39
CA ARG E 65 15.49 66.56 -29.29
C ARG E 65 16.00 66.62 -30.74
N GLY E 66 16.28 67.85 -31.22
CA GLY E 66 16.91 68.07 -32.51
C GLY E 66 18.36 67.60 -32.58
N LEU E 67 19.14 67.95 -31.55
CA LEU E 67 20.57 67.60 -31.49
C LEU E 67 20.84 66.11 -31.23
N GLN E 68 20.07 65.51 -30.32
CA GLN E 68 20.23 64.08 -29.98
C GLN E 68 19.85 63.14 -31.13
N MET E 69 20.34 61.90 -31.02
CA MET E 69 20.10 60.87 -32.03
C MET E 69 18.64 60.43 -32.03
N LYS E 70 18.15 60.08 -33.22
CA LYS E 70 16.74 59.77 -33.45
C LYS E 70 16.53 58.93 -34.71
N ALA E 71 15.33 58.33 -34.81
CA ALA E 71 14.95 57.47 -35.95
C ALA E 71 15.01 58.16 -37.33
N GLU E 72 14.71 59.47 -37.34
CA GLU E 72 14.80 60.29 -38.57
C GLU E 72 16.22 60.44 -39.15
N ASP E 73 17.25 60.26 -38.31
CA ASP E 73 18.65 60.22 -38.79
C ASP E 73 19.01 59.00 -39.65
N TYR E 74 18.25 57.90 -39.52
CA TYR E 74 18.48 56.64 -40.24
C TYR E 74 17.41 56.40 -41.32
N ASP E 75 17.85 56.06 -42.53
CA ASP E 75 16.96 55.57 -43.61
C ASP E 75 16.75 54.07 -43.42
N VAL E 76 15.49 53.62 -43.41
CA VAL E 76 15.14 52.21 -43.27
C VAL E 76 15.23 51.55 -44.66
N VAL E 77 16.21 50.65 -44.83
CA VAL E 77 16.42 49.94 -46.10
C VAL E 77 15.43 48.78 -46.20
N LYS E 78 15.47 47.89 -45.19
CA LYS E 78 14.64 46.68 -45.16
C LYS E 78 14.47 46.13 -43.74
N VAL E 79 13.33 45.50 -43.49
CA VAL E 79 13.08 44.77 -42.24
C VAL E 79 13.71 43.37 -42.41
N ILE E 80 14.67 43.05 -41.56
CA ILE E 80 15.45 41.78 -41.62
C ILE E 80 15.13 40.74 -40.53
N GLY E 81 14.44 41.16 -39.46
CA GLY E 81 13.94 40.24 -38.43
C GLY E 81 12.69 40.77 -37.73
N ARG E 82 11.98 39.88 -37.04
CA ARG E 82 10.77 40.20 -36.28
C ARG E 82 10.81 39.49 -34.93
N GLY E 83 10.27 40.16 -33.90
CA GLY E 83 10.17 39.61 -32.54
C GLY E 83 8.87 39.98 -31.86
N ALA E 84 8.82 39.72 -30.55
CA ALA E 84 7.60 39.89 -29.74
C ALA E 84 7.19 41.35 -29.61
N PHE E 85 8.12 42.19 -29.18
CA PHE E 85 7.88 43.64 -28.95
C PHE E 85 8.40 44.58 -30.05
N GLY E 86 8.82 44.05 -31.20
CA GLY E 86 9.27 44.91 -32.31
C GLY E 86 9.88 44.18 -33.49
N GLU E 87 10.86 44.83 -34.12
CA GLU E 87 11.55 44.33 -35.32
C GLU E 87 13.02 44.78 -35.39
N VAL E 88 13.78 44.13 -36.28
CA VAL E 88 15.17 44.46 -36.58
C VAL E 88 15.17 45.00 -38.01
N GLN E 89 15.65 46.25 -38.16
CA GLN E 89 15.71 46.94 -39.44
C GLN E 89 17.17 47.04 -39.90
N LEU E 90 17.42 46.69 -41.17
CA LEU E 90 18.65 47.08 -41.85
C LEU E 90 18.52 48.56 -42.18
N VAL E 91 19.45 49.38 -41.67
CA VAL E 91 19.40 50.84 -41.80
C VAL E 91 20.72 51.45 -42.26
N ARG E 92 20.66 52.65 -42.83
CA ARG E 92 21.81 53.49 -43.18
C ARG E 92 21.67 54.84 -42.50
N HIS E 93 22.74 55.30 -41.83
CA HIS E 93 22.79 56.63 -41.22
C HIS E 93 22.92 57.68 -42.33
N LYS E 94 22.03 58.66 -42.34
CA LYS E 94 21.96 59.70 -43.40
C LYS E 94 23.21 60.57 -43.57
N ALA E 95 23.83 60.97 -42.46
CA ALA E 95 25.05 61.78 -42.49
C ALA E 95 26.27 60.97 -42.95
N SER E 96 26.62 59.93 -42.18
CA SER E 96 27.83 59.13 -42.41
C SER E 96 27.75 58.07 -43.53
N GLN E 97 26.53 57.71 -43.96
CA GLN E 97 26.28 56.64 -44.97
C GLN E 97 26.74 55.22 -44.55
N LYS E 98 26.84 54.98 -43.23
CA LYS E 98 27.30 53.70 -42.67
C LYS E 98 26.11 52.82 -42.39
N VAL E 99 26.20 51.55 -42.77
CA VAL E 99 25.10 50.58 -42.62
C VAL E 99 25.14 49.96 -41.21
N TYR E 100 23.96 49.84 -40.60
CA TYR E 100 23.77 49.21 -39.28
C TYR E 100 22.54 48.31 -39.26
N ALA E 101 22.46 47.46 -38.23
CA ALA E 101 21.25 46.70 -37.89
C ALA E 101 20.66 47.37 -36.64
N MET E 102 19.42 47.86 -36.75
CA MET E 102 18.74 48.60 -35.68
C MET E 102 17.53 47.82 -35.15
N LYS E 103 17.61 47.41 -33.89
CA LYS E 103 16.51 46.69 -33.21
C LYS E 103 15.56 47.70 -32.58
N LEU E 104 14.27 47.58 -32.89
CA LEU E 104 13.20 48.38 -32.27
C LEU E 104 12.49 47.56 -31.18
N LEU E 105 12.04 48.25 -30.12
CA LEU E 105 11.25 47.66 -29.03
C LEU E 105 10.15 48.64 -28.60
N SER E 106 8.89 48.24 -28.80
CA SER E 106 7.72 49.07 -28.48
C SER E 106 7.54 49.23 -26.97
N LYS E 107 7.47 50.48 -26.50
CA LYS E 107 7.26 50.81 -25.08
C LYS E 107 5.87 50.42 -24.58
N PHE E 108 4.84 50.59 -25.42
CA PHE E 108 3.46 50.17 -25.10
C PHE E 108 3.35 48.66 -24.86
N GLU E 109 3.93 47.87 -25.76
CA GLU E 109 3.90 46.40 -25.67
C GLU E 109 4.66 45.83 -24.48
N MET E 110 5.81 46.43 -24.16
CA MET E 110 6.61 46.06 -22.97
C MET E 110 5.89 46.37 -21.64
N ILE E 111 5.23 47.53 -21.56
CA ILE E 111 4.41 47.93 -20.40
C ILE E 111 3.14 47.05 -20.28
N LYS E 112 2.45 46.83 -21.40
CA LYS E 112 1.20 46.03 -21.43
C LYS E 112 1.40 44.58 -21.00
N ARG E 113 2.40 43.93 -21.59
CA ARG E 113 2.72 42.51 -21.30
C ARG E 113 3.67 42.28 -20.08
N SER E 114 3.96 43.33 -19.31
CA SER E 114 4.62 43.25 -17.98
C SER E 114 6.05 42.67 -18.05
N ASP E 115 6.83 43.20 -18.99
CA ASP E 115 8.19 42.73 -19.28
C ASP E 115 9.00 43.91 -19.84
N SER E 116 9.53 44.72 -18.90
CA SER E 116 10.30 45.95 -19.21
C SER E 116 11.64 46.08 -18.43
N ALA E 117 12.22 44.93 -18.02
CA ALA E 117 13.58 44.84 -17.47
C ALA E 117 14.60 44.06 -18.34
N PHE E 118 14.12 43.24 -19.28
CA PHE E 118 14.97 42.36 -20.13
C PHE E 118 16.04 43.10 -20.96
N PHE E 119 15.69 44.29 -21.46
CA PHE E 119 16.57 45.09 -22.34
C PHE E 119 17.84 45.67 -21.69
N TRP E 120 17.88 45.77 -20.36
CA TRP E 120 19.05 46.34 -19.64
C TRP E 120 20.30 45.48 -19.80
N GLU E 121 20.18 44.20 -19.51
CA GLU E 121 21.25 43.22 -19.75
C GLU E 121 21.61 43.08 -21.24
N GLU E 122 20.59 43.09 -22.10
CA GLU E 122 20.79 43.07 -23.56
C GLU E 122 21.61 44.27 -24.07
N ARG E 123 21.28 45.47 -23.58
CA ARG E 123 22.03 46.68 -23.89
C ARG E 123 23.46 46.62 -23.35
N ASP E 124 23.61 46.21 -22.08
CA ASP E 124 24.92 46.13 -21.43
C ASP E 124 25.85 45.07 -22.00
N ILE E 125 25.32 43.88 -22.34
CA ILE E 125 26.10 42.79 -22.99
C ILE E 125 26.68 43.28 -24.33
N MET E 126 25.84 43.83 -25.19
CA MET E 126 26.28 44.32 -26.50
C MET E 126 27.16 45.57 -26.44
N ALA E 127 26.86 46.51 -25.53
CA ALA E 127 27.66 47.74 -25.36
C ALA E 127 29.06 47.49 -24.76
N PHE E 128 29.13 46.67 -23.71
CA PHE E 128 30.28 46.62 -22.79
C PHE E 128 31.07 45.30 -22.68
N ALA E 129 30.69 44.27 -23.43
CA ALA E 129 31.42 42.97 -23.40
C ALA E 129 32.85 43.07 -23.95
N ASN E 130 33.03 43.88 -25.01
CA ASN E 130 34.32 44.09 -25.68
C ASN E 130 34.93 42.75 -26.17
N SER E 131 34.06 41.92 -26.73
CA SER E 131 34.34 40.53 -27.11
C SER E 131 34.02 40.35 -28.60
N PRO E 132 34.86 39.60 -29.34
CA PRO E 132 34.54 39.33 -30.74
C PRO E 132 33.40 38.30 -30.97
N TRP E 133 32.92 37.62 -29.92
CA TRP E 133 31.78 36.68 -29.99
C TRP E 133 30.39 37.31 -29.77
N VAL E 134 30.33 38.62 -29.46
CA VAL E 134 29.08 39.33 -29.15
C VAL E 134 28.91 40.45 -30.18
N VAL E 135 27.67 40.65 -30.63
CA VAL E 135 27.32 41.73 -31.56
C VAL E 135 27.44 43.06 -30.80
N GLN E 136 28.26 43.97 -31.34
CA GLN E 136 28.57 45.24 -30.68
C GLN E 136 27.45 46.26 -30.87
N LEU E 137 27.12 46.99 -29.81
CA LEU E 137 26.13 48.07 -29.82
C LEU E 137 26.91 49.38 -29.86
N PHE E 138 26.71 50.15 -30.93
CA PHE E 138 27.34 51.47 -31.09
C PHE E 138 26.53 52.56 -30.39
N TYR E 139 25.24 52.60 -30.69
CA TYR E 139 24.31 53.60 -30.15
C TYR E 139 23.03 52.93 -29.62
N ALA E 140 22.57 53.40 -28.46
CA ALA E 140 21.21 53.14 -27.97
C ALA E 140 20.53 54.50 -27.75
N PHE E 141 19.26 54.58 -28.16
CA PHE E 141 18.46 55.80 -27.99
C PHE E 141 16.96 55.48 -27.95
N GLN E 142 16.14 56.51 -27.72
CA GLN E 142 14.70 56.36 -27.57
C GLN E 142 13.89 57.59 -28.00
N ASP E 143 12.60 57.35 -28.25
CA ASP E 143 11.57 58.41 -28.38
C ASP E 143 10.36 58.01 -27.50
N ASP E 144 9.27 58.78 -27.58
CA ASP E 144 8.00 58.44 -26.90
C ASP E 144 7.42 57.03 -27.16
N ARG E 145 7.62 56.51 -28.38
CA ARG E 145 7.06 55.21 -28.82
C ARG E 145 7.99 54.01 -28.60
N TYR E 146 9.25 54.11 -29.05
CA TYR E 146 10.20 52.97 -29.11
C TYR E 146 11.55 53.20 -28.41
N LEU E 147 12.18 52.09 -28.03
CA LEU E 147 13.62 52.01 -27.76
C LEU E 147 14.33 51.55 -29.04
N TYR E 148 15.57 52.01 -29.25
CA TYR E 148 16.38 51.67 -30.42
C TYR E 148 17.77 51.17 -29.99
N MET E 149 18.27 50.15 -30.68
CA MET E 149 19.60 49.60 -30.45
C MET E 149 20.34 49.44 -31.78
N VAL E 150 21.23 50.38 -32.08
CA VAL E 150 22.01 50.40 -33.32
C VAL E 150 23.22 49.50 -33.13
N MET E 151 23.30 48.43 -33.95
CA MET E 151 24.30 47.38 -33.84
C MET E 151 25.08 47.23 -35.15
N GLU E 152 26.21 46.53 -35.09
CA GLU E 152 26.97 46.18 -36.29
C GLU E 152 26.18 45.17 -37.11
N TYR E 153 26.04 45.42 -38.41
CA TYR E 153 25.28 44.55 -39.31
C TYR E 153 26.06 43.27 -39.57
N MET E 154 25.35 42.13 -39.56
CA MET E 154 25.90 40.79 -39.72
C MET E 154 25.38 40.19 -41.04
N PRO E 155 26.00 40.54 -42.19
CA PRO E 155 25.45 40.17 -43.51
C PRO E 155 25.48 38.68 -43.87
N GLY E 156 26.31 37.88 -43.17
CA GLY E 156 26.33 36.42 -43.34
C GLY E 156 25.06 35.66 -42.96
N GLY E 157 24.22 36.28 -42.11
CA GLY E 157 22.92 35.71 -41.73
C GLY E 157 23.01 34.73 -40.59
N ASP E 158 21.84 34.27 -40.13
CA ASP E 158 21.75 33.29 -39.03
C ASP E 158 22.13 31.86 -39.49
N LEU E 159 22.36 30.99 -38.52
CA LEU E 159 22.68 29.57 -38.82
C LEU E 159 21.49 28.68 -39.21
N VAL E 160 20.25 29.20 -39.15
CA VAL E 160 19.09 28.55 -39.78
C VAL E 160 19.26 28.63 -41.30
N ASN E 161 19.55 29.84 -41.81
CA ASN E 161 19.90 30.09 -43.23
C ASN E 161 20.97 29.15 -43.80
N LEU E 162 22.01 28.88 -42.99
CA LEU E 162 23.15 28.06 -43.42
C LEU E 162 22.78 26.59 -43.54
N MET E 163 22.09 26.06 -42.53
CA MET E 163 21.65 24.65 -42.52
C MET E 163 20.61 24.30 -43.59
N SER E 164 19.74 25.23 -43.94
CA SER E 164 18.80 25.07 -45.08
C SER E 164 19.53 25.00 -46.43
N ASN E 165 20.42 25.94 -46.67
CA ASN E 165 21.14 26.06 -47.95
C ASN E 165 22.24 25.03 -48.18
N TYR E 166 23.00 24.71 -47.13
CA TYR E 166 24.13 23.75 -47.20
C TYR E 166 23.83 22.45 -46.45
N ASP E 167 24.23 21.32 -47.05
CA ASP E 167 24.35 20.05 -46.34
C ASP E 167 25.68 20.10 -45.60
N VAL E 168 25.62 20.23 -44.27
CA VAL E 168 26.79 20.62 -43.46
C VAL E 168 27.64 19.37 -43.13
N PRO E 169 28.92 19.32 -43.59
CA PRO E 169 29.81 18.23 -43.16
C PRO E 169 30.34 18.43 -41.74
N GLU E 170 31.08 17.44 -41.25
CA GLU E 170 31.53 17.40 -39.85
C GLU E 170 32.64 18.41 -39.53
N LYS E 171 33.56 18.61 -40.47
CA LYS E 171 34.62 19.63 -40.34
C LYS E 171 34.07 21.07 -40.20
N TRP E 172 32.98 21.36 -40.92
CA TRP E 172 32.21 22.60 -40.74
C TRP E 172 31.52 22.64 -39.37
N ALA E 173 30.91 21.52 -38.97
CA ALA E 173 30.24 21.41 -37.66
C ALA E 173 31.20 21.56 -36.46
N LYS E 174 32.40 20.98 -36.56
CA LYS E 174 33.51 21.19 -35.59
C LYS E 174 33.81 22.67 -35.36
N PHE E 175 33.94 23.40 -36.47
CA PHE E 175 34.22 24.85 -36.47
C PHE E 175 33.13 25.65 -35.77
N TYR E 176 31.90 25.56 -36.29
CA TYR E 176 30.76 26.34 -35.78
C TYR E 176 30.39 26.01 -34.32
N THR E 177 30.52 24.74 -33.92
CA THR E 177 30.32 24.31 -32.53
C THR E 177 31.38 24.90 -31.60
N ALA E 178 32.65 24.81 -32.01
CA ALA E 178 33.78 25.39 -31.25
C ALA E 178 33.64 26.90 -31.02
N GLU E 179 33.19 27.63 -32.05
CA GLU E 179 32.89 29.06 -31.95
C GLU E 179 31.71 29.35 -30.99
N VAL E 180 30.68 28.52 -31.02
CA VAL E 180 29.57 28.57 -30.04
C VAL E 180 30.06 28.30 -28.61
N VAL E 181 30.98 27.34 -28.45
CA VAL E 181 31.58 27.02 -27.13
C VAL E 181 32.34 28.22 -26.55
N LEU E 182 33.20 28.83 -27.36
CA LEU E 182 33.93 30.05 -26.97
C LEU E 182 33.01 31.26 -26.76
N ALA E 183 31.94 31.35 -27.54
CA ALA E 183 30.94 32.42 -27.41
C ALA E 183 30.16 32.33 -26.09
N LEU E 184 29.69 31.13 -25.75
CA LEU E 184 29.00 30.88 -24.47
C LEU E 184 29.92 31.02 -23.26
N ASP E 185 31.18 30.57 -23.39
CA ASP E 185 32.21 30.77 -22.36
C ASP E 185 32.43 32.25 -22.00
N ALA E 186 32.41 33.12 -23.01
CA ALA E 186 32.48 34.58 -22.83
C ALA E 186 31.26 35.14 -22.06
N ILE E 187 30.07 34.65 -22.41
CA ILE E 187 28.82 35.02 -21.72
C ILE E 187 28.78 34.47 -20.28
N HIS E 188 29.22 33.22 -20.09
CA HIS E 188 29.35 32.61 -18.76
C HIS E 188 30.39 33.31 -17.88
N SER E 189 31.50 33.75 -18.49
CA SER E 189 32.52 34.57 -17.80
C SER E 189 32.01 35.93 -17.31
N MET E 190 31.10 36.54 -18.06
CA MET E 190 30.41 37.79 -17.65
C MET E 190 29.37 37.66 -16.51
N GLY E 191 29.04 36.43 -16.11
CA GLY E 191 28.14 36.16 -14.99
C GLY E 191 26.67 35.96 -15.39
N LEU E 192 26.45 35.40 -16.59
CA LEU E 192 25.15 35.37 -17.26
C LEU E 192 24.89 33.97 -17.82
N ILE E 193 23.62 33.54 -17.78
CA ILE E 193 23.14 32.33 -18.48
C ILE E 193 22.26 32.83 -19.64
N HIS E 194 22.52 32.32 -20.85
CA HIS E 194 21.80 32.74 -22.07
C HIS E 194 20.32 32.35 -22.08
N ARG E 195 20.00 31.12 -21.63
CA ARG E 195 18.62 30.58 -21.53
C ARG E 195 17.87 30.27 -22.86
N ASP E 196 18.52 30.47 -24.02
CA ASP E 196 17.86 30.41 -25.33
C ASP E 196 18.91 30.38 -26.45
N VAL E 197 19.79 29.38 -26.37
CA VAL E 197 20.86 29.18 -27.34
C VAL E 197 20.22 28.39 -28.49
N LYS E 198 20.31 28.94 -29.70
CA LYS E 198 19.76 28.31 -30.90
C LYS E 198 20.34 28.93 -32.19
N PRO E 199 20.20 28.24 -33.36
CA PRO E 199 20.60 28.77 -34.67
C PRO E 199 20.08 30.16 -35.07
N ASP E 200 18.86 30.49 -34.64
CA ASP E 200 18.28 31.84 -34.85
C ASP E 200 19.10 32.96 -34.19
N ASN E 201 19.63 32.66 -33.00
CA ASN E 201 20.46 33.59 -32.20
C ASN E 201 21.99 33.51 -32.47
N MET E 202 22.40 32.75 -33.49
CA MET E 202 23.79 32.59 -33.91
C MET E 202 23.93 33.22 -35.30
N LEU E 203 24.57 34.39 -35.37
CA LEU E 203 24.73 35.16 -36.62
C LEU E 203 26.16 35.10 -37.15
N LEU E 204 26.30 35.18 -38.48
CA LEU E 204 27.58 35.14 -39.18
C LEU E 204 27.92 36.53 -39.71
N ASP E 205 29.16 36.99 -39.44
CA ASP E 205 29.63 38.33 -39.86
C ASP E 205 30.03 38.38 -41.36
N LYS E 206 30.56 39.53 -41.80
CA LYS E 206 31.15 39.69 -43.15
C LYS E 206 32.21 38.65 -43.56
N HIS E 207 32.95 38.11 -42.59
CA HIS E 207 33.97 37.07 -42.82
C HIS E 207 33.50 35.60 -42.61
N GLY E 208 32.21 35.40 -42.34
CA GLY E 208 31.67 34.08 -41.99
C GLY E 208 32.00 33.52 -40.62
N HIS E 209 32.45 34.37 -39.68
CA HIS E 209 32.67 33.99 -38.28
C HIS E 209 31.48 34.35 -37.39
N LEU E 210 31.37 33.64 -36.25
CA LEU E 210 30.20 33.67 -35.38
C LEU E 210 30.20 34.87 -34.43
N LYS E 211 29.03 35.50 -34.29
CA LYS E 211 28.68 36.29 -33.10
C LYS E 211 27.26 35.94 -32.65
N LEU E 212 27.01 36.06 -31.35
CA LEU E 212 25.69 35.85 -30.77
C LEU E 212 24.90 37.16 -30.73
N ALA E 213 23.61 37.07 -31.04
CA ALA E 213 22.64 38.15 -30.90
C ALA E 213 21.42 37.65 -30.13
N ASP E 214 20.51 38.57 -29.80
CA ASP E 214 19.28 38.30 -29.03
C ASP E 214 19.64 37.84 -27.61
N PHE E 215 19.87 38.83 -26.74
CA PHE E 215 20.17 38.61 -25.32
C PHE E 215 18.99 39.01 -24.41
N GLY E 216 17.75 38.78 -24.89
CA GLY E 216 16.53 39.10 -24.13
C GLY E 216 16.30 38.14 -22.97
N THR E 217 16.47 36.84 -23.24
CA THR E 217 16.35 35.82 -22.20
C THR E 217 17.52 35.75 -21.20
N CYS E 218 18.62 36.47 -21.45
CA CYS E 218 19.77 36.53 -20.53
C CYS E 218 19.39 37.08 -19.15
N MET E 219 19.82 36.37 -18.10
CA MET E 219 19.68 36.81 -16.72
C MET E 219 20.98 36.57 -15.96
N LYS E 220 21.30 37.50 -15.05
CA LYS E 220 22.53 37.46 -14.28
C LYS E 220 22.44 36.36 -13.22
N MET E 221 23.54 35.62 -13.04
CA MET E 221 23.55 34.47 -12.12
C MET E 221 23.47 34.91 -10.66
N ASP E 222 22.92 34.02 -9.81
CA ASP E 222 22.94 34.26 -8.36
C ASP E 222 24.40 34.01 -7.88
N GLU E 223 24.60 34.02 -6.56
CA GLU E 223 25.93 33.78 -5.98
C GLU E 223 26.45 32.33 -6.19
N THR E 224 25.55 31.34 -6.15
CA THR E 224 25.88 29.93 -6.49
C THR E 224 26.32 29.70 -7.95
N GLY E 225 25.61 30.35 -8.87
CA GLY E 225 25.74 30.13 -10.35
C GLY E 225 24.48 29.53 -10.97
N MET E 226 23.33 30.11 -10.60
CA MET E 226 21.99 29.62 -10.91
C MET E 226 21.07 30.83 -11.14
N VAL E 227 19.83 30.57 -11.53
CA VAL E 227 18.82 31.63 -11.69
C VAL E 227 17.39 31.07 -11.54
N HIS E 228 16.51 31.88 -10.93
CA HIS E 228 15.12 31.53 -10.65
C HIS E 228 14.20 32.32 -11.61
N CYS E 229 13.29 31.60 -12.28
CA CYS E 229 12.29 32.23 -13.16
C CYS E 229 11.08 31.33 -13.40
N THR E 235 12.00 28.90 -27.91
CA THR E 235 11.40 27.79 -28.67
C THR E 235 11.73 26.43 -28.03
N PRO E 236 10.78 25.47 -28.05
CA PRO E 236 10.91 24.23 -27.28
C PRO E 236 11.90 23.17 -27.80
N ASP E 237 12.29 23.24 -29.08
CA ASP E 237 13.28 22.31 -29.67
C ASP E 237 14.64 22.25 -28.95
N TYR E 238 15.11 23.40 -28.48
CA TYR E 238 16.43 23.57 -27.84
C TYR E 238 16.42 23.70 -26.30
N ILE E 239 15.25 23.80 -25.68
CA ILE E 239 15.13 23.93 -24.22
C ILE E 239 15.46 22.60 -23.51
N SER E 240 16.15 22.71 -22.37
CA SER E 240 16.64 21.55 -21.60
C SER E 240 15.57 21.02 -20.62
N PRO E 241 15.67 19.73 -20.18
CA PRO E 241 14.62 19.15 -19.31
C PRO E 241 14.46 19.79 -17.93
N GLU E 242 15.56 20.20 -17.28
CA GLU E 242 15.51 20.94 -16.01
C GLU E 242 14.75 22.29 -16.07
N VAL E 243 14.83 22.96 -17.23
CA VAL E 243 14.02 24.17 -17.49
C VAL E 243 12.53 23.80 -17.70
N LEU E 244 12.27 22.66 -18.35
CA LEU E 244 10.91 22.10 -18.51
C LEU E 244 10.26 21.49 -17.23
N LYS E 245 10.87 21.63 -16.03
CA LYS E 245 10.23 21.37 -14.75
C LYS E 245 10.16 22.60 -13.83
N SER E 246 11.21 23.42 -13.83
CA SER E 246 11.27 24.68 -13.07
C SER E 246 10.21 25.72 -13.43
N GLN E 247 9.76 25.72 -14.69
CA GLN E 247 8.66 26.61 -15.14
C GLN E 247 7.31 26.34 -14.44
N GLY E 248 7.09 25.10 -13.99
CA GLY E 248 6.00 24.73 -13.08
C GLY E 248 6.43 24.82 -11.61
N GLY E 249 6.33 26.03 -11.06
CA GLY E 249 6.55 26.28 -9.63
C GLY E 249 7.98 26.62 -9.26
N ASP E 250 8.38 26.27 -8.03
CA ASP E 250 9.72 26.59 -7.49
C ASP E 250 10.84 25.76 -8.18
N GLY E 251 11.75 26.45 -8.89
CA GLY E 251 12.84 25.78 -9.62
C GLY E 251 14.04 26.65 -9.94
N PHE E 252 15.23 26.02 -9.97
CA PHE E 252 16.50 26.68 -10.32
C PHE E 252 17.24 25.93 -11.43
N TYR E 253 18.18 26.63 -12.07
CA TYR E 253 19.06 26.03 -13.10
C TYR E 253 20.26 26.93 -13.42
N GLY E 254 21.39 26.30 -13.74
CA GLY E 254 22.68 26.97 -13.98
C GLY E 254 23.09 27.05 -15.43
N ARG E 255 24.39 27.23 -15.66
CA ARG E 255 24.99 27.34 -17.01
C ARG E 255 24.84 26.07 -17.90
N GLU E 256 24.72 24.91 -17.26
CA GLU E 256 24.47 23.62 -17.93
C GLU E 256 23.32 23.58 -18.96
N CYS E 257 22.27 24.39 -18.76
CA CYS E 257 21.13 24.47 -19.69
C CYS E 257 21.50 25.02 -21.08
N ASP E 258 22.49 25.92 -21.13
CA ASP E 258 23.07 26.37 -22.41
C ASP E 258 23.86 25.26 -23.11
N TRP E 259 24.62 24.48 -22.34
CA TRP E 259 25.41 23.36 -22.91
C TRP E 259 24.59 22.21 -23.48
N TRP E 260 23.37 21.99 -22.93
CA TRP E 260 22.36 21.10 -23.54
C TRP E 260 22.07 21.51 -24.99
N SER E 261 21.75 22.80 -25.16
CA SER E 261 21.44 23.37 -26.48
C SER E 261 22.56 23.32 -27.52
N VAL E 262 23.81 23.28 -27.07
CA VAL E 262 24.98 23.04 -27.96
C VAL E 262 24.94 21.61 -28.51
N GLY E 263 24.58 20.64 -27.66
CA GLY E 263 24.32 19.26 -28.07
C GLY E 263 23.19 19.09 -29.07
N VAL E 264 22.11 19.85 -28.88
CA VAL E 264 20.97 19.90 -29.82
C VAL E 264 21.41 20.58 -31.14
N PHE E 265 22.20 21.65 -31.03
CA PHE E 265 22.79 22.36 -32.18
C PHE E 265 23.72 21.46 -33.01
N LEU E 266 24.62 20.75 -32.34
CA LEU E 266 25.55 19.81 -33.01
C LEU E 266 24.83 18.62 -33.67
N TYR E 267 23.72 18.17 -33.06
CA TYR E 267 22.85 17.14 -33.65
C TYR E 267 22.18 17.63 -34.94
N GLU E 268 21.60 18.83 -34.91
CA GLU E 268 20.84 19.37 -36.06
C GLU E 268 21.66 19.59 -37.33
N MET E 269 22.94 19.96 -37.18
CA MET E 269 23.83 20.21 -38.32
C MET E 269 24.25 18.92 -39.03
N LEU E 270 24.63 17.92 -38.23
CA LEU E 270 25.12 16.63 -38.74
C LEU E 270 23.99 15.74 -39.27
N VAL E 271 22.90 15.62 -38.49
CA VAL E 271 21.76 14.75 -38.83
C VAL E 271 20.88 15.42 -39.89
N GLY E 272 20.43 16.65 -39.59
CA GLY E 272 19.53 17.42 -40.46
C GLY E 272 18.26 17.91 -39.77
N ASP E 273 17.71 17.07 -38.88
CA ASP E 273 16.54 17.41 -38.05
C ASP E 273 16.91 17.52 -36.56
N THR E 274 15.98 18.07 -35.79
CA THR E 274 16.09 18.20 -34.32
C THR E 274 15.97 16.79 -33.68
N PRO E 275 16.77 16.49 -32.62
CA PRO E 275 16.74 15.13 -32.01
C PRO E 275 15.43 14.74 -31.31
N PHE E 276 14.77 15.72 -30.68
CA PHE E 276 13.48 15.52 -30.02
C PHE E 276 12.32 16.16 -30.80
N TYR E 277 12.31 15.97 -32.13
CA TYR E 277 11.28 16.55 -33.01
C TYR E 277 9.95 15.81 -32.87
N ALA E 278 8.86 16.57 -32.92
CA ALA E 278 7.50 16.03 -33.02
C ALA E 278 6.62 16.95 -33.87
N ASP E 279 5.44 16.44 -34.23
CA ASP E 279 4.45 17.21 -35.00
C ASP E 279 3.84 18.32 -34.14
N SER E 280 3.32 17.93 -32.98
CA SER E 280 2.84 18.86 -31.96
C SER E 280 3.97 19.34 -31.04
N LEU E 281 3.66 20.36 -30.23
CA LEU E 281 4.58 20.86 -29.19
C LEU E 281 4.69 19.88 -28.01
N VAL E 282 3.54 19.34 -27.58
CA VAL E 282 3.46 18.33 -26.49
C VAL E 282 4.35 17.09 -26.72
N GLY E 283 4.46 16.66 -27.98
CA GLY E 283 5.39 15.60 -28.38
C GLY E 283 6.86 15.94 -28.21
N THR E 284 7.23 17.16 -28.59
CA THR E 284 8.59 17.70 -28.40
C THR E 284 8.99 17.79 -26.92
N TYR E 285 8.06 18.24 -26.07
CA TYR E 285 8.28 18.31 -24.60
C TYR E 285 8.49 16.92 -23.99
N SER E 286 7.62 15.98 -24.35
CA SER E 286 7.68 14.58 -23.87
C SER E 286 8.99 13.85 -24.22
N LYS E 287 9.47 14.04 -25.45
CA LYS E 287 10.74 13.46 -25.92
C LYS E 287 11.98 14.04 -25.20
N ILE E 288 11.94 15.34 -24.85
CA ILE E 288 13.01 15.99 -24.07
C ILE E 288 13.05 15.46 -22.63
N MET E 289 11.90 15.26 -22.00
CA MET E 289 11.82 14.62 -20.68
C MET E 289 12.28 13.16 -20.67
N ASP E 290 11.96 12.43 -21.75
CA ASP E 290 12.37 11.02 -21.95
C ASP E 290 13.62 10.93 -22.88
N HIS E 291 14.63 11.74 -22.59
CA HIS E 291 15.83 11.86 -23.45
C HIS E 291 16.78 10.66 -23.44
N LYS E 292 16.73 9.84 -22.39
CA LYS E 292 17.51 8.60 -22.32
C LYS E 292 17.04 7.55 -23.34
N ASN E 293 15.72 7.39 -23.47
CA ASN E 293 15.10 6.47 -24.43
C ASN E 293 14.91 7.06 -25.83
N SER E 294 14.42 8.30 -25.90
CA SER E 294 14.04 8.93 -27.18
C SER E 294 15.21 9.38 -28.08
N LEU E 295 16.36 9.70 -27.49
CA LEU E 295 17.56 10.08 -28.27
C LEU E 295 18.13 8.87 -29.01
N CYS E 296 17.84 8.79 -30.31
CA CYS E 296 18.41 7.78 -31.21
C CYS E 296 18.93 8.46 -32.47
N PHE E 297 20.15 8.11 -32.88
CA PHE E 297 20.77 8.61 -34.11
C PHE E 297 20.29 7.76 -35.29
N PRO E 298 19.75 8.40 -36.37
CA PRO E 298 19.37 7.65 -37.58
C PRO E 298 20.51 6.86 -38.20
N GLU E 299 20.20 5.65 -38.68
CA GLU E 299 21.21 4.72 -39.21
C GLU E 299 21.81 5.19 -40.55
N ASP E 300 21.00 5.80 -41.40
CA ASP E 300 21.46 6.47 -42.63
C ASP E 300 22.44 7.66 -42.43
N ALA E 301 22.33 8.36 -41.29
CA ALA E 301 23.07 9.61 -41.03
C ALA E 301 24.59 9.44 -40.88
N GLU E 302 25.34 10.29 -41.59
CA GLU E 302 26.82 10.23 -41.62
C GLU E 302 27.39 10.98 -40.42
N ILE E 303 27.71 10.22 -39.34
CA ILE E 303 28.18 10.80 -38.07
C ILE E 303 29.31 9.93 -37.46
N SER E 304 30.36 10.59 -36.98
CA SER E 304 31.51 9.93 -36.31
C SER E 304 31.15 9.41 -34.92
N LYS E 305 32.05 8.61 -34.35
CA LYS E 305 31.93 8.14 -32.95
C LYS E 305 32.15 9.26 -31.94
N HIS E 306 33.15 10.12 -32.19
CA HIS E 306 33.46 11.26 -31.31
C HIS E 306 32.34 12.31 -31.26
N ALA E 307 31.75 12.63 -32.42
CA ALA E 307 30.60 13.56 -32.47
C ALA E 307 29.34 12.96 -31.84
N LYS E 308 29.11 11.66 -32.03
CA LYS E 308 28.08 10.90 -31.29
C LYS E 308 28.29 10.97 -29.77
N ASN E 309 29.55 10.79 -29.35
CA ASN E 309 29.94 10.85 -27.93
C ASN E 309 29.73 12.23 -27.29
N LEU E 310 30.06 13.30 -28.04
CA LEU E 310 29.91 14.69 -27.56
C LEU E 310 28.44 15.11 -27.41
N ILE E 311 27.60 14.72 -28.36
CA ILE E 311 26.16 15.01 -28.32
C ILE E 311 25.51 14.30 -27.12
N CYS E 312 25.85 13.03 -26.92
CA CYS E 312 25.41 12.27 -25.73
C CYS E 312 25.98 12.82 -24.42
N ALA E 313 27.21 13.34 -24.44
CA ALA E 313 27.80 14.02 -23.26
C ALA E 313 27.06 15.30 -22.86
N PHE E 314 26.64 16.09 -23.85
CA PHE E 314 25.78 17.27 -23.63
C PHE E 314 24.32 16.89 -23.29
N LEU E 315 23.77 15.88 -23.98
CA LEU E 315 22.36 15.46 -23.80
C LEU E 315 22.22 14.35 -22.73
N THR E 316 22.41 14.76 -21.48
CA THR E 316 22.19 13.94 -20.27
C THR E 316 21.43 14.77 -19.23
N ASP E 317 21.18 14.19 -18.06
CA ASP E 317 20.71 14.93 -16.88
C ASP E 317 21.76 15.96 -16.42
N ARG E 318 21.26 17.09 -15.90
CA ARG E 318 22.09 18.24 -15.45
C ARG E 318 23.28 17.90 -14.54
N GLU E 319 23.06 16.99 -13.60
CA GLU E 319 24.05 16.67 -12.54
C GLU E 319 25.36 16.03 -13.05
N VAL E 320 25.28 15.32 -14.20
CA VAL E 320 26.43 14.62 -14.81
C VAL E 320 26.75 15.11 -16.26
N ARG E 321 26.31 16.34 -16.59
CA ARG E 321 26.44 16.89 -17.95
C ARG E 321 27.85 17.41 -18.22
N LEU E 322 28.22 17.49 -19.50
CA LEU E 322 29.47 18.12 -19.95
C LEU E 322 29.31 19.64 -19.89
N GLY E 323 30.23 20.31 -19.18
CA GLY E 323 30.19 21.77 -18.95
C GLY E 323 29.77 22.24 -17.56
N ARG E 324 29.64 21.32 -16.59
CA ARG E 324 29.44 21.69 -15.17
C ARG E 324 30.72 22.28 -14.61
N ASN E 325 31.82 21.52 -14.73
CA ASN E 325 33.14 21.87 -14.20
C ASN E 325 33.97 22.58 -15.28
N GLY E 326 33.51 23.77 -15.65
CA GLY E 326 34.21 24.62 -16.62
C GLY E 326 34.15 24.18 -18.08
N VAL E 327 34.68 25.07 -18.93
CA VAL E 327 34.79 24.83 -20.38
C VAL E 327 35.94 23.88 -20.79
N GLU E 328 36.94 23.69 -19.91
CA GLU E 328 38.17 22.93 -20.25
C GLU E 328 37.92 21.47 -20.67
N GLU E 329 36.97 20.80 -20.00
CA GLU E 329 36.58 19.43 -20.36
C GLU E 329 35.91 19.32 -21.75
N ILE E 330 35.18 20.36 -22.16
CA ILE E 330 34.61 20.46 -23.52
C ILE E 330 35.74 20.64 -24.56
N ARG E 331 36.68 21.54 -24.26
CA ARG E 331 37.80 21.85 -25.17
C ARG E 331 38.75 20.67 -25.45
N GLN E 332 38.98 19.82 -24.44
CA GLN E 332 39.85 18.63 -24.58
C GLN E 332 39.14 17.39 -25.19
N HIS E 333 37.85 17.49 -25.58
CA HIS E 333 37.10 16.38 -26.18
C HIS E 333 37.71 16.04 -27.59
N PRO E 334 37.91 14.72 -27.90
CA PRO E 334 38.58 14.32 -29.15
C PRO E 334 37.95 14.74 -30.50
N PHE E 335 36.62 14.85 -30.56
CA PHE E 335 35.87 15.50 -31.68
C PHE E 335 36.50 16.80 -32.21
N PHE E 336 36.86 17.69 -31.29
CA PHE E 336 37.42 19.01 -31.64
C PHE E 336 38.86 19.02 -32.19
N LYS E 337 39.57 17.88 -32.15
CA LYS E 337 40.91 17.76 -32.75
C LYS E 337 40.86 17.86 -34.28
N ASN E 338 41.76 18.66 -34.85
CA ASN E 338 41.84 18.92 -36.30
C ASN E 338 43.20 19.50 -36.70
N ASP E 339 43.45 19.57 -38.02
CA ASP E 339 44.66 20.20 -38.60
C ASP E 339 44.26 21.43 -39.44
N GLN E 340 43.51 22.34 -38.80
CA GLN E 340 42.97 23.57 -39.39
C GLN E 340 43.15 24.76 -38.43
N TRP E 341 42.55 24.64 -37.25
CA TRP E 341 42.54 25.68 -36.20
C TRP E 341 42.86 25.12 -34.81
N HIS E 342 43.31 26.02 -33.93
CA HIS E 342 43.41 25.78 -32.47
C HIS E 342 42.44 26.74 -31.76
N TRP E 343 42.22 26.49 -30.46
CA TRP E 343 41.28 27.28 -29.65
C TRP E 343 41.65 28.75 -29.47
N ASP E 344 42.94 29.01 -29.30
CA ASP E 344 43.47 30.38 -29.20
C ASP E 344 43.41 31.23 -30.50
N ASN E 345 43.30 30.58 -31.67
CA ASN E 345 43.29 31.26 -32.98
C ASN E 345 42.14 30.90 -33.96
N ILE E 346 41.09 30.24 -33.49
CA ILE E 346 39.97 29.79 -34.37
C ILE E 346 39.29 30.92 -35.16
N ARG E 347 39.10 32.07 -34.52
CA ARG E 347 38.41 33.22 -35.14
C ARG E 347 39.26 33.99 -36.17
N GLU E 348 40.58 33.75 -36.19
CA GLU E 348 41.51 34.31 -37.19
C GLU E 348 41.78 33.38 -38.38
N THR E 349 41.42 32.09 -38.28
CA THR E 349 41.47 31.16 -39.42
C THR E 349 40.34 31.41 -40.42
N ALA E 350 40.43 30.79 -41.59
CA ALA E 350 39.42 30.93 -42.64
C ALA E 350 38.13 30.19 -42.27
N ALA E 351 36.99 30.88 -42.38
CA ALA E 351 35.68 30.28 -42.11
C ALA E 351 35.27 29.32 -43.22
N PRO E 352 34.36 28.35 -42.95
CA PRO E 352 33.86 27.42 -43.98
C PRO E 352 33.10 28.09 -45.13
N VAL E 353 32.16 28.97 -44.79
CA VAL E 353 31.33 29.72 -45.74
C VAL E 353 31.59 31.20 -45.52
N VAL E 354 32.38 31.81 -46.40
CA VAL E 354 32.58 33.26 -46.45
C VAL E 354 31.48 33.82 -47.36
N PRO E 355 30.67 34.80 -46.87
CA PRO E 355 29.57 35.31 -47.69
C PRO E 355 30.02 36.17 -48.87
N GLU E 356 29.43 35.92 -50.05
CA GLU E 356 29.69 36.67 -51.29
C GLU E 356 28.60 37.73 -51.43
N LEU E 357 28.89 38.93 -50.91
CA LEU E 357 27.91 40.01 -50.76
C LEU E 357 28.09 41.06 -51.86
N SER E 358 27.00 41.41 -52.54
CA SER E 358 27.03 42.36 -53.67
C SER E 358 27.11 43.87 -53.31
N SER E 359 26.77 44.22 -52.08
CA SER E 359 26.73 45.62 -51.60
C SER E 359 26.70 45.69 -50.07
N ASP E 360 26.91 46.89 -49.56
CA ASP E 360 26.82 47.16 -48.09
C ASP E 360 25.42 46.97 -47.48
N ILE E 361 24.36 47.02 -48.32
CA ILE E 361 22.97 46.70 -47.90
C ILE E 361 22.43 45.36 -48.47
N ASP E 362 23.31 44.39 -48.72
CA ASP E 362 22.91 43.06 -49.18
C ASP E 362 22.36 42.27 -47.99
N SER E 363 21.08 41.89 -48.09
CA SER E 363 20.42 41.00 -47.12
C SER E 363 19.83 39.77 -47.82
N SER E 364 20.63 39.15 -48.70
CA SER E 364 20.26 37.91 -49.39
C SER E 364 20.24 36.69 -48.44
N ASN E 365 21.08 36.74 -47.38
CA ASN E 365 21.09 35.73 -46.32
C ASN E 365 19.98 35.88 -45.22
N PHE E 366 19.07 36.84 -45.39
CA PHE E 366 17.86 36.99 -44.57
C PHE E 366 16.62 36.82 -45.43
N ASP E 367 15.64 36.07 -44.91
CA ASP E 367 14.35 35.87 -45.59
C ASP E 367 13.50 37.15 -45.49
N ASP E 368 12.56 37.27 -46.44
CA ASP E 368 11.64 38.42 -46.49
C ASP E 368 10.63 38.33 -45.35
N ILE E 369 10.53 39.39 -44.56
CA ILE E 369 9.68 39.44 -43.36
C ILE E 369 8.31 39.99 -43.75
N GLU E 370 7.25 39.29 -43.36
CA GLU E 370 5.87 39.70 -43.62
C GLU E 370 5.45 40.85 -42.68
N ASP E 371 4.62 41.76 -43.23
CA ASP E 371 4.35 43.07 -42.63
C ASP E 371 3.01 43.15 -41.91
N ASP E 372 3.05 43.52 -40.63
CA ASP E 372 1.87 43.61 -39.76
C ASP E 372 1.67 45.05 -39.28
N VAL E 376 -0.51 49.16 -34.52
CA VAL E 376 0.57 49.81 -33.80
C VAL E 376 -0.01 50.82 -32.77
N GLU E 377 -0.75 50.26 -31.80
CA GLU E 377 -1.47 51.05 -30.79
C GLU E 377 -0.52 51.72 -29.78
N THR E 378 -0.79 53.00 -29.48
CA THR E 378 0.01 53.84 -28.59
C THR E 378 -0.61 53.93 -27.19
N PHE E 379 0.09 54.60 -26.27
CA PHE E 379 -0.45 54.93 -24.94
C PHE E 379 -1.65 55.89 -25.04
N PRO E 380 -2.66 55.73 -24.14
CA PRO E 380 -3.75 56.72 -24.08
C PRO E 380 -3.29 58.02 -23.39
N ILE E 381 -3.91 59.14 -23.77
CA ILE E 381 -3.63 60.45 -23.17
C ILE E 381 -4.21 60.44 -21.75
N PRO E 382 -3.34 60.34 -20.70
CA PRO E 382 -3.84 60.04 -19.36
C PRO E 382 -4.44 61.25 -18.63
N LYS E 383 -5.30 60.96 -17.65
CA LYS E 383 -5.99 61.99 -16.87
C LYS E 383 -5.06 62.59 -15.83
N ALA E 384 -4.42 61.72 -15.04
CA ALA E 384 -3.40 62.08 -14.03
C ALA E 384 -2.01 61.61 -14.47
N PHE E 385 -1.00 61.83 -13.61
CA PHE E 385 0.37 61.31 -13.84
C PHE E 385 0.41 59.78 -13.74
N VAL E 386 0.84 59.13 -14.83
CA VAL E 386 1.01 57.66 -14.91
C VAL E 386 2.48 57.20 -14.90
N GLY E 387 3.34 57.93 -15.64
CA GLY E 387 4.78 57.70 -15.64
C GLY E 387 5.23 56.57 -16.54
N ASN E 388 4.69 56.51 -17.77
CA ASN E 388 5.02 55.46 -18.74
C ASN E 388 6.46 55.47 -19.28
N GLN E 389 7.10 56.64 -19.28
CA GLN E 389 8.51 56.81 -19.67
C GLN E 389 9.54 56.52 -18.57
N LEU E 390 9.10 56.39 -17.31
CA LEU E 390 10.01 56.20 -16.16
C LEU E 390 10.85 54.90 -16.15
N PRO E 391 10.28 53.76 -16.63
CA PRO E 391 11.10 52.54 -16.77
C PRO E 391 12.24 52.58 -17.80
N PHE E 392 12.19 53.53 -18.75
CA PHE E 392 13.18 53.68 -19.83
C PHE E 392 14.24 54.78 -19.61
N ILE E 393 14.27 55.39 -18.41
CA ILE E 393 15.30 56.38 -18.04
C ILE E 393 16.62 55.63 -17.80
N GLY E 394 17.68 56.10 -18.46
CA GLY E 394 19.00 55.47 -18.42
C GLY E 394 19.37 54.61 -19.63
N PHE E 395 18.42 54.40 -20.56
CA PHE E 395 18.64 53.55 -21.72
C PHE E 395 19.59 54.13 -22.77
N THR E 396 19.55 55.46 -22.97
CA THR E 396 20.38 56.13 -23.97
C THR E 396 21.88 55.93 -23.71
N TYR E 397 22.62 55.63 -24.78
CA TYR E 397 24.06 55.34 -24.74
C TYR E 397 24.73 55.79 -26.04
N TYR E 398 25.88 56.43 -25.91
CA TYR E 398 26.68 56.96 -27.03
C TYR E 398 28.12 56.49 -26.84
N ARG E 399 28.64 55.70 -27.78
CA ARG E 399 30.02 55.21 -27.75
C ARG E 399 30.97 56.33 -28.18
N SER F 7 -17.32 80.07 40.23
CA SER F 7 -18.74 80.27 40.64
C SER F 7 -19.53 78.96 40.66
N ARG F 8 -20.40 78.81 41.66
CA ARG F 8 -21.24 77.61 41.82
C ARG F 8 -22.42 77.57 40.82
N GLN F 9 -22.98 78.74 40.49
CA GLN F 9 -24.10 78.84 39.56
C GLN F 9 -23.75 78.46 38.10
N ARG F 10 -22.52 78.75 37.69
CA ARG F 10 -21.99 78.29 36.38
C ARG F 10 -21.81 76.77 36.31
N LYS F 11 -21.37 76.17 37.42
CA LYS F 11 -21.29 74.70 37.56
C LYS F 11 -22.67 74.02 37.56
N LEU F 12 -23.64 74.66 38.20
CA LEU F 12 -25.03 74.16 38.24
C LEU F 12 -25.72 74.23 36.87
N GLU F 13 -25.58 75.36 36.18
CA GLU F 13 -26.10 75.53 34.81
C GLU F 13 -25.41 74.63 33.77
N ALA F 14 -24.14 74.28 34.00
CA ALA F 14 -23.41 73.32 33.17
C ALA F 14 -23.98 71.89 33.24
N LEU F 15 -24.36 71.46 34.45
CA LEU F 15 -25.03 70.16 34.67
C LEU F 15 -26.39 70.04 34.00
N ILE F 16 -27.20 71.10 34.06
CA ILE F 16 -28.56 71.11 33.48
C ILE F 16 -28.53 71.17 31.93
N ARG F 17 -27.57 71.91 31.35
CA ARG F 17 -27.37 71.92 29.90
C ARG F 17 -26.86 70.59 29.30
N ASP F 18 -26.11 69.81 30.08
CA ASP F 18 -25.52 68.54 29.63
C ASP F 18 -26.60 67.46 29.37
N PRO F 19 -26.71 66.93 28.12
CA PRO F 19 -27.71 65.87 27.84
C PRO F 19 -27.44 64.49 28.47
N ARG F 20 -26.19 64.17 28.80
CA ARG F 20 -25.84 62.95 29.55
C ARG F 20 -26.25 63.00 31.04
N SER F 21 -26.39 64.22 31.59
CA SER F 21 -26.65 64.42 33.03
C SER F 21 -28.06 63.97 33.45
N PRO F 22 -28.20 63.37 34.66
CA PRO F 22 -29.53 63.00 35.15
C PRO F 22 -30.47 64.15 35.56
N ILE F 23 -29.94 65.37 35.74
CA ILE F 23 -30.75 66.57 36.07
C ILE F 23 -30.86 67.59 34.92
N ASN F 24 -30.95 67.10 33.68
CA ASN F 24 -31.27 67.95 32.50
C ASN F 24 -32.75 68.38 32.51
N VAL F 25 -33.10 69.30 31.60
CA VAL F 25 -34.47 69.87 31.53
C VAL F 25 -35.55 68.80 31.23
N GLU F 26 -35.24 67.84 30.36
CA GLU F 26 -36.18 66.76 30.01
C GLU F 26 -36.39 65.77 31.17
N SER F 27 -35.30 65.40 31.83
CA SER F 27 -35.33 64.58 33.06
C SER F 27 -36.06 65.24 34.23
N LEU F 28 -35.87 66.56 34.39
CA LEU F 28 -36.60 67.35 35.41
C LEU F 28 -38.11 67.44 35.14
N LEU F 29 -38.49 67.57 33.87
CA LEU F 29 -39.90 67.49 33.44
C LEU F 29 -40.52 66.10 33.66
N ASP F 30 -39.73 65.03 33.45
CA ASP F 30 -40.16 63.65 33.77
C ASP F 30 -40.45 63.45 35.25
N GLY F 31 -39.57 64.01 36.10
CA GLY F 31 -39.76 64.05 37.56
C GLY F 31 -41.07 64.68 38.01
N LEU F 32 -41.45 65.78 37.37
CA LEU F 32 -42.73 66.45 37.64
C LEU F 32 -43.94 65.65 37.17
N ASN F 33 -43.87 65.15 35.92
CA ASN F 33 -44.91 64.28 35.34
C ASN F 33 -45.12 62.98 36.12
N SER F 34 -44.01 62.34 36.50
CA SER F 34 -44.02 61.11 37.33
C SER F 34 -44.62 61.36 38.72
N LEU F 35 -44.25 62.49 39.34
CA LEU F 35 -44.80 62.89 40.64
C LEU F 35 -46.33 63.09 40.60
N VAL F 36 -46.80 63.79 39.57
CA VAL F 36 -48.26 64.00 39.36
C VAL F 36 -48.99 62.69 39.02
N LEU F 37 -48.39 61.84 38.19
CA LEU F 37 -48.97 60.51 37.85
C LEU F 37 -49.07 59.57 39.06
N ASP F 38 -48.03 59.52 39.88
CA ASP F 38 -48.03 58.74 41.13
C ASP F 38 -48.99 59.27 42.21
N LEU F 39 -49.17 60.59 42.26
CA LEU F 39 -50.01 61.26 43.28
C LEU F 39 -51.49 61.40 42.91
N ASP F 40 -51.79 61.69 41.64
CA ASP F 40 -53.17 61.98 41.19
C ASP F 40 -54.04 60.71 41.17
N PHE F 41 -54.57 60.38 42.35
CA PHE F 41 -55.61 59.35 42.53
C PHE F 41 -56.61 59.85 43.59
N PRO F 42 -57.87 59.32 43.57
CA PRO F 42 -58.88 59.79 44.55
C PRO F 42 -58.54 59.59 46.03
N ALA F 43 -57.89 58.47 46.36
CA ALA F 43 -57.47 58.15 47.72
C ALA F 43 -56.37 59.07 48.25
N LEU F 44 -55.32 59.26 47.45
CA LEU F 44 -54.17 60.11 47.82
C LEU F 44 -54.50 61.62 47.96
N ARG F 45 -55.49 62.09 47.18
CA ARG F 45 -56.03 63.45 47.32
C ARG F 45 -56.76 63.76 48.65
N LYS F 46 -57.09 62.74 49.46
CA LYS F 46 -57.54 62.96 50.86
C LYS F 46 -56.47 63.61 51.75
N ASN F 47 -55.19 63.43 51.43
CA ASN F 47 -54.07 64.22 51.99
C ASN F 47 -54.19 65.67 51.46
N LYS F 48 -54.07 66.63 52.38
CA LYS F 48 -54.19 68.06 52.06
C LYS F 48 -53.02 68.58 51.21
N ASN F 49 -51.79 68.18 51.57
CA ASN F 49 -50.57 68.54 50.83
C ASN F 49 -50.55 68.05 49.38
N ILE F 50 -51.01 66.82 49.17
CA ILE F 50 -51.10 66.22 47.83
C ILE F 50 -52.17 66.90 46.96
N ASP F 51 -53.33 67.21 47.56
CA ASP F 51 -54.44 67.85 46.83
C ASP F 51 -54.11 69.26 46.35
N ASN F 52 -53.55 70.08 47.25
CA ASN F 52 -53.15 71.46 46.93
C ASN F 52 -51.98 71.55 45.94
N PHE F 53 -51.05 70.59 45.99
CA PHE F 53 -49.96 70.48 45.00
C PHE F 53 -50.49 70.20 43.58
N LEU F 54 -51.37 69.20 43.47
CA LEU F 54 -51.97 68.81 42.18
C LEU F 54 -52.86 69.89 41.55
N ASN F 55 -53.58 70.65 42.38
CA ASN F 55 -54.40 71.79 41.92
C ASN F 55 -53.57 72.97 41.39
N ARG F 56 -52.40 73.23 42.00
CA ARG F 56 -51.43 74.21 41.47
C ARG F 56 -50.87 73.82 40.10
N TYR F 57 -50.43 72.56 40.00
CA TYR F 57 -49.86 71.98 38.77
C TYR F 57 -50.87 71.16 37.92
N GLU F 58 -52.16 71.53 37.94
CA GLU F 58 -53.18 70.86 37.12
C GLU F 58 -53.07 71.34 35.67
N LYS F 59 -53.15 72.65 35.48
CA LYS F 59 -53.20 73.28 34.15
C LYS F 59 -51.87 73.20 33.37
N ILE F 60 -50.76 73.43 34.05
CA ILE F 60 -49.43 73.42 33.40
C ILE F 60 -49.00 72.00 32.96
N VAL F 61 -49.33 70.98 33.74
CA VAL F 61 -49.04 69.57 33.40
C VAL F 61 -49.88 69.08 32.19
N LYS F 62 -51.15 69.50 32.12
CA LYS F 62 -51.99 69.26 30.92
C LYS F 62 -51.44 69.99 29.68
N LYS F 63 -50.88 71.18 29.87
CA LYS F 63 -50.21 71.94 28.81
C LYS F 63 -48.91 71.27 28.32
N ILE F 64 -48.05 70.85 29.26
CA ILE F 64 -46.76 70.17 28.90
C ILE F 64 -46.99 68.81 28.22
N ARG F 65 -47.99 68.06 28.70
CA ARG F 65 -48.42 66.80 28.04
C ARG F 65 -48.87 66.97 26.58
N GLY F 66 -49.53 68.10 26.30
CA GLY F 66 -49.89 68.49 24.93
C GLY F 66 -48.69 68.84 24.06
N LEU F 67 -47.78 69.66 24.59
CA LEU F 67 -46.59 70.10 23.86
C LEU F 67 -45.54 69.01 23.63
N GLN F 68 -45.29 68.18 24.65
CA GLN F 68 -44.30 67.09 24.57
C GLN F 68 -44.71 65.98 23.61
N MET F 69 -43.73 65.20 23.19
CA MET F 69 -43.93 64.08 22.24
C MET F 69 -44.72 62.96 22.90
N LYS F 70 -45.51 62.27 22.07
CA LYS F 70 -46.45 61.24 22.54
C LYS F 70 -46.83 60.28 21.41
N ALA F 71 -47.41 59.15 21.80
CA ALA F 71 -47.83 58.08 20.86
C ALA F 71 -48.86 58.53 19.82
N GLU F 72 -49.74 59.45 20.20
CA GLU F 72 -50.74 60.06 19.29
C GLU F 72 -50.15 60.87 18.12
N ASP F 73 -48.91 61.36 18.27
CA ASP F 73 -48.18 62.01 17.15
C ASP F 73 -47.79 61.06 16.00
N TYR F 74 -47.67 59.75 16.28
CA TYR F 74 -47.28 58.73 15.30
C TYR F 74 -48.46 57.84 14.88
N ASP F 75 -48.63 57.63 13.57
CA ASP F 75 -49.55 56.61 13.03
C ASP F 75 -48.83 55.27 13.00
N VAL F 76 -49.46 54.22 13.55
CA VAL F 76 -48.91 52.86 13.55
C VAL F 76 -49.26 52.19 12.21
N VAL F 77 -48.23 51.95 11.39
CA VAL F 77 -48.39 51.31 10.07
C VAL F 77 -48.54 49.79 10.26
N LYS F 78 -47.54 49.19 10.90
CA LYS F 78 -47.48 47.74 11.12
C LYS F 78 -46.57 47.35 12.29
N VAL F 79 -46.90 46.25 12.95
CA VAL F 79 -46.04 45.65 13.98
C VAL F 79 -45.01 44.79 13.25
N ILE F 80 -43.73 45.12 13.40
CA ILE F 80 -42.60 44.45 12.71
C ILE F 80 -41.72 43.53 13.58
N GLY F 81 -41.82 43.65 14.91
CA GLY F 81 -41.15 42.74 15.85
C GLY F 81 -41.89 42.61 17.17
N ARG F 82 -41.55 41.57 17.92
CA ARG F 82 -42.13 41.28 19.24
C ARG F 82 -41.01 40.87 20.21
N GLY F 83 -41.17 41.28 21.48
CA GLY F 83 -40.24 40.94 22.56
C GLY F 83 -40.94 40.63 23.86
N ALA F 84 -40.16 40.54 24.93
CA ALA F 84 -40.64 40.14 26.26
C ALA F 84 -41.59 41.16 26.87
N PHE F 85 -41.15 42.42 26.94
CA PHE F 85 -41.92 43.52 27.54
C PHE F 85 -42.64 44.45 26.54
N GLY F 86 -42.70 44.09 25.25
CA GLY F 86 -43.41 44.92 24.26
C GLY F 86 -43.26 44.49 22.81
N GLU F 87 -43.26 45.49 21.92
CA GLU F 87 -43.18 45.29 20.47
C GLU F 87 -42.44 46.44 19.76
N VAL F 88 -42.06 46.18 18.51
CA VAL F 88 -41.45 47.16 17.61
C VAL F 88 -42.47 47.45 16.52
N GLN F 89 -42.86 48.72 16.40
CA GLN F 89 -43.84 49.19 15.43
C GLN F 89 -43.15 49.99 14.33
N LEU F 90 -43.47 49.68 13.07
CA LEU F 90 -43.18 50.58 11.95
C LEU F 90 -44.19 51.72 12.03
N VAL F 91 -43.70 52.95 12.15
CA VAL F 91 -44.55 54.14 12.36
C VAL F 91 -44.19 55.30 11.42
N ARG F 92 -45.16 56.20 11.23
CA ARG F 92 -44.97 57.47 10.50
C ARG F 92 -45.39 58.61 11.42
N HIS F 93 -44.53 59.64 11.54
CA HIS F 93 -44.84 60.86 12.30
C HIS F 93 -45.87 61.68 11.51
N LYS F 94 -46.98 62.04 12.15
CA LYS F 94 -48.11 62.74 11.50
C LYS F 94 -47.79 64.12 10.91
N ALA F 95 -46.97 64.92 11.60
CA ALA F 95 -46.56 66.24 11.12
C ALA F 95 -45.56 66.16 9.96
N SER F 96 -44.41 65.55 10.22
CA SER F 96 -43.29 65.49 9.25
C SER F 96 -43.40 64.43 8.14
N GLN F 97 -44.28 63.43 8.32
CA GLN F 97 -44.45 62.28 7.39
C GLN F 97 -43.19 61.38 7.22
N LYS F 98 -42.31 61.39 8.23
CA LYS F 98 -41.06 60.62 8.21
C LYS F 98 -41.28 59.27 8.88
N VAL F 99 -40.77 58.21 8.25
CA VAL F 99 -40.95 56.83 8.74
C VAL F 99 -39.87 56.51 9.79
N TYR F 100 -40.29 55.85 10.87
CA TYR F 100 -39.41 55.39 11.95
C TYR F 100 -39.78 53.97 12.42
N ALA F 101 -38.87 53.33 13.13
CA ALA F 101 -39.11 52.10 13.89
C ALA F 101 -39.20 52.50 15.36
N MET F 102 -40.35 52.26 15.99
CA MET F 102 -40.63 52.64 17.38
C MET F 102 -40.77 51.41 18.28
N LYS F 103 -39.85 51.25 19.24
CA LYS F 103 -39.86 50.15 20.21
C LYS F 103 -40.68 50.57 21.42
N LEU F 104 -41.67 49.75 21.79
CA LEU F 104 -42.47 49.93 23.00
C LEU F 104 -41.97 49.00 24.12
N LEU F 105 -42.05 49.46 25.37
CA LEU F 105 -41.72 48.67 26.57
C LEU F 105 -42.73 48.96 27.67
N SER F 106 -43.50 47.94 28.05
CA SER F 106 -44.55 48.04 29.07
C SER F 106 -43.95 48.26 30.47
N LYS F 107 -44.39 49.33 31.14
CA LYS F 107 -43.95 49.66 32.50
C LYS F 107 -44.43 48.64 33.55
N PHE F 108 -45.66 48.14 33.41
CA PHE F 108 -46.21 47.09 34.27
C PHE F 108 -45.38 45.79 34.24
N GLU F 109 -45.06 45.34 33.03
CA GLU F 109 -44.29 44.10 32.82
C GLU F 109 -42.84 44.18 33.33
N MET F 110 -42.20 45.34 33.14
CA MET F 110 -40.85 45.60 33.68
C MET F 110 -40.79 45.63 35.21
N ILE F 111 -41.79 46.27 35.83
CA ILE F 111 -41.94 46.29 37.30
C ILE F 111 -42.29 44.91 37.87
N LYS F 112 -43.23 44.21 37.24
CA LYS F 112 -43.69 42.87 37.68
C LYS F 112 -42.57 41.82 37.66
N ARG F 113 -41.87 41.73 36.53
CA ARG F 113 -40.79 40.76 36.33
C ARG F 113 -39.38 41.22 36.83
N SER F 114 -39.31 42.36 37.54
CA SER F 114 -38.12 42.80 38.30
C SER F 114 -36.89 43.07 37.40
N ASP F 115 -37.13 43.81 36.33
CA ASP F 115 -36.12 44.10 35.30
C ASP F 115 -36.47 45.46 34.66
N SER F 116 -36.02 46.54 35.33
CA SER F 116 -36.29 47.93 34.93
C SER F 116 -35.03 48.84 34.94
N ALA F 117 -33.85 48.25 34.76
CA ALA F 117 -32.58 48.97 34.52
C ALA F 117 -31.95 48.76 33.14
N PHE F 118 -32.35 47.71 32.41
CA PHE F 118 -31.76 47.33 31.10
C PHE F 118 -31.85 48.42 30.01
N PHE F 119 -32.95 49.16 30.01
CA PHE F 119 -33.24 50.20 28.99
C PHE F 119 -32.34 51.45 29.01
N TRP F 120 -31.64 51.71 30.11
CA TRP F 120 -30.76 52.89 30.25
C TRP F 120 -29.56 52.84 29.31
N GLU F 121 -28.84 51.73 29.36
CA GLU F 121 -27.72 51.48 28.42
C GLU F 121 -28.20 51.36 26.96
N GLU F 122 -29.35 50.73 26.76
CA GLU F 122 -29.97 50.63 25.43
C GLU F 122 -30.32 52.00 24.83
N ARG F 123 -30.88 52.88 25.64
CA ARG F 123 -31.17 54.27 25.25
C ARG F 123 -29.88 55.05 24.95
N ASP F 124 -28.91 54.94 25.86
CA ASP F 124 -27.62 55.65 25.74
C ASP F 124 -26.75 55.19 24.55
N ILE F 125 -26.70 53.88 24.31
CA ILE F 125 -25.97 53.31 23.15
C ILE F 125 -26.52 53.85 21.83
N MET F 126 -27.83 53.75 21.65
CA MET F 126 -28.48 54.23 20.42
C MET F 126 -28.48 55.75 20.27
N ALA F 127 -28.69 56.48 21.37
CA ALA F 127 -28.68 57.96 21.36
C ALA F 127 -27.31 58.60 21.11
N PHE F 128 -26.28 58.07 21.77
CA PHE F 128 -24.98 58.76 21.94
C PHE F 128 -23.73 58.09 21.35
N ALA F 129 -23.86 56.94 20.68
CA ALA F 129 -22.72 56.26 20.02
C ALA F 129 -22.11 57.06 18.87
N ASN F 130 -22.97 57.68 18.06
CA ASN F 130 -22.58 58.47 16.88
C ASN F 130 -21.75 57.62 15.88
N SER F 131 -22.21 56.38 15.69
CA SER F 131 -21.50 55.35 14.94
C SER F 131 -22.41 54.81 13.84
N PRO F 132 -21.85 54.53 12.64
CA PRO F 132 -22.67 53.92 11.58
C PRO F 132 -23.02 52.43 11.79
N TRP F 133 -22.42 51.76 12.78
CA TRP F 133 -22.73 50.35 13.14
C TRP F 133 -23.86 50.15 14.17
N VAL F 134 -24.40 51.25 14.73
CA VAL F 134 -25.44 51.21 15.77
C VAL F 134 -26.68 51.92 15.22
N VAL F 135 -27.85 51.36 15.53
CA VAL F 135 -29.14 51.96 15.14
C VAL F 135 -29.33 53.23 15.97
N GLN F 136 -29.53 54.36 15.28
CA GLN F 136 -29.60 55.68 15.93
C GLN F 136 -30.99 55.91 16.54
N LEU F 137 -31.01 56.48 17.75
CA LEU F 137 -32.24 56.85 18.46
C LEU F 137 -32.40 58.35 18.30
N PHE F 138 -33.49 58.77 17.66
CA PHE F 138 -33.81 60.18 17.46
C PHE F 138 -34.53 60.75 18.67
N TYR F 139 -35.60 60.06 19.09
CA TYR F 139 -36.45 60.47 20.22
C TYR F 139 -36.69 59.30 21.17
N ALA F 140 -36.65 59.59 22.48
CA ALA F 140 -37.17 58.71 23.52
C ALA F 140 -38.21 59.49 24.31
N PHE F 141 -39.32 58.84 24.65
CA PHE F 141 -40.40 59.47 25.44
C PHE F 141 -41.23 58.41 26.15
N GLN F 142 -42.19 58.86 26.96
CA GLN F 142 -43.02 57.98 27.80
C GLN F 142 -44.42 58.53 28.08
N ASP F 143 -45.30 57.62 28.48
CA ASP F 143 -46.60 57.94 29.10
C ASP F 143 -46.77 57.07 30.36
N ASP F 144 -47.94 57.12 31.00
CA ASP F 144 -48.27 56.25 32.14
C ASP F 144 -48.09 54.73 31.92
N ARG F 145 -48.34 54.25 30.70
CA ARG F 145 -48.30 52.81 30.35
C ARG F 145 -46.94 52.33 29.83
N TYR F 146 -46.38 53.03 28.84
CA TYR F 146 -45.18 52.56 28.09
C TYR F 146 -44.00 53.56 28.03
N LEU F 147 -42.81 53.00 27.81
CA LEU F 147 -41.64 53.74 27.29
C LEU F 147 -41.60 53.57 25.77
N TYR F 148 -41.11 54.59 25.07
CA TYR F 148 -41.00 54.61 23.60
C TYR F 148 -39.59 54.97 23.17
N MET F 149 -39.08 54.30 22.13
CA MET F 149 -37.76 54.57 21.55
C MET F 149 -37.89 54.67 20.02
N VAL F 150 -37.91 55.90 19.51
CA VAL F 150 -38.06 56.18 18.08
C VAL F 150 -36.68 56.08 17.44
N MET F 151 -36.53 55.13 16.50
CA MET F 151 -35.26 54.79 15.87
C MET F 151 -35.34 54.90 14.36
N GLU F 152 -34.18 54.91 13.70
CA GLU F 152 -34.12 54.87 12.23
C GLU F 152 -34.58 53.50 11.74
N TYR F 153 -35.49 53.48 10.78
CA TYR F 153 -36.05 52.23 10.25
C TYR F 153 -35.01 51.51 9.38
N MET F 154 -34.93 50.19 9.55
CA MET F 154 -33.97 49.32 8.86
C MET F 154 -34.72 48.36 7.92
N PRO F 155 -35.08 48.84 6.70
CA PRO F 155 -35.97 48.05 5.82
C PRO F 155 -35.38 46.77 5.21
N GLY F 156 -34.05 46.62 5.21
CA GLY F 156 -33.38 45.40 4.77
C GLY F 156 -33.64 44.14 5.61
N GLY F 157 -34.07 44.32 6.87
CA GLY F 157 -34.46 43.20 7.75
C GLY F 157 -33.28 42.57 8.46
N ASP F 158 -33.59 41.65 9.37
CA ASP F 158 -32.55 40.93 10.14
C ASP F 158 -31.80 39.87 9.31
N LEU F 159 -30.68 39.39 9.82
CA LEU F 159 -29.89 38.32 9.14
C LEU F 159 -30.46 36.89 9.27
N VAL F 160 -31.51 36.69 10.06
CA VAL F 160 -32.33 35.45 10.01
C VAL F 160 -33.08 35.40 8.67
N ASN F 161 -33.75 36.51 8.34
CA ASN F 161 -34.41 36.72 7.00
C ASN F 161 -33.51 36.40 5.80
N LEU F 162 -32.25 36.83 5.89
CA LEU F 162 -31.28 36.67 4.80
C LEU F 162 -30.84 35.22 4.61
N MET F 163 -30.50 34.55 5.70
CA MET F 163 -30.08 33.14 5.69
C MET F 163 -31.18 32.15 5.25
N SER F 164 -32.44 32.45 5.60
CA SER F 164 -33.59 31.66 5.12
C SER F 164 -33.79 31.79 3.60
N ASN F 165 -33.78 33.03 3.10
CA ASN F 165 -34.05 33.32 1.68
C ASN F 165 -32.90 32.98 0.73
N TYR F 166 -31.65 33.25 1.15
CA TYR F 166 -30.45 33.04 0.33
C TYR F 166 -29.58 31.89 0.87
N ASP F 167 -29.05 31.08 -0.05
CA ASP F 167 -27.92 30.17 0.25
C ASP F 167 -26.66 31.04 0.19
N VAL F 168 -26.07 31.29 1.36
CA VAL F 168 -25.06 32.34 1.52
C VAL F 168 -23.67 31.81 1.12
N PRO F 169 -23.03 32.39 0.07
CA PRO F 169 -21.64 32.02 -0.24
C PRO F 169 -20.62 32.65 0.72
N GLU F 170 -19.35 32.29 0.55
CA GLU F 170 -18.28 32.70 1.46
C GLU F 170 -17.89 34.17 1.33
N LYS F 171 -17.89 34.70 0.11
CA LYS F 171 -17.63 36.13 -0.16
C LYS F 171 -18.65 37.05 0.53
N TRP F 172 -19.92 36.63 0.56
CA TRP F 172 -20.97 37.29 1.34
C TRP F 172 -20.72 37.15 2.84
N ALA F 173 -20.34 35.95 3.29
CA ALA F 173 -20.02 35.70 4.71
C ALA F 173 -18.81 36.49 5.23
N LYS F 174 -17.76 36.63 4.40
CA LYS F 174 -16.61 37.53 4.68
C LYS F 174 -17.05 38.96 5.00
N PHE F 175 -17.93 39.49 4.13
CA PHE F 175 -18.48 40.84 4.25
C PHE F 175 -19.25 41.03 5.56
N TYR F 176 -20.31 40.23 5.75
CA TYR F 176 -21.20 40.37 6.93
C TYR F 176 -20.49 40.09 8.26
N THR F 177 -19.54 39.15 8.29
CA THR F 177 -18.70 38.89 9.48
C THR F 177 -17.80 40.08 9.80
N ALA F 178 -17.13 40.62 8.79
CA ALA F 178 -16.27 41.81 8.93
C ALA F 178 -17.01 43.04 9.47
N GLU F 179 -18.24 43.25 8.99
CA GLU F 179 -19.12 44.30 9.51
C GLU F 179 -19.54 44.06 10.96
N VAL F 180 -19.82 42.81 11.32
CA VAL F 180 -20.07 42.41 12.72
C VAL F 180 -18.83 42.64 13.61
N VAL F 181 -17.64 42.35 13.09
CA VAL F 181 -16.37 42.59 13.80
C VAL F 181 -16.17 44.09 14.12
N LEU F 182 -16.35 44.94 13.11
CA LEU F 182 -16.27 46.40 13.29
C LEU F 182 -17.40 46.96 14.17
N ALA F 183 -18.59 46.35 14.09
CA ALA F 183 -19.73 46.73 14.93
C ALA F 183 -19.51 46.43 16.41
N LEU F 184 -19.02 45.23 16.71
CA LEU F 184 -18.68 44.84 18.09
C LEU F 184 -17.48 45.61 18.65
N ASP F 185 -16.48 45.89 17.80
CA ASP F 185 -15.35 46.75 18.16
C ASP F 185 -15.77 48.15 18.62
N ALA F 186 -16.77 48.73 17.95
CA ALA F 186 -17.37 50.01 18.36
C ALA F 186 -18.08 49.94 19.72
N ILE F 187 -18.80 48.84 19.96
CA ILE F 187 -19.47 48.58 21.25
C ILE F 187 -18.44 48.30 22.37
N HIS F 188 -17.40 47.52 22.06
CA HIS F 188 -16.29 47.27 23.00
C HIS F 188 -15.48 48.54 23.31
N SER F 189 -15.29 49.41 22.31
CA SER F 189 -14.66 50.74 22.50
C SER F 189 -15.44 51.68 23.44
N MET F 190 -16.78 51.58 23.41
CA MET F 190 -17.66 52.32 24.33
C MET F 190 -17.68 51.82 25.80
N GLY F 191 -17.04 50.67 26.07
CA GLY F 191 -16.91 50.11 27.43
C GLY F 191 -18.00 49.12 27.80
N LEU F 192 -18.50 48.36 26.82
CA LEU F 192 -19.71 47.53 26.94
C LEU F 192 -19.47 46.15 26.34
N ILE F 193 -20.07 45.12 26.95
CA ILE F 193 -20.14 43.75 26.40
C ILE F 193 -21.59 43.53 26.00
N HIS F 194 -21.82 43.06 24.76
CA HIS F 194 -23.16 42.84 24.20
C HIS F 194 -23.96 41.71 24.88
N ARG F 195 -23.28 40.60 25.20
CA ARG F 195 -23.87 39.41 25.88
C ARG F 195 -24.92 38.57 25.10
N ASP F 196 -25.20 38.92 23.85
CA ASP F 196 -26.32 38.32 23.07
C ASP F 196 -26.20 38.71 21.59
N VAL F 197 -25.05 38.37 21.01
CA VAL F 197 -24.76 38.64 19.60
C VAL F 197 -25.38 37.48 18.82
N LYS F 198 -26.26 37.80 17.87
CA LYS F 198 -26.94 36.80 17.03
C LYS F 198 -27.58 37.45 15.78
N PRO F 199 -27.94 36.65 14.74
CA PRO F 199 -28.63 37.11 13.53
C PRO F 199 -29.91 37.93 13.74
N ASP F 200 -30.68 37.63 14.80
CA ASP F 200 -31.88 38.42 15.18
C ASP F 200 -31.56 39.88 15.52
N ASN F 201 -30.41 40.08 16.17
CA ASN F 201 -29.91 41.41 16.58
C ASN F 201 -28.99 42.12 15.55
N MET F 202 -28.87 41.56 14.34
CA MET F 202 -28.09 42.12 13.24
C MET F 202 -29.05 42.53 12.12
N LEU F 203 -29.26 43.84 11.96
CA LEU F 203 -30.21 44.40 10.97
C LEU F 203 -29.50 45.03 9.78
N LEU F 204 -30.17 44.99 8.62
CA LEU F 204 -29.66 45.55 7.36
C LEU F 204 -30.43 46.82 7.00
N ASP F 205 -29.69 47.89 6.69
CA ASP F 205 -30.29 49.21 6.33
C ASP F 205 -30.83 49.25 4.88
N LYS F 206 -31.30 50.42 4.46
CA LYS F 206 -31.72 50.70 3.05
C LYS F 206 -30.69 50.33 1.97
N HIS F 207 -29.39 50.41 2.30
CA HIS F 207 -28.29 50.04 1.38
C HIS F 207 -27.74 48.61 1.52
N GLY F 208 -28.35 47.78 2.37
CA GLY F 208 -27.85 46.44 2.69
C GLY F 208 -26.61 46.33 3.57
N HIS F 209 -26.24 47.42 4.28
CA HIS F 209 -25.16 47.40 5.27
C HIS F 209 -25.68 47.21 6.69
N LEU F 210 -24.78 46.73 7.55
CA LEU F 210 -25.12 46.23 8.89
C LEU F 210 -25.23 47.36 9.92
N LYS F 211 -26.26 47.29 10.76
CA LYS F 211 -26.26 47.92 12.10
C LYS F 211 -26.79 46.94 13.14
N LEU F 212 -26.32 47.08 14.37
CA LEU F 212 -26.79 46.28 15.50
C LEU F 212 -27.97 46.96 16.18
N ALA F 213 -28.96 46.15 16.59
CA ALA F 213 -30.10 46.57 17.41
C ALA F 213 -30.25 45.60 18.58
N ASP F 214 -31.17 45.91 19.50
CA ASP F 214 -31.43 45.14 20.72
C ASP F 214 -30.20 45.14 21.64
N PHE F 215 -30.09 46.19 22.44
CA PHE F 215 -29.01 46.36 23.44
C PHE F 215 -29.53 46.18 24.89
N GLY F 216 -30.48 45.26 25.08
CA GLY F 216 -31.07 44.99 26.40
C GLY F 216 -30.11 44.24 27.32
N THR F 217 -29.46 43.22 26.79
CA THR F 217 -28.46 42.45 27.52
C THR F 217 -27.10 43.16 27.73
N CYS F 218 -26.88 44.31 27.08
CA CYS F 218 -25.65 45.11 27.28
C CYS F 218 -25.45 45.57 28.72
N MET F 219 -24.23 45.36 29.23
CA MET F 219 -23.80 45.86 30.54
C MET F 219 -22.41 46.46 30.44
N LYS F 220 -22.19 47.54 31.19
CA LYS F 220 -20.93 48.28 31.17
C LYS F 220 -19.84 47.48 31.88
N MET F 221 -18.64 47.48 31.32
CA MET F 221 -17.52 46.70 31.85
C MET F 221 -17.00 47.27 33.17
N ASP F 222 -16.40 46.39 33.98
CA ASP F 222 -15.66 46.77 35.18
C ASP F 222 -14.37 47.52 34.71
N GLU F 223 -13.50 47.90 35.65
CA GLU F 223 -12.21 48.50 35.32
C GLU F 223 -11.22 47.53 34.62
N THR F 224 -11.25 46.25 34.99
CA THR F 224 -10.49 45.19 34.31
C THR F 224 -10.91 44.93 32.85
N GLY F 225 -12.23 44.94 32.60
CA GLY F 225 -12.84 44.55 31.31
C GLY F 225 -13.69 43.30 31.39
N MET F 226 -14.54 43.22 32.42
CA MET F 226 -15.35 42.05 32.79
C MET F 226 -16.70 42.54 33.32
N VAL F 227 -17.61 41.60 33.61
CA VAL F 227 -18.91 41.91 34.21
C VAL F 227 -19.47 40.72 34.99
N HIS F 228 -20.15 41.01 36.11
CA HIS F 228 -20.74 40.01 37.01
C HIS F 228 -22.27 40.02 36.83
N CYS F 229 -22.85 38.83 36.61
CA CYS F 229 -24.31 38.67 36.49
C CYS F 229 -24.74 37.22 36.71
N THR F 231 -28.88 33.55 36.29
CA THR F 231 -28.86 34.88 35.68
C THR F 231 -27.93 34.90 34.46
N ALA F 232 -28.37 34.19 33.42
CA ALA F 232 -27.70 34.13 32.10
C ALA F 232 -28.73 34.37 30.99
N VAL F 233 -28.33 35.13 29.96
CA VAL F 233 -29.26 35.82 29.05
C VAL F 233 -29.20 35.32 27.60
N GLY F 234 -30.29 35.55 26.88
CA GLY F 234 -30.38 35.26 25.44
C GLY F 234 -30.58 33.81 25.07
N THR F 235 -30.78 33.57 23.77
CA THR F 235 -31.00 32.22 23.22
C THR F 235 -29.74 31.34 23.31
N PRO F 236 -29.91 30.03 23.61
CA PRO F 236 -28.76 29.18 23.97
C PRO F 236 -27.82 28.74 22.82
N ASP F 237 -28.27 28.80 21.57
CA ASP F 237 -27.45 28.47 20.38
C ASP F 237 -26.15 29.29 20.24
N TYR F 238 -26.19 30.57 20.62
CA TYR F 238 -25.06 31.52 20.50
C TYR F 238 -24.30 31.83 21.80
N ILE F 239 -24.81 31.37 22.95
CA ILE F 239 -24.17 31.63 24.26
C ILE F 239 -22.88 30.82 24.43
N SER F 240 -21.86 31.45 25.05
CA SER F 240 -20.51 30.86 25.20
C SER F 240 -20.43 29.99 26.47
N PRO F 241 -19.45 29.05 26.54
CA PRO F 241 -19.37 28.13 27.70
C PRO F 241 -19.07 28.78 29.07
N GLU F 242 -18.21 29.80 29.09
CA GLU F 242 -17.94 30.58 30.33
C GLU F 242 -19.18 31.28 30.93
N VAL F 243 -20.11 31.71 30.05
CA VAL F 243 -21.42 32.24 30.48
C VAL F 243 -22.31 31.11 31.00
N LEU F 244 -22.24 29.92 30.40
CA LEU F 244 -22.93 28.68 30.88
C LEU F 244 -22.36 28.01 32.16
N LYS F 245 -22.13 28.80 33.15
CA LYS F 245 -21.79 28.42 34.59
C LYS F 245 -22.15 29.69 35.34
N GLY F 251 -19.49 34.16 39.17
CA GLY F 251 -18.82 34.10 37.88
C GLY F 251 -18.62 35.42 37.16
N PHE F 252 -17.51 35.53 36.42
CA PHE F 252 -17.17 36.71 35.61
C PHE F 252 -16.88 36.33 34.15
N TYR F 253 -16.96 37.32 33.27
CA TYR F 253 -16.61 37.17 31.84
C TYR F 253 -16.46 38.51 31.12
N GLY F 254 -15.56 38.54 30.13
CA GLY F 254 -15.20 39.75 29.38
C GLY F 254 -15.76 39.80 27.97
N ARG F 255 -15.13 40.61 27.12
CA ARG F 255 -15.51 40.82 25.72
C ARG F 255 -15.44 39.57 24.83
N GLU F 256 -14.57 38.62 25.19
CA GLU F 256 -14.43 37.30 24.52
C GLU F 256 -15.73 36.52 24.27
N CYS F 257 -16.72 36.65 25.14
CA CYS F 257 -18.04 35.98 24.99
C CYS F 257 -18.81 36.43 23.74
N ASP F 258 -18.65 37.69 23.35
CA ASP F 258 -19.18 38.19 22.06
C ASP F 258 -18.47 37.59 20.86
N TRP F 259 -17.14 37.45 20.95
CA TRP F 259 -16.33 36.86 19.86
C TRP F 259 -16.61 35.37 19.60
N TRP F 260 -16.99 34.63 20.65
CA TRP F 260 -17.54 33.27 20.51
C TRP F 260 -18.72 33.23 19.53
N SER F 261 -19.69 34.12 19.79
CA SER F 261 -20.91 34.23 18.98
C SER F 261 -20.69 34.64 17.52
N VAL F 262 -19.59 35.34 17.22
CA VAL F 262 -19.18 35.64 15.84
C VAL F 262 -18.76 34.34 15.12
N GLY F 263 -18.03 33.47 15.83
CA GLY F 263 -17.70 32.12 15.36
C GLY F 263 -18.91 31.22 15.09
N VAL F 264 -19.92 31.32 15.97
CA VAL F 264 -21.22 30.62 15.78
C VAL F 264 -21.98 31.22 14.58
N PHE F 265 -21.96 32.55 14.47
CA PHE F 265 -22.54 33.30 13.34
C PHE F 265 -21.91 32.91 11.99
N LEU F 266 -20.57 32.91 11.94
CA LEU F 266 -19.84 32.52 10.72
C LEU F 266 -20.05 31.04 10.33
N TYR F 267 -20.23 30.16 11.33
CA TYR F 267 -20.60 28.76 11.09
C TYR F 267 -21.99 28.62 10.47
N GLU F 268 -22.99 29.31 11.02
CA GLU F 268 -24.38 29.19 10.58
C GLU F 268 -24.64 29.63 9.13
N MET F 269 -23.91 30.65 8.65
CA MET F 269 -24.07 31.14 7.28
C MET F 269 -23.48 30.21 6.24
N LEU F 270 -22.28 29.69 6.51
CA LEU F 270 -21.56 28.80 5.59
C LEU F 270 -22.13 27.38 5.58
N VAL F 271 -22.37 26.82 6.77
CA VAL F 271 -22.85 25.44 6.92
C VAL F 271 -24.35 25.36 6.62
N GLY F 272 -25.12 26.18 7.34
CA GLY F 272 -26.60 26.21 7.24
C GLY F 272 -27.31 26.04 8.57
N ASP F 273 -26.75 25.18 9.44
CA ASP F 273 -27.25 24.96 10.81
C ASP F 273 -26.28 25.47 11.88
N THR F 274 -26.77 25.53 13.11
CA THR F 274 -25.98 25.90 14.30
C THR F 274 -24.98 24.76 14.63
N PRO F 275 -23.72 25.10 15.02
CA PRO F 275 -22.70 24.05 15.29
C PRO F 275 -22.97 23.12 16.47
N PHE F 276 -23.58 23.65 17.53
CA PHE F 276 -23.96 22.87 18.72
C PHE F 276 -25.48 22.68 18.79
N TYR F 277 -26.10 22.32 17.67
CA TYR F 277 -27.55 22.08 17.59
C TYR F 277 -27.94 20.77 18.26
N ALA F 278 -29.09 20.79 18.94
CA ALA F 278 -29.75 19.58 19.47
C ALA F 278 -31.27 19.73 19.41
N ASP F 279 -31.96 18.61 19.65
CA ASP F 279 -33.43 18.57 19.67
C ASP F 279 -33.96 19.29 20.91
N SER F 280 -33.46 18.88 22.08
CA SER F 280 -33.73 19.54 23.35
C SER F 280 -32.75 20.70 23.61
N LEU F 281 -33.07 21.50 24.62
CA LEU F 281 -32.18 22.57 25.10
C LEU F 281 -30.96 22.02 25.84
N VAL F 282 -31.19 21.03 26.70
CA VAL F 282 -30.11 20.32 27.45
C VAL F 282 -29.00 19.74 26.55
N GLY F 283 -29.36 19.26 25.37
CA GLY F 283 -28.40 18.81 24.35
C GLY F 283 -27.54 19.93 23.79
N THR F 284 -28.15 21.08 23.51
CA THR F 284 -27.45 22.29 23.05
C THR F 284 -26.42 22.81 24.07
N TYR F 285 -26.81 22.81 25.36
CA TYR F 285 -25.93 23.21 26.45
C TYR F 285 -24.72 22.27 26.60
N SER F 286 -24.99 20.96 26.58
CA SER F 286 -23.94 19.92 26.68
C SER F 286 -22.90 19.96 25.57
N LYS F 287 -23.35 20.18 24.33
CA LYS F 287 -22.45 20.33 23.17
C LYS F 287 -21.56 21.58 23.23
N ILE F 288 -22.09 22.69 23.77
CA ILE F 288 -21.31 23.92 23.98
C ILE F 288 -20.22 23.72 25.05
N MET F 289 -20.54 23.03 26.14
CA MET F 289 -19.55 22.67 27.17
C MET F 289 -18.47 21.70 26.65
N ASP F 290 -18.87 20.76 25.78
CA ASP F 290 -17.97 19.79 25.14
C ASP F 290 -17.60 20.23 23.70
N HIS F 291 -17.21 21.50 23.56
CA HIS F 291 -16.95 22.11 22.23
C HIS F 291 -15.68 21.62 21.52
N LYS F 292 -14.71 21.07 22.26
CA LYS F 292 -13.50 20.48 21.67
C LYS F 292 -13.81 19.21 20.87
N ASN F 293 -14.67 18.34 21.43
CA ASN F 293 -15.10 17.09 20.79
C ASN F 293 -16.29 17.27 19.84
N SER F 294 -17.31 18.02 20.28
CA SER F 294 -18.58 18.15 19.54
C SER F 294 -18.53 19.01 18.25
N LEU F 295 -17.61 19.99 18.19
CA LEU F 295 -17.45 20.82 16.99
C LEU F 295 -16.82 20.01 15.85
N CYS F 296 -17.68 19.61 14.91
CA CYS F 296 -17.28 18.94 13.66
C CYS F 296 -18.02 19.61 12.49
N PHE F 297 -17.27 19.90 11.42
CA PHE F 297 -17.82 20.48 10.20
C PHE F 297 -18.36 19.34 9.33
N PRO F 298 -19.64 19.42 8.88
CA PRO F 298 -20.17 18.44 7.91
C PRO F 298 -19.38 18.38 6.60
N GLU F 299 -19.22 17.18 6.05
CA GLU F 299 -18.42 16.94 4.85
C GLU F 299 -19.04 17.54 3.57
N ASP F 300 -20.37 17.50 3.47
CA ASP F 300 -21.12 18.21 2.40
C ASP F 300 -20.98 19.75 2.39
N ALA F 301 -20.76 20.36 3.56
CA ALA F 301 -20.76 21.82 3.72
C ALA F 301 -19.60 22.56 3.01
N GLU F 302 -19.94 23.63 2.29
CA GLU F 302 -19.00 24.35 1.41
C GLU F 302 -18.21 25.38 2.25
N ILE F 303 -17.01 24.99 2.70
CA ILE F 303 -16.19 25.80 3.61
C ILE F 303 -14.70 25.72 3.28
N SER F 304 -14.03 26.86 3.22
CA SER F 304 -12.56 26.98 3.02
C SER F 304 -11.78 26.55 4.25
N LYS F 305 -10.46 26.44 4.10
CA LYS F 305 -9.54 26.19 5.22
C LYS F 305 -9.41 27.39 6.16
N HIS F 306 -9.32 28.61 5.59
CA HIS F 306 -9.23 29.85 6.38
C HIS F 306 -10.49 30.14 7.21
N ALA F 307 -11.66 29.92 6.63
CA ALA F 307 -12.94 30.07 7.36
C ALA F 307 -13.14 29.00 8.44
N LYS F 308 -12.72 27.77 8.14
CA LYS F 308 -12.61 26.69 9.15
C LYS F 308 -11.68 27.08 10.31
N ASN F 309 -10.52 27.65 9.98
CA ASN F 309 -9.53 28.13 10.95
C ASN F 309 -10.05 29.26 11.85
N LEU F 310 -10.78 30.21 11.27
CA LEU F 310 -11.35 31.35 12.01
C LEU F 310 -12.46 30.96 12.98
N ILE F 311 -13.33 30.04 12.55
CA ILE F 311 -14.42 29.52 13.41
C ILE F 311 -13.83 28.77 14.61
N CYS F 312 -12.84 27.91 14.35
CA CYS F 312 -12.09 27.22 15.41
C CYS F 312 -11.29 28.18 16.31
N ALA F 313 -10.76 29.26 15.76
CA ALA F 313 -10.08 30.32 16.55
C ALA F 313 -11.03 31.04 17.52
N PHE F 314 -12.25 31.33 17.06
CA PHE F 314 -13.32 31.88 17.92
C PHE F 314 -13.90 30.85 18.89
N LEU F 315 -14.11 29.62 18.42
CA LEU F 315 -14.73 28.54 19.22
C LEU F 315 -13.67 27.69 19.97
N THR F 316 -13.09 28.32 20.99
CA THR F 316 -12.14 27.71 21.95
C THR F 316 -12.53 28.13 23.38
N ASP F 317 -11.75 27.69 24.36
CA ASP F 317 -11.83 28.23 25.73
C ASP F 317 -11.43 29.71 25.75
N ARG F 318 -12.05 30.47 26.65
CA ARG F 318 -11.84 31.93 26.81
C ARG F 318 -10.37 32.39 26.91
N GLU F 319 -9.56 31.61 27.63
CA GLU F 319 -8.16 31.94 27.91
C GLU F 319 -7.22 32.02 26.69
N VAL F 320 -7.55 31.26 25.63
CA VAL F 320 -6.76 31.23 24.37
C VAL F 320 -7.57 31.67 23.11
N ARG F 321 -8.68 32.41 23.31
CA ARG F 321 -9.61 32.75 22.23
C ARG F 321 -9.10 33.90 21.36
N LEU F 322 -9.59 33.97 20.12
CA LEU F 322 -9.32 35.10 19.22
C LEU F 322 -10.19 36.30 19.64
N GLY F 323 -9.55 37.44 19.87
CA GLY F 323 -10.22 38.67 20.36
C GLY F 323 -10.02 39.05 21.82
N ARG F 324 -9.11 38.37 22.52
CA ARG F 324 -8.69 38.77 23.88
C ARG F 324 -7.84 40.02 23.82
N ASN F 325 -6.76 39.93 23.03
CA ASN F 325 -5.77 41.01 22.86
C ASN F 325 -6.14 41.87 21.64
N GLY F 326 -7.26 42.58 21.77
CA GLY F 326 -7.74 43.53 20.76
C GLY F 326 -8.32 42.92 19.49
N VAL F 327 -8.90 43.81 18.68
CA VAL F 327 -9.48 43.46 17.36
C VAL F 327 -8.44 43.21 16.24
N GLU F 328 -7.20 43.72 16.41
CA GLU F 328 -6.17 43.67 15.34
C GLU F 328 -5.80 42.27 14.87
N GLU F 329 -5.73 41.31 15.79
CA GLU F 329 -5.49 39.89 15.45
C GLU F 329 -6.62 39.24 14.63
N ILE F 330 -7.87 39.67 14.85
CA ILE F 330 -9.02 39.25 14.02
C ILE F 330 -8.91 39.86 12.61
N ARG F 331 -8.59 41.15 12.54
CA ARG F 331 -8.47 41.88 11.26
C ARG F 331 -7.38 41.35 10.31
N GLN F 332 -6.25 40.91 10.87
CA GLN F 332 -5.13 40.34 10.08
C GLN F 332 -5.29 38.84 9.71
N HIS F 333 -6.41 38.20 10.09
CA HIS F 333 -6.67 36.79 9.79
C HIS F 333 -6.88 36.58 8.28
N PRO F 334 -6.25 35.54 7.66
CA PRO F 334 -6.22 35.41 6.18
C PRO F 334 -7.57 35.25 5.44
N PHE F 335 -8.56 34.61 6.08
CA PHE F 335 -9.99 34.60 5.66
C PHE F 335 -10.52 35.95 5.14
N PHE F 336 -10.25 37.01 5.89
CA PHE F 336 -10.73 38.37 5.55
C PHE F 336 -10.06 39.05 4.34
N LYS F 337 -8.98 38.49 3.80
CA LYS F 337 -8.33 39.01 2.58
C LYS F 337 -9.23 38.82 1.35
N ASN F 338 -9.34 39.89 0.55
CA ASN F 338 -10.19 39.91 -0.65
C ASN F 338 -9.79 41.07 -1.60
N ASP F 339 -10.36 41.05 -2.81
CA ASP F 339 -10.19 42.14 -3.81
C ASP F 339 -11.54 42.84 -4.08
N GLN F 340 -12.16 43.30 -3.00
CA GLN F 340 -13.50 43.94 -2.98
C GLN F 340 -13.48 45.17 -2.06
N TRP F 341 -13.19 44.93 -0.78
CA TRP F 341 -13.18 45.95 0.28
C TRP F 341 -11.94 45.84 1.18
N HIS F 342 -11.61 46.96 1.84
CA HIS F 342 -10.65 47.02 2.96
C HIS F 342 -11.40 47.42 4.24
N TRP F 343 -10.74 47.29 5.38
CA TRP F 343 -11.33 47.57 6.70
C TRP F 343 -11.75 49.03 6.91
N ASP F 344 -10.92 49.96 6.42
CA ASP F 344 -11.23 51.40 6.49
C ASP F 344 -12.38 51.88 5.59
N ASN F 345 -12.76 51.10 4.55
CA ASN F 345 -13.81 51.48 3.59
C ASN F 345 -14.92 50.43 3.30
N ILE F 346 -15.03 49.37 4.13
CA ILE F 346 -16.03 48.29 3.92
C ILE F 346 -17.49 48.76 3.82
N ARG F 347 -17.85 49.72 4.64
CA ARG F 347 -19.24 50.25 4.74
C ARG F 347 -19.62 51.18 3.54
N GLU F 348 -18.63 51.66 2.80
CA GLU F 348 -18.82 52.49 1.62
C GLU F 348 -18.80 51.68 0.29
N THR F 349 -18.33 50.42 0.33
CA THR F 349 -18.43 49.50 -0.82
C THR F 349 -19.86 48.97 -0.99
N ALA F 350 -20.11 48.35 -2.15
CA ALA F 350 -21.42 47.78 -2.47
C ALA F 350 -21.70 46.53 -1.63
N ALA F 351 -22.88 46.49 -1.00
CA ALA F 351 -23.30 45.34 -0.20
C ALA F 351 -23.68 44.16 -1.09
N PRO F 352 -23.64 42.90 -0.55
CA PRO F 352 -24.05 41.71 -1.32
C PRO F 352 -25.51 41.69 -1.77
N VAL F 353 -26.42 41.99 -0.84
CA VAL F 353 -27.87 42.05 -1.07
C VAL F 353 -28.34 43.46 -0.75
N VAL F 354 -28.60 44.24 -1.81
CA VAL F 354 -29.22 45.56 -1.70
C VAL F 354 -30.73 45.32 -1.75
N PRO F 355 -31.49 45.83 -0.75
CA PRO F 355 -32.94 45.58 -0.74
C PRO F 355 -33.70 46.38 -1.81
N GLU F 356 -34.62 45.70 -2.51
CA GLU F 356 -35.47 46.28 -3.55
C GLU F 356 -36.82 46.65 -2.92
N LEU F 357 -36.92 47.89 -2.43
CA LEU F 357 -38.02 48.36 -1.60
C LEU F 357 -38.99 49.21 -2.43
N SER F 358 -40.29 48.89 -2.36
CA SER F 358 -41.33 49.58 -3.13
C SER F 358 -41.81 50.94 -2.58
N SER F 359 -41.55 51.22 -1.29
CA SER F 359 -42.01 52.44 -0.62
C SER F 359 -41.29 52.67 0.71
N ASP F 360 -41.48 53.86 1.28
CA ASP F 360 -40.92 54.20 2.60
C ASP F 360 -41.46 53.37 3.80
N ILE F 361 -42.64 52.75 3.63
CA ILE F 361 -43.21 51.80 4.61
C ILE F 361 -43.22 50.32 4.14
N ASP F 362 -42.26 49.94 3.30
CA ASP F 362 -42.10 48.55 2.84
C ASP F 362 -41.47 47.73 3.97
N SER F 363 -42.21 46.72 4.46
CA SER F 363 -41.72 45.75 5.45
C SER F 363 -41.81 44.31 4.92
N SER F 364 -41.39 44.11 3.66
CA SER F 364 -41.39 42.78 3.02
C SER F 364 -40.32 41.84 3.58
N ASN F 365 -39.21 42.41 4.09
CA ASN F 365 -38.14 41.65 4.79
C ASN F 365 -38.42 41.35 6.28
N PHE F 366 -39.63 41.68 6.78
CA PHE F 366 -40.11 41.28 8.09
C PHE F 366 -41.34 40.39 7.95
N ASP F 367 -41.39 39.31 8.72
CA ASP F 367 -42.56 38.41 8.77
C ASP F 367 -43.71 39.07 9.52
N ASP F 368 -44.92 38.61 9.23
CA ASP F 368 -46.14 39.08 9.90
C ASP F 368 -46.18 38.58 11.34
N ILE F 369 -46.33 39.52 12.29
CA ILE F 369 -46.27 39.24 13.72
C ILE F 369 -47.68 38.92 14.23
N GLU F 370 -47.82 37.80 14.95
CA GLU F 370 -49.11 37.37 15.52
C GLU F 370 -49.44 38.18 16.77
N ASP F 371 -50.74 38.36 17.03
CA ASP F 371 -51.21 39.14 18.20
C ASP F 371 -51.04 38.35 19.50
N VAL F 376 -53.35 42.81 28.24
CA VAL F 376 -52.55 44.02 28.41
C VAL F 376 -52.94 44.71 29.74
N GLU F 377 -52.65 43.99 30.84
CA GLU F 377 -53.00 44.43 32.19
C GLU F 377 -52.16 45.63 32.67
N THR F 378 -52.84 46.60 33.29
CA THR F 378 -52.25 47.86 33.79
C THR F 378 -51.99 47.78 35.30
N PHE F 379 -51.39 48.84 35.85
CA PHE F 379 -51.21 49.00 37.30
C PHE F 379 -52.58 49.16 38.01
N PRO F 380 -52.73 48.62 39.24
CA PRO F 380 -53.95 48.90 40.02
C PRO F 380 -53.94 50.31 40.61
N ILE F 381 -55.12 50.87 40.82
CA ILE F 381 -55.28 52.21 41.42
C ILE F 381 -54.93 52.06 42.92
N PRO F 382 -53.75 52.56 43.35
CA PRO F 382 -53.22 52.20 44.67
C PRO F 382 -53.87 52.98 45.82
N LYS F 383 -53.81 52.39 47.02
CA LYS F 383 -54.38 52.97 48.24
C LYS F 383 -53.49 54.09 48.77
N ALA F 384 -52.21 53.79 48.94
CA ALA F 384 -51.17 54.74 49.37
C ALA F 384 -50.19 55.03 48.21
N PHE F 385 -49.15 55.84 48.48
CA PHE F 385 -48.07 56.10 47.51
C PHE F 385 -47.22 54.84 47.26
N VAL F 386 -47.17 54.41 46.00
CA VAL F 386 -46.36 53.26 45.55
C VAL F 386 -45.12 53.66 44.73
N GLY F 387 -45.28 54.64 43.83
CA GLY F 387 -44.16 55.22 43.07
C GLY F 387 -43.75 54.40 41.85
N ASN F 388 -44.74 53.94 41.08
CA ASN F 388 -44.49 53.11 39.88
C ASN F 388 -43.81 53.83 38.71
N GLN F 389 -43.96 55.16 38.63
CA GLN F 389 -43.29 55.99 37.63
C GLN F 389 -41.85 56.43 37.99
N LEU F 390 -41.42 56.22 39.23
CA LEU F 390 -40.09 56.68 39.72
C LEU F 390 -38.86 56.04 39.04
N PRO F 391 -38.93 54.73 38.69
CA PRO F 391 -37.82 54.12 37.91
C PRO F 391 -37.61 54.65 36.47
N PHE F 392 -38.62 55.31 35.90
CA PHE F 392 -38.59 55.84 34.52
C PHE F 392 -38.31 57.35 34.40
N ILE F 393 -37.97 58.01 35.52
CA ILE F 393 -37.58 59.44 35.52
C ILE F 393 -36.17 59.55 34.90
N GLY F 394 -36.04 60.42 33.91
CA GLY F 394 -34.80 60.60 33.14
C GLY F 394 -34.76 59.95 31.76
N PHE F 395 -35.78 59.17 31.42
CA PHE F 395 -35.82 58.43 30.14
C PHE F 395 -36.04 59.30 28.91
N THR F 396 -36.82 60.37 29.03
CA THR F 396 -37.15 61.25 27.90
C THR F 396 -35.89 61.93 27.33
N TYR F 397 -35.79 61.92 25.99
CA TYR F 397 -34.64 62.45 25.25
C TYR F 397 -35.11 63.03 23.91
N TYR F 398 -34.58 64.21 23.57
CA TYR F 398 -34.91 64.94 22.34
C TYR F 398 -33.59 65.34 21.66
N ARG F 399 -33.37 64.84 20.44
CA ARG F 399 -32.16 65.17 19.67
C ARG F 399 -32.29 66.57 19.06
N SER G 7 49.98 12.81 -34.47
CA SER G 7 51.11 13.34 -33.64
C SER G 7 50.70 13.44 -32.10
N ARG G 8 50.46 12.22 -31.63
CA ARG G 8 50.12 11.95 -30.22
C ARG G 8 51.32 12.07 -29.28
N GLN G 9 52.51 11.68 -29.75
CA GLN G 9 53.76 11.75 -28.96
C GLN G 9 54.21 13.18 -28.63
N ARG G 10 53.97 14.13 -29.53
CA ARG G 10 54.20 15.57 -29.26
C ARG G 10 53.26 16.13 -28.18
N LYS G 11 52.00 15.70 -28.21
CA LYS G 11 51.01 16.03 -27.15
C LYS G 11 51.36 15.42 -25.79
N LEU G 12 51.87 14.20 -25.79
CA LEU G 12 52.31 13.50 -24.57
C LEU G 12 53.54 14.14 -23.94
N GLU G 13 54.55 14.45 -24.77
CA GLU G 13 55.75 15.17 -24.31
C GLU G 13 55.50 16.61 -23.85
N ALA G 14 54.45 17.25 -24.41
CA ALA G 14 54.01 18.59 -23.97
C ALA G 14 53.44 18.58 -22.54
N LEU G 15 52.66 17.55 -22.20
CA LEU G 15 52.13 17.35 -20.84
C LEU G 15 53.21 17.12 -19.77
N ILE G 16 54.22 16.32 -20.12
CA ILE G 16 55.32 15.98 -19.17
C ILE G 16 56.28 17.17 -18.94
N ARG G 17 56.53 17.97 -19.98
CA ARG G 17 57.33 19.20 -19.86
C ARG G 17 56.64 20.32 -19.04
N ASP G 18 55.31 20.37 -19.05
CA ASP G 18 54.53 21.40 -18.35
C ASP G 18 54.65 21.27 -16.80
N PRO G 19 55.16 22.33 -16.10
CA PRO G 19 55.26 22.24 -14.63
C PRO G 19 53.93 22.29 -13.85
N ARG G 20 52.87 22.86 -14.43
CA ARG G 20 51.52 22.80 -13.83
C ARG G 20 50.86 21.42 -13.91
N SER G 21 51.29 20.58 -14.86
CA SER G 21 50.67 19.27 -15.13
C SER G 21 50.92 18.25 -14.00
N PRO G 22 49.90 17.40 -13.67
CA PRO G 22 50.11 16.36 -12.66
C PRO G 22 51.03 15.18 -13.06
N ILE G 23 51.34 15.02 -14.34
CA ILE G 23 52.28 13.97 -14.83
C ILE G 23 53.63 14.52 -15.33
N ASN G 24 54.15 15.56 -14.67
CA ASN G 24 55.53 16.03 -14.90
C ASN G 24 56.57 15.05 -14.33
N VAL G 25 57.85 15.29 -14.65
CA VAL G 25 58.95 14.40 -14.24
C VAL G 25 59.11 14.29 -12.71
N GLU G 26 58.93 15.40 -11.99
CA GLU G 26 59.02 15.43 -10.52
C GLU G 26 57.85 14.70 -9.84
N SER G 27 56.63 14.92 -10.35
CA SER G 27 55.42 14.19 -9.93
C SER G 27 55.48 12.67 -10.20
N LEU G 28 56.04 12.30 -11.36
CA LEU G 28 56.25 10.89 -11.71
C LEU G 28 57.28 10.20 -10.80
N LEU G 29 58.35 10.92 -10.44
CA LEU G 29 59.32 10.46 -9.43
C LEU G 29 58.72 10.32 -8.02
N ASP G 30 57.82 11.23 -7.65
CA ASP G 30 57.06 11.13 -6.38
C ASP G 30 56.18 9.88 -6.32
N GLY G 31 55.51 9.57 -7.44
CA GLY G 31 54.74 8.34 -7.60
C GLY G 31 55.53 7.05 -7.36
N LEU G 32 56.77 7.02 -7.85
CA LEU G 32 57.68 5.88 -7.64
C LEU G 32 58.16 5.78 -6.20
N ASN G 33 58.61 6.92 -5.64
CA ASN G 33 59.03 7.01 -4.22
C ASN G 33 57.90 6.67 -3.23
N SER G 34 56.70 7.19 -3.49
CA SER G 34 55.50 6.89 -2.70
C SER G 34 55.12 5.42 -2.75
N LEU G 35 55.18 4.83 -3.96
CA LEU G 35 54.91 3.40 -4.16
C LEU G 35 55.87 2.50 -3.38
N VAL G 36 57.17 2.82 -3.44
CA VAL G 36 58.20 2.09 -2.68
C VAL G 36 58.06 2.29 -1.16
N LEU G 37 57.75 3.52 -0.71
CA LEU G 37 57.53 3.82 0.71
C LEU G 37 56.30 3.10 1.30
N ASP G 38 55.19 3.08 0.54
CA ASP G 38 53.98 2.35 0.94
C ASP G 38 54.13 0.82 0.92
N LEU G 39 54.97 0.30 0.00
CA LEU G 39 55.16 -1.16 -0.18
C LEU G 39 56.27 -1.76 0.68
N ASP G 40 57.38 -1.05 0.86
CA ASP G 40 58.57 -1.58 1.57
C ASP G 40 58.33 -1.70 3.09
N PHE G 41 57.70 -2.81 3.46
CA PHE G 41 57.55 -3.26 4.85
C PHE G 41 57.73 -4.79 4.90
N PRO G 42 58.11 -5.36 6.08
CA PRO G 42 58.33 -6.83 6.17
C PRO G 42 57.10 -7.71 5.85
N ALA G 43 55.92 -7.26 6.25
CA ALA G 43 54.66 -7.98 6.00
C ALA G 43 54.27 -8.00 4.53
N LEU G 44 54.31 -6.84 3.88
CA LEU G 44 53.95 -6.70 2.45
C LEU G 44 54.91 -7.42 1.48
N ARG G 45 56.18 -7.54 1.86
CA ARG G 45 57.18 -8.34 1.12
C ARG G 45 56.93 -9.87 1.09
N LYS G 46 56.02 -10.39 1.92
CA LYS G 46 55.51 -11.77 1.80
C LYS G 46 54.76 -12.04 0.47
N ASN G 47 54.17 -10.99 -0.11
CA ASN G 47 53.68 -11.00 -1.50
C ASN G 47 54.88 -11.08 -2.45
N LYS G 48 54.82 -11.99 -3.43
CA LYS G 48 55.90 -12.22 -4.40
C LYS G 48 56.09 -11.04 -5.37
N ASN G 49 54.97 -10.50 -5.87
CA ASN G 49 54.98 -9.33 -6.78
C ASN G 49 55.59 -8.07 -6.15
N ILE G 50 55.26 -7.82 -4.88
CA ILE G 50 55.79 -6.67 -4.13
C ILE G 50 57.30 -6.82 -3.84
N ASP G 51 57.73 -8.02 -3.48
CA ASP G 51 59.14 -8.30 -3.15
C ASP G 51 60.07 -8.14 -4.36
N ASN G 52 59.68 -8.74 -5.48
CA ASN G 52 60.46 -8.66 -6.74
C ASN G 52 60.49 -7.25 -7.36
N PHE G 53 59.41 -6.48 -7.20
CA PHE G 53 59.37 -5.06 -7.60
C PHE G 53 60.37 -4.21 -6.81
N LEU G 54 60.33 -4.34 -5.48
CA LEU G 54 61.23 -3.58 -4.58
C LEU G 54 62.72 -3.93 -4.77
N ASN G 55 63.02 -5.20 -5.05
CA ASN G 55 64.41 -5.64 -5.34
C ASN G 55 64.97 -5.08 -6.66
N ARG G 56 64.12 -4.96 -7.68
CA ARG G 56 64.47 -4.27 -8.94
C ARG G 56 64.79 -2.79 -8.75
N TYR G 57 63.91 -2.10 -8.03
CA TYR G 57 64.03 -0.66 -7.71
C TYR G 57 64.63 -0.36 -6.31
N GLU G 58 65.51 -1.23 -5.80
CA GLU G 58 66.20 -1.01 -4.52
C GLU G 58 67.31 0.03 -4.68
N LYS G 59 68.22 -0.25 -5.61
CA LYS G 59 69.44 0.56 -5.82
C LYS G 59 69.17 1.94 -6.43
N ILE G 60 68.29 2.00 -7.43
CA ILE G 60 67.97 3.26 -8.13
C ILE G 60 67.20 4.26 -7.24
N VAL G 61 66.29 3.76 -6.38
CA VAL G 61 65.55 4.60 -5.42
C VAL G 61 66.46 5.18 -4.33
N LYS G 62 67.42 4.38 -3.84
CA LYS G 62 68.46 4.89 -2.93
C LYS G 62 69.37 5.95 -3.60
N LYS G 63 69.63 5.77 -4.90
CA LYS G 63 70.38 6.75 -5.71
C LYS G 63 69.59 8.07 -5.92
N ILE G 64 68.31 7.97 -6.30
CA ILE G 64 67.45 9.16 -6.51
C ILE G 64 67.20 9.94 -5.21
N ARG G 65 67.02 9.23 -4.10
CA ARG G 65 66.92 9.87 -2.76
C ARG G 65 68.16 10.66 -2.36
N GLY G 66 69.35 10.18 -2.75
CA GLY G 66 70.60 10.91 -2.60
C GLY G 66 70.70 12.17 -3.44
N LEU G 67 70.34 12.05 -4.73
CA LEU G 67 70.41 13.16 -5.69
C LEU G 67 69.36 14.25 -5.46
N GLN G 68 68.12 13.84 -5.17
CA GLN G 68 67.00 14.78 -4.94
C GLN G 68 67.17 15.60 -3.65
N MET G 69 66.44 16.71 -3.59
CA MET G 69 66.48 17.63 -2.46
C MET G 69 65.86 17.01 -1.21
N LYS G 70 66.41 17.38 -0.05
CA LYS G 70 66.04 16.78 1.24
C LYS G 70 66.41 17.69 2.41
N ALA G 71 65.83 17.39 3.57
CA ALA G 71 66.04 18.16 4.81
C ALA G 71 67.50 18.24 5.27
N GLU G 72 68.27 17.16 5.02
CA GLU G 72 69.71 17.11 5.33
C GLU G 72 70.57 18.13 4.54
N ASP G 73 70.09 18.59 3.38
CA ASP G 73 70.75 19.67 2.63
C ASP G 73 70.72 21.05 3.32
N TYR G 74 69.74 21.27 4.20
CA TYR G 74 69.55 22.54 4.92
C TYR G 74 69.95 22.44 6.41
N ASP G 75 70.75 23.40 6.89
CA ASP G 75 71.00 23.57 8.34
C ASP G 75 69.87 24.40 8.94
N VAL G 76 69.28 23.90 10.04
CA VAL G 76 68.21 24.60 10.75
C VAL G 76 68.85 25.62 11.72
N VAL G 77 68.66 26.90 11.43
CA VAL G 77 69.19 28.00 12.25
C VAL G 77 68.30 28.20 13.47
N LYS G 78 67.02 28.46 13.22
CA LYS G 78 66.03 28.75 14.27
C LYS G 78 64.59 28.49 13.81
N VAL G 79 63.73 28.10 14.74
CA VAL G 79 62.28 27.99 14.50
C VAL G 79 61.69 29.39 14.67
N ILE G 80 61.10 29.91 13.60
CA ILE G 80 60.55 31.29 13.54
C ILE G 80 59.01 31.39 13.56
N GLY G 81 58.30 30.29 13.31
CA GLY G 81 56.84 30.22 13.45
C GLY G 81 56.35 28.82 13.76
N ARG G 82 55.10 28.75 14.22
CA ARG G 82 54.43 27.48 14.57
C ARG G 82 53.00 27.50 14.03
N GLY G 83 52.52 26.33 13.61
CA GLY G 83 51.15 26.14 13.11
C GLY G 83 50.54 24.82 13.55
N ALA G 84 49.40 24.48 12.94
CA ALA G 84 48.61 23.31 13.32
C ALA G 84 49.32 21.99 13.03
N PHE G 85 49.76 21.83 11.79
CA PHE G 85 50.43 20.60 11.30
C PHE G 85 51.97 20.69 11.20
N GLY G 86 52.60 21.74 11.74
CA GLY G 86 54.07 21.84 11.71
C GLY G 86 54.64 23.17 12.18
N GLU G 87 55.76 23.57 11.57
CA GLU G 87 56.51 24.78 11.92
C GLU G 87 57.19 25.42 10.71
N VAL G 88 57.63 26.67 10.89
CA VAL G 88 58.41 27.42 9.90
C VAL G 88 59.80 27.59 10.49
N GLN G 89 60.81 27.10 9.78
CA GLN G 89 62.22 27.14 10.17
C GLN G 89 62.96 28.15 9.32
N LEU G 90 63.76 29.02 9.97
CA LEU G 90 64.80 29.79 9.30
C LEU G 90 65.95 28.81 9.02
N VAL G 91 66.30 28.65 7.75
CA VAL G 91 67.30 27.66 7.30
C VAL G 91 68.34 28.26 6.36
N ARG G 92 69.50 27.59 6.27
CA ARG G 92 70.57 27.89 5.30
C ARG G 92 70.87 26.62 4.50
N HIS G 93 70.93 26.74 3.18
CA HIS G 93 71.31 25.64 2.29
C HIS G 93 72.82 25.41 2.42
N LYS G 94 73.23 24.17 2.71
CA LYS G 94 74.65 23.83 2.96
C LYS G 94 75.62 24.08 1.80
N ALA G 95 75.19 23.78 0.57
CA ALA G 95 76.01 24.01 -0.63
C ALA G 95 76.15 25.50 -0.96
N SER G 96 75.01 26.15 -1.25
CA SER G 96 74.97 27.56 -1.71
C SER G 96 75.13 28.63 -0.62
N GLN G 97 74.92 28.27 0.65
CA GLN G 97 74.95 29.20 1.80
C GLN G 97 73.86 30.31 1.77
N LYS G 98 72.76 30.06 1.04
CA LYS G 98 71.65 31.01 0.87
C LYS G 98 70.59 30.75 1.94
N VAL G 99 70.10 31.82 2.56
CA VAL G 99 69.13 31.74 3.65
C VAL G 99 67.71 31.66 3.08
N TYR G 100 66.89 30.78 3.65
CA TYR G 100 65.47 30.60 3.28
C TYR G 100 64.59 30.42 4.52
N ALA G 101 63.28 30.59 4.33
CA ALA G 101 62.26 30.21 5.30
C ALA G 101 61.61 28.93 4.80
N MET G 102 61.70 27.85 5.59
CA MET G 102 61.20 26.51 5.21
C MET G 102 60.02 26.10 6.10
N LYS G 103 58.84 25.95 5.49
CA LYS G 103 57.64 25.51 6.19
C LYS G 103 57.56 23.99 6.16
N LEU G 104 57.40 23.37 7.33
CA LEU G 104 57.19 21.92 7.48
C LEU G 104 55.69 21.63 7.70
N LEU G 105 55.22 20.50 7.16
CA LEU G 105 53.86 20.00 7.36
C LEU G 105 53.88 18.48 7.57
N SER G 106 53.47 18.03 8.77
CA SER G 106 53.47 16.62 9.16
C SER G 106 52.41 15.82 8.38
N LYS G 107 52.84 14.75 7.71
CA LYS G 107 51.93 13.88 6.95
C LYS G 107 50.97 13.09 7.84
N PHE G 108 51.46 12.63 9.00
CA PHE G 108 50.62 11.94 10.01
C PHE G 108 49.46 12.81 10.51
N GLU G 109 49.77 14.06 10.88
CA GLU G 109 48.78 15.01 11.39
C GLU G 109 47.72 15.43 10.37
N MET G 110 48.15 15.63 9.11
CA MET G 110 47.23 15.92 8.00
C MET G 110 46.27 14.77 7.68
N ILE G 111 46.78 13.53 7.69
CA ILE G 111 45.97 12.31 7.50
C ILE G 111 45.02 12.08 8.68
N LYS G 112 45.53 12.21 9.91
CA LYS G 112 44.75 11.98 11.15
C LYS G 112 43.57 12.94 11.29
N ARG G 113 43.83 14.24 11.12
CA ARG G 113 42.81 15.30 11.25
C ARG G 113 42.00 15.59 9.96
N SER G 114 42.16 14.76 8.90
CA SER G 114 41.29 14.75 7.70
C SER G 114 41.33 16.06 6.89
N ASP G 115 42.55 16.54 6.66
CA ASP G 115 42.81 17.81 5.99
C ASP G 115 44.15 17.73 5.26
N SER G 116 44.11 17.16 4.05
CA SER G 116 45.30 16.93 3.19
C SER G 116 45.12 17.39 1.72
N ALA G 117 44.24 18.38 1.49
CA ALA G 117 44.11 19.10 0.20
C ALA G 117 44.51 20.58 0.21
N PHE G 118 44.58 21.20 1.40
CA PHE G 118 44.87 22.65 1.57
C PHE G 118 46.21 23.13 0.97
N PHE G 119 47.24 22.27 1.07
CA PHE G 119 48.60 22.60 0.61
C PHE G 119 48.81 22.75 -0.91
N TRP G 120 47.89 22.23 -1.72
CA TRP G 120 47.99 22.30 -3.19
C TRP G 120 47.89 23.74 -3.72
N GLU G 121 46.84 24.44 -3.31
CA GLU G 121 46.68 25.86 -3.62
C GLU G 121 47.78 26.74 -2.98
N GLU G 122 48.18 26.41 -1.76
CA GLU G 122 49.29 27.09 -1.08
C GLU G 122 50.62 26.96 -1.82
N ARG G 123 50.92 25.75 -2.31
CA ARG G 123 52.10 25.51 -3.15
C ARG G 123 52.02 26.26 -4.48
N ASP G 124 50.87 26.16 -5.15
CA ASP G 124 50.64 26.79 -6.46
C ASP G 124 50.64 28.33 -6.43
N ILE G 125 50.03 28.93 -5.40
CA ILE G 125 50.01 30.39 -5.21
C ILE G 125 51.45 30.93 -5.07
N MET G 126 52.22 30.34 -4.16
CA MET G 126 53.60 30.76 -3.92
C MET G 126 54.57 30.44 -5.08
N ALA G 127 54.40 29.28 -5.71
CA ALA G 127 55.24 28.87 -6.86
C ALA G 127 55.00 29.67 -8.14
N PHE G 128 53.73 29.91 -8.47
CA PHE G 128 53.32 30.35 -9.82
C PHE G 128 52.62 31.72 -9.96
N ALA G 129 52.45 32.47 -8.87
CA ALA G 129 51.81 33.81 -8.93
C ALA G 129 52.64 34.83 -9.72
N ASN G 130 53.97 34.80 -9.55
CA ASN G 130 54.92 35.73 -10.19
C ASN G 130 54.58 37.20 -9.86
N SER G 131 54.24 37.43 -8.59
CA SER G 131 53.72 38.69 -8.08
C SER G 131 54.60 39.17 -6.93
N PRO G 132 54.89 40.49 -6.85
CA PRO G 132 55.65 41.00 -5.71
C PRO G 132 54.89 41.06 -4.36
N TRP G 133 53.57 40.83 -4.36
CA TRP G 133 52.74 40.76 -3.13
C TRP G 133 52.62 39.37 -2.48
N VAL G 134 53.21 38.33 -3.10
CA VAL G 134 53.12 36.94 -2.63
C VAL G 134 54.54 36.45 -2.33
N VAL G 135 54.68 35.69 -1.25
CA VAL G 135 55.96 35.07 -0.87
C VAL G 135 56.27 33.97 -1.89
N GLN G 136 57.43 34.05 -2.52
CA GLN G 136 57.82 33.14 -3.60
C GLN G 136 58.33 31.81 -3.04
N LEU G 137 57.93 30.71 -3.68
CA LEU G 137 58.36 29.35 -3.35
C LEU G 137 59.39 28.95 -4.38
N PHE G 138 60.62 28.68 -3.92
CA PHE G 138 61.71 28.25 -4.79
C PHE G 138 61.68 26.74 -4.99
N TYR G 139 61.61 26.01 -3.88
CA TYR G 139 61.60 24.54 -3.88
C TYR G 139 60.48 24.00 -2.99
N ALA G 140 59.81 22.95 -3.46
CA ALA G 140 58.95 22.09 -2.64
C ALA G 140 59.47 20.67 -2.76
N PHE G 141 59.51 19.95 -1.63
CA PHE G 141 59.95 18.56 -1.59
C PHE G 141 59.36 17.82 -0.38
N GLN G 142 59.63 16.51 -0.30
CA GLN G 142 59.06 15.66 0.75
C GLN G 142 59.95 14.47 1.12
N ASP G 143 59.68 13.91 2.31
CA ASP G 143 60.18 12.60 2.74
C ASP G 143 58.99 11.78 3.30
N ASP G 144 59.27 10.61 3.88
CA ASP G 144 58.24 9.79 4.56
C ASP G 144 57.42 10.50 5.66
N ARG G 145 58.05 11.42 6.38
CA ARG G 145 57.42 12.13 7.53
C ARG G 145 56.73 13.45 7.17
N TYR G 146 57.43 14.33 6.44
CA TYR G 146 56.99 15.73 6.21
C TYR G 146 56.95 16.16 4.73
N LEU G 147 56.12 17.18 4.46
CA LEU G 147 56.22 18.03 3.28
C LEU G 147 57.05 19.27 3.64
N TYR G 148 57.80 19.81 2.67
CA TYR G 148 58.65 20.99 2.84
C TYR G 148 58.36 22.03 1.77
N MET G 149 58.36 23.31 2.17
CA MET G 149 58.16 24.44 1.25
C MET G 149 59.23 25.50 1.52
N VAL G 150 60.26 25.53 0.68
CA VAL G 150 61.38 26.46 0.80
C VAL G 150 60.97 27.78 0.14
N MET G 151 60.93 28.85 0.93
CA MET G 151 60.43 30.17 0.53
C MET G 151 61.50 31.24 0.75
N GLU G 152 61.29 32.41 0.15
CA GLU G 152 62.14 33.58 0.39
C GLU G 152 61.92 34.08 1.81
N TYR G 153 63.02 34.29 2.55
CA TYR G 153 62.95 34.74 3.95
C TYR G 153 62.51 36.20 4.01
N MET G 154 61.62 36.51 4.95
CA MET G 154 61.04 37.84 5.14
C MET G 154 61.50 38.40 6.50
N PRO G 155 62.72 38.98 6.56
CA PRO G 155 63.32 39.37 7.84
C PRO G 155 62.66 40.55 8.60
N GLY G 156 61.85 41.35 7.90
CA GLY G 156 61.05 42.41 8.53
C GLY G 156 59.99 41.98 9.53
N GLY G 157 59.54 40.72 9.44
CA GLY G 157 58.60 40.13 10.39
C GLY G 157 57.15 40.44 10.06
N ASP G 158 56.24 39.83 10.81
CA ASP G 158 54.79 40.04 10.63
C ASP G 158 54.31 41.40 11.15
N LEU G 159 53.10 41.80 10.76
CA LEU G 159 52.51 43.07 11.23
C LEU G 159 51.95 43.06 12.67
N VAL G 160 51.92 41.89 13.34
CA VAL G 160 51.70 41.81 14.80
C VAL G 160 52.92 42.43 15.50
N ASN G 161 54.13 41.98 15.11
CA ASN G 161 55.41 42.56 15.57
C ASN G 161 55.49 44.09 15.48
N LEU G 162 54.98 44.63 14.36
CA LEU G 162 55.05 46.08 14.08
C LEU G 162 54.13 46.89 14.98
N MET G 163 52.88 46.43 15.11
CA MET G 163 51.87 47.09 15.97
C MET G 163 52.19 47.06 17.47
N SER G 164 52.83 46.00 17.95
CA SER G 164 53.33 45.93 19.34
C SER G 164 54.45 46.94 19.60
N ASN G 165 55.44 46.97 18.72
CA ASN G 165 56.65 47.81 18.88
C ASN G 165 56.41 49.31 18.61
N TYR G 166 55.63 49.62 17.57
CA TYR G 166 55.34 51.00 17.15
C TYR G 166 53.90 51.42 17.44
N ASP G 167 53.72 52.66 17.92
CA ASP G 167 52.43 53.34 17.92
C ASP G 167 52.24 53.87 16.49
N VAL G 168 51.33 53.26 15.74
CA VAL G 168 51.26 53.42 14.28
C VAL G 168 50.45 54.69 13.94
N PRO G 169 51.08 55.70 13.28
CA PRO G 169 50.30 56.85 12.79
C PRO G 169 49.49 56.53 11.52
N GLU G 170 48.69 57.51 11.08
CA GLU G 170 47.74 57.30 9.97
C GLU G 170 48.42 57.20 8.60
N LYS G 171 49.47 58.01 8.39
CA LYS G 171 50.29 57.94 7.15
C LYS G 171 50.94 56.58 6.93
N TRP G 172 51.38 55.95 8.01
CA TRP G 172 51.85 54.55 8.00
C TRP G 172 50.71 53.58 7.71
N ALA G 173 49.56 53.79 8.35
CA ALA G 173 48.35 52.96 8.13
C ALA G 173 47.81 53.03 6.70
N LYS G 174 47.81 54.23 6.10
CA LYS G 174 47.49 54.43 4.66
C LYS G 174 48.34 53.54 3.74
N PHE G 175 49.64 53.54 4.00
CA PHE G 175 50.63 52.75 3.26
C PHE G 175 50.36 51.24 3.36
N TYR G 176 50.38 50.71 4.58
CA TYR G 176 50.21 49.27 4.82
C TYR G 176 48.84 48.72 4.40
N THR G 177 47.78 49.52 4.55
CA THR G 177 46.44 49.16 4.06
C THR G 177 46.39 49.10 2.54
N ALA G 178 46.94 50.11 1.87
CA ALA G 178 47.04 50.17 0.41
C ALA G 178 47.79 48.98 -0.19
N GLU G 179 48.89 48.58 0.45
CA GLU G 179 49.63 47.37 0.07
C GLU G 179 48.84 46.08 0.26
N VAL G 180 48.08 46.00 1.37
CA VAL G 180 47.12 44.89 1.59
C VAL G 180 46.01 44.86 0.51
N VAL G 181 45.51 46.04 0.12
CA VAL G 181 44.50 46.16 -0.96
C VAL G 181 45.02 45.61 -2.29
N LEU G 182 46.21 46.05 -2.69
CA LEU G 182 46.88 45.53 -3.90
C LEU G 182 47.27 44.06 -3.81
N ALA G 183 47.64 43.60 -2.62
CA ALA G 183 47.96 42.19 -2.37
C ALA G 183 46.75 41.27 -2.52
N LEU G 184 45.62 41.67 -1.91
CA LEU G 184 44.36 40.91 -2.05
C LEU G 184 43.78 40.97 -3.46
N ASP G 185 43.91 42.12 -4.14
CA ASP G 185 43.54 42.27 -5.56
C ASP G 185 44.27 41.27 -6.48
N ALA G 186 45.56 41.06 -6.21
CA ALA G 186 46.36 40.04 -6.92
C ALA G 186 45.87 38.61 -6.68
N ILE G 187 45.50 38.31 -5.43
CA ILE G 187 44.92 37.00 -5.05
C ILE G 187 43.51 36.82 -5.64
N HIS G 188 42.69 37.87 -5.59
CA HIS G 188 41.36 37.88 -6.22
C HIS G 188 41.42 37.74 -7.76
N SER G 189 42.42 38.37 -8.38
CA SER G 189 42.72 38.23 -9.83
C SER G 189 43.10 36.80 -10.25
N MET G 190 43.80 36.08 -9.37
CA MET G 190 44.12 34.65 -9.57
C MET G 190 42.94 33.66 -9.42
N GLY G 191 41.79 34.13 -8.95
CA GLY G 191 40.56 33.33 -8.82
C GLY G 191 40.37 32.69 -7.46
N LEU G 192 40.84 33.36 -6.41
CA LEU G 192 40.96 32.80 -5.05
C LEU G 192 40.42 33.77 -4.01
N ILE G 193 39.80 33.24 -2.95
CA ILE G 193 39.43 34.01 -1.74
C ILE G 193 40.37 33.55 -0.63
N HIS G 194 41.00 34.49 0.07
CA HIS G 194 41.97 34.20 1.14
C HIS G 194 41.35 33.52 2.39
N ARG G 195 40.17 34.00 2.81
CA ARG G 195 39.41 33.45 3.97
C ARG G 195 40.00 33.67 5.40
N ASP G 196 41.13 34.37 5.51
CA ASP G 196 41.89 34.47 6.77
C ASP G 196 42.98 35.57 6.66
N VAL G 197 42.51 36.79 6.33
CA VAL G 197 43.37 37.95 6.18
C VAL G 197 43.56 38.51 7.59
N LYS G 198 44.81 38.64 8.02
CA LYS G 198 45.16 39.15 9.35
C LYS G 198 46.64 39.56 9.43
N PRO G 199 47.03 40.37 10.45
CA PRO G 199 48.43 40.77 10.71
C PRO G 199 49.47 39.64 10.79
N ASP G 200 49.07 38.47 11.31
CA ASP G 200 49.93 37.26 11.35
C ASP G 200 50.34 36.78 9.95
N ASN G 201 49.41 36.89 8.99
CA ASN G 201 49.62 36.50 7.59
C ASN G 201 50.14 37.62 6.65
N MET G 202 50.51 38.77 7.21
CA MET G 202 51.08 39.92 6.50
C MET G 202 52.52 40.09 6.94
N LEU G 203 53.47 39.74 6.07
CA LEU G 203 54.92 39.78 6.37
C LEU G 203 55.62 40.92 5.65
N LEU G 204 56.68 41.44 6.27
CA LEU G 204 57.49 42.54 5.75
C LEU G 204 58.85 42.01 5.27
N ASP G 205 59.23 42.37 4.04
CA ASP G 205 60.50 41.93 3.42
C ASP G 205 61.73 42.70 3.96
N LYS G 206 62.92 42.42 3.39
CA LYS G 206 64.17 43.19 3.66
C LYS G 206 64.07 44.71 3.52
N HIS G 207 63.20 45.20 2.62
CA HIS G 207 62.96 46.64 2.41
C HIS G 207 61.76 47.25 3.18
N GLY G 208 61.11 46.47 4.05
CA GLY G 208 59.90 46.90 4.74
C GLY G 208 58.60 46.97 3.93
N HIS G 209 58.56 46.34 2.75
CA HIS G 209 57.34 46.22 1.94
C HIS G 209 56.63 44.88 2.17
N LEU G 210 55.33 44.88 1.87
CA LEU G 210 54.42 43.80 2.22
C LEU G 210 54.46 42.63 1.24
N LYS G 211 54.48 41.40 1.77
CA LYS G 211 54.00 40.21 1.05
C LYS G 211 53.11 39.39 1.97
N LEU G 212 52.16 38.66 1.37
CA LEU G 212 51.26 37.75 2.10
C LEU G 212 51.88 36.36 2.15
N ALA G 213 51.73 35.71 3.32
CA ALA G 213 52.07 34.30 3.53
C ALA G 213 50.89 33.59 4.19
N ASP G 214 51.01 32.27 4.33
CA ASP G 214 49.96 31.40 4.89
C ASP G 214 48.70 31.40 3.99
N PHE G 215 48.74 30.55 2.97
CA PHE G 215 47.63 30.37 2.02
C PHE G 215 46.90 29.02 2.23
N GLY G 216 46.80 28.58 3.48
CA GLY G 216 46.15 27.30 3.83
C GLY G 216 44.64 27.37 3.67
N THR G 217 44.05 28.45 4.19
CA THR G 217 42.60 28.69 4.06
C THR G 217 42.13 29.12 2.66
N CYS G 218 43.04 29.42 1.72
CA CYS G 218 42.70 29.77 0.33
C CYS G 218 41.95 28.64 -0.39
N MET G 219 40.84 29.01 -1.04
CA MET G 219 40.06 28.11 -1.90
C MET G 219 39.70 28.84 -3.19
N LYS G 220 39.71 28.10 -4.30
CA LYS G 220 39.44 28.64 -5.63
C LYS G 220 37.95 28.94 -5.77
N MET G 221 37.64 30.09 -6.38
CA MET G 221 36.25 30.55 -6.50
C MET G 221 35.47 29.70 -7.50
N ASP G 222 34.14 29.68 -7.33
CA ASP G 222 33.21 29.16 -8.33
C ASP G 222 33.24 30.06 -9.58
N GLU G 223 32.43 29.77 -10.58
CA GLU G 223 32.33 30.64 -11.78
C GLU G 223 31.68 32.02 -11.48
N THR G 224 30.72 32.06 -10.56
CA THR G 224 30.13 33.32 -10.06
C THR G 224 31.11 34.23 -9.29
N GLY G 225 31.95 33.62 -8.45
CA GLY G 225 32.85 34.32 -7.52
C GLY G 225 32.54 34.10 -6.05
N MET G 226 32.31 32.84 -5.70
CA MET G 226 31.89 32.41 -4.33
C MET G 226 32.56 31.08 -4.00
N VAL G 227 32.35 30.58 -2.79
CA VAL G 227 32.87 29.27 -2.38
C VAL G 227 32.04 28.67 -1.23
N HIS G 228 31.90 27.33 -1.25
CA HIS G 228 31.14 26.57 -0.25
C HIS G 228 32.11 25.83 0.70
N CYS G 229 31.92 26.01 2.01
CA CYS G 229 32.69 25.27 3.03
C CYS G 229 31.99 25.31 4.39
N THR G 235 41.39 32.69 13.09
CA THR G 235 41.10 33.34 14.36
C THR G 235 39.84 34.24 14.27
N PRO G 236 39.02 34.29 15.34
CA PRO G 236 37.70 34.92 15.27
C PRO G 236 37.67 36.46 15.23
N ASP G 237 38.74 37.14 15.65
CA ASP G 237 38.82 38.62 15.64
C ASP G 237 38.61 39.27 14.24
N TYR G 238 39.11 38.59 13.19
CA TYR G 238 39.08 39.08 11.81
C TYR G 238 38.03 38.43 10.88
N ILE G 239 37.34 37.38 11.34
CA ILE G 239 36.32 36.67 10.55
C ILE G 239 35.05 37.53 10.39
N SER G 240 34.45 37.48 9.20
CA SER G 240 33.27 38.29 8.83
C SER G 240 31.96 37.61 9.25
N PRO G 241 30.84 38.38 9.41
CA PRO G 241 29.57 37.79 9.88
C PRO G 241 28.92 36.75 8.98
N GLU G 242 28.99 36.94 7.65
CA GLU G 242 28.50 35.93 6.68
C GLU G 242 29.21 34.56 6.76
N VAL G 243 30.50 34.58 7.12
CA VAL G 243 31.26 33.34 7.41
C VAL G 243 30.82 32.73 8.75
N LEU G 244 30.51 33.56 9.74
CA LEU G 244 29.93 33.13 11.03
C LEU G 244 28.44 32.65 11.01
N LYS G 245 27.81 32.51 9.82
CA LYS G 245 26.53 31.81 9.66
C LYS G 245 26.62 30.59 8.71
N SER G 246 27.41 30.70 7.64
CA SER G 246 27.69 29.60 6.71
C SER G 246 28.34 28.36 7.34
N GLN G 247 29.14 28.56 8.39
CA GLN G 247 29.72 27.44 9.16
C GLN G 247 28.69 26.52 9.85
N GLY G 248 27.52 27.06 10.20
CA GLY G 248 26.42 26.27 10.79
C GLY G 248 25.79 25.23 9.86
N PHE G 252 27.11 30.15 1.31
CA PHE G 252 28.14 30.66 0.42
C PHE G 252 28.70 32.02 0.84
N TYR G 253 29.85 32.38 0.26
CA TYR G 253 30.45 33.71 0.43
C TYR G 253 31.56 33.98 -0.60
N GLY G 254 31.70 35.26 -0.98
CA GLY G 254 32.64 35.71 -2.01
C GLY G 254 33.84 36.46 -1.49
N ARG G 255 34.46 37.25 -2.36
CA ARG G 255 35.66 38.05 -2.06
C ARG G 255 35.47 39.12 -0.98
N GLU G 256 34.23 39.60 -0.81
CA GLU G 256 33.84 40.56 0.25
C GLU G 256 34.29 40.23 1.69
N CYS G 257 34.39 38.93 2.03
CA CYS G 257 34.83 38.49 3.36
C CYS G 257 36.30 38.86 3.68
N ASP G 258 37.15 38.91 2.65
CA ASP G 258 38.52 39.44 2.78
C ASP G 258 38.52 40.95 3.03
N TRP G 259 37.66 41.69 2.34
CA TRP G 259 37.56 43.15 2.51
C TRP G 259 37.04 43.60 3.87
N TRP G 260 36.21 42.79 4.52
CA TRP G 260 35.84 42.96 5.95
C TRP G 260 37.08 43.03 6.82
N SER G 261 37.95 42.03 6.68
CA SER G 261 39.20 41.91 7.45
C SER G 261 40.21 43.05 7.24
N VAL G 262 40.17 43.71 6.09
CA VAL G 262 40.95 44.94 5.83
C VAL G 262 40.44 46.10 6.72
N GLY G 263 39.12 46.21 6.85
CA GLY G 263 38.48 47.13 7.80
C GLY G 263 38.83 46.88 9.26
N VAL G 264 38.91 45.61 9.64
CA VAL G 264 39.34 45.19 11.00
C VAL G 264 40.85 45.51 11.18
N PHE G 265 41.64 45.24 10.14
CA PHE G 265 43.08 45.56 10.09
C PHE G 265 43.35 47.06 10.23
N LEU G 266 42.64 47.88 9.46
CA LEU G 266 42.76 49.34 9.54
C LEU G 266 42.31 49.93 10.89
N TYR G 267 41.31 49.31 11.51
CA TYR G 267 40.88 49.67 12.86
C TYR G 267 41.96 49.39 13.91
N GLU G 268 42.56 48.18 13.86
CA GLU G 268 43.55 47.75 14.87
C GLU G 268 44.83 48.60 14.91
N MET G 269 45.27 49.11 13.76
CA MET G 269 46.49 49.93 13.66
C MET G 269 46.30 51.33 14.26
N LEU G 270 45.17 51.95 13.90
CA LEU G 270 44.85 53.32 14.32
C LEU G 270 44.39 53.39 15.78
N VAL G 271 43.49 52.50 16.16
CA VAL G 271 42.90 52.49 17.51
C VAL G 271 43.88 51.86 18.51
N GLY G 272 44.31 50.64 18.21
CA GLY G 272 45.22 49.86 19.07
C GLY G 272 44.71 48.47 19.42
N ASP G 273 43.39 48.36 19.62
CA ASP G 273 42.70 47.08 19.87
C ASP G 273 41.77 46.69 18.72
N THR G 274 41.32 45.44 18.75
CA THR G 274 40.35 44.88 17.78
C THR G 274 38.96 45.51 18.03
N PRO G 275 38.19 45.84 16.96
CA PRO G 275 36.88 46.52 17.15
C PRO G 275 35.79 45.69 17.84
N PHE G 276 35.78 44.38 17.59
CA PHE G 276 34.84 43.45 18.22
C PHE G 276 35.54 42.56 19.27
N TYR G 277 36.39 43.17 20.11
CA TYR G 277 37.14 42.44 21.15
C TYR G 277 36.23 42.06 22.32
N ALA G 278 36.47 40.87 22.87
CA ALA G 278 35.86 40.41 24.12
C ALA G 278 36.83 39.53 24.90
N ASP G 279 36.48 39.26 26.16
CA ASP G 279 37.26 38.40 27.05
C ASP G 279 37.18 36.93 26.60
N SER G 280 35.95 36.45 26.44
CA SER G 280 35.66 35.13 25.87
C SER G 280 35.58 35.19 24.34
N LEU G 281 35.55 34.01 23.73
CA LEU G 281 35.32 33.86 22.28
C LEU G 281 33.88 34.16 21.89
N VAL G 282 32.92 33.66 22.67
CA VAL G 282 31.47 33.89 22.49
C VAL G 282 31.09 35.38 22.43
N GLY G 283 31.78 36.22 23.22
CA GLY G 283 31.63 37.67 23.17
C GLY G 283 32.09 38.31 21.86
N THR G 284 33.24 37.83 21.35
CA THR G 284 33.79 38.27 20.06
C THR G 284 32.86 37.93 18.88
N TYR G 285 32.28 36.71 18.90
CA TYR G 285 31.32 36.27 17.88
C TYR G 285 30.04 37.12 17.89
N SER G 286 29.49 37.35 19.09
CA SER G 286 28.27 38.17 19.28
C SER G 286 28.40 39.62 18.80
N LYS G 287 29.54 40.25 19.09
CA LYS G 287 29.84 41.61 18.63
C LYS G 287 29.99 41.73 17.10
N ILE G 288 30.55 40.71 16.45
CA ILE G 288 30.65 40.65 14.98
C ILE G 288 29.28 40.52 14.32
N MET G 289 28.39 39.70 14.89
CA MET G 289 27.00 39.58 14.42
C MET G 289 26.19 40.87 14.63
N ASP G 290 26.44 41.57 15.75
CA ASP G 290 25.80 42.85 16.09
C ASP G 290 26.74 44.04 15.76
N HIS G 291 27.30 44.03 14.54
CA HIS G 291 28.31 45.02 14.11
C HIS G 291 27.77 46.45 13.88
N LYS G 292 26.47 46.59 13.62
CA LYS G 292 25.82 47.90 13.46
C LYS G 292 25.81 48.68 14.79
N ASN G 293 25.46 47.99 15.87
CA ASN G 293 25.41 48.59 17.22
C ASN G 293 26.77 48.57 17.95
N SER G 294 27.48 47.44 17.89
CA SER G 294 28.73 47.23 18.66
C SER G 294 29.96 48.01 18.17
N LEU G 295 30.02 48.31 16.86
CA LEU G 295 31.13 49.11 16.29
C LEU G 295 31.05 50.57 16.75
N CYS G 296 31.89 50.91 17.74
CA CYS G 296 32.05 52.28 18.23
C CYS G 296 33.54 52.61 18.31
N PHE G 297 33.92 53.78 17.79
CA PHE G 297 35.30 54.27 17.85
C PHE G 297 35.51 54.98 19.20
N PRO G 298 36.56 54.59 19.97
CA PRO G 298 36.88 55.31 21.23
C PRO G 298 37.12 56.81 21.04
N GLU G 299 36.63 57.60 22.00
CA GLU G 299 36.69 59.06 21.92
C GLU G 299 38.11 59.62 22.07
N ASP G 300 38.92 58.99 22.92
CA ASP G 300 40.38 59.28 23.04
C ASP G 300 41.22 59.03 21.77
N ALA G 301 40.79 58.06 20.93
CA ALA G 301 41.58 57.60 19.77
C ALA G 301 41.75 58.62 18.64
N GLU G 302 42.99 58.79 18.18
CA GLU G 302 43.35 59.78 17.14
C GLU G 302 43.08 59.19 15.75
N ILE G 303 41.90 59.51 15.19
CA ILE G 303 41.44 58.97 13.89
C ILE G 303 40.73 60.04 13.06
N SER G 304 41.06 60.10 11.77
CA SER G 304 40.43 61.05 10.80
C SER G 304 38.98 60.65 10.47
N LYS G 305 38.28 61.56 9.79
CA LYS G 305 36.93 61.29 9.26
C LYS G 305 36.96 60.30 8.09
N HIS G 306 37.93 60.46 7.18
CA HIS G 306 38.09 59.55 6.02
C HIS G 306 38.43 58.11 6.41
N ALA G 307 39.32 57.94 7.39
CA ALA G 307 39.66 56.60 7.91
C ALA G 307 38.51 55.95 8.69
N LYS G 308 37.78 56.77 9.45
CA LYS G 308 36.49 56.35 10.07
C LYS G 308 35.48 55.89 9.01
N ASN G 309 35.36 56.65 7.92
CA ASN G 309 34.46 56.35 6.79
C ASN G 309 34.82 55.04 6.07
N LEU G 310 36.12 54.81 5.84
CA LEU G 310 36.60 53.59 5.17
C LEU G 310 36.41 52.31 5.98
N ILE G 311 36.65 52.39 7.30
CA ILE G 311 36.44 51.26 8.21
C ILE G 311 34.94 50.89 8.25
N CYS G 312 34.08 51.89 8.37
CA CYS G 312 32.62 51.70 8.29
C CYS G 312 32.15 51.19 6.93
N ALA G 313 32.79 51.63 5.85
CA ALA G 313 32.51 51.12 4.49
C ALA G 313 32.84 49.63 4.32
N PHE G 314 33.96 49.20 4.89
CA PHE G 314 34.32 47.77 4.95
C PHE G 314 33.48 46.97 5.95
N LEU G 315 33.21 47.55 7.13
CA LEU G 315 32.46 46.88 8.21
C LEU G 315 30.94 47.14 8.13
N THR G 316 30.33 46.52 7.12
CA THR G 316 28.87 46.50 6.89
C THR G 316 28.45 45.07 6.54
N ASP G 317 27.14 44.88 6.27
CA ASP G 317 26.63 43.64 5.66
C ASP G 317 27.22 43.45 4.25
N ARG G 318 27.44 42.17 3.88
CA ARG G 318 28.03 41.78 2.58
C ARG G 318 27.42 42.43 1.33
N GLU G 319 26.09 42.55 1.32
CA GLU G 319 25.33 43.03 0.14
C GLU G 319 25.61 44.50 -0.26
N VAL G 320 26.01 45.34 0.70
CA VAL G 320 26.32 46.77 0.47
C VAL G 320 27.79 47.15 0.85
N ARG G 321 28.68 46.16 0.89
CA ARG G 321 30.07 46.37 1.36
C ARG G 321 30.96 47.02 0.29
N LEU G 322 32.04 47.67 0.73
CA LEU G 322 33.07 48.20 -0.17
C LEU G 322 33.95 47.03 -0.66
N GLY G 323 34.09 46.92 -1.98
CA GLY G 323 34.83 45.82 -2.64
C GLY G 323 34.01 44.72 -3.30
N ARG G 324 32.69 44.92 -3.44
CA ARG G 324 31.83 44.00 -4.24
C ARG G 324 32.13 44.22 -5.73
N ASN G 325 32.00 45.47 -6.16
CA ASN G 325 32.16 45.87 -7.57
C ASN G 325 33.60 46.32 -7.83
N GLY G 326 34.52 45.36 -7.74
CA GLY G 326 35.93 45.58 -8.00
C GLY G 326 36.71 46.38 -6.96
N VAL G 327 38.02 46.43 -7.17
CA VAL G 327 38.96 47.20 -6.34
C VAL G 327 38.93 48.73 -6.58
N GLU G 328 38.43 49.18 -7.73
CA GLU G 328 38.48 50.59 -8.15
C GLU G 328 37.81 51.59 -7.19
N GLU G 329 36.66 51.18 -6.63
CA GLU G 329 35.96 51.98 -5.60
C GLU G 329 36.74 52.14 -4.28
N ILE G 330 37.53 51.13 -3.91
CA ILE G 330 38.45 51.20 -2.75
C ILE G 330 39.60 52.17 -3.07
N ARG G 331 40.19 52.06 -4.25
CA ARG G 331 41.32 52.90 -4.67
C ARG G 331 41.02 54.40 -4.77
N GLN G 332 39.81 54.76 -5.18
CA GLN G 332 39.36 56.16 -5.27
C GLN G 332 38.85 56.78 -3.93
N HIS G 333 38.88 56.02 -2.83
CA HIS G 333 38.41 56.49 -1.51
C HIS G 333 39.35 57.59 -0.97
N PRO G 334 38.80 58.72 -0.44
CA PRO G 334 39.64 59.90 -0.10
C PRO G 334 40.76 59.73 0.95
N PHE G 335 40.55 58.85 1.93
CA PHE G 335 41.61 58.35 2.86
C PHE G 335 42.97 58.06 2.22
N PHE G 336 42.95 57.34 1.09
CA PHE G 336 44.18 56.95 0.38
C PHE G 336 44.94 58.06 -0.36
N LYS G 337 44.37 59.27 -0.47
CA LYS G 337 45.06 60.42 -1.05
C LYS G 337 46.24 60.89 -0.19
N ASN G 338 47.38 61.13 -0.83
CA ASN G 338 48.63 61.55 -0.17
C ASN G 338 49.62 62.17 -1.16
N ASP G 339 50.70 62.76 -0.62
CA ASP G 339 51.82 63.31 -1.42
C ASP G 339 53.13 62.54 -1.12
N GLN G 340 53.04 61.21 -1.28
CA GLN G 340 54.13 60.25 -1.00
C GLN G 340 54.21 59.19 -2.12
N TRP G 341 53.12 58.47 -2.32
CA TRP G 341 53.01 57.37 -3.30
C TRP G 341 51.71 57.42 -4.11
N HIS G 342 51.75 56.79 -5.29
CA HIS G 342 50.55 56.47 -6.10
C HIS G 342 50.38 54.94 -6.15
N TRP G 343 49.23 54.51 -6.64
CA TRP G 343 48.88 53.07 -6.71
C TRP G 343 49.77 52.24 -7.64
N ASP G 344 50.13 52.82 -8.78
CA ASP G 344 51.05 52.18 -9.74
C ASP G 344 52.52 52.05 -9.28
N ASN G 345 52.95 52.85 -8.28
CA ASN G 345 54.35 52.87 -7.79
C ASN G 345 54.56 52.75 -6.25
N ILE G 346 53.52 52.35 -5.50
CA ILE G 346 53.62 52.27 -4.01
C ILE G 346 54.74 51.35 -3.49
N ARG G 347 54.95 50.22 -4.15
CA ARG G 347 55.96 49.23 -3.74
C ARG G 347 57.43 49.64 -4.03
N GLU G 348 57.60 50.64 -4.92
CA GLU G 348 58.92 51.22 -5.25
C GLU G 348 59.28 52.47 -4.42
N THR G 349 58.30 53.07 -3.72
CA THR G 349 58.57 54.16 -2.75
C THR G 349 59.17 53.63 -1.46
N ALA G 350 59.67 54.54 -0.62
CA ALA G 350 60.28 54.19 0.67
C ALA G 350 59.22 53.74 1.67
N ALA G 351 59.46 52.59 2.30
CA ALA G 351 58.56 52.05 3.33
C ALA G 351 58.68 52.86 4.63
N PRO G 352 57.63 52.83 5.51
CA PRO G 352 57.69 53.52 6.81
C PRO G 352 58.78 53.01 7.77
N VAL G 353 58.85 51.69 7.93
CA VAL G 353 59.83 51.01 8.78
C VAL G 353 60.66 50.08 7.90
N VAL G 354 61.89 50.52 7.60
CA VAL G 354 62.88 49.67 6.92
C VAL G 354 63.64 48.92 8.02
N PRO G 355 63.71 47.57 7.95
CA PRO G 355 64.38 46.82 9.02
C PRO G 355 65.91 46.96 9.01
N GLU G 356 66.49 47.20 10.20
CA GLU G 356 67.93 47.32 10.40
C GLU G 356 68.46 45.95 10.87
N LEU G 357 68.90 45.15 9.90
CA LEU G 357 69.22 43.73 10.12
C LEU G 357 70.74 43.54 10.19
N SER G 358 71.22 42.85 11.24
CA SER G 358 72.66 42.65 11.48
C SER G 358 73.35 41.55 10.64
N SER G 359 72.57 40.63 10.07
CA SER G 359 73.08 39.48 9.30
C SER G 359 71.98 38.84 8.45
N ASP G 360 72.40 37.96 7.55
CA ASP G 360 71.46 37.18 6.72
C ASP G 360 70.55 36.20 7.48
N ILE G 361 70.93 35.81 8.71
CA ILE G 361 70.11 35.01 9.63
C ILE G 361 69.57 35.78 10.86
N ASP G 362 69.35 37.09 10.71
CA ASP G 362 68.77 37.93 11.77
C ASP G 362 67.27 37.67 11.81
N SER G 363 66.79 37.17 12.96
CA SER G 363 65.36 36.98 13.24
C SER G 363 64.95 37.72 14.52
N SER G 364 65.41 38.98 14.64
CA SER G 364 65.04 39.85 15.77
C SER G 364 63.58 40.32 15.73
N ASN G 365 63.01 40.40 14.52
CA ASN G 365 61.58 40.70 14.32
C ASN G 365 60.61 39.49 14.47
N PHE G 366 61.13 38.32 14.87
CA PHE G 366 60.34 37.15 15.24
C PHE G 366 60.58 36.79 16.71
N ASP G 367 59.50 36.49 17.43
CA ASP G 367 59.59 36.04 18.82
C ASP G 367 60.12 34.62 18.91
N ASP G 368 60.68 34.27 20.07
CA ASP G 368 61.18 32.92 20.34
C ASP G 368 60.01 31.95 20.49
N ILE G 369 60.04 30.87 19.72
CA ILE G 369 58.94 29.89 19.64
C ILE G 369 59.20 28.78 20.68
N GLU G 370 58.19 28.49 21.50
CA GLU G 370 58.26 27.43 22.52
C GLU G 370 58.12 26.04 21.88
N ASP G 371 58.76 25.05 22.50
CA ASP G 371 58.73 23.66 21.99
C ASP G 371 57.38 22.99 22.26
N VAL G 376 55.82 13.70 18.67
CA VAL G 376 55.99 13.64 17.21
C VAL G 376 55.74 12.20 16.71
N GLU G 377 54.50 11.76 16.90
CA GLU G 377 54.07 10.39 16.56
C GLU G 377 54.00 10.15 15.05
N THR G 378 54.51 8.99 14.62
CA THR G 378 54.62 8.59 13.20
C THR G 378 53.49 7.62 12.82
N PHE G 379 53.43 7.25 11.54
CA PHE G 379 52.53 6.19 11.06
C PHE G 379 52.92 4.82 11.64
N PRO G 380 51.92 3.94 11.94
CA PRO G 380 52.25 2.56 12.33
C PRO G 380 52.69 1.72 11.13
N ILE G 381 53.53 0.71 11.37
CA ILE G 381 53.99 -0.23 10.33
C ILE G 381 52.79 -1.13 9.98
N PRO G 382 52.17 -0.91 8.79
CA PRO G 382 50.86 -1.53 8.53
C PRO G 382 50.94 -3.00 8.11
N LYS G 383 49.83 -3.71 8.32
CA LYS G 383 49.71 -5.14 8.01
C LYS G 383 49.55 -5.36 6.50
N ALA G 384 48.57 -4.66 5.93
CA ALA G 384 48.28 -4.65 4.48
C ALA G 384 48.65 -3.28 3.87
N PHE G 385 48.38 -3.12 2.56
CA PHE G 385 48.55 -1.83 1.87
C PHE G 385 47.53 -0.78 2.36
N VAL G 386 48.03 0.34 2.88
CA VAL G 386 47.21 1.48 3.36
C VAL G 386 47.28 2.70 2.43
N GLY G 387 48.48 3.02 1.93
CA GLY G 387 48.68 4.08 0.94
C GLY G 387 48.74 5.48 1.54
N ASN G 388 49.49 5.64 2.64
CA ASN G 388 49.63 6.93 3.33
C ASN G 388 50.38 8.03 2.56
N GLN G 389 51.27 7.61 1.64
CA GLN G 389 52.00 8.54 0.75
C GLN G 389 51.25 8.97 -0.52
N LEU G 390 50.13 8.32 -0.84
CA LEU G 390 49.37 8.58 -2.09
C LEU G 390 48.76 9.99 -2.23
N PRO G 391 48.26 10.60 -1.12
CA PRO G 391 47.80 12.00 -1.19
C PRO G 391 48.86 13.07 -1.48
N PHE G 392 50.15 12.74 -1.27
CA PHE G 392 51.28 13.67 -1.46
C PHE G 392 52.06 13.50 -2.77
N ILE G 393 51.57 12.65 -3.70
CA ILE G 393 52.16 12.48 -5.03
C ILE G 393 51.84 13.72 -5.86
N GLY G 394 52.88 14.32 -6.45
CA GLY G 394 52.79 15.56 -7.21
C GLY G 394 53.24 16.83 -6.49
N PHE G 395 53.56 16.72 -5.20
CA PHE G 395 53.94 17.89 -4.39
C PHE G 395 55.32 18.47 -4.72
N THR G 396 56.29 17.62 -5.09
CA THR G 396 57.66 18.04 -5.38
C THR G 396 57.70 19.02 -6.57
N TYR G 397 58.48 20.10 -6.40
CA TYR G 397 58.62 21.18 -7.38
C TYR G 397 60.04 21.77 -7.30
N TYR G 398 60.62 22.01 -8.48
CA TYR G 398 61.97 22.54 -8.64
C TYR G 398 61.91 23.70 -9.63
N ARG G 399 62.26 24.91 -9.18
CA ARG G 399 62.26 26.11 -10.04
C ARG G 399 63.50 26.10 -10.94
N ALA H 6 -6.25 -25.14 92.35
CA ALA H 6 -6.97 -26.44 92.07
C ALA H 6 -7.42 -26.64 90.61
N SER H 7 -7.82 -25.55 89.95
CA SER H 7 -8.18 -25.59 88.51
C SER H 7 -7.06 -25.99 87.56
N ARG H 8 -5.80 -25.64 87.86
CA ARG H 8 -4.63 -26.06 87.08
C ARG H 8 -4.26 -27.54 87.27
N GLN H 9 -4.45 -28.04 88.51
CA GLN H 9 -4.15 -29.44 88.84
C GLN H 9 -5.06 -30.47 88.15
N ARG H 10 -6.33 -30.11 87.93
CA ARG H 10 -7.27 -30.92 87.12
C ARG H 10 -6.86 -31.00 85.64
N LYS H 11 -6.39 -29.87 85.09
CA LYS H 11 -5.82 -29.82 83.73
C LYS H 11 -4.53 -30.63 83.59
N LEU H 12 -3.68 -30.60 84.61
CA LEU H 12 -2.43 -31.38 84.63
C LEU H 12 -2.67 -32.88 84.72
N GLU H 13 -3.57 -33.29 85.61
CA GLU H 13 -3.98 -34.72 85.74
C GLU H 13 -4.73 -35.25 84.52
N ALA H 14 -5.44 -34.37 83.79
CA ALA H 14 -6.08 -34.72 82.51
C ALA H 14 -5.08 -35.09 81.40
N LEU H 15 -3.98 -34.33 81.32
CA LEU H 15 -2.88 -34.61 80.38
C LEU H 15 -2.17 -35.95 80.64
N ILE H 16 -1.93 -36.27 81.92
CA ILE H 16 -1.22 -37.51 82.30
C ILE H 16 -2.10 -38.75 82.11
N ARG H 17 -3.41 -38.64 82.36
CA ARG H 17 -4.37 -39.74 82.10
C ARG H 17 -4.58 -40.04 80.60
N ASP H 18 -4.43 -39.03 79.73
CA ASP H 18 -4.64 -39.16 78.28
C ASP H 18 -3.57 -40.07 77.62
N PRO H 19 -3.97 -41.20 76.97
CA PRO H 19 -2.98 -42.06 76.31
C PRO H 19 -2.33 -41.50 75.03
N ARG H 20 -2.98 -40.56 74.34
CA ARG H 20 -2.36 -39.85 73.20
C ARG H 20 -1.27 -38.83 73.63
N SER H 21 -1.31 -38.37 74.88
CA SER H 21 -0.41 -37.32 75.37
C SER H 21 1.05 -37.79 75.52
N PRO H 22 2.03 -36.92 75.19
CA PRO H 22 3.45 -37.29 75.39
C PRO H 22 3.94 -37.39 76.85
N ILE H 23 3.19 -36.85 77.82
CA ILE H 23 3.53 -36.94 79.25
C ILE H 23 2.59 -37.88 80.06
N ASN H 24 2.18 -38.99 79.45
CA ASN H 24 1.46 -40.07 80.18
C ASN H 24 2.42 -40.85 81.10
N VAL H 25 1.86 -41.72 81.93
CA VAL H 25 2.63 -42.49 82.93
C VAL H 25 3.68 -43.43 82.28
N GLU H 26 3.32 -44.06 81.16
CA GLU H 26 4.24 -44.97 80.44
C GLU H 26 5.39 -44.20 79.77
N SER H 27 5.07 -43.06 79.14
CA SER H 27 6.07 -42.15 78.56
C SER H 27 7.02 -41.53 79.60
N LEU H 28 6.48 -41.18 80.77
CA LEU H 28 7.28 -40.68 81.90
C LEU H 28 8.25 -41.73 82.47
N LEU H 29 7.78 -42.98 82.55
CA LEU H 29 8.65 -44.13 82.91
C LEU H 29 9.74 -44.42 81.86
N ASP H 30 9.43 -44.24 80.58
CA ASP H 30 10.43 -44.34 79.50
C ASP H 30 11.53 -43.29 79.62
N GLY H 31 11.13 -42.05 79.95
CA GLY H 31 12.06 -40.96 80.25
C GLY H 31 13.06 -41.24 81.36
N LEU H 32 12.60 -41.90 82.42
CA LEU H 32 13.46 -42.32 83.53
C LEU H 32 14.40 -43.45 83.15
N ASN H 33 13.86 -44.50 82.50
CA ASN H 33 14.64 -45.63 81.98
C ASN H 33 15.71 -45.20 80.95
N SER H 34 15.31 -44.33 80.02
CA SER H 34 16.22 -43.77 79.01
C SER H 34 17.33 -42.93 79.63
N LEU H 35 16.98 -42.11 80.62
CA LEU H 35 17.96 -41.29 81.37
C LEU H 35 19.00 -42.14 82.09
N VAL H 36 18.55 -43.20 82.77
CA VAL H 36 19.45 -44.14 83.45
C VAL H 36 20.31 -44.96 82.46
N LEU H 37 19.72 -45.40 81.35
CA LEU H 37 20.46 -46.12 80.28
C LEU H 37 21.55 -45.26 79.61
N ASP H 38 21.22 -44.01 79.30
CA ASP H 38 22.19 -43.04 78.74
C ASP H 38 23.30 -42.63 79.71
N LEU H 39 22.98 -42.56 81.01
CA LEU H 39 23.91 -42.10 82.05
C LEU H 39 24.79 -43.20 82.67
N ASP H 40 24.22 -44.40 82.88
CA ASP H 40 24.92 -45.49 83.58
C ASP H 40 26.04 -46.11 82.73
N PHE H 41 27.19 -45.45 82.77
CA PHE H 41 28.46 -45.95 82.21
C PHE H 41 29.61 -45.57 83.17
N PRO H 42 30.74 -46.31 83.14
CA PRO H 42 31.86 -46.01 84.08
C PRO H 42 32.48 -44.61 83.97
N ALA H 43 32.58 -44.10 82.74
CA ALA H 43 33.12 -42.75 82.48
C ALA H 43 32.22 -41.62 82.99
N LEU H 44 30.92 -41.71 82.68
CA LEU H 44 29.94 -40.68 83.09
C LEU H 44 29.70 -40.61 84.61
N ARG H 45 29.85 -41.75 85.30
CA ARG H 45 29.82 -41.79 86.78
C ARG H 45 30.98 -41.06 87.52
N LYS H 46 32.04 -40.66 86.80
CA LYS H 46 33.05 -39.72 87.34
C LYS H 46 32.48 -38.32 87.68
N ASN H 47 31.39 -37.92 87.00
CA ASN H 47 30.56 -36.78 87.40
C ASN H 47 29.82 -37.14 88.71
N LYS H 48 29.86 -36.22 89.68
CA LYS H 48 29.25 -36.43 91.01
C LYS H 48 27.72 -36.44 90.96
N ASN H 49 27.13 -35.51 90.18
CA ASN H 49 25.67 -35.42 89.98
C ASN H 49 25.06 -36.67 89.33
N ILE H 50 25.76 -37.22 88.33
CA ILE H 50 25.32 -38.44 87.62
C ILE H 50 25.42 -39.67 88.53
N ASP H 51 26.50 -39.79 89.30
CA ASP H 51 26.72 -40.94 90.20
C ASP H 51 25.68 -41.03 91.32
N ASN H 52 25.44 -39.90 92.00
CA ASN H 52 24.45 -39.83 93.09
C ASN H 52 23.00 -40.01 92.62
N PHE H 53 22.67 -39.54 91.40
CA PHE H 53 21.37 -39.79 90.78
C PHE H 53 21.12 -41.28 90.51
N LEU H 54 22.09 -41.94 89.88
CA LEU H 54 22.00 -43.37 89.56
C LEU H 54 21.93 -44.29 90.79
N ASN H 55 22.64 -43.92 91.86
CA ASN H 55 22.58 -44.66 93.14
C ASN H 55 21.22 -44.56 93.85
N ARG H 56 20.58 -43.39 93.76
CA ARG H 56 19.19 -43.21 94.25
C ARG H 56 18.17 -44.08 93.49
N TYR H 57 18.26 -44.03 92.16
CA TYR H 57 17.39 -44.79 91.24
C TYR H 57 18.01 -46.12 90.72
N GLU H 58 18.86 -46.78 91.53
CA GLU H 58 19.43 -48.08 91.16
C GLU H 58 18.40 -49.19 91.34
N LYS H 59 17.89 -49.30 92.57
CA LYS H 59 16.99 -50.39 92.98
C LYS H 59 15.59 -50.32 92.35
N ILE H 60 15.02 -49.12 92.28
CA ILE H 60 13.67 -48.92 91.72
C ILE H 60 13.61 -49.16 90.20
N VAL H 61 14.65 -48.77 89.47
CA VAL H 61 14.74 -49.03 88.01
C VAL H 61 14.90 -50.52 87.69
N LYS H 62 15.69 -51.24 88.49
CA LYS H 62 15.77 -52.72 88.39
C LYS H 62 14.42 -53.40 88.72
N LYS H 63 13.67 -52.82 89.67
CA LYS H 63 12.31 -53.28 89.98
C LYS H 63 11.30 -53.02 88.86
N ILE H 64 11.30 -51.81 88.29
CA ILE H 64 10.37 -51.44 87.19
C ILE H 64 10.67 -52.25 85.90
N ARG H 65 11.96 -52.48 85.60
CA ARG H 65 12.37 -53.35 84.49
C ARG H 65 11.85 -54.81 84.61
N GLY H 66 11.79 -55.31 85.85
CA GLY H 66 11.18 -56.60 86.15
C GLY H 66 9.67 -56.63 85.96
N LEU H 67 8.98 -55.61 86.47
CA LEU H 67 7.51 -55.50 86.39
C LEU H 67 6.98 -55.21 84.99
N GLN H 68 7.65 -54.30 84.26
CA GLN H 68 7.22 -53.92 82.90
C GLN H 68 7.39 -55.05 81.88
N MET H 69 6.67 -54.92 80.76
CA MET H 69 6.68 -55.91 79.69
C MET H 69 8.03 -55.92 78.97
N LYS H 70 8.41 -57.11 78.50
CA LYS H 70 9.74 -57.36 77.93
C LYS H 70 9.75 -58.58 77.02
N ALA H 71 10.82 -58.69 76.21
CA ALA H 71 11.00 -59.79 75.25
C ALA H 71 11.01 -61.20 75.88
N GLU H 72 11.54 -61.30 77.11
CA GLU H 72 11.55 -62.55 77.88
C GLU H 72 10.16 -63.10 78.25
N ASP H 73 9.14 -62.23 78.30
CA ASP H 73 7.74 -62.66 78.48
C ASP H 73 7.16 -63.47 77.31
N TYR H 74 7.71 -63.30 76.09
CA TYR H 74 7.25 -63.98 74.88
C TYR H 74 8.22 -65.07 74.41
N ASP H 75 7.71 -66.25 74.09
CA ASP H 75 8.46 -67.32 73.40
C ASP H 75 8.42 -67.06 71.89
N VAL H 76 9.58 -67.06 71.24
CA VAL H 76 9.68 -66.87 69.79
C VAL H 76 9.45 -68.23 69.10
N VAL H 77 8.32 -68.34 68.39
CA VAL H 77 7.95 -69.56 67.67
C VAL H 77 8.72 -69.64 66.36
N LYS H 78 8.57 -68.59 65.53
CA LYS H 78 9.20 -68.52 64.21
C LYS H 78 9.32 -67.07 63.70
N VAL H 79 10.36 -66.82 62.90
CA VAL H 79 10.52 -65.54 62.19
C VAL H 79 9.67 -65.64 60.91
N ILE H 80 8.69 -64.76 60.78
CA ILE H 80 7.71 -64.74 59.65
C ILE H 80 7.89 -63.62 58.62
N GLY H 81 8.66 -62.59 58.96
CA GLY H 81 9.04 -61.52 58.02
C GLY H 81 10.37 -60.88 58.36
N ARG H 82 10.94 -60.17 57.38
CA ARG H 82 12.20 -59.45 57.52
C ARG H 82 12.08 -58.06 56.88
N GLY H 83 12.73 -57.08 57.49
CA GLY H 83 12.76 -55.69 57.00
C GLY H 83 14.13 -55.05 57.15
N ALA H 84 14.17 -53.74 56.93
CA ALA H 84 15.41 -52.95 56.93
C ALA H 84 16.07 -52.88 58.31
N PHE H 85 15.30 -52.46 59.31
CA PHE H 85 15.78 -52.31 60.70
C PHE H 85 15.41 -53.44 61.67
N GLY H 86 14.88 -54.57 61.18
CA GLY H 86 14.57 -55.71 62.05
C GLY H 86 13.81 -56.85 61.40
N GLU H 87 12.94 -57.48 62.19
CA GLU H 87 12.15 -58.65 61.77
C GLU H 87 10.77 -58.70 62.46
N VAL H 88 9.89 -59.54 61.90
CA VAL H 88 8.56 -59.83 62.45
C VAL H 88 8.60 -61.28 62.93
N GLN H 89 8.34 -61.48 64.22
CA GLN H 89 8.35 -62.79 64.87
C GLN H 89 6.93 -63.22 65.19
N LEU H 90 6.59 -64.47 64.84
CA LEU H 90 5.42 -65.14 65.40
C LEU H 90 5.77 -65.54 66.83
N VAL H 91 5.01 -65.05 67.80
CA VAL H 91 5.31 -65.25 69.24
C VAL H 91 4.09 -65.70 70.04
N ARG H 92 4.35 -66.34 71.19
CA ARG H 92 3.35 -66.70 72.19
C ARG H 92 3.73 -66.08 73.52
N HIS H 93 2.78 -65.42 74.19
CA HIS H 93 2.98 -64.85 75.53
C HIS H 93 3.00 -66.01 76.55
N LYS H 94 4.05 -66.09 77.37
CA LYS H 94 4.26 -67.20 78.31
C LYS H 94 3.16 -67.39 79.37
N ALA H 95 2.66 -66.29 79.93
CA ALA H 95 1.58 -66.33 80.94
C ALA H 95 0.22 -66.72 80.33
N SER H 96 -0.26 -65.89 79.40
CA SER H 96 -1.60 -66.05 78.80
C SER H 96 -1.74 -67.13 77.70
N GLN H 97 -0.61 -67.56 77.12
CA GLN H 97 -0.58 -68.52 75.98
C GLN H 97 -1.26 -68.02 74.68
N LYS H 98 -1.35 -66.70 74.52
CA LYS H 98 -2.01 -66.07 73.37
C LYS H 98 -0.96 -65.77 72.30
N VAL H 99 -1.30 -66.08 71.04
CA VAL H 99 -0.37 -65.91 69.90
C VAL H 99 -0.47 -64.48 69.37
N TYR H 100 0.69 -63.89 69.06
CA TYR H 100 0.81 -62.55 68.48
C TYR H 100 1.88 -62.52 67.37
N ALA H 101 1.83 -61.46 66.55
CA ALA H 101 2.91 -61.10 65.64
C ALA H 101 3.63 -59.91 66.25
N MET H 102 4.94 -60.08 66.53
CA MET H 102 5.77 -59.04 67.18
C MET H 102 6.84 -58.51 66.23
N LYS H 103 6.73 -57.21 65.89
CA LYS H 103 7.71 -56.53 65.01
C LYS H 103 8.83 -55.97 65.88
N LEU H 104 10.08 -56.31 65.52
CA LEU H 104 11.29 -55.74 66.16
C LEU H 104 11.88 -54.63 65.27
N LEU H 105 12.44 -53.61 65.91
CA LEU H 105 13.16 -52.51 65.23
C LEU H 105 14.42 -52.14 66.03
N SER H 106 15.58 -52.35 65.41
CA SER H 106 16.90 -52.10 66.03
C SER H 106 17.14 -50.60 66.21
N LYS H 107 17.44 -50.20 67.45
CA LYS H 107 17.74 -48.80 67.77
C LYS H 107 19.06 -48.30 67.17
N PHE H 108 20.08 -49.17 67.13
CA PHE H 108 21.37 -48.86 66.47
C PHE H 108 21.21 -48.55 64.98
N GLU H 109 20.48 -49.41 64.27
CA GLU H 109 20.25 -49.25 62.82
C GLU H 109 19.43 -48.01 62.45
N MET H 110 18.41 -47.70 63.26
CA MET H 110 17.61 -46.48 63.09
C MET H 110 18.40 -45.17 63.32
N ILE H 111 19.25 -45.17 64.35
CA ILE H 111 20.17 -44.05 64.63
C ILE H 111 21.25 -43.90 63.55
N LYS H 112 21.87 -45.02 63.16
CA LYS H 112 22.95 -45.05 62.16
C LYS H 112 22.51 -44.54 60.78
N ARG H 113 21.40 -45.08 60.29
CA ARG H 113 20.84 -44.71 58.97
C ARG H 113 19.90 -43.47 58.97
N SER H 114 19.82 -42.73 60.10
CA SER H 114 19.19 -41.39 60.18
C SER H 114 17.67 -41.41 59.87
N ASP H 115 16.98 -42.36 60.49
CA ASP H 115 15.56 -42.60 60.26
C ASP H 115 14.95 -43.19 61.55
N SER H 116 14.60 -42.29 62.48
CA SER H 116 14.04 -42.64 63.81
C SER H 116 12.78 -41.83 64.20
N ALA H 117 12.02 -41.35 63.20
CA ALA H 117 10.67 -40.77 63.38
C ALA H 117 9.51 -41.58 62.76
N PHE H 118 9.80 -42.49 61.83
CA PHE H 118 8.79 -43.28 61.09
C PHE H 118 7.83 -44.12 61.96
N PHE H 119 8.37 -44.68 63.04
CA PHE H 119 7.62 -45.58 63.96
C PHE H 119 6.49 -44.94 64.79
N TRP H 120 6.49 -43.61 64.94
CA TRP H 120 5.48 -42.90 65.73
C TRP H 120 4.08 -42.99 65.12
N GLU H 121 3.98 -42.65 63.83
CA GLU H 121 2.73 -42.81 63.08
C GLU H 121 2.32 -44.28 62.93
N GLU H 122 3.30 -45.16 62.73
CA GLU H 122 3.07 -46.61 62.67
C GLU H 122 2.48 -47.17 63.97
N ARG H 123 3.01 -46.74 65.10
CA ARG H 123 2.48 -47.10 66.42
C ARG H 123 1.07 -46.54 66.63
N ASP H 124 0.89 -45.26 66.32
CA ASP H 124 -0.40 -44.57 66.50
C ASP H 124 -1.52 -45.08 65.59
N ILE H 125 -1.21 -45.38 64.33
CA ILE H 125 -2.18 -45.96 63.37
C ILE H 125 -2.71 -47.30 63.87
N MET H 126 -1.80 -48.20 64.22
CA MET H 126 -2.17 -49.54 64.71
C MET H 126 -2.82 -49.52 66.11
N ALA H 127 -2.34 -48.66 67.01
CA ALA H 127 -2.91 -48.54 68.37
C ALA H 127 -4.30 -47.92 68.42
N PHE H 128 -4.50 -46.83 67.67
CA PHE H 128 -5.63 -45.90 67.87
C PHE H 128 -6.65 -45.74 66.72
N ALA H 129 -6.47 -46.46 65.60
CA ALA H 129 -7.43 -46.39 64.46
C ALA H 129 -8.83 -46.90 64.79
N ASN H 130 -8.88 -48.00 65.55
CA ASN H 130 -10.15 -48.67 65.95
C ASN H 130 -10.98 -49.08 64.71
N SER H 131 -10.27 -49.60 63.70
CA SER H 131 -10.80 -49.89 62.38
C SER H 131 -10.55 -51.36 62.05
N PRO H 132 -11.53 -52.05 61.41
CA PRO H 132 -11.29 -53.43 60.98
C PRO H 132 -10.35 -53.60 59.78
N TRP H 133 -9.97 -52.52 59.08
CA TRP H 133 -9.01 -52.55 57.96
C TRP H 133 -7.52 -52.37 58.36
N VAL H 134 -7.23 -52.14 59.65
CA VAL H 134 -5.88 -51.88 60.16
C VAL H 134 -5.53 -52.97 61.17
N VAL H 135 -4.28 -53.44 61.13
CA VAL H 135 -3.77 -54.43 62.08
C VAL H 135 -3.65 -53.74 63.45
N GLN H 136 -4.30 -54.31 64.46
CA GLN H 136 -4.37 -53.72 65.80
C GLN H 136 -3.09 -53.98 66.60
N LEU H 137 -2.62 -52.96 67.31
CA LEU H 137 -1.45 -53.03 68.20
C LEU H 137 -1.98 -53.12 69.61
N PHE H 138 -1.67 -54.22 70.29
CA PHE H 138 -2.07 -54.43 71.70
C PHE H 138 -1.07 -53.80 72.65
N TYR H 139 0.20 -54.13 72.46
CA TYR H 139 1.30 -53.63 73.31
C TYR H 139 2.45 -53.10 72.45
N ALA H 140 3.04 -51.99 72.89
CA ALA H 140 4.34 -51.50 72.42
C ALA H 140 5.25 -51.35 73.63
N PHE H 141 6.51 -51.78 73.48
CA PHE H 141 7.51 -51.69 74.55
C PHE H 141 8.92 -51.66 73.98
N GLN H 142 9.91 -51.50 74.85
CA GLN H 142 11.32 -51.35 74.45
C GLN H 142 12.32 -51.86 75.50
N ASP H 143 13.54 -52.12 75.04
CA ASP H 143 14.73 -52.31 75.89
C ASP H 143 15.87 -51.43 75.32
N ASP H 144 17.08 -51.57 75.88
CA ASP H 144 18.29 -50.89 75.35
C ASP H 144 18.60 -51.12 73.86
N ARG H 145 18.28 -52.32 73.34
CA ARG H 145 18.59 -52.71 71.95
C ARG H 145 17.48 -52.42 70.93
N TYR H 146 16.25 -52.85 71.24
CA TYR H 146 15.11 -52.85 70.27
C TYR H 146 13.84 -52.13 70.76
N LEU H 147 13.04 -51.69 69.80
CA LEU H 147 11.61 -51.40 69.99
C LEU H 147 10.80 -52.63 69.60
N TYR H 148 9.65 -52.84 70.26
CA TYR H 148 8.76 -53.98 70.02
C TYR H 148 7.33 -53.50 69.79
N MET H 149 6.64 -54.13 68.84
CA MET H 149 5.23 -53.85 68.53
C MET H 149 4.45 -55.15 68.44
N VAL H 150 3.71 -55.47 69.51
CA VAL H 150 2.92 -56.71 69.61
C VAL H 150 1.58 -56.46 68.94
N MET H 151 1.30 -57.21 67.87
CA MET H 151 0.13 -57.04 67.00
C MET H 151 -0.70 -58.32 66.92
N GLU H 152 -1.92 -58.20 66.42
CA GLU H 152 -2.77 -59.37 66.15
C GLU H 152 -2.18 -60.15 64.97
N TYR H 153 -2.03 -61.46 65.13
CA TYR H 153 -1.45 -62.32 64.10
C TYR H 153 -2.44 -62.50 62.94
N MET H 154 -1.92 -62.44 61.71
CA MET H 154 -2.69 -62.53 60.48
C MET H 154 -2.30 -63.81 59.72
N PRO H 155 -2.88 -64.97 60.10
CA PRO H 155 -2.43 -66.27 59.58
C PRO H 155 -2.71 -66.55 58.09
N GLY H 156 -3.64 -65.81 57.47
CA GLY H 156 -3.90 -65.90 56.04
C GLY H 156 -2.76 -65.48 55.10
N GLY H 157 -1.81 -64.68 55.61
CA GLY H 157 -0.61 -64.29 54.86
C GLY H 157 -0.86 -63.09 53.96
N ASP H 158 0.22 -62.60 53.33
CA ASP H 158 0.15 -61.45 52.42
C ASP H 158 -0.46 -61.82 51.05
N LEU H 159 -0.81 -60.80 50.27
CA LEU H 159 -1.37 -61.01 48.91
C LEU H 159 -0.34 -61.36 47.81
N VAL H 160 0.96 -61.33 48.14
CA VAL H 160 2.00 -61.94 47.28
C VAL H 160 1.82 -63.47 47.31
N ASN H 161 1.71 -64.03 48.51
CA ASN H 161 1.37 -65.47 48.74
C ASN H 161 0.16 -65.97 47.94
N LEU H 162 -0.88 -65.13 47.90
CA LEU H 162 -2.15 -65.50 47.23
C LEU H 162 -2.02 -65.53 45.71
N MET H 163 -1.41 -64.50 45.15
CA MET H 163 -1.19 -64.41 43.69
C MET H 163 -0.24 -65.48 43.11
N SER H 164 0.76 -65.90 43.89
CA SER H 164 1.64 -67.03 43.52
C SER H 164 0.88 -68.37 43.47
N ASN H 165 0.13 -68.65 44.54
CA ASN H 165 -0.59 -69.93 44.69
C ASN H 165 -1.84 -70.07 43.83
N TYR H 166 -2.62 -68.99 43.69
CA TYR H 166 -3.88 -68.99 42.92
C TYR H 166 -3.79 -68.16 41.64
N ASP H 167 -4.36 -68.68 40.56
CA ASP H 167 -4.67 -67.88 39.35
C ASP H 167 -5.96 -67.13 39.66
N VAL H 168 -5.85 -65.81 39.85
CA VAL H 168 -6.91 -65.01 40.47
C VAL H 168 -7.95 -64.60 39.42
N PRO H 169 -9.23 -65.03 39.55
CA PRO H 169 -10.28 -64.53 38.66
C PRO H 169 -10.74 -63.11 39.02
N GLU H 170 -11.63 -62.56 38.19
CA GLU H 170 -12.06 -61.16 38.30
C GLU H 170 -12.98 -60.90 39.51
N LYS H 171 -13.87 -61.85 39.79
CA LYS H 171 -14.76 -61.79 40.98
C LYS H 171 -13.99 -61.74 42.31
N TRP H 172 -12.88 -62.48 42.38
CA TRP H 172 -11.91 -62.38 43.48
C TRP H 172 -11.21 -61.02 43.50
N ALA H 173 -10.78 -60.54 42.33
CA ALA H 173 -10.12 -59.23 42.19
C ALA H 173 -11.02 -58.05 42.57
N LYS H 174 -12.30 -58.10 42.19
CA LYS H 174 -13.34 -57.15 42.64
C LYS H 174 -13.40 -57.01 44.17
N PHE H 175 -13.43 -58.17 44.84
CA PHE H 175 -13.47 -58.27 46.30
C PHE H 175 -12.25 -57.62 46.95
N TYR H 176 -11.06 -58.14 46.63
CA TYR H 176 -9.80 -57.68 47.26
C TYR H 176 -9.47 -56.21 46.95
N THR H 177 -9.79 -55.73 45.75
CA THR H 177 -9.65 -54.30 45.38
C THR H 177 -10.58 -53.42 46.20
N ALA H 178 -11.86 -53.82 46.29
CA ALA H 178 -12.86 -53.10 47.10
C ALA H 178 -12.48 -52.97 48.58
N GLU H 179 -11.93 -54.04 49.15
CA GLU H 179 -11.39 -54.02 50.52
C GLU H 179 -10.18 -53.10 50.67
N VAL H 180 -9.30 -53.08 49.67
CA VAL H 180 -8.17 -52.11 49.60
C VAL H 180 -8.68 -50.65 49.50
N VAL H 181 -9.75 -50.43 48.73
CA VAL H 181 -10.37 -49.10 48.59
C VAL H 181 -10.91 -48.59 49.95
N LEU H 182 -11.68 -49.44 50.63
CA LEU H 182 -12.18 -49.12 51.98
C LEU H 182 -11.08 -48.99 53.03
N ALA H 183 -10.02 -49.79 52.90
CA ALA H 183 -8.85 -49.71 53.79
C ALA H 183 -8.08 -48.41 53.65
N LEU H 184 -7.82 -48.00 52.41
CA LEU H 184 -7.16 -46.70 52.13
C LEU H 184 -8.02 -45.50 52.50
N ASP H 185 -9.33 -45.60 52.26
CA ASP H 185 -10.30 -44.58 52.69
C ASP H 185 -10.27 -44.33 54.21
N ALA H 186 -10.13 -45.39 55.00
CA ALA H 186 -9.94 -45.29 56.45
C ALA H 186 -8.63 -44.58 56.85
N ILE H 187 -7.55 -44.89 56.15
CA ILE H 187 -6.24 -44.23 56.34
C ILE H 187 -6.28 -42.76 55.89
N HIS H 188 -6.91 -42.50 54.75
CA HIS H 188 -7.13 -41.12 54.25
C HIS H 188 -8.03 -40.29 55.18
N SER H 189 -9.05 -40.92 55.76
CA SER H 189 -9.91 -40.29 56.79
C SER H 189 -9.18 -39.89 58.07
N MET H 190 -8.17 -40.68 58.46
CA MET H 190 -7.29 -40.36 59.60
C MET H 190 -6.27 -39.22 59.37
N GLY H 191 -6.15 -38.73 58.13
CA GLY H 191 -5.28 -37.61 57.76
C GLY H 191 -3.88 -38.01 57.31
N LEU H 192 -3.79 -39.16 56.65
CA LEU H 192 -2.50 -39.83 56.33
C LEU H 192 -2.48 -40.30 54.89
N ILE H 193 -1.31 -40.24 54.25
CA ILE H 193 -1.04 -40.86 52.94
C ILE H 193 -0.10 -42.04 53.21
N HIS H 194 -0.46 -43.21 52.67
CA HIS H 194 0.32 -44.46 52.87
C HIS H 194 1.70 -44.46 52.22
N ARG H 195 1.80 -43.92 51.00
CA ARG H 195 3.07 -43.81 50.20
C ARG H 195 3.73 -45.12 49.69
N ASP H 196 3.11 -46.28 49.94
CA ASP H 196 3.74 -47.59 49.67
C ASP H 196 2.69 -48.71 49.77
N VAL H 197 1.65 -48.57 48.96
CA VAL H 197 0.53 -49.53 48.89
C VAL H 197 0.99 -50.62 47.94
N LYS H 198 0.99 -51.86 48.42
CA LYS H 198 1.42 -53.02 47.63
C LYS H 198 0.94 -54.36 48.27
N PRO H 199 0.95 -55.47 47.49
CA PRO H 199 0.60 -56.82 48.00
C PRO H 199 1.35 -57.31 49.25
N ASP H 200 2.62 -56.90 49.40
CA ASP H 200 3.42 -57.20 50.62
C ASP H 200 2.81 -56.61 51.89
N ASN H 201 2.26 -55.39 51.76
CA ASN H 201 1.60 -54.65 52.85
C ASN H 201 0.09 -54.91 53.03
N MET H 202 -0.47 -55.88 52.28
CA MET H 202 -1.88 -56.28 52.36
C MET H 202 -1.93 -57.70 52.92
N LEU H 203 -2.37 -57.83 54.18
CA LEU H 203 -2.43 -59.13 54.88
C LEU H 203 -3.86 -59.64 55.03
N LEU H 204 -3.99 -60.97 55.07
CA LEU H 204 -5.28 -61.66 55.20
C LEU H 204 -5.39 -62.28 56.59
N ASP H 205 -6.53 -62.02 57.26
CA ASP H 205 -6.79 -62.51 58.63
C ASP H 205 -7.20 -64.01 58.66
N LYS H 206 -7.55 -64.53 59.84
CA LYS H 206 -8.12 -65.88 60.02
C LYS H 206 -9.34 -66.21 59.14
N HIS H 207 -10.15 -65.21 58.79
CA HIS H 207 -11.33 -65.37 57.91
C HIS H 207 -11.11 -65.06 56.42
N GLY H 208 -9.86 -64.78 56.01
CA GLY H 208 -9.54 -64.37 54.64
C GLY H 208 -9.93 -62.95 54.23
N HIS H 209 -10.21 -62.07 55.20
CA HIS H 209 -10.47 -60.63 54.94
C HIS H 209 -9.23 -59.78 55.17
N LEU H 210 -9.22 -58.61 54.53
CA LEU H 210 -8.04 -57.75 54.41
C LEU H 210 -7.83 -56.88 55.64
N LYS H 211 -6.57 -56.79 56.08
CA LYS H 211 -6.07 -55.64 56.87
C LYS H 211 -4.72 -55.19 56.30
N LEU H 212 -4.43 -53.90 56.45
CA LEU H 212 -3.14 -53.31 56.04
C LEU H 212 -2.15 -53.37 57.21
N ALA H 213 -0.90 -53.68 56.88
CA ALA H 213 0.24 -53.61 57.80
C ALA H 213 1.38 -52.84 57.13
N ASP H 214 2.44 -52.58 57.90
CA ASP H 214 3.62 -51.80 57.46
C ASP H 214 3.22 -50.35 57.15
N PHE H 215 3.18 -49.53 58.20
CA PHE H 215 2.88 -48.09 58.11
C PHE H 215 4.13 -47.22 58.33
N GLY H 216 5.29 -47.68 57.87
CA GLY H 216 6.57 -46.97 58.01
C GLY H 216 6.66 -45.75 57.12
N THR H 217 6.27 -45.90 55.86
CA THR H 217 6.22 -44.80 54.89
C THR H 217 5.07 -43.79 55.09
N CYS H 218 4.10 -44.08 55.98
CA CYS H 218 3.00 -43.15 56.31
C CYS H 218 3.50 -41.82 56.87
N MET H 219 2.95 -40.73 56.31
CA MET H 219 3.18 -39.37 56.81
C MET H 219 1.85 -38.62 56.84
N LYS H 220 1.70 -37.76 57.86
CA LYS H 220 0.48 -37.00 58.09
C LYS H 220 0.37 -35.86 57.07
N MET H 221 -0.88 -35.58 56.69
CA MET H 221 -1.28 -34.46 55.80
C MET H 221 -0.93 -33.10 56.44
N PRO H 236 9.72 -50.00 43.64
CA PRO H 236 9.46 -49.12 42.49
C PRO H 236 8.38 -49.56 41.48
N ASP H 237 8.00 -50.84 41.50
CA ASP H 237 6.86 -51.37 40.70
C ASP H 237 5.51 -50.65 40.95
N TYR H 238 5.26 -50.25 42.20
CA TYR H 238 4.00 -49.62 42.63
C TYR H 238 4.04 -48.09 42.84
N ILE H 239 5.22 -47.48 42.78
CA ILE H 239 5.39 -46.03 42.99
C ILE H 239 4.84 -45.22 41.80
N SER H 240 4.20 -44.10 42.09
CA SER H 240 3.53 -43.25 41.08
C SER H 240 4.51 -42.24 40.45
N PRO H 241 4.20 -41.72 39.23
CA PRO H 241 5.14 -40.80 38.54
C PRO H 241 5.43 -39.47 39.23
N GLU H 242 4.41 -38.86 39.86
CA GLU H 242 4.60 -37.62 40.66
C GLU H 242 5.57 -37.77 41.86
N VAL H 243 5.61 -38.98 42.45
CA VAL H 243 6.59 -39.33 43.49
C VAL H 243 7.98 -39.51 42.86
N LEU H 244 8.06 -40.07 41.66
CA LEU H 244 9.31 -40.19 40.86
C LEU H 244 9.86 -38.87 40.23
N LYS H 245 10.08 -37.92 41.10
CA LYS H 245 10.87 -36.64 40.85
C LYS H 245 11.99 -36.51 41.89
N GLY H 251 9.43 -32.82 45.37
CA GLY H 251 8.26 -31.93 45.40
C GLY H 251 7.18 -32.30 46.40
N PHE H 252 5.91 -32.09 46.02
CA PHE H 252 4.74 -32.42 46.85
C PHE H 252 3.75 -33.34 46.14
N TYR H 253 2.92 -34.03 46.93
CA TYR H 253 1.93 -35.01 46.44
C TYR H 253 0.90 -35.38 47.51
N GLY H 254 -0.32 -35.67 47.06
CA GLY H 254 -1.47 -35.97 47.93
C GLY H 254 -1.86 -37.44 47.95
N ARG H 255 -3.12 -37.69 48.34
CA ARG H 255 -3.70 -39.05 48.46
C ARG H 255 -3.77 -39.84 47.15
N GLU H 256 -3.84 -39.13 46.01
CA GLU H 256 -3.81 -39.72 44.65
C GLU H 256 -2.69 -40.74 44.35
N CYS H 257 -1.52 -40.59 44.99
CA CYS H 257 -0.40 -41.53 44.82
C CYS H 257 -0.68 -42.96 45.33
N ASP H 258 -1.51 -43.07 46.37
CA ASP H 258 -2.03 -44.36 46.83
C ASP H 258 -3.00 -44.99 45.82
N TRP H 259 -3.87 -44.18 45.23
CA TRP H 259 -4.84 -44.65 44.23
C TRP H 259 -4.22 -45.15 42.93
N TRP H 260 -3.06 -44.60 42.55
CA TRP H 260 -2.21 -45.16 41.48
C TRP H 260 -1.88 -46.62 41.73
N SER H 261 -1.36 -46.88 42.93
CA SER H 261 -0.96 -48.23 43.36
C SER H 261 -2.09 -49.27 43.43
N VAL H 262 -3.33 -48.82 43.63
CA VAL H 262 -4.52 -49.68 43.53
C VAL H 262 -4.74 -50.13 42.07
N GLY H 263 -4.53 -49.23 41.12
CA GLY H 263 -4.52 -49.54 39.69
C GLY H 263 -3.43 -50.54 39.28
N VAL H 264 -2.24 -50.40 39.87
CA VAL H 264 -1.13 -51.34 39.67
C VAL H 264 -1.46 -52.70 40.31
N PHE H 265 -2.06 -52.66 41.51
CA PHE H 265 -2.54 -53.85 42.22
C PHE H 265 -3.61 -54.62 41.45
N LEU H 266 -4.61 -53.91 40.94
CA LEU H 266 -5.68 -54.52 40.12
C LEU H 266 -5.18 -55.09 38.79
N TYR H 267 -4.15 -54.46 38.20
CA TYR H 267 -3.48 -54.99 37.00
C TYR H 267 -2.74 -56.31 37.29
N GLU H 268 -1.97 -56.36 38.38
CA GLU H 268 -1.15 -57.54 38.72
C GLU H 268 -1.95 -58.83 38.99
N MET H 269 -3.14 -58.70 39.58
CA MET H 269 -3.98 -59.86 39.90
C MET H 269 -4.63 -60.47 38.64
N LEU H 270 -5.16 -59.60 37.78
CA LEU H 270 -5.86 -60.02 36.56
C LEU H 270 -4.90 -60.49 35.47
N VAL H 271 -3.85 -59.72 35.21
CA VAL H 271 -2.87 -60.00 34.14
C VAL H 271 -1.90 -61.09 34.58
N GLY H 272 -1.25 -60.87 35.72
CA GLY H 272 -0.24 -61.79 36.29
C GLY H 272 1.10 -61.13 36.59
N ASP H 273 1.50 -60.19 35.74
CA ASP H 273 2.73 -59.38 35.92
C ASP H 273 2.40 -57.91 36.20
N THR H 274 3.44 -57.17 36.61
CA THR H 274 3.37 -55.72 36.86
C THR H 274 3.26 -54.98 35.50
N PRO H 275 2.43 -53.91 35.41
CA PRO H 275 2.24 -53.22 34.11
C PRO H 275 3.47 -52.49 33.55
N PHE H 276 4.29 -51.92 34.43
CA PHE H 276 5.54 -51.24 34.05
C PHE H 276 6.78 -52.07 34.45
N TYR H 277 6.74 -53.38 34.17
CA TYR H 277 7.85 -54.29 34.50
C TYR H 277 9.02 -54.09 33.55
N ALA H 278 10.24 -54.19 34.10
CA ALA H 278 11.48 -54.26 33.32
C ALA H 278 12.51 -55.15 34.01
N ASP H 279 13.58 -55.48 33.28
CA ASP H 279 14.68 -56.30 33.80
C ASP H 279 15.49 -55.51 34.84
N SER H 280 15.93 -54.32 34.44
CA SER H 280 16.59 -53.36 35.35
C SER H 280 15.59 -52.47 36.07
N LEU H 281 16.06 -51.74 37.08
CA LEU H 281 15.26 -50.74 37.79
C LEU H 281 14.99 -49.50 36.93
N VAL H 282 16.02 -49.02 36.23
CA VAL H 282 15.93 -47.87 35.30
C VAL H 282 14.84 -48.03 34.21
N GLY H 283 14.63 -49.26 33.74
CA GLY H 283 13.54 -49.58 32.82
C GLY H 283 12.15 -49.44 33.43
N THR H 284 12.00 -49.89 34.68
CA THR H 284 10.75 -49.75 35.47
C THR H 284 10.38 -48.29 35.71
N TYR H 285 11.38 -47.46 36.05
CA TYR H 285 11.19 -46.01 36.26
C TYR H 285 10.74 -45.30 34.97
N SER H 286 11.44 -45.59 33.86
CA SER H 286 11.13 -45.01 32.54
C SER H 286 9.73 -45.32 32.02
N LYS H 287 9.28 -46.57 32.21
CA LYS H 287 7.92 -46.99 31.83
C LYS H 287 6.81 -46.31 32.67
N ILE H 288 7.07 -46.07 33.96
CA ILE H 288 6.14 -45.34 34.84
C ILE H 288 6.01 -43.86 34.42
N MET H 289 7.13 -43.22 34.06
CA MET H 289 7.11 -41.84 33.52
C MET H 289 6.41 -41.75 32.15
N ASP H 290 6.58 -42.77 31.31
CA ASP H 290 5.93 -42.88 29.98
C ASP H 290 4.69 -43.80 30.04
N HIS H 291 3.83 -43.57 31.03
CA HIS H 291 2.66 -44.44 31.30
C HIS H 291 1.52 -44.36 30.27
N LYS H 292 1.45 -43.24 29.53
CA LYS H 292 0.46 -43.09 28.44
C LYS H 292 0.73 -44.03 27.27
N ASN H 293 2.01 -44.16 26.88
CA ASN H 293 2.45 -45.03 25.79
C ASN H 293 2.73 -46.48 26.26
N SER H 294 3.43 -46.63 27.38
CA SER H 294 3.89 -47.95 27.87
C SER H 294 2.81 -48.88 28.43
N LEU H 295 1.73 -48.32 28.99
CA LEU H 295 0.61 -49.12 29.51
C LEU H 295 -0.18 -49.78 28.37
N CYS H 296 0.09 -51.07 28.16
CA CYS H 296 -0.66 -51.90 27.21
C CYS H 296 -1.07 -53.21 27.90
N PHE H 297 -2.34 -53.59 27.73
CA PHE H 297 -2.87 -54.86 28.27
C PHE H 297 -2.55 -55.97 27.26
N PRO H 298 -1.91 -57.09 27.71
CA PRO H 298 -1.68 -58.24 26.82
C PRO H 298 -2.95 -58.81 26.21
N GLU H 299 -2.86 -59.21 24.94
CA GLU H 299 -4.02 -59.67 24.16
C GLU H 299 -4.54 -61.04 24.63
N ASP H 300 -3.63 -61.94 25.03
CA ASP H 300 -3.98 -63.22 25.69
C ASP H 300 -4.74 -63.10 27.04
N ALA H 301 -4.51 -62.00 27.79
CA ALA H 301 -5.02 -61.83 29.15
C ALA H 301 -6.54 -61.68 29.26
N GLU H 302 -7.16 -62.43 30.18
CA GLU H 302 -8.62 -62.47 30.38
C GLU H 302 -9.04 -61.30 31.28
N ILE H 303 -9.47 -60.19 30.66
CA ILE H 303 -9.83 -58.95 31.37
C ILE H 303 -11.07 -58.29 30.75
N SER H 304 -12.00 -57.84 31.60
CA SER H 304 -13.23 -57.15 31.18
C SER H 304 -12.94 -55.71 30.69
N LYS H 305 -13.97 -55.10 30.09
CA LYS H 305 -13.90 -53.68 29.70
C LYS H 305 -13.92 -52.74 30.91
N HIS H 306 -14.77 -53.04 31.90
CA HIS H 306 -14.88 -52.25 33.14
C HIS H 306 -13.60 -52.26 33.98
N ALA H 307 -12.97 -53.43 34.12
CA ALA H 307 -11.69 -53.54 34.84
C ALA H 307 -10.53 -52.87 34.09
N LYS H 308 -10.53 -52.98 32.75
CA LYS H 308 -9.63 -52.19 31.88
C LYS H 308 -9.82 -50.67 32.09
N ASN H 309 -11.08 -50.24 32.14
CA ASN H 309 -11.45 -48.83 32.36
C ASN H 309 -11.00 -48.29 33.73
N LEU H 310 -11.16 -49.10 34.79
CA LEU H 310 -10.77 -48.72 36.15
C LEU H 310 -9.25 -48.60 36.35
N ILE H 311 -8.50 -49.53 35.76
CA ILE H 311 -7.02 -49.50 35.80
C ILE H 311 -6.49 -48.25 35.09
N CYS H 312 -7.04 -47.97 33.90
CA CYS H 312 -6.73 -46.74 33.16
C CYS H 312 -7.18 -45.46 33.87
N ALA H 313 -8.30 -45.51 34.60
CA ALA H 313 -8.76 -44.38 35.44
C ALA H 313 -7.81 -44.07 36.60
N PHE H 314 -7.27 -45.12 37.24
CA PHE H 314 -6.22 -44.97 38.26
C PHE H 314 -4.85 -44.61 37.69
N LEU H 315 -4.48 -45.23 36.55
CA LEU H 315 -3.17 -45.02 35.91
C LEU H 315 -3.20 -43.89 34.87
N THR H 316 -3.29 -42.67 35.38
CA THR H 316 -3.21 -41.40 34.62
C THR H 316 -2.30 -40.43 35.37
N ASP H 317 -2.14 -39.22 34.83
CA ASP H 317 -1.53 -38.10 35.56
C ASP H 317 -2.38 -37.71 36.77
N ARG H 318 -1.70 -37.27 37.84
CA ARG H 318 -2.34 -36.89 39.13
C ARG H 318 -3.53 -35.91 39.02
N GLU H 319 -3.42 -34.94 38.13
CA GLU H 319 -4.41 -33.87 37.96
C GLU H 319 -5.81 -34.32 37.50
N VAL H 320 -5.89 -35.44 36.77
CA VAL H 320 -7.17 -36.01 36.26
C VAL H 320 -7.44 -37.46 36.77
N ARG H 321 -6.80 -37.87 37.88
CA ARG H 321 -6.86 -39.26 38.37
C ARG H 321 -8.17 -39.57 39.11
N LEU H 322 -8.53 -40.85 39.16
CA LEU H 322 -9.67 -41.32 39.95
C LEU H 322 -9.26 -41.37 41.43
N GLY H 323 -10.05 -40.71 42.30
CA GLY H 323 -9.77 -40.59 43.73
C GLY H 323 -9.26 -39.24 44.23
N ARG H 324 -9.32 -38.20 43.38
CA ARG H 324 -9.05 -36.82 43.83
C ARG H 324 -10.23 -36.32 44.69
N ASN H 325 -11.42 -36.39 44.12
CA ASN H 325 -12.66 -35.86 44.71
C ASN H 325 -13.38 -36.98 45.46
N GLY H 326 -12.76 -37.42 46.56
CA GLY H 326 -13.29 -38.45 47.43
C GLY H 326 -13.28 -39.88 46.88
N VAL H 327 -13.65 -40.80 47.77
CA VAL H 327 -13.82 -42.23 47.44
C VAL H 327 -15.11 -42.56 46.65
N GLU H 328 -16.12 -41.68 46.69
CA GLU H 328 -17.46 -41.95 46.12
C GLU H 328 -17.47 -42.26 44.62
N GLU H 329 -16.64 -41.56 43.85
CA GLU H 329 -16.46 -41.82 42.41
C GLU H 329 -15.84 -43.19 42.09
N ILE H 330 -14.96 -43.68 42.97
CA ILE H 330 -14.40 -45.06 42.88
C ILE H 330 -15.50 -46.09 43.18
N ARG H 331 -16.27 -45.86 44.24
CA ARG H 331 -17.34 -46.77 44.67
C ARG H 331 -18.47 -46.97 43.65
N GLN H 332 -18.83 -45.92 42.93
CA GLN H 332 -19.87 -45.97 41.87
C GLN H 332 -19.38 -46.50 40.50
N HIS H 333 -18.10 -46.88 40.37
CA HIS H 333 -17.54 -47.39 39.11
C HIS H 333 -18.15 -48.78 38.76
N PRO H 334 -18.56 -49.00 37.48
CA PRO H 334 -19.35 -50.22 37.13
C PRO H 334 -18.70 -51.59 37.36
N PHE H 335 -17.37 -51.70 37.22
CA PHE H 335 -16.56 -52.86 37.67
C PHE H 335 -16.97 -53.45 39.03
N PHE H 336 -17.16 -52.60 40.02
CA PHE H 336 -17.50 -53.04 41.39
C PHE H 336 -18.93 -53.57 41.59
N LYS H 337 -19.81 -53.46 40.60
CA LYS H 337 -21.16 -54.04 40.66
C LYS H 337 -21.12 -55.59 40.65
N ASN H 338 -21.89 -56.20 41.56
CA ASN H 338 -21.96 -57.65 41.73
C ASN H 338 -23.22 -58.08 42.50
N ASP H 339 -23.47 -59.39 42.53
CA ASP H 339 -24.57 -60.00 43.32
C ASP H 339 -24.00 -60.92 44.42
N GLN H 340 -23.11 -60.34 45.23
CA GLN H 340 -22.37 -61.04 46.30
C GLN H 340 -22.32 -60.16 47.57
N TRP H 341 -21.73 -58.97 47.43
CA TRP H 341 -21.53 -58.00 48.52
C TRP H 341 -21.92 -56.57 48.11
N HIS H 342 -22.21 -55.75 49.12
CA HIS H 342 -22.32 -54.28 48.99
C HIS H 342 -21.20 -53.63 49.82
N TRP H 343 -21.01 -52.33 49.63
CA TRP H 343 -19.93 -51.56 50.29
C TRP H 343 -20.06 -51.49 51.81
N ASP H 344 -21.29 -51.31 52.30
CA ASP H 344 -21.58 -51.31 53.75
C ASP H 344 -21.39 -52.65 54.47
N ASN H 345 -21.41 -53.79 53.74
CA ASN H 345 -21.31 -55.14 54.33
C ASN H 345 -20.25 -56.10 53.73
N ILE H 346 -19.31 -55.59 52.92
CA ILE H 346 -18.30 -56.44 52.25
C ILE H 346 -17.44 -57.31 53.20
N ARG H 347 -17.06 -56.73 54.34
CA ARG H 347 -16.21 -57.42 55.33
C ARG H 347 -16.95 -58.50 56.17
N GLU H 348 -18.27 -58.51 56.12
CA GLU H 348 -19.11 -59.52 56.79
C GLU H 348 -19.55 -60.65 55.84
N THR H 349 -19.41 -60.48 54.51
CA THR H 349 -19.64 -61.56 53.54
C THR H 349 -18.50 -62.57 53.53
N ALA H 350 -18.71 -63.71 52.87
CA ALA H 350 -17.69 -64.77 52.77
C ALA H 350 -16.54 -64.36 51.86
N ALA H 351 -15.31 -64.51 52.34
CA ALA H 351 -14.11 -64.21 51.56
C ALA H 351 -13.88 -65.28 50.46
N PRO H 352 -13.14 -64.93 49.37
CA PRO H 352 -12.82 -65.92 48.32
C PRO H 352 -11.97 -67.11 48.78
N VAL H 353 -10.90 -66.83 49.51
CA VAL H 353 -9.97 -67.84 50.05
C VAL H 353 -9.99 -67.72 51.58
N VAL H 354 -10.68 -68.64 52.23
CA VAL H 354 -10.65 -68.79 53.68
C VAL H 354 -9.48 -69.72 54.02
N PRO H 355 -8.54 -69.29 54.90
CA PRO H 355 -7.38 -70.15 55.19
C PRO H 355 -7.73 -71.37 56.05
N GLU H 356 -7.19 -72.53 55.67
CA GLU H 356 -7.36 -73.80 56.39
C GLU H 356 -6.15 -74.02 57.30
N LEU H 357 -6.27 -73.55 58.54
CA LEU H 357 -5.16 -73.46 59.49
C LEU H 357 -5.22 -74.60 60.51
N SER H 358 -4.11 -75.31 60.69
CA SER H 358 -4.02 -76.46 61.59
C SER H 358 -3.87 -76.16 63.09
N SER H 359 -3.45 -74.94 63.45
CA SER H 359 -3.18 -74.54 64.84
C SER H 359 -3.06 -73.03 64.99
N ASP H 360 -3.04 -72.56 66.24
CA ASP H 360 -2.85 -71.13 66.55
C ASP H 360 -1.48 -70.55 66.16
N ILE H 361 -0.46 -71.40 65.98
CA ILE H 361 0.88 -71.02 65.44
C ILE H 361 1.17 -71.54 64.01
N ASP H 362 0.13 -71.72 63.19
CA ASP H 362 0.28 -72.13 61.79
C ASP H 362 0.76 -70.93 60.97
N SER H 363 1.96 -71.05 60.38
CA SER H 363 2.50 -70.06 59.45
C SER H 363 2.84 -70.68 58.08
N SER H 364 1.90 -71.49 57.57
CA SER H 364 2.04 -72.14 56.25
C SER H 364 1.92 -71.14 55.08
N ASN H 365 1.17 -70.06 55.29
CA ASN H 365 1.04 -68.94 54.31
C ASN H 365 2.20 -67.90 54.34
N PHE H 366 3.24 -68.16 55.16
CA PHE H 366 4.47 -67.38 55.16
C PHE H 366 5.65 -68.26 54.78
N ASP H 367 6.53 -67.74 53.93
CA ASP H 367 7.75 -68.45 53.51
C ASP H 367 8.78 -68.46 54.64
N ASP H 368 9.68 -69.43 54.59
CA ASP H 368 10.77 -69.55 55.57
C ASP H 368 11.79 -68.44 55.35
N ILE H 369 12.10 -67.69 56.41
CA ILE H 369 12.97 -66.51 56.35
C ILE H 369 14.40 -66.96 56.66
N VAL H 376 24.87 -58.27 64.38
CA VAL H 376 23.97 -57.55 65.28
C VAL H 376 24.76 -56.60 66.18
N GLU H 377 25.39 -55.62 65.53
CA GLU H 377 26.28 -54.64 66.21
C GLU H 377 25.49 -53.65 67.09
N THR H 378 26.01 -53.40 68.29
CA THR H 378 25.40 -52.55 69.32
C THR H 378 26.04 -51.15 69.33
N PHE H 379 25.50 -50.27 70.17
CA PHE H 379 26.10 -48.94 70.44
C PHE H 379 27.46 -49.09 71.15
N PRO H 380 28.44 -48.20 70.85
CA PRO H 380 29.67 -48.18 71.63
C PRO H 380 29.48 -47.54 73.01
N ILE H 381 30.28 -47.95 73.99
CA ILE H 381 30.25 -47.41 75.35
C ILE H 381 30.84 -45.98 75.29
N PRO H 382 29.99 -44.93 75.38
CA PRO H 382 30.45 -43.59 75.02
C PRO H 382 31.29 -42.90 76.13
N LYS H 383 32.09 -41.94 75.72
CA LYS H 383 32.98 -41.19 76.62
C LYS H 383 32.18 -40.14 77.41
N ALA H 384 31.42 -39.33 76.69
CA ALA H 384 30.51 -38.31 77.25
C ALA H 384 29.04 -38.71 77.01
N PHE H 385 28.10 -37.84 77.41
CA PHE H 385 26.67 -38.01 77.15
C PHE H 385 26.36 -37.88 75.65
N VAL H 386 25.79 -38.95 75.07
CA VAL H 386 25.36 -38.98 73.65
C VAL H 386 23.82 -38.94 73.48
N GLY H 387 23.11 -39.68 74.33
CA GLY H 387 21.64 -39.66 74.37
C GLY H 387 20.96 -40.51 73.31
N ASN H 388 21.45 -41.74 73.13
CA ASN H 388 20.92 -42.68 72.12
C ASN H 388 19.50 -43.19 72.38
N GLN H 389 19.08 -43.21 73.65
CA GLN H 389 17.71 -43.59 74.06
C GLN H 389 16.67 -42.45 74.00
N LEU H 390 17.11 -41.20 73.82
CA LEU H 390 16.22 -40.02 73.84
C LEU H 390 15.16 -39.95 72.72
N PRO H 391 15.50 -40.40 71.49
CA PRO H 391 14.46 -40.49 70.43
C PRO H 391 13.33 -41.49 70.65
N PHE H 392 13.52 -42.47 71.55
CA PHE H 392 12.55 -43.54 71.84
C PHE H 392 11.71 -43.34 73.12
N ILE H 393 11.82 -42.17 73.76
CA ILE H 393 11.00 -41.82 74.94
C ILE H 393 9.58 -41.53 74.45
N GLY H 394 8.60 -42.19 75.08
CA GLY H 394 7.19 -42.10 74.70
C GLY H 394 6.63 -43.26 73.88
N PHE H 395 7.50 -44.20 73.47
CA PHE H 395 7.10 -45.33 72.62
C PHE H 395 6.25 -46.38 73.33
N THR H 396 6.51 -46.63 74.61
CA THR H 396 5.79 -47.66 75.38
C THR H 396 4.28 -47.35 75.47
N TYR H 397 3.47 -48.40 75.25
CA TYR H 397 2.01 -48.31 75.22
C TYR H 397 1.40 -49.63 75.72
N TYR H 398 0.37 -49.50 76.57
CA TYR H 398 -0.34 -50.62 77.20
C TYR H 398 -1.84 -50.40 76.98
N ARG H 399 -2.49 -51.32 76.27
CA ARG H 399 -3.95 -51.24 76.03
C ARG H 399 -4.70 -51.68 77.28
C2 5YK I . -23.63 26.78 -31.22
C3 5YK I . -22.28 26.48 -31.48
C4 5YK I . -21.92 25.14 -31.73
C5 5YK I . -22.96 24.18 -31.72
C6 5YK I . -24.26 24.57 -31.47
C8 5YK I . -20.50 24.76 -32.01
C11 5YK I . -17.86 23.99 -32.55
C12 5YK I . -18.92 23.31 -33.16
C17 5YK I . -14.08 24.18 -33.21
C19 5YK I . -13.13 25.09 -32.42
C21 5YK I . -14.58 25.32 -35.46
C23 5YK I . -13.37 24.66 -37.44
C24 5YK I . -12.62 23.73 -36.70
O25 5YK I . -11.69 22.99 -37.38
C27 5YK I . -12.89 23.60 -35.32
F1 5YK I . -24.02 28.04 -30.98
N7 5YK I . -24.56 25.84 -31.24
N9 5YK I . -19.47 25.40 -31.44
C10 5YK I . -18.20 25.07 -31.67
C13 5YK I . -20.21 23.69 -32.89
C14 5YK I . -16.47 23.59 -32.86
O15 5YK I . -16.25 22.41 -33.15
N16 5YK I . -15.47 24.51 -32.87
C20 5YK I . -13.86 24.39 -34.69
C22 5YK I . -14.33 25.44 -36.82
C26 5YK I . -10.73 22.17 -36.68
C1 GOL J . -27.53 19.98 -1.25
O1 GOL J . -27.04 19.41 -2.47
C2 GOL J . -29.07 20.08 -1.25
O2 GOL J . -29.56 20.33 -2.58
C3 GOL J . -29.61 21.12 -0.25
O3 GOL J . -30.66 21.95 -0.76
C2 5YK K . 2.84 -15.42 -37.82
C3 5YK K . 3.96 -15.16 -38.61
C4 5YK K . 4.69 -16.25 -39.15
C5 5YK K . 4.21 -17.55 -38.87
C6 5YK K . 3.09 -17.71 -38.08
C8 5YK K . 5.90 -16.02 -40.00
C11 5YK K . 8.12 -15.62 -41.65
C12 5YK K . 7.28 -16.72 -41.87
C17 5YK K . 10.81 -13.89 -43.78
C19 5YK K . 11.53 -12.60 -43.38
C21 5YK K . 8.97 -13.25 -45.46
C23 5YK K . 9.39 -13.44 -47.83
C24 5YK K . 10.68 -13.91 -47.58
O25 5YK K . 11.49 -14.21 -48.66
C27 5YK K . 11.11 -14.04 -46.24
F1 5YK K . 2.13 -14.41 -37.28
N7 5YK K . 2.44 -16.66 -37.57
N9 5YK K . 6.71 -14.96 -39.82
C10 5YK K . 7.78 -14.74 -40.59
C13 5YK K . 6.19 -16.91 -41.06
C14 5YK K . 9.28 -15.42 -42.56
O15 5YK K . 9.81 -16.40 -43.06
N16 5YK K . 9.71 -14.17 -42.86
C20 5YK K . 10.26 -13.72 -45.18
C22 5YK K . 8.53 -13.13 -46.78
C26 5YK K . 12.62 -15.10 -48.53
C2 5YK L . -39.18 -50.49 10.16
C3 5YK L . -38.91 -49.33 9.42
C4 5YK L . -39.47 -48.10 9.85
C5 5YK L . -40.27 -48.10 11.01
C6 5YK L . -40.48 -49.30 11.68
C8 5YK L . -39.25 -46.84 9.12
C11 5YK L . -38.86 -44.44 7.79
C12 5YK L . -39.13 -45.62 7.05
C17 5YK L . -37.57 -41.89 5.23
C19 5YK L . -37.42 -42.24 3.74
C21 5YK L . -35.23 -41.98 6.26
C23 5YK L . -33.96 -39.93 6.51
C24 5YK L . -35.02 -39.19 5.96
O25 5YK L . -34.90 -37.84 5.81
C27 5YK L . -36.17 -39.88 5.55
F1 5YK L . -38.65 -51.67 9.77
N7 5YK L . -39.94 -50.44 11.25
N9 5YK L . -39.00 -45.70 9.80
C10 5YK L . -38.80 -44.54 9.19
C13 5YK L . -39.32 -46.82 7.71
C14 5YK L . -38.63 -43.14 7.12
O15 5YK L . -39.11 -42.14 7.62
N16 5YK L . -37.88 -43.11 5.98
C20 5YK L . -36.29 -41.26 5.69
C22 5YK L . -34.07 -41.31 6.67
C26 5YK L . -35.93 -36.96 6.28
C2 5YK M . 13.66 -26.62 19.14
C3 5YK M . 12.28 -26.59 18.86
C4 5YK M . 11.85 -26.70 17.53
C5 5YK M . 12.85 -26.82 16.53
C6 5YK M . 14.18 -26.84 16.89
C8 5YK M . 10.40 -26.68 17.18
C11 5YK M . 7.70 -26.68 16.48
C12 5YK M . 8.62 -27.45 15.74
C17 5YK M . 3.88 -26.64 16.66
C19 5YK M . 3.08 -25.75 17.62
C21 5YK M . 3.95 -29.04 17.61
C23 5YK M . 2.36 -30.68 16.85
C24 5YK M . 1.77 -29.74 15.99
O25 5YK M . 0.70 -30.10 15.22
C27 5YK M . 2.30 -28.43 15.96
F1 5YK M . 14.09 -26.52 20.40
N7 5YK M . 14.55 -26.74 18.16
N9 5YK M . 9.52 -25.95 17.88
C10 5YK M . 8.21 -25.93 17.58
C13 5YK M . 9.94 -27.45 16.09
C14 5YK M . 6.28 -26.72 16.09
O15 5YK M . 6.01 -26.89 14.91
N16 5YK M . 5.30 -26.58 17.01
C20 5YK M . 3.40 -28.08 16.76
C22 5YK M . 3.44 -30.33 17.66
C26 5YK M . 0.61 -29.69 13.85
C1 GOL N . -2.94 -25.63 6.07
O1 GOL N . -1.78 -26.49 5.95
C2 GOL N . -4.09 -26.38 6.74
O2 GOL N . -4.18 -27.72 6.23
C3 GOL N . -3.89 -26.43 8.25
O3 GOL N . -2.66 -27.09 8.63
C2 5YK O . 21.82 41.55 -38.03
C3 5YK O . 20.78 41.15 -37.19
C4 5YK O . 20.96 41.22 -35.79
C5 5YK O . 22.21 41.69 -35.33
C6 5YK O . 23.18 42.07 -36.23
C8 5YK O . 19.87 40.81 -34.86
C11 5YK O . 17.84 40.09 -33.07
C12 5YK O . 18.73 41.14 -32.74
C17 5YK O . 14.47 38.95 -31.65
C19 5YK O . 13.59 37.89 -32.30
C21 5YK O . 13.44 41.18 -32.37
C23 5YK O . 12.10 42.47 -30.83
C24 5YK O . 12.30 41.51 -29.83
O25 5YK O . 11.71 41.74 -28.62
C27 5YK O . 13.08 40.37 -30.12
F1 5YK O . 21.69 41.49 -39.37
N7 5YK O . 22.98 42.00 -37.54
N9 5YK O . 19.02 39.82 -35.16
C10 5YK O . 18.03 39.46 -34.33
C13 5YK O . 19.73 41.48 -33.63
C14 5YK O . 16.78 39.75 -32.10
O15 5YK O . 16.97 39.93 -30.91
N16 5YK O . 15.58 39.28 -32.55
C20 5YK O . 13.65 40.20 -31.39
C22 5YK O . 12.67 42.30 -32.10
C26 5YK O . 11.47 40.71 -27.65
C2 5YK P . -36.11 47.95 12.58
C3 5YK P . -36.16 47.19 13.75
C4 5YK P . -35.33 47.55 14.84
C5 5YK P . -34.48 48.67 14.68
C6 5YK P . -34.50 49.37 13.48
C8 5YK P . -35.36 46.76 16.12
C11 5YK P . -35.41 45.31 18.50
C12 5YK P . -35.17 46.71 18.53
C17 5YK P . -36.40 42.76 21.18
C19 5YK P . -36.76 41.30 20.86
C21 5YK P . -38.61 44.03 21.54
C23 5YK P . -39.43 44.42 23.79
C24 5YK P . -38.30 43.76 24.31
O25 5YK P . -38.16 43.62 25.66
C27 5YK P . -37.34 43.23 23.43
F1 5YK P . -36.90 47.62 11.54
N7 5YK P . -35.30 48.99 12.48
N9 5YK P . -35.58 45.44 16.11
C10 5YK P . -35.62 44.71 17.23
C13 5YK P . -35.15 47.41 17.34
C14 5YK P . -35.46 44.58 19.79
O15 5YK P . -34.79 44.99 20.72
N16 5YK P . -36.28 43.50 19.92
C20 5YK P . -37.48 43.36 22.05
C22 5YK P . -39.57 44.56 22.41
C26 5YK P . -36.96 44.07 26.31
C2 5YK Q . 59.26 34.12 6.86
C3 5YK Q . 58.15 33.41 7.31
C4 5YK Q . 57.20 32.94 6.37
C5 5YK Q . 57.41 33.24 5.01
C6 5YK Q . 58.54 33.94 4.65
C8 5YK Q . 55.98 32.18 6.77
C11 5YK Q . 53.73 30.73 7.48
C12 5YK Q . 54.15 31.81 8.29
C17 5YK Q . 51.08 28.86 9.56
C19 5YK Q . 50.62 29.32 10.94
C21 5YK Q . 52.74 26.92 9.90
C23 5YK Q . 51.97 24.65 9.72
C24 5YK Q . 50.67 25.10 9.45
O25 5YK Q . 49.67 24.20 9.25
C27 5YK Q . 50.42 26.47 9.41
F1 5YK Q . 60.17 34.57 7.74
N7 5YK Q . 59.42 34.36 5.56
N9 5YK Q . 55.57 31.16 6.01
C10 5YK Q . 54.49 30.44 6.32
C13 5YK Q . 55.28 32.54 7.94
C14 5YK Q . 52.53 29.92 7.81
O15 5YK Q . 51.82 29.51 6.89
N16 5YK Q . 52.24 29.66 9.12
C20 5YK Q . 51.44 27.39 9.62
C22 5YK Q . 53.00 25.56 9.94
C26 5YK Q . 48.88 24.26 8.04
C2 5YK R . 1.47 -60.99 60.61
C3 5YK R . 2.47 -60.17 60.09
C4 5YK R . 2.36 -58.77 60.25
C5 5YK R . 1.23 -58.26 60.91
C6 5YK R . 0.28 -59.16 61.40
C8 5YK R . 3.37 -57.82 59.73
C11 5YK R . 5.21 -55.99 58.81
C12 5YK R . 4.80 -57.04 57.95
C17 5YK R . 8.37 -54.46 57.20
C19 5YK R . 8.97 -54.96 55.89
C21 5YK R . 9.74 -55.41 59.18
C23 5YK R . 11.48 -54.06 60.18
C24 5YK R . 11.20 -53.02 59.28
O25 5YK R . 11.93 -51.86 59.34
C27 5YK R . 10.19 -53.19 58.32
F1 5YK R . 1.56 -62.32 60.47
N7 5YK R . 0.42 -60.46 61.24
N9 5YK R . 3.77 -56.81 60.51
C10 5YK R . 4.66 -55.92 60.10
C13 5YK R . 3.87 -57.96 58.42
C14 5YK R . 6.21 -54.98 58.37
O15 5YK R . 6.00 -53.81 58.65
N16 5YK R . 7.30 -55.38 57.66
C20 5YK R . 9.45 -54.37 58.26
C22 5YK R . 10.76 -55.24 60.13
C26 5YK R . 11.24 -50.59 59.37
C1 GOL S . -0.74 -59.63 79.82
O1 GOL S . -0.89 -60.53 80.93
C2 GOL S . -1.36 -60.19 78.55
O2 GOL S . -1.01 -61.57 78.35
C3 GOL S . -2.89 -60.08 78.55
O3 GOL S . -3.55 -61.08 79.34
#